data_4D47
#
_entry.id   4D47
#
_cell.length_a   155.589
_cell.length_b   178.736
_cell.length_c   158.806
_cell.angle_alpha   90.00
_cell.angle_beta   90.00
_cell.angle_gamma   90.00
#
_symmetry.space_group_name_H-M   'P 21 21 2'
#
loop_
_entity.id
_entity.type
_entity.pdbx_description
1 polymer LEVANSUCRASE
2 non-polymer beta-D-fructofuranose
3 non-polymer alpha-D-glucopyranose
4 water water
#
_entity_poly.entity_id   1
_entity_poly.type   'polypeptide(L)'
_entity_poly.pdbx_seq_one_letter_code
;MSDYNYKPTLWTRADALKVHEDDPTTTQPVIDIAFPVMSEEVFIWDTMPLRDFDGEIISVNGWCIIFTLTADRNTDNPQF
QDENGNYDITRDWEDRHGRARICYWYSRTGKDWIFGGRVMAEGVSPTTREWAGTPILLNDRGDIDLYYTCVTPGATIAKV
RGKIVTSDQSVSLEGFQQVTSLFSADGTIYQTEEQNAFWNFRDPSPFIDRNDGKLYMLFEGNVAGPRGSHEITQAEMGNV
PPGYEDVGGAKYQAGCVGLAVAKDLSGSEWQILPPLITAVGVNDQTERPHFVFQDGKYYLFTISHKYTFADNLTGPDGVY
GFVSDKLTGPYTPMNSSGLVLGNPSSQPFQTYSHYVMPNGLVTSFIDSVPWKGKDYRIGGTEAPTVKILLKGDRSFIVDS
FDYGYIPAMKDITLK
;
_entity_poly.pdbx_strand_id   A,B,C,D,E,F,G,H
#
# COMPACT_ATOMS: atom_id res chain seq x y z
N TYR A 4 -14.05 18.25 -21.25
CA TYR A 4 -13.17 18.90 -20.27
C TYR A 4 -13.36 20.42 -20.36
N ASN A 5 -14.15 20.92 -19.43
CA ASN A 5 -14.48 22.35 -19.33
C ASN A 5 -13.63 23.19 -18.36
N TYR A 6 -12.33 22.89 -18.19
CA TYR A 6 -11.54 23.62 -17.19
C TYR A 6 -10.64 24.72 -17.72
N LYS A 7 -10.20 25.58 -16.80
CA LYS A 7 -9.32 26.71 -17.08
C LYS A 7 -7.96 26.48 -16.43
N PRO A 8 -6.87 26.86 -17.11
CA PRO A 8 -5.55 26.70 -16.50
C PRO A 8 -5.30 27.66 -15.33
N THR A 9 -4.51 27.21 -14.36
CA THR A 9 -4.04 28.07 -13.29
C THR A 9 -2.77 28.79 -13.74
N LEU A 10 -2.75 30.13 -13.61
CA LEU A 10 -1.56 30.88 -13.98
C LEU A 10 -0.62 31.03 -12.78
N TRP A 11 0.65 30.68 -12.98
CA TRP A 11 1.71 31.07 -12.07
C TRP A 11 2.10 32.50 -12.45
N THR A 12 1.84 33.45 -11.55
CA THR A 12 1.89 34.87 -11.93
C THR A 12 3.17 35.53 -11.46
N ARG A 13 3.46 36.72 -11.99
CA ARG A 13 4.63 37.48 -11.57
C ARG A 13 4.52 37.84 -10.10
N ALA A 14 3.31 38.17 -9.67
CA ALA A 14 3.05 38.44 -8.26
C ALA A 14 3.47 37.24 -7.40
N ASP A 15 3.13 36.04 -7.87
CA ASP A 15 3.52 34.82 -7.18
C ASP A 15 5.05 34.71 -7.13
N ALA A 16 5.69 34.96 -8.27
CA ALA A 16 7.14 34.81 -8.38
C ALA A 16 7.87 35.80 -7.46
N LEU A 17 7.32 37.00 -7.32
CA LEU A 17 7.93 38.02 -6.46
C LEU A 17 7.99 37.56 -5.00
N LYS A 18 7.13 36.61 -4.63
CA LYS A 18 7.12 36.06 -3.28
C LYS A 18 8.23 35.01 -3.06
N VAL A 19 8.87 34.57 -4.14
CA VAL A 19 9.89 33.51 -4.05
C VAL A 19 11.08 33.97 -3.23
N HIS A 20 11.39 33.23 -2.16
CA HIS A 20 12.52 33.56 -1.30
C HIS A 20 13.63 32.51 -1.34
N GLU A 21 14.81 32.96 -1.76
CA GLU A 21 16.01 32.13 -1.73
C GLU A 21 16.56 32.06 -0.32
N ASP A 22 17.10 30.90 0.04
CA ASP A 22 17.75 30.67 1.34
C ASP A 22 16.77 30.69 2.52
N ASP A 23 15.53 30.27 2.27
CA ASP A 23 14.60 29.94 3.35
C ASP A 23 15.01 28.57 3.89
N PRO A 24 15.33 28.47 5.18
CA PRO A 24 15.86 27.18 5.67
C PRO A 24 14.86 26.02 5.57
N THR A 25 13.57 26.31 5.64
CA THR A 25 12.55 25.28 5.52
C THR A 25 12.37 24.82 4.08
N THR A 26 12.97 25.54 3.14
CA THR A 26 12.69 25.37 1.72
C THR A 26 14.01 25.32 0.92
N THR A 27 15.11 25.18 1.63
CA THR A 27 16.44 25.17 1.01
C THR A 27 17.17 23.86 1.26
N GLN A 28 17.80 23.34 0.22
CA GLN A 28 18.61 22.12 0.30
C GLN A 28 19.88 22.31 1.14
N PRO A 29 20.26 21.27 1.91
CA PRO A 29 21.55 21.33 2.59
C PRO A 29 22.71 21.52 1.62
N VAL A 30 23.79 22.13 2.09
CA VAL A 30 24.98 22.36 1.29
C VAL A 30 25.69 21.05 0.95
N ILE A 31 25.93 20.81 -0.33
CA ILE A 31 26.67 19.63 -0.76
C ILE A 31 28.13 19.74 -0.34
N ASP A 32 28.62 18.72 0.34
CA ASP A 32 30.02 18.64 0.70
C ASP A 32 30.84 18.34 -0.55
N ILE A 33 31.91 19.11 -0.77
CA ILE A 33 32.66 19.02 -2.00
C ILE A 33 33.42 17.69 -2.13
N ALA A 34 33.58 16.98 -1.02
CA ALA A 34 34.22 15.68 -1.02
C ALA A 34 33.21 14.55 -1.25
N PHE A 35 32.10 14.87 -1.90
CA PHE A 35 31.05 13.88 -2.19
C PHE A 35 31.62 12.69 -2.96
N PRO A 36 31.08 11.49 -2.73
CA PRO A 36 31.48 10.31 -3.51
C PRO A 36 30.76 10.24 -4.85
N VAL A 37 31.27 9.44 -5.77
CA VAL A 37 30.65 9.24 -7.08
C VAL A 37 30.26 7.77 -7.24
N MET A 38 29.08 7.52 -7.82
CA MET A 38 28.56 6.16 -7.91
C MET A 38 29.14 5.37 -9.06
N SER A 39 29.75 6.05 -10.03
CA SER A 39 30.46 5.37 -11.11
C SER A 39 31.62 6.19 -11.64
N GLU A 40 32.76 5.53 -11.78
CA GLU A 40 33.93 6.16 -12.37
C GLU A 40 33.97 5.95 -13.89
N GLU A 41 33.01 5.19 -14.41
CA GLU A 41 32.90 4.96 -15.86
C GLU A 41 31.87 5.84 -16.55
N VAL A 42 30.76 6.14 -15.89
CA VAL A 42 29.69 6.93 -16.51
C VAL A 42 29.20 8.10 -15.69
N PHE A 43 28.58 9.06 -16.38
CA PHE A 43 27.83 10.15 -15.75
C PHE A 43 26.37 9.75 -15.67
N ILE A 44 25.72 10.12 -14.59
CA ILE A 44 24.26 10.13 -14.55
C ILE A 44 23.80 11.51 -14.13
N TRP A 45 22.56 11.86 -14.49
CA TRP A 45 21.93 13.03 -13.89
C TRP A 45 20.45 12.74 -13.63
N ASP A 46 19.53 13.10 -14.53
CA ASP A 46 18.11 12.85 -14.29
C ASP A 46 17.82 11.42 -13.86
N THR A 47 17.22 11.27 -12.69
CA THR A 47 16.96 9.95 -12.13
C THR A 47 15.46 9.70 -12.08
N MET A 48 15.05 8.57 -12.66
CA MET A 48 13.65 8.22 -12.79
C MET A 48 13.38 6.89 -12.10
N PRO A 49 12.92 6.94 -10.84
CA PRO A 49 12.68 5.68 -10.11
C PRO A 49 11.53 4.90 -10.70
N LEU A 50 11.61 3.58 -10.62
CA LEU A 50 10.53 2.72 -11.07
C LEU A 50 9.32 2.91 -10.18
N ARG A 51 8.15 3.15 -10.78
CA ARG A 51 6.94 3.36 -10.00
C ARG A 51 5.71 2.77 -10.70
N ASP A 52 4.58 2.78 -10.00
CA ASP A 52 3.32 2.31 -10.58
C ASP A 52 2.46 3.50 -11.01
N PHE A 53 1.28 3.20 -11.55
CA PHE A 53 0.40 4.24 -12.06
C PHE A 53 -0.13 5.16 -10.95
N ASP A 54 -0.08 4.70 -9.71
CA ASP A 54 -0.53 5.51 -8.58
C ASP A 54 0.57 6.46 -8.08
N GLY A 55 1.80 6.26 -8.54
CA GLY A 55 2.92 7.13 -8.18
C GLY A 55 3.85 6.54 -7.13
N GLU A 56 3.52 5.36 -6.63
CA GLU A 56 4.33 4.72 -5.61
C GLU A 56 5.58 4.07 -6.17
N ILE A 57 6.68 4.23 -5.45
CA ILE A 57 7.95 3.65 -5.86
C ILE A 57 7.94 2.16 -5.57
N ILE A 58 8.20 1.37 -6.62
CA ILE A 58 8.03 -0.06 -6.58
C ILE A 58 9.35 -0.80 -6.66
N SER A 59 9.50 -1.82 -5.82
CA SER A 59 10.59 -2.77 -5.94
C SER A 59 10.05 -4.07 -6.52
N VAL A 60 10.89 -4.82 -7.22
CA VAL A 60 10.48 -6.10 -7.81
C VAL A 60 11.33 -7.24 -7.26
N ASN A 61 10.66 -8.22 -6.65
CA ASN A 61 11.33 -9.34 -6.00
C ASN A 61 12.47 -8.87 -5.08
N GLY A 62 12.21 -7.79 -4.35
CA GLY A 62 13.16 -7.24 -3.40
C GLY A 62 14.23 -6.38 -4.02
N TRP A 63 14.11 -6.08 -5.31
CA TRP A 63 15.06 -5.22 -6.00
C TRP A 63 14.48 -3.82 -6.24
N CYS A 64 15.11 -2.81 -5.64
CA CYS A 64 14.81 -1.42 -5.98
C CYS A 64 15.40 -1.12 -7.35
N ILE A 65 14.70 -0.31 -8.13
CA ILE A 65 15.08 -0.04 -9.51
C ILE A 65 14.98 1.45 -9.82
N ILE A 66 16.04 1.99 -10.41
CA ILE A 66 16.00 3.37 -10.93
C ILE A 66 16.50 3.40 -12.38
N PHE A 67 15.91 4.30 -13.15
CA PHE A 67 16.38 4.60 -14.51
C PHE A 67 17.07 5.96 -14.50
N THR A 68 18.18 6.08 -15.22
CA THR A 68 18.93 7.34 -15.27
C THR A 68 19.23 7.79 -16.68
N LEU A 69 19.20 9.10 -16.91
CA LEU A 69 19.84 9.67 -18.07
C LEU A 69 21.34 9.50 -17.87
N THR A 70 22.01 8.92 -18.87
CA THR A 70 23.38 8.46 -18.69
C THR A 70 24.28 8.81 -19.87
N ALA A 71 25.56 8.98 -19.58
CA ALA A 71 26.58 9.18 -20.61
C ALA A 71 27.93 8.71 -20.11
N ASP A 72 28.82 8.38 -21.04
CA ASP A 72 30.14 7.87 -20.68
C ASP A 72 31.08 8.97 -20.23
N ARG A 73 31.89 8.67 -19.23
CA ARG A 73 33.01 9.51 -18.87
C ARG A 73 34.12 9.28 -19.89
N ASN A 74 34.53 10.36 -20.56
CA ASN A 74 35.54 10.27 -21.62
C ASN A 74 36.94 10.49 -21.07
N THR A 75 37.23 9.81 -19.97
CA THR A 75 38.51 9.92 -19.28
C THR A 75 39.71 9.75 -20.22
N ASP A 76 39.61 8.81 -21.15
CA ASP A 76 40.75 8.44 -21.99
C ASP A 76 40.59 8.81 -23.47
N ASN A 77 39.50 9.48 -23.82
CA ASN A 77 39.28 9.83 -25.22
C ASN A 77 40.03 11.12 -25.56
N PRO A 78 40.90 11.10 -26.59
CA PRO A 78 41.67 12.30 -26.94
C PRO A 78 40.83 13.54 -27.29
N GLN A 79 39.58 13.33 -27.68
CA GLN A 79 38.72 14.44 -28.08
C GLN A 79 38.42 15.41 -26.95
N PHE A 80 38.46 14.91 -25.72
CA PHE A 80 38.11 15.71 -24.55
C PHE A 80 39.36 16.09 -23.73
N GLN A 81 40.44 16.45 -24.42
CA GLN A 81 41.68 16.81 -23.74
C GLN A 81 42.00 18.30 -23.68
N ASP A 82 42.47 18.72 -22.51
CA ASP A 82 43.04 20.05 -22.24
C ASP A 82 44.32 20.33 -23.00
N GLU A 83 44.73 21.60 -23.00
CA GLU A 83 46.03 21.99 -23.53
C GLU A 83 47.10 21.26 -22.72
N ASN A 84 48.06 20.66 -23.42
CA ASN A 84 49.07 19.77 -22.83
C ASN A 84 48.50 18.36 -22.62
N GLY A 85 47.31 18.11 -23.16
CA GLY A 85 46.79 16.76 -23.28
C GLY A 85 46.17 16.18 -22.00
N ASN A 86 45.55 17.03 -21.20
CA ASN A 86 44.91 16.61 -19.95
C ASN A 86 43.40 16.38 -20.12
N TYR A 87 42.83 15.47 -19.35
CA TYR A 87 41.39 15.21 -19.44
C TYR A 87 40.58 16.38 -18.89
N ASP A 88 39.76 16.98 -19.74
CA ASP A 88 38.91 18.11 -19.33
C ASP A 88 37.53 17.61 -18.85
N ILE A 89 37.44 17.32 -17.56
CA ILE A 89 36.22 16.79 -16.97
C ILE A 89 35.04 17.74 -17.15
N THR A 90 35.32 19.03 -17.20
CA THR A 90 34.25 20.04 -17.30
C THR A 90 33.62 20.04 -18.68
N ARG A 91 34.43 20.13 -19.73
CA ARG A 91 33.93 20.15 -21.09
C ARG A 91 33.14 18.87 -21.37
N ASP A 92 33.66 17.75 -20.89
CA ASP A 92 32.98 16.46 -20.99
C ASP A 92 31.59 16.51 -20.38
N TRP A 93 31.55 16.79 -19.08
CA TRP A 93 30.31 16.90 -18.31
C TRP A 93 29.24 17.78 -18.99
N GLU A 94 29.67 18.92 -19.52
CA GLU A 94 28.75 19.90 -20.09
C GLU A 94 28.26 19.53 -21.50
N ASP A 95 28.94 18.58 -22.14
CA ASP A 95 28.56 18.12 -23.48
C ASP A 95 27.61 16.91 -23.42
N ARG A 96 27.21 16.53 -22.21
CA ARG A 96 26.56 15.24 -21.98
C ARG A 96 25.15 15.10 -22.57
N HIS A 97 24.41 16.19 -22.64
CA HIS A 97 23.01 16.14 -23.06
C HIS A 97 22.85 15.65 -24.50
N GLY A 98 23.86 15.90 -25.31
CA GLY A 98 23.86 15.46 -26.69
C GLY A 98 23.98 13.96 -26.82
N ARG A 99 24.59 13.32 -25.82
CA ARG A 99 24.79 11.86 -25.84
C ARG A 99 24.01 11.16 -24.72
N ALA A 100 22.90 11.77 -24.32
CA ALA A 100 22.06 11.20 -23.26
C ALA A 100 21.43 9.87 -23.68
N ARG A 101 21.72 8.83 -22.91
CA ARG A 101 21.08 7.52 -23.08
C ARG A 101 20.48 7.07 -21.75
N ILE A 102 19.39 6.32 -21.81
CA ILE A 102 18.74 5.84 -20.60
C ILE A 102 19.27 4.47 -20.19
N CYS A 103 19.80 4.42 -18.97
CA CYS A 103 20.30 3.18 -18.38
C CYS A 103 19.52 2.89 -17.10
N TYR A 104 19.69 1.68 -16.55
CA TYR A 104 19.02 1.31 -15.30
C TYR A 104 20.02 0.78 -14.28
N TRP A 105 19.68 0.95 -13.01
CA TRP A 105 20.47 0.46 -11.90
C TRP A 105 19.58 -0.33 -10.96
N TYR A 106 20.16 -1.17 -10.12
CA TYR A 106 19.38 -1.93 -9.15
C TYR A 106 20.10 -2.11 -7.82
N SER A 107 19.31 -2.29 -6.77
CA SER A 107 19.83 -2.48 -5.41
C SER A 107 18.75 -3.03 -4.49
N ARG A 108 19.14 -3.93 -3.60
CA ARG A 108 18.20 -4.47 -2.61
C ARG A 108 17.98 -3.45 -1.50
N THR A 109 18.86 -2.46 -1.41
CA THR A 109 18.80 -1.51 -0.30
C THR A 109 18.42 -0.08 -0.65
N GLY A 110 18.24 0.23 -1.92
CA GLY A 110 17.94 1.58 -2.35
C GLY A 110 19.13 2.50 -2.35
N LYS A 111 20.30 1.91 -2.21
CA LYS A 111 21.55 2.60 -1.93
C LYS A 111 22.62 1.82 -2.65
N ASP A 112 23.80 2.39 -2.86
CA ASP A 112 24.92 1.58 -3.36
C ASP A 112 24.58 0.85 -4.65
N TRP A 113 24.19 1.62 -5.66
CA TRP A 113 23.55 1.06 -6.84
C TRP A 113 24.48 0.25 -7.74
N ILE A 114 23.95 -0.84 -8.27
CA ILE A 114 24.65 -1.68 -9.24
C ILE A 114 24.24 -1.29 -10.66
N PHE A 115 25.23 -1.17 -11.54
CA PHE A 115 24.96 -0.78 -12.92
C PHE A 115 24.40 -1.96 -13.73
N GLY A 116 23.19 -1.78 -14.25
CA GLY A 116 22.54 -2.80 -15.06
C GLY A 116 22.73 -2.53 -16.53
N GLY A 117 23.19 -1.34 -16.86
CA GLY A 117 23.49 -0.97 -18.22
C GLY A 117 22.33 -0.37 -19.00
N ARG A 118 22.42 -0.52 -20.31
CA ARG A 118 21.56 0.18 -21.25
C ARG A 118 20.18 -0.48 -21.36
N VAL A 119 19.14 0.34 -21.44
CA VAL A 119 17.77 -0.16 -21.54
C VAL A 119 17.42 -0.50 -22.98
N MET A 120 17.67 0.44 -23.89
CA MET A 120 17.46 0.25 -25.32
C MET A 120 18.79 0.08 -26.04
N ALA A 121 18.88 -0.93 -26.89
CA ALA A 121 20.08 -1.09 -27.71
C ALA A 121 20.22 0.11 -28.63
N GLU A 122 21.45 0.49 -28.94
CA GLU A 122 21.71 1.60 -29.85
C GLU A 122 20.95 1.43 -31.16
N GLY A 123 20.24 2.48 -31.54
CA GLY A 123 19.52 2.50 -32.80
C GLY A 123 18.04 2.20 -32.65
N VAL A 124 17.63 1.73 -31.48
CA VAL A 124 16.21 1.46 -31.23
C VAL A 124 15.41 2.76 -31.11
N SER A 125 15.93 3.70 -30.37
CA SER A 125 15.27 5.00 -30.23
C SER A 125 15.33 5.75 -31.56
N PRO A 126 14.11 6.25 -31.97
CA PRO A 126 14.09 7.00 -33.24
C PRO A 126 15.08 8.16 -33.27
N THR A 127 15.24 8.85 -32.16
CA THR A 127 16.28 9.87 -32.03
C THR A 127 17.43 9.30 -31.19
N THR A 128 18.64 9.75 -31.46
CA THR A 128 19.80 9.28 -30.71
C THR A 128 19.70 9.71 -29.26
N ARG A 129 19.24 10.93 -29.03
CA ARG A 129 19.01 11.41 -27.68
C ARG A 129 17.83 10.69 -27.03
N GLU A 130 18.07 10.09 -25.87
CA GLU A 130 17.01 9.54 -25.05
C GLU A 130 16.87 10.43 -23.82
N TRP A 131 15.91 11.34 -23.86
CA TRP A 131 15.71 12.28 -22.76
C TRP A 131 14.64 11.78 -21.78
N ALA A 132 14.40 12.57 -20.74
CA ALA A 132 13.76 12.05 -19.54
C ALA A 132 12.28 11.71 -19.72
N GLY A 133 11.80 10.87 -18.80
CA GLY A 133 10.42 10.41 -18.80
C GLY A 133 10.14 9.62 -17.54
N THR A 134 9.34 8.56 -17.67
CA THR A 134 8.98 7.74 -16.51
C THR A 134 8.88 6.25 -16.83
N PRO A 135 9.52 5.39 -16.01
CA PRO A 135 9.28 3.95 -16.13
C PRO A 135 8.12 3.51 -15.25
N ILE A 136 7.15 2.83 -15.83
CA ILE A 136 5.95 2.37 -15.11
C ILE A 136 5.90 0.84 -15.07
N LEU A 137 5.65 0.28 -13.89
CA LEU A 137 5.46 -1.16 -13.76
C LEU A 137 4.01 -1.51 -14.01
N LEU A 138 3.76 -2.14 -15.16
CA LEU A 138 2.43 -2.54 -15.59
C LEU A 138 1.90 -3.78 -14.87
N ASN A 139 2.82 -4.71 -14.57
CA ASN A 139 2.46 -6.10 -14.32
C ASN A 139 3.13 -6.70 -13.10
N ASP A 140 2.54 -7.78 -12.59
CA ASP A 140 3.23 -8.65 -11.65
C ASP A 140 4.01 -9.72 -12.41
N ARG A 141 3.91 -9.71 -13.74
CA ARG A 141 4.79 -10.50 -14.58
C ARG A 141 6.07 -9.73 -14.94
N GLY A 142 6.11 -8.45 -14.60
CA GLY A 142 7.33 -7.66 -14.75
C GLY A 142 7.37 -6.77 -15.98
N ASP A 143 6.26 -6.65 -16.69
CA ASP A 143 6.24 -5.81 -17.87
C ASP A 143 6.32 -4.33 -17.49
N ILE A 144 7.10 -3.58 -18.26
CA ILE A 144 7.35 -2.18 -18.01
C ILE A 144 7.13 -1.34 -19.26
N ASP A 145 6.34 -0.27 -19.13
CA ASP A 145 6.28 0.77 -20.15
C ASP A 145 7.18 1.93 -19.76
N LEU A 146 8.25 2.11 -20.52
CA LEU A 146 9.11 3.27 -20.35
C LEU A 146 8.62 4.40 -21.23
N TYR A 147 7.98 5.40 -20.61
CA TYR A 147 7.65 6.63 -21.31
C TYR A 147 8.88 7.53 -21.27
N TYR A 148 9.29 8.05 -22.42
CA TYR A 148 10.46 8.92 -22.47
C TYR A 148 10.35 9.89 -23.64
N THR A 149 11.35 10.77 -23.79
CA THR A 149 11.31 11.84 -24.78
C THR A 149 12.34 11.69 -25.90
N CYS A 150 11.86 11.69 -27.13
CA CYS A 150 12.71 11.66 -28.32
C CYS A 150 12.98 13.07 -28.82
N VAL A 151 14.24 13.50 -28.75
CA VAL A 151 14.62 14.87 -29.08
C VAL A 151 15.66 14.95 -30.20
N THR A 152 15.41 15.82 -31.17
CA THR A 152 16.33 16.11 -32.28
C THR A 152 16.52 14.93 -33.23
N PRO A 153 15.85 14.96 -34.40
CA PRO A 153 14.95 16.02 -34.88
C PRO A 153 13.66 16.14 -34.07
N GLY A 154 13.25 17.37 -33.82
CA GLY A 154 11.98 17.62 -33.15
C GLY A 154 11.97 17.25 -31.68
N ALA A 155 10.77 17.13 -31.13
CA ALA A 155 10.58 16.68 -29.75
C ALA A 155 9.28 15.90 -29.68
N THR A 156 9.40 14.61 -29.39
CA THR A 156 8.26 13.69 -29.44
C THR A 156 8.21 12.85 -28.17
N ILE A 157 7.05 12.84 -27.54
CA ILE A 157 6.83 11.95 -26.40
C ILE A 157 6.54 10.57 -26.95
N ALA A 158 7.15 9.57 -26.36
CA ALA A 158 7.06 8.21 -26.86
C ALA A 158 7.10 7.22 -25.71
N LYS A 159 6.84 5.95 -26.04
CA LYS A 159 6.94 4.89 -25.05
C LYS A 159 7.54 3.65 -25.69
N VAL A 160 8.16 2.82 -24.86
CA VAL A 160 8.74 1.56 -25.31
C VAL A 160 8.48 0.49 -24.26
N ARG A 161 7.88 -0.63 -24.68
CA ARG A 161 7.57 -1.70 -23.74
C ARG A 161 8.75 -2.64 -23.60
N GLY A 162 8.96 -3.11 -22.39
CA GLY A 162 9.96 -4.12 -22.11
C GLY A 162 9.54 -4.92 -20.90
N LYS A 163 10.50 -5.59 -20.29
CA LYS A 163 10.19 -6.51 -19.19
C LYS A 163 11.40 -6.68 -18.28
N ILE A 164 11.14 -6.69 -16.98
CA ILE A 164 12.21 -6.87 -15.99
C ILE A 164 12.23 -8.32 -15.49
N VAL A 165 13.43 -8.88 -15.47
CA VAL A 165 13.64 -10.24 -15.03
C VAL A 165 14.71 -10.22 -13.95
N THR A 166 14.35 -10.68 -12.76
CA THR A 166 15.28 -10.66 -11.63
C THR A 166 15.83 -12.04 -11.33
N SER A 167 17.11 -12.08 -10.97
CA SER A 167 17.74 -13.27 -10.45
C SER A 167 18.01 -13.05 -8.98
N ASP A 168 18.80 -13.95 -8.38
CA ASP A 168 19.06 -13.89 -6.95
C ASP A 168 20.08 -12.80 -6.62
N GLN A 169 20.98 -12.51 -7.55
CA GLN A 169 22.07 -11.57 -7.32
C GLN A 169 22.22 -10.54 -8.45
N SER A 170 21.28 -10.55 -9.40
CA SER A 170 21.34 -9.61 -10.51
C SER A 170 19.96 -9.33 -11.09
N VAL A 171 19.88 -8.30 -11.91
CA VAL A 171 18.65 -7.91 -12.57
C VAL A 171 18.94 -7.58 -14.03
N SER A 172 18.10 -8.08 -14.93
CA SER A 172 18.26 -7.80 -16.36
C SER A 172 16.93 -7.45 -17.01
N LEU A 173 17.00 -6.92 -18.23
CA LEU A 173 15.83 -6.45 -18.95
C LEU A 173 15.65 -7.21 -20.25
N GLU A 174 14.39 -7.41 -20.62
CA GLU A 174 14.04 -8.04 -21.89
C GLU A 174 13.10 -7.12 -22.66
N GLY A 175 13.08 -7.27 -23.99
CA GLY A 175 12.29 -6.40 -24.83
C GLY A 175 12.94 -5.05 -25.01
N PHE A 176 12.14 -3.99 -24.91
CA PHE A 176 12.61 -2.64 -25.18
C PHE A 176 13.24 -2.57 -26.56
N GLN A 177 12.54 -3.15 -27.54
CA GLN A 177 13.05 -3.23 -28.90
C GLN A 177 12.29 -2.35 -29.89
N GLN A 178 11.07 -1.94 -29.53
CA GLN A 178 10.28 -1.09 -30.41
C GLN A 178 9.66 0.09 -29.69
N VAL A 179 9.93 1.27 -30.23
CA VAL A 179 9.45 2.53 -29.69
C VAL A 179 8.19 2.97 -30.42
N THR A 180 7.20 3.39 -29.64
CA THR A 180 5.98 3.95 -30.19
C THR A 180 5.93 5.46 -29.92
N SER A 181 5.92 6.26 -30.98
CA SER A 181 5.75 7.70 -30.84
C SER A 181 4.30 7.97 -30.52
N LEU A 182 4.06 8.78 -29.49
CA LEU A 182 2.70 9.04 -29.02
C LEU A 182 2.19 10.35 -29.60
N PHE A 183 2.83 11.46 -29.25
CA PHE A 183 2.46 12.75 -29.80
C PHE A 183 3.55 13.81 -29.70
N SER A 184 3.32 14.90 -30.41
CA SER A 184 4.22 16.04 -30.44
C SER A 184 3.42 17.30 -30.15
N ALA A 185 4.08 18.45 -30.10
CA ALA A 185 3.39 19.72 -29.91
C ALA A 185 2.40 19.93 -31.05
N ASP A 186 1.21 20.42 -30.73
CA ASP A 186 0.12 20.53 -31.71
C ASP A 186 0.09 21.87 -32.44
N GLY A 187 0.41 22.94 -31.73
CA GLY A 187 0.41 24.28 -32.31
C GLY A 187 -0.79 25.12 -31.92
N THR A 188 -1.88 24.48 -31.51
CA THR A 188 -3.05 25.20 -31.02
C THR A 188 -2.95 25.42 -29.52
N ILE A 189 -2.59 24.36 -28.79
CA ILE A 189 -2.49 24.43 -27.33
C ILE A 189 -1.04 24.53 -26.88
N TYR A 190 -0.20 23.61 -27.38
CA TYR A 190 1.22 23.59 -27.03
C TYR A 190 2.10 24.05 -28.21
N GLN A 191 3.17 24.75 -27.88
CA GLN A 191 4.02 25.44 -28.84
C GLN A 191 4.88 24.48 -29.66
N THR A 192 5.01 24.77 -30.96
CA THR A 192 5.76 23.92 -31.87
C THR A 192 7.13 24.49 -32.24
N GLU A 193 7.94 23.67 -32.90
CA GLU A 193 9.25 24.11 -33.40
C GLU A 193 9.09 25.20 -34.45
N GLU A 194 8.13 25.03 -35.34
CA GLU A 194 7.73 26.06 -36.30
C GLU A 194 7.60 27.43 -35.64
N GLN A 195 6.90 27.45 -34.52
CA GLN A 195 6.58 28.70 -33.82
C GLN A 195 7.75 29.22 -33.00
N ASN A 196 8.61 28.30 -32.56
CA ASN A 196 9.71 28.64 -31.68
C ASN A 196 10.84 27.61 -31.80
N ALA A 197 11.99 28.05 -32.30
CA ALA A 197 13.13 27.16 -32.47
C ALA A 197 13.64 26.64 -31.12
N PHE A 198 13.31 27.35 -30.05
CA PHE A 198 13.72 26.97 -28.69
C PHE A 198 12.58 26.37 -27.87
N TRP A 199 11.52 25.92 -28.55
CA TRP A 199 10.34 25.40 -27.87
C TRP A 199 10.66 24.25 -26.93
N ASN A 200 9.85 24.10 -25.89
CA ASN A 200 10.01 23.04 -24.90
C ASN A 200 8.88 22.02 -24.99
N PHE A 201 9.24 20.74 -25.04
CA PHE A 201 8.26 19.67 -25.09
C PHE A 201 8.92 18.36 -24.68
N ARG A 202 8.65 17.89 -23.47
CA ARG A 202 9.31 16.70 -22.95
C ARG A 202 8.76 16.25 -21.61
N ASP A 203 9.28 15.12 -21.12
CA ASP A 203 9.10 14.65 -19.75
C ASP A 203 7.71 14.11 -19.43
N PRO A 204 7.32 12.98 -20.03
CA PRO A 204 6.05 12.34 -19.69
C PRO A 204 6.04 11.73 -18.29
N SER A 205 5.05 12.07 -17.47
CA SER A 205 4.79 11.34 -16.24
C SER A 205 3.36 10.82 -16.24
N PRO A 206 3.15 9.56 -16.65
CA PRO A 206 1.80 8.99 -16.63
C PRO A 206 1.30 8.68 -15.22
N PHE A 207 -0.02 8.72 -15.04
CA PHE A 207 -0.64 8.36 -13.77
C PHE A 207 -2.10 8.03 -13.99
N ILE A 208 -2.60 7.08 -13.19
CA ILE A 208 -4.04 6.82 -13.11
C ILE A 208 -4.62 7.67 -11.99
N ASP A 209 -5.63 8.46 -12.33
CA ASP A 209 -6.32 9.30 -11.36
C ASP A 209 -7.22 8.46 -10.48
N ARG A 210 -7.14 8.68 -9.17
CA ARG A 210 -7.89 7.85 -8.21
C ARG A 210 -9.38 8.13 -8.26
N ASN A 211 -9.76 9.40 -8.45
CA ASN A 211 -11.17 9.77 -8.52
C ASN A 211 -11.80 9.43 -9.86
N ASP A 212 -10.96 9.31 -10.88
CA ASP A 212 -11.45 9.22 -12.26
C ASP A 212 -11.24 7.83 -12.84
N GLY A 213 -10.16 7.18 -12.42
CA GLY A 213 -9.83 5.88 -12.95
C GLY A 213 -9.24 5.95 -14.35
N LYS A 214 -9.08 7.17 -14.87
CA LYS A 214 -8.63 7.31 -16.24
C LYS A 214 -7.11 7.45 -16.25
N LEU A 215 -6.49 7.14 -17.37
CA LEU A 215 -5.04 7.26 -17.50
C LEU A 215 -4.70 8.64 -18.04
N TYR A 216 -3.78 9.31 -17.35
CA TYR A 216 -3.34 10.65 -17.72
C TYR A 216 -1.83 10.70 -17.81
N MET A 217 -1.32 11.80 -18.32
CA MET A 217 0.10 12.12 -18.17
C MET A 217 0.30 13.62 -18.12
N LEU A 218 1.24 14.03 -17.28
CA LEU A 218 1.78 15.38 -17.32
C LEU A 218 2.96 15.42 -18.27
N PHE A 219 3.30 16.61 -18.74
CA PHE A 219 4.52 16.84 -19.49
C PHE A 219 4.87 18.32 -19.51
N GLU A 220 6.13 18.63 -19.75
CA GLU A 220 6.53 20.02 -19.93
C GLU A 220 6.13 20.50 -21.32
N GLY A 221 5.68 21.74 -21.40
CA GLY A 221 5.39 22.35 -22.67
C GLY A 221 5.60 23.86 -22.66
N ASN A 222 5.29 24.50 -23.78
CA ASN A 222 5.17 25.94 -23.85
C ASN A 222 3.77 26.29 -24.36
N VAL A 223 3.25 27.44 -23.95
CA VAL A 223 1.94 27.87 -24.46
C VAL A 223 2.06 28.14 -25.95
N ALA A 224 1.10 27.64 -26.72
CA ALA A 224 1.14 27.77 -28.17
C ALA A 224 1.18 29.23 -28.61
N GLY A 225 1.68 29.44 -29.82
CA GLY A 225 1.77 30.76 -30.40
C GLY A 225 3.20 31.02 -30.85
N PRO A 226 3.37 31.83 -31.91
CA PRO A 226 4.73 32.17 -32.34
C PRO A 226 5.50 32.86 -31.22
N ARG A 227 6.82 32.67 -31.19
CA ARG A 227 7.64 33.19 -30.10
C ARG A 227 7.57 34.70 -30.01
N GLY A 228 7.29 35.20 -28.81
CA GLY A 228 7.24 36.63 -28.58
C GLY A 228 5.90 37.26 -28.94
N SER A 229 4.95 36.44 -29.35
CA SER A 229 3.61 36.94 -29.70
C SER A 229 2.71 36.95 -28.47
N HIS A 230 3.02 36.12 -27.48
CA HIS A 230 2.26 36.14 -26.22
C HIS A 230 2.38 37.56 -25.68
N GLU A 231 1.28 38.17 -25.24
CA GLU A 231 1.37 39.44 -24.52
C GLU A 231 1.03 39.22 -23.04
N ILE A 232 1.61 40.05 -22.18
CA ILE A 232 1.36 39.99 -20.74
C ILE A 232 0.18 40.87 -20.36
N THR A 233 -0.96 40.24 -20.10
CA THR A 233 -2.12 40.93 -19.59
C THR A 233 -2.04 40.95 -18.08
N GLN A 234 -3.05 41.55 -17.43
CA GLN A 234 -3.04 41.68 -15.99
C GLN A 234 -3.27 40.33 -15.31
N ALA A 235 -3.75 39.35 -16.08
CA ALA A 235 -3.87 37.99 -15.59
C ALA A 235 -2.49 37.41 -15.26
N GLU A 236 -1.56 37.53 -16.21
CA GLU A 236 -0.21 37.00 -16.04
C GLU A 236 0.57 37.81 -15.01
N MET A 237 0.29 39.11 -14.94
CA MET A 237 0.94 40.00 -13.97
C MET A 237 0.65 39.55 -12.54
N GLY A 238 -0.61 39.21 -12.28
CA GLY A 238 -1.07 39.00 -10.93
C GLY A 238 -1.24 40.35 -10.27
N ASN A 239 -1.40 40.34 -8.95
CA ASN A 239 -1.59 41.58 -8.20
C ASN A 239 -0.25 42.09 -7.70
N VAL A 240 0.49 42.70 -8.62
CA VAL A 240 1.86 43.16 -8.36
C VAL A 240 1.88 44.42 -7.49
N PRO A 241 2.97 44.61 -6.72
CA PRO A 241 3.07 45.82 -5.90
C PRO A 241 3.36 47.04 -6.74
N PRO A 242 3.08 48.24 -6.22
CA PRO A 242 3.46 49.45 -6.97
C PRO A 242 4.96 49.52 -7.18
N GLY A 243 5.38 49.91 -8.38
CA GLY A 243 6.79 49.99 -8.73
C GLY A 243 7.32 48.76 -9.43
N TYR A 244 6.47 47.76 -9.64
CA TYR A 244 6.88 46.48 -10.22
C TYR A 244 6.10 46.16 -11.49
N GLU A 245 5.76 47.20 -12.25
CA GLU A 245 4.97 47.03 -13.47
C GLU A 245 5.85 46.78 -14.69
N ASP A 246 7.17 46.85 -14.50
CA ASP A 246 8.12 46.70 -15.60
C ASP A 246 8.49 45.23 -15.79
N VAL A 247 8.20 44.68 -16.96
CA VAL A 247 8.36 43.25 -17.21
C VAL A 247 9.48 42.89 -18.19
N GLY A 248 10.14 43.90 -18.75
CA GLY A 248 11.20 43.67 -19.72
C GLY A 248 10.76 42.78 -20.87
N GLY A 249 11.54 41.73 -21.12
CA GLY A 249 11.27 40.80 -22.21
C GLY A 249 10.48 39.58 -21.76
N ALA A 250 9.60 39.77 -20.79
CA ALA A 250 8.80 38.68 -20.22
C ALA A 250 8.00 37.95 -21.28
N LYS A 251 7.70 38.63 -22.37
CA LYS A 251 6.91 38.06 -23.47
C LYS A 251 7.46 36.76 -24.02
N TYR A 252 8.76 36.53 -23.82
CA TYR A 252 9.43 35.39 -24.41
C TYR A 252 9.44 34.16 -23.50
N GLN A 253 9.01 34.35 -22.25
CA GLN A 253 8.85 33.23 -21.31
C GLN A 253 7.40 32.76 -21.33
N ALA A 254 7.19 31.50 -21.67
CA ALA A 254 5.84 30.95 -21.80
C ALA A 254 5.75 29.48 -21.36
N GLY A 255 6.43 29.15 -20.26
CA GLY A 255 6.42 27.78 -19.75
C GLY A 255 5.04 27.33 -19.30
N CYS A 256 4.80 26.02 -19.38
CA CYS A 256 3.55 25.45 -18.89
C CYS A 256 3.70 23.96 -18.60
N VAL A 257 2.84 23.46 -17.70
CA VAL A 257 2.72 22.03 -17.44
C VAL A 257 1.53 21.47 -18.22
N GLY A 258 1.82 20.63 -19.21
CA GLY A 258 0.79 20.10 -20.07
C GLY A 258 0.09 18.87 -19.52
N LEU A 259 -1.07 18.58 -20.07
CA LEU A 259 -1.86 17.43 -19.66
C LEU A 259 -2.37 16.68 -20.89
N ALA A 260 -2.31 15.35 -20.82
CA ALA A 260 -2.94 14.51 -21.81
C ALA A 260 -3.68 13.36 -21.13
N VAL A 261 -4.66 12.80 -21.83
CA VAL A 261 -5.45 11.69 -21.32
C VAL A 261 -5.48 10.57 -22.35
N ALA A 262 -5.46 9.33 -21.87
CA ALA A 262 -5.48 8.19 -22.78
C ALA A 262 -6.90 7.73 -23.08
N LYS A 263 -7.08 7.11 -24.24
CA LYS A 263 -8.36 6.56 -24.65
C LYS A 263 -8.71 5.37 -23.76
N ASP A 264 -7.69 4.62 -23.36
CA ASP A 264 -7.87 3.55 -22.37
C ASP A 264 -6.54 3.33 -21.65
N LEU A 265 -6.55 2.43 -20.68
CA LEU A 265 -5.41 2.27 -19.77
C LEU A 265 -4.16 1.67 -20.42
N SER A 266 -4.28 1.18 -21.65
CA SER A 266 -3.12 0.66 -22.37
C SER A 266 -2.14 1.78 -22.69
N GLY A 267 -2.67 3.00 -22.78
CA GLY A 267 -1.85 4.18 -23.07
C GLY A 267 -1.31 4.19 -24.49
N SER A 268 -2.11 3.72 -25.43
CA SER A 268 -1.67 3.64 -26.82
C SER A 268 -1.96 4.91 -27.59
N GLU A 269 -3.14 5.50 -27.33
CA GLU A 269 -3.55 6.72 -28.00
C GLU A 269 -3.85 7.80 -26.97
N TRP A 270 -3.46 9.03 -27.30
CA TRP A 270 -3.54 10.13 -26.34
C TRP A 270 -4.20 11.36 -26.92
N GLN A 271 -5.17 11.89 -26.19
CA GLN A 271 -5.80 13.16 -26.52
C GLN A 271 -5.17 14.30 -25.73
N ILE A 272 -4.56 15.23 -26.45
CA ILE A 272 -3.98 16.42 -25.86
C ILE A 272 -5.05 17.32 -25.22
N LEU A 273 -4.76 17.81 -24.02
CA LEU A 273 -5.68 18.66 -23.26
C LEU A 273 -5.05 20.00 -22.91
N PRO A 274 -5.87 20.96 -22.46
CA PRO A 274 -5.32 22.25 -22.01
C PRO A 274 -4.36 22.08 -20.83
N PRO A 275 -3.40 23.01 -20.67
CA PRO A 275 -2.44 22.88 -19.56
C PRO A 275 -3.07 23.10 -18.18
N LEU A 276 -2.42 22.59 -17.15
CA LEU A 276 -2.87 22.75 -15.77
C LEU A 276 -2.24 24.00 -15.16
N ILE A 277 -0.97 24.22 -15.48
CA ILE A 277 -0.21 25.36 -14.98
C ILE A 277 0.45 26.08 -16.15
N THR A 278 0.29 27.40 -16.20
CA THR A 278 0.99 28.22 -17.19
C THR A 278 1.80 29.32 -16.48
N ALA A 279 2.94 29.65 -17.05
CA ALA A 279 3.89 30.56 -16.42
C ALA A 279 4.30 31.66 -17.39
N VAL A 280 3.39 32.05 -18.27
CA VAL A 280 3.65 33.14 -19.21
C VAL A 280 4.02 34.41 -18.46
N GLY A 281 5.15 35.00 -18.83
CA GLY A 281 5.64 36.22 -18.20
C GLY A 281 6.40 35.96 -16.92
N VAL A 282 6.63 34.68 -16.60
CA VAL A 282 7.25 34.29 -15.34
C VAL A 282 8.44 33.37 -15.55
N ASN A 283 8.21 32.22 -16.15
CA ASN A 283 9.28 31.26 -16.40
C ASN A 283 9.06 30.47 -17.67
N ASP A 284 10.14 30.23 -18.40
CA ASP A 284 10.07 29.55 -19.69
C ASP A 284 10.05 28.03 -19.53
N GLN A 285 10.60 27.55 -18.43
CA GLN A 285 10.79 26.12 -18.24
C GLN A 285 10.19 25.58 -16.96
N THR A 286 9.12 24.80 -17.11
CA THR A 286 8.55 24.01 -16.02
C THR A 286 8.73 22.53 -16.36
N GLU A 287 9.86 21.96 -15.96
CA GLU A 287 10.25 20.63 -16.42
C GLU A 287 9.86 19.51 -15.45
N ARG A 288 10.01 18.28 -15.93
CA ARG A 288 9.71 17.05 -15.18
C ARG A 288 8.53 17.18 -14.23
N PRO A 289 7.36 17.54 -14.75
CA PRO A 289 6.19 17.61 -13.87
C PRO A 289 5.85 16.25 -13.30
N HIS A 290 5.41 16.20 -12.04
CA HIS A 290 5.03 14.95 -11.42
C HIS A 290 4.14 15.19 -10.20
N PHE A 291 3.23 14.24 -9.97
CA PHE A 291 2.26 14.34 -8.88
C PHE A 291 2.67 13.58 -7.62
N VAL A 292 2.31 14.12 -6.47
CA VAL A 292 2.17 13.36 -5.24
C VAL A 292 0.71 13.44 -4.82
N PHE A 293 0.08 12.30 -4.58
CA PHE A 293 -1.31 12.27 -4.11
C PHE A 293 -1.32 12.08 -2.60
N GLN A 294 -1.78 13.10 -1.87
CA GLN A 294 -1.75 13.08 -0.41
C GLN A 294 -2.86 13.91 0.22
N ASP A 295 -3.48 13.35 1.26
CA ASP A 295 -4.59 14.00 1.97
C ASP A 295 -5.71 14.44 1.02
N GLY A 296 -6.01 13.62 0.03
CA GLY A 296 -7.06 13.91 -0.93
C GLY A 296 -6.74 15.05 -1.88
N LYS A 297 -5.49 15.50 -1.84
CA LYS A 297 -5.07 16.65 -2.63
C LYS A 297 -4.08 16.25 -3.72
N TYR A 298 -3.97 17.12 -4.72
CA TYR A 298 -3.06 16.93 -5.86
C TYR A 298 -1.85 17.82 -5.70
N TYR A 299 -0.70 17.23 -5.42
CA TYR A 299 0.53 18.00 -5.27
C TYR A 299 1.37 17.94 -6.55
N LEU A 300 1.28 18.99 -7.36
CA LEU A 300 1.97 19.06 -8.64
C LEU A 300 3.34 19.71 -8.51
N PHE A 301 4.40 18.92 -8.69
CA PHE A 301 5.76 19.44 -8.61
C PHE A 301 6.35 19.56 -10.00
N THR A 302 7.19 20.58 -10.19
CA THR A 302 7.88 20.80 -11.45
C THR A 302 9.16 21.57 -11.17
N ILE A 303 10.23 21.19 -11.87
CA ILE A 303 11.56 21.77 -11.64
C ILE A 303 11.83 22.91 -12.61
N SER A 304 12.63 23.88 -12.19
CA SER A 304 12.93 25.03 -13.02
C SER A 304 14.26 25.69 -12.65
N HIS A 305 14.67 26.66 -13.45
CA HIS A 305 15.95 27.35 -13.27
C HIS A 305 15.83 28.79 -12.84
N LYS A 306 16.79 29.20 -12.02
CA LYS A 306 17.07 30.61 -11.78
C LYS A 306 17.07 31.43 -13.06
N TYR A 307 17.82 30.96 -14.05
CA TYR A 307 18.06 31.74 -15.26
C TYR A 307 17.05 31.48 -16.39
N THR A 308 15.94 30.81 -16.08
CA THR A 308 14.83 30.72 -17.02
C THR A 308 13.65 31.57 -16.55
N PHE A 309 13.81 32.23 -15.41
CA PHE A 309 12.83 33.20 -14.95
C PHE A 309 12.82 34.42 -15.87
N ALA A 310 11.67 35.07 -15.98
CA ALA A 310 11.54 36.26 -16.82
C ALA A 310 12.27 37.43 -16.18
N ASP A 311 12.41 38.53 -16.93
CA ASP A 311 13.10 39.72 -16.45
C ASP A 311 12.43 40.28 -15.21
N ASN A 312 13.24 40.78 -14.28
CA ASN A 312 12.77 41.41 -13.05
C ASN A 312 12.06 40.41 -12.14
N LEU A 313 12.38 39.13 -12.36
CA LEU A 313 11.96 38.03 -11.50
C LEU A 313 13.17 37.17 -11.21
N THR A 314 13.23 36.55 -10.03
CA THR A 314 14.29 35.60 -9.76
C THR A 314 13.87 34.55 -8.74
N GLY A 315 14.51 33.39 -8.84
CA GLY A 315 14.30 32.29 -7.91
C GLY A 315 15.50 31.38 -8.04
N PRO A 316 15.67 30.44 -7.10
CA PRO A 316 16.78 29.48 -7.19
C PRO A 316 16.48 28.30 -8.11
N ASP A 317 17.52 27.59 -8.53
CA ASP A 317 17.35 26.29 -9.16
C ASP A 317 16.77 25.36 -8.11
N GLY A 318 15.83 24.50 -8.54
CA GLY A 318 15.19 23.58 -7.62
C GLY A 318 13.83 23.15 -8.11
N VAL A 319 13.01 22.64 -7.20
CA VAL A 319 11.66 22.21 -7.53
C VAL A 319 10.63 23.18 -6.97
N TYR A 320 9.66 23.50 -7.82
CA TYR A 320 8.53 24.33 -7.44
C TYR A 320 7.28 23.45 -7.41
N GLY A 321 6.20 23.92 -6.80
CA GLY A 321 5.04 23.08 -6.58
C GLY A 321 3.73 23.83 -6.43
N PHE A 322 2.64 23.12 -6.73
CA PHE A 322 1.28 23.68 -6.65
C PHE A 322 0.33 22.60 -6.11
N VAL A 323 -0.66 23.00 -5.30
CA VAL A 323 -1.60 22.06 -4.70
C VAL A 323 -3.05 22.40 -5.02
N SER A 324 -3.85 21.37 -5.25
CA SER A 324 -5.28 21.53 -5.56
C SER A 324 -6.15 20.42 -4.97
N ASP A 325 -7.43 20.69 -4.80
CA ASP A 325 -8.39 19.67 -4.38
C ASP A 325 -8.84 18.76 -5.55
N LYS A 326 -8.68 19.26 -6.77
CA LYS A 326 -9.05 18.53 -7.99
C LYS A 326 -7.95 18.56 -9.05
N LEU A 327 -7.94 17.52 -9.89
CA LEU A 327 -6.94 17.36 -10.94
C LEU A 327 -6.83 18.58 -11.85
N THR A 328 -7.96 19.14 -12.25
CA THR A 328 -7.99 20.23 -13.21
C THR A 328 -8.08 21.60 -12.54
N GLY A 329 -7.65 21.67 -11.29
CA GLY A 329 -7.51 22.94 -10.59
C GLY A 329 -8.78 23.37 -9.89
N PRO A 330 -8.78 24.59 -9.33
CA PRO A 330 -7.66 25.55 -9.36
C PRO A 330 -6.52 25.19 -8.41
N TYR A 331 -5.29 25.45 -8.84
CA TYR A 331 -4.10 25.16 -8.05
C TYR A 331 -3.61 26.39 -7.30
N THR A 332 -3.00 26.16 -6.14
CA THR A 332 -2.36 27.24 -5.37
C THR A 332 -0.85 27.01 -5.29
N PRO A 333 -0.05 28.09 -5.46
CA PRO A 333 1.40 27.91 -5.32
C PRO A 333 1.82 27.47 -3.92
N MET A 334 2.72 26.51 -3.84
CA MET A 334 3.20 26.01 -2.56
C MET A 334 4.02 27.06 -1.84
N ASN A 335 3.85 27.15 -0.53
CA ASN A 335 4.57 28.11 0.30
C ASN A 335 4.34 29.54 -0.20
N SER A 336 3.16 29.74 -0.80
CA SER A 336 2.68 31.04 -1.28
C SER A 336 3.34 31.52 -2.57
N SER A 337 4.58 31.10 -2.81
CA SER A 337 5.34 31.57 -3.97
C SER A 337 5.49 30.49 -5.03
N GLY A 338 5.40 29.23 -4.60
CA GLY A 338 5.58 28.09 -5.48
C GLY A 338 6.84 27.29 -5.19
N LEU A 339 7.78 27.89 -4.48
CA LEU A 339 9.06 27.23 -4.21
C LEU A 339 8.93 26.19 -3.09
N VAL A 340 9.39 24.98 -3.38
CA VAL A 340 9.31 23.87 -2.45
C VAL A 340 10.71 23.53 -1.93
N LEU A 341 11.66 23.40 -2.83
CA LEU A 341 13.03 23.09 -2.47
C LEU A 341 14.03 23.74 -3.43
N GLY A 342 14.76 24.74 -2.93
CA GLY A 342 15.70 25.49 -3.74
C GLY A 342 17.14 25.34 -3.28
N ASN A 343 18.08 25.45 -4.21
CA ASN A 343 19.49 25.42 -3.87
C ASN A 343 19.90 26.65 -3.07
N PRO A 344 20.89 26.50 -2.17
CA PRO A 344 21.36 27.67 -1.43
C PRO A 344 22.12 28.62 -2.36
N SER A 345 22.10 29.91 -2.05
CA SER A 345 22.65 30.92 -2.94
C SER A 345 24.17 30.83 -3.05
N SER A 346 24.80 30.18 -2.07
CA SER A 346 26.25 30.03 -2.05
C SER A 346 26.69 28.94 -3.02
N GLN A 347 25.81 27.97 -3.22
CA GLN A 347 26.02 26.88 -4.16
C GLN A 347 24.77 26.68 -5.01
N PRO A 348 24.47 27.65 -5.88
CA PRO A 348 23.17 27.74 -6.56
C PRO A 348 22.91 26.64 -7.59
N PHE A 349 23.96 25.95 -8.02
CA PHE A 349 23.83 24.91 -9.03
C PHE A 349 24.42 23.58 -8.54
N GLN A 350 24.39 23.37 -7.24
CA GLN A 350 24.96 22.15 -6.67
C GLN A 350 24.16 20.91 -7.06
N THR A 351 22.86 21.07 -7.20
CA THR A 351 21.97 19.96 -7.55
C THR A 351 20.88 20.40 -8.53
N TYR A 352 20.30 19.44 -9.23
CA TYR A 352 19.15 19.71 -10.07
C TYR A 352 18.30 18.45 -10.27
N SER A 353 17.12 18.64 -10.86
CA SER A 353 16.23 17.54 -11.21
C SER A 353 15.69 16.88 -9.95
N HIS A 354 15.13 17.71 -9.07
CA HIS A 354 14.58 17.26 -7.81
C HIS A 354 13.27 16.52 -8.05
N TYR A 355 13.22 15.26 -7.63
CA TYR A 355 12.06 14.40 -7.85
C TYR A 355 11.43 14.02 -6.52
N VAL A 356 10.32 14.67 -6.20
CA VAL A 356 9.59 14.44 -4.95
C VAL A 356 8.77 13.16 -5.03
N MET A 357 9.06 12.22 -4.13
CA MET A 357 8.35 10.95 -4.09
C MET A 357 7.28 10.97 -2.99
N PRO A 358 6.21 10.14 -3.14
CA PRO A 358 5.06 10.20 -2.23
C PRO A 358 5.40 9.92 -0.77
N ASN A 359 6.59 9.39 -0.51
CA ASN A 359 7.04 9.16 0.85
C ASN A 359 7.78 10.37 1.42
N GLY A 360 7.77 11.47 0.68
CA GLY A 360 8.41 12.70 1.11
C GLY A 360 9.89 12.80 0.79
N LEU A 361 10.47 11.70 0.32
CA LEU A 361 11.88 11.69 -0.07
C LEU A 361 12.08 12.42 -1.40
N VAL A 362 13.11 13.25 -1.47
CA VAL A 362 13.43 13.99 -2.70
C VAL A 362 14.83 13.65 -3.15
N THR A 363 14.96 13.16 -4.38
CA THR A 363 16.25 12.79 -4.93
C THR A 363 16.74 13.85 -5.92
N SER A 364 18.06 13.92 -6.06
CA SER A 364 18.71 14.93 -6.89
C SER A 364 20.02 14.37 -7.42
N PHE A 365 20.50 14.91 -8.54
CA PHE A 365 21.86 14.62 -8.97
C PHE A 365 22.72 15.84 -8.68
N ILE A 366 23.99 15.59 -8.38
CA ILE A 366 24.94 16.67 -8.13
C ILE A 366 25.47 17.20 -9.46
N ASP A 367 25.29 18.50 -9.68
CA ASP A 367 25.80 19.14 -10.89
C ASP A 367 27.14 19.81 -10.60
N SER A 368 27.12 21.04 -10.10
CA SER A 368 28.34 21.84 -9.94
C SER A 368 28.50 22.42 -8.54
N VAL A 369 29.54 22.00 -7.84
CA VAL A 369 29.83 22.48 -6.48
C VAL A 369 31.04 23.41 -6.48
N PRO A 370 30.87 24.65 -5.97
CA PRO A 370 32.00 25.57 -6.00
C PRO A 370 33.15 25.22 -5.06
N TRP A 371 34.37 25.44 -5.53
CA TRP A 371 35.57 25.25 -4.72
C TRP A 371 36.18 26.62 -4.40
N LYS A 372 37.16 27.02 -5.21
CA LYS A 372 37.76 28.35 -5.13
C LYS A 372 37.50 29.18 -6.39
N GLY A 373 37.28 30.47 -6.21
CA GLY A 373 36.91 31.40 -7.28
C GLY A 373 35.95 30.91 -8.33
N LYS A 374 36.44 30.79 -9.57
CA LYS A 374 35.57 30.44 -10.70
C LYS A 374 35.56 28.94 -10.95
N ASP A 375 36.42 28.19 -10.27
CA ASP A 375 36.46 26.74 -10.44
C ASP A 375 35.43 26.03 -9.57
N TYR A 376 34.82 25.00 -10.15
CA TYR A 376 33.83 24.18 -9.44
C TYR A 376 34.14 22.70 -9.65
N ARG A 377 33.66 21.86 -8.74
CA ARG A 377 33.71 20.42 -8.95
C ARG A 377 32.39 19.92 -9.53
N ILE A 378 32.46 19.17 -10.61
CA ILE A 378 31.26 18.61 -11.21
C ILE A 378 31.00 17.23 -10.61
N GLY A 379 29.74 16.81 -10.62
CA GLY A 379 29.33 15.57 -9.97
C GLY A 379 29.02 14.44 -10.93
N GLY A 380 27.79 14.46 -11.47
CA GLY A 380 27.32 13.37 -12.32
C GLY A 380 27.00 12.15 -11.47
N THR A 381 26.48 12.40 -10.28
CA THR A 381 26.17 11.35 -9.31
C THR A 381 25.01 11.84 -8.43
N GLU A 382 24.41 10.92 -7.68
CA GLU A 382 23.25 11.29 -6.87
C GLU A 382 23.64 12.15 -5.67
N ALA A 383 22.80 13.13 -5.36
CA ALA A 383 22.97 13.96 -4.18
C ALA A 383 22.39 13.22 -2.97
N PRO A 384 22.67 13.73 -1.75
CA PRO A 384 22.00 13.20 -0.57
C PRO A 384 20.49 13.38 -0.65
N THR A 385 19.76 12.29 -0.43
CA THR A 385 18.30 12.34 -0.47
C THR A 385 17.77 13.06 0.75
N VAL A 386 16.92 14.07 0.52
CA VAL A 386 16.30 14.82 1.61
C VAL A 386 14.84 14.41 1.76
N LYS A 387 14.30 14.60 2.96
CA LYS A 387 12.87 14.40 3.19
C LYS A 387 12.19 15.74 3.45
N ILE A 388 11.12 16.01 2.69
CA ILE A 388 10.26 17.15 2.97
C ILE A 388 8.91 16.67 3.51
N LEU A 389 8.31 17.52 4.34
CA LEU A 389 7.00 17.24 4.92
C LEU A 389 5.96 18.15 4.26
N LEU A 390 4.90 17.55 3.72
CA LEU A 390 3.83 18.30 3.08
C LEU A 390 2.68 18.49 4.07
N LYS A 391 2.19 19.73 4.15
CA LYS A 391 1.15 20.10 5.11
C LYS A 391 0.31 21.25 4.56
N GLY A 392 -0.87 20.93 4.05
CA GLY A 392 -1.69 21.91 3.38
C GLY A 392 -0.99 22.42 2.13
N ASP A 393 -0.80 23.72 2.04
CA ASP A 393 -0.09 24.32 0.91
C ASP A 393 1.31 24.77 1.31
N ARG A 394 1.88 24.10 2.30
CA ARG A 394 3.24 24.40 2.77
C ARG A 394 4.09 23.15 2.84
N SER A 395 5.39 23.33 2.55
CA SER A 395 6.36 22.25 2.67
C SER A 395 7.43 22.62 3.69
N PHE A 396 7.98 21.60 4.37
CA PHE A 396 9.10 21.79 5.30
C PHE A 396 10.16 20.70 5.06
N ILE A 397 11.42 21.08 4.86
CA ILE A 397 12.48 20.09 4.81
C ILE A 397 12.71 19.61 6.24
N VAL A 398 12.95 18.31 6.40
CA VAL A 398 12.76 17.67 7.69
C VAL A 398 13.94 16.78 8.14
N ASP A 399 14.57 16.06 7.21
CA ASP A 399 15.95 15.59 7.44
C ASP A 399 16.58 15.06 6.15
N SER A 400 17.80 14.53 6.28
CA SER A 400 18.60 14.08 5.15
C SER A 400 19.02 12.62 5.30
N PHE A 401 19.18 11.95 4.17
CA PHE A 401 19.68 10.57 4.16
C PHE A 401 20.92 10.46 3.26
N ASP A 402 21.36 9.24 3.00
CA ASP A 402 22.63 9.02 2.29
C ASP A 402 22.52 9.34 0.80
N TYR A 403 23.68 9.47 0.16
CA TYR A 403 23.76 9.75 -1.28
C TYR A 403 22.99 8.71 -2.09
N GLY A 404 22.01 9.19 -2.85
CA GLY A 404 21.28 8.35 -3.77
C GLY A 404 20.31 7.40 -3.10
N TYR A 405 19.97 7.66 -1.85
CA TYR A 405 19.00 6.81 -1.15
C TYR A 405 17.61 6.97 -1.76
N ILE A 406 17.18 5.96 -2.52
CA ILE A 406 15.86 5.95 -3.13
C ILE A 406 15.19 4.61 -2.83
N PRO A 407 14.72 4.43 -1.59
CA PRO A 407 14.04 3.19 -1.21
C PRO A 407 12.68 3.06 -1.89
N ALA A 408 12.19 1.84 -2.01
CA ALA A 408 10.86 1.62 -2.56
C ALA A 408 9.81 1.72 -1.47
N MET A 409 8.59 2.07 -1.86
CA MET A 409 7.49 2.17 -0.91
C MET A 409 6.71 0.86 -0.84
N LYS A 410 6.89 0.02 -1.86
CA LYS A 410 6.07 -1.17 -2.02
C LYS A 410 6.83 -2.22 -2.83
N ASP A 411 6.71 -3.48 -2.42
CA ASP A 411 7.39 -4.57 -3.12
C ASP A 411 6.40 -5.47 -3.85
N ILE A 412 6.71 -5.79 -5.10
CA ILE A 412 5.89 -6.70 -5.90
C ILE A 412 6.65 -7.98 -6.22
N THR A 413 6.01 -9.11 -5.95
CA THR A 413 6.57 -10.42 -6.29
C THR A 413 6.04 -10.90 -7.64
N LEU A 414 6.95 -11.39 -8.49
CA LEU A 414 6.57 -11.83 -9.82
C LEU A 414 6.39 -13.34 -9.88
N TYR B 4 -17.47 26.30 22.98
CA TYR B 4 -16.15 26.32 22.35
C TYR B 4 -15.26 25.24 22.98
N ASN B 5 -15.03 24.19 22.21
CA ASN B 5 -14.18 23.07 22.60
C ASN B 5 -12.73 23.48 22.81
N TYR B 6 -12.34 24.53 22.09
CA TYR B 6 -11.24 24.64 21.15
C TYR B 6 -9.82 24.60 21.71
N LYS B 7 -8.89 24.28 20.82
CA LYS B 7 -7.46 24.37 21.07
C LYS B 7 -6.90 25.65 20.44
N PRO B 8 -5.94 26.30 21.09
CA PRO B 8 -5.29 27.43 20.44
C PRO B 8 -4.36 26.99 19.31
N THR B 9 -4.27 27.82 18.27
CA THR B 9 -3.31 27.60 17.19
C THR B 9 -1.96 28.14 17.59
N LEU B 10 -0.93 27.31 17.49
CA LEU B 10 0.42 27.77 17.81
C LEU B 10 1.08 28.37 16.59
N TRP B 11 1.57 29.60 16.74
CA TRP B 11 2.52 30.18 15.80
C TRP B 11 3.87 29.61 16.18
N THR B 12 4.46 28.80 15.30
CA THR B 12 5.61 27.99 15.66
C THR B 12 6.93 28.58 15.15
N ARG B 13 8.04 28.07 15.68
CA ARG B 13 9.35 28.52 15.24
C ARG B 13 9.55 28.20 13.76
N ALA B 14 9.05 27.05 13.34
CA ALA B 14 9.07 26.66 11.94
C ALA B 14 8.36 27.70 11.08
N ASP B 15 7.20 28.18 11.56
CA ASP B 15 6.46 29.23 10.86
C ASP B 15 7.31 30.49 10.75
N ALA B 16 7.93 30.88 11.86
CA ALA B 16 8.72 32.10 11.92
C ALA B 16 9.91 32.05 10.97
N LEU B 17 10.52 30.87 10.86
CA LEU B 17 11.68 30.69 9.98
C LEU B 17 11.31 30.97 8.52
N LYS B 18 10.02 30.87 8.20
CA LYS B 18 9.53 31.16 6.85
C LYS B 18 9.36 32.66 6.57
N VAL B 19 9.48 33.48 7.60
CA VAL B 19 9.27 34.93 7.46
C VAL B 19 10.28 35.58 6.51
N HIS B 20 9.76 36.28 5.48
CA HIS B 20 10.62 36.96 4.52
C HIS B 20 10.58 38.47 4.69
N GLU B 21 11.73 39.05 5.03
CA GLU B 21 11.91 40.49 5.04
C GLU B 21 12.18 40.96 3.61
N ASP B 22 11.63 42.12 3.24
CA ASP B 22 11.85 42.72 1.93
C ASP B 22 11.21 41.92 0.79
N ASP B 23 10.12 41.22 1.07
CA ASP B 23 9.26 40.68 0.03
C ASP B 23 8.45 41.85 -0.52
N PRO B 24 8.55 42.13 -1.84
CA PRO B 24 7.88 43.34 -2.33
C PRO B 24 6.35 43.28 -2.19
N THR B 25 5.78 42.09 -2.21
CA THR B 25 4.34 41.91 -2.05
C THR B 25 3.90 42.08 -0.60
N THR B 26 4.86 42.11 0.32
CA THR B 26 4.58 42.06 1.74
C THR B 26 5.38 43.13 2.50
N THR B 27 5.94 44.07 1.75
CA THR B 27 6.77 45.12 2.34
C THR B 27 6.22 46.52 2.08
N GLN B 28 6.22 47.34 3.12
CA GLN B 28 5.76 48.72 3.02
C GLN B 28 6.68 49.56 2.14
N PRO B 29 6.11 50.49 1.37
CA PRO B 29 6.95 51.44 0.65
C PRO B 29 7.83 52.28 1.58
N VAL B 30 8.97 52.72 1.06
CA VAL B 30 9.91 53.53 1.84
C VAL B 30 9.30 54.89 2.16
N ILE B 31 9.30 55.26 3.44
CA ILE B 31 8.84 56.58 3.87
C ILE B 31 9.81 57.66 3.40
N ASP B 32 9.29 58.66 2.71
CA ASP B 32 10.10 59.80 2.31
C ASP B 32 10.39 60.66 3.53
N ILE B 33 11.65 61.03 3.73
CA ILE B 33 12.06 61.71 4.95
C ILE B 33 11.50 63.12 5.05
N ALA B 34 11.01 63.65 3.93
CA ALA B 34 10.38 64.97 3.92
C ALA B 34 8.89 64.86 4.19
N PHE B 35 8.48 63.80 4.88
CA PHE B 35 7.07 63.59 5.20
C PHE B 35 6.49 64.77 5.98
N PRO B 36 5.20 65.06 5.76
CA PRO B 36 4.54 66.13 6.51
C PRO B 36 4.06 65.66 7.89
N VAL B 37 3.78 66.59 8.79
CA VAL B 37 3.26 66.27 10.11
C VAL B 37 1.87 66.89 10.26
N MET B 38 0.95 66.14 10.85
CA MET B 38 -0.44 66.55 10.93
C MET B 38 -0.70 67.54 12.08
N SER B 39 0.23 67.60 13.03
CA SER B 39 0.15 68.60 14.10
C SER B 39 1.52 69.00 14.63
N GLU B 40 1.72 70.31 14.77
CA GLU B 40 2.93 70.86 15.35
C GLU B 40 2.80 71.03 16.87
N GLU B 41 1.62 70.75 17.41
CA GLU B 41 1.39 70.81 18.87
C GLU B 41 1.47 69.47 19.57
N VAL B 42 1.01 68.40 18.92
CA VAL B 42 0.96 67.08 19.56
C VAL B 42 1.59 65.96 18.73
N PHE B 43 1.94 64.88 19.44
CA PHE B 43 2.32 63.61 18.83
C PHE B 43 1.10 62.71 18.77
N ILE B 44 0.97 61.94 17.70
CA ILE B 44 0.06 60.80 17.70
C ILE B 44 0.85 59.56 17.31
N TRP B 45 0.35 58.39 17.69
CA TRP B 45 0.87 57.15 17.12
C TRP B 45 -0.29 56.18 16.90
N ASP B 46 -0.57 55.26 17.82
CA ASP B 46 -1.67 54.32 17.62
C ASP B 46 -2.96 54.99 17.18
N THR B 47 -3.47 54.58 16.02
CA THR B 47 -4.65 55.19 15.44
C THR B 47 -5.79 54.18 15.42
N MET B 48 -6.93 54.59 15.99
CA MET B 48 -8.08 53.72 16.14
C MET B 48 -9.29 54.32 15.43
N PRO B 49 -9.54 53.88 14.18
CA PRO B 49 -10.68 54.45 13.44
C PRO B 49 -12.01 54.06 14.06
N LEU B 50 -13.00 54.94 13.97
CA LEU B 50 -14.33 54.65 14.47
C LEU B 50 -14.98 53.55 13.62
N ARG B 51 -15.50 52.52 14.28
CA ARG B 51 -16.14 51.42 13.56
C ARG B 51 -17.35 50.84 14.30
N ASP B 52 -18.08 49.96 13.63
CA ASP B 52 -19.22 49.28 14.27
C ASP B 52 -18.82 47.87 14.68
N PHE B 53 -19.76 47.14 15.29
CA PHE B 53 -19.46 45.82 15.83
C PHE B 53 -19.10 44.80 14.75
N ASP B 54 -19.45 45.09 13.50
CA ASP B 54 -19.11 44.20 12.40
C ASP B 54 -17.69 44.44 11.88
N GLY B 55 -17.08 45.54 12.32
CA GLY B 55 -15.72 45.86 11.94
C GLY B 55 -15.61 46.92 10.85
N GLU B 56 -16.75 47.38 10.36
CA GLU B 56 -16.77 48.36 9.27
C GLU B 56 -16.48 49.79 9.77
N ILE B 57 -15.67 50.52 9.02
CA ILE B 57 -15.30 51.89 9.38
C ILE B 57 -16.44 52.85 9.11
N ILE B 58 -16.83 53.59 10.14
CA ILE B 58 -18.04 54.39 10.10
C ILE B 58 -17.76 55.89 10.10
N SER B 59 -18.47 56.60 9.24
CA SER B 59 -18.54 58.06 9.29
C SER B 59 -19.90 58.46 9.86
N VAL B 60 -19.95 59.61 10.52
CA VAL B 60 -21.20 60.10 11.10
C VAL B 60 -21.56 61.46 10.52
N ASN B 61 -22.74 61.54 9.92
CA ASN B 61 -23.20 62.75 9.25
C ASN B 61 -22.15 63.33 8.32
N GLY B 62 -21.47 62.45 7.59
CA GLY B 62 -20.45 62.84 6.63
C GLY B 62 -19.10 63.15 7.24
N TRP B 63 -18.94 62.88 8.53
CA TRP B 63 -17.65 63.07 9.21
C TRP B 63 -16.93 61.76 9.45
N CYS B 64 -15.76 61.58 8.84
CA CYS B 64 -14.88 60.48 9.20
C CYS B 64 -14.26 60.78 10.54
N ILE B 65 -14.07 59.74 11.36
CA ILE B 65 -13.59 59.91 12.73
C ILE B 65 -12.48 58.91 13.05
N ILE B 66 -11.40 59.42 13.64
CA ILE B 66 -10.36 58.55 14.19
C ILE B 66 -10.02 58.96 15.62
N PHE B 67 -9.69 57.96 16.44
CA PHE B 67 -9.16 58.17 17.78
C PHE B 67 -7.68 57.85 17.75
N THR B 68 -6.87 58.66 18.44
CA THR B 68 -5.42 58.44 18.48
C THR B 68 -4.87 58.42 19.90
N LEU B 69 -3.88 57.58 20.13
CA LEU B 69 -3.03 57.74 21.31
C LEU B 69 -2.23 59.01 21.07
N THR B 70 -2.25 59.90 22.05
CA THR B 70 -1.77 61.27 21.84
C THR B 70 -0.92 61.76 23.02
N ALA B 71 0.02 62.63 22.71
CA ALA B 71 0.81 63.31 23.73
C ALA B 71 1.29 64.65 23.20
N ASP B 72 1.57 65.59 24.10
CA ASP B 72 1.98 66.92 23.71
C ASP B 72 3.43 66.99 23.27
N ARG B 73 3.69 67.78 22.23
CA ARG B 73 5.06 68.13 21.86
C ARG B 73 5.57 69.17 22.84
N ASN B 74 6.66 68.83 23.52
CA ASN B 74 7.22 69.69 24.56
C ASN B 74 8.28 70.65 24.01
N THR B 75 7.94 71.27 22.89
CA THR B 75 8.84 72.19 22.20
C THR B 75 9.44 73.25 23.13
N ASP B 76 8.64 73.77 24.05
CA ASP B 76 9.06 74.90 24.89
C ASP B 76 9.24 74.57 26.37
N ASN B 77 9.09 73.30 26.74
CA ASN B 77 9.25 72.88 28.14
C ASN B 77 10.73 72.66 28.47
N PRO B 78 11.25 73.35 29.51
CA PRO B 78 12.67 73.19 29.87
C PRO B 78 13.08 71.77 30.23
N GLN B 79 12.13 70.92 30.61
CA GLN B 79 12.43 69.56 31.02
C GLN B 79 13.01 68.72 29.88
N PHE B 80 12.64 69.06 28.65
CA PHE B 80 13.04 68.29 27.47
C PHE B 80 14.10 69.02 26.65
N GLN B 81 15.07 69.64 27.34
CA GLN B 81 16.12 70.40 26.66
C GLN B 81 17.50 69.73 26.62
N ASP B 82 18.14 69.83 25.46
CA ASP B 82 19.54 69.46 25.26
C ASP B 82 20.48 70.31 26.09
N GLU B 83 21.71 69.86 26.22
CA GLU B 83 22.75 70.68 26.84
C GLU B 83 22.96 71.93 25.99
N ASN B 84 23.02 73.08 26.67
CA ASN B 84 23.01 74.41 26.05
C ASN B 84 21.57 74.82 25.72
N GLY B 85 20.61 74.04 26.20
CA GLY B 85 19.21 74.46 26.24
C GLY B 85 18.41 74.33 24.96
N ASN B 86 18.70 73.32 24.13
CA ASN B 86 17.95 73.09 22.90
C ASN B 86 16.90 71.99 23.04
N TYR B 87 15.82 72.08 22.27
CA TYR B 87 14.75 71.09 22.36
C TYR B 87 15.18 69.72 21.81
N ASP B 88 15.14 68.71 22.67
CA ASP B 88 15.48 67.34 22.30
C ASP B 88 14.22 66.58 21.85
N ILE B 89 13.92 66.66 20.55
CA ILE B 89 12.73 66.03 20.00
C ILE B 89 12.73 64.51 20.22
N THR B 90 13.91 63.92 20.25
CA THR B 90 14.03 62.46 20.36
C THR B 90 13.65 61.97 21.75
N ARG B 91 14.24 62.57 22.79
CA ARG B 91 13.95 62.18 24.16
C ARG B 91 12.47 62.38 24.44
N ASP B 92 11.92 63.49 23.94
CA ASP B 92 10.50 63.78 24.06
C ASP B 92 9.66 62.67 23.45
N TRP B 93 9.83 62.44 22.15
CA TRP B 93 9.14 61.39 21.41
C TRP B 93 9.17 60.03 22.11
N GLU B 94 10.33 59.66 22.64
CA GLU B 94 10.52 58.34 23.23
C GLU B 94 9.95 58.21 24.64
N ASP B 95 9.62 59.33 25.27
CA ASP B 95 9.02 59.34 26.61
C ASP B 95 7.47 59.34 26.55
N ARG B 96 6.93 59.26 25.33
CA ARG B 96 5.52 59.56 25.11
C ARG B 96 4.55 58.55 25.72
N HIS B 97 4.96 57.29 25.83
CA HIS B 97 4.07 56.23 26.25
C HIS B 97 3.58 56.45 27.68
N GLY B 98 4.40 57.13 28.48
CA GLY B 98 4.04 57.45 29.85
C GLY B 98 2.94 58.50 29.98
N ARG B 99 2.79 59.37 28.98
CA ARG B 99 1.77 60.43 29.01
C ARG B 99 0.72 60.22 27.93
N ALA B 100 0.50 58.97 27.55
CA ALA B 100 -0.48 58.64 26.52
C ALA B 100 -1.90 59.03 26.93
N ARG B 101 -2.53 59.88 26.12
CA ARG B 101 -3.95 60.22 26.28
C ARG B 101 -4.66 59.98 24.95
N ILE B 102 -5.94 59.59 25.03
CA ILE B 102 -6.72 59.33 23.83
C ILE B 102 -7.46 60.59 23.38
N CYS B 103 -7.17 60.99 22.15
CA CYS B 103 -7.81 62.14 21.52
C CYS B 103 -8.54 61.68 20.27
N TYR B 104 -9.35 62.55 19.68
CA TYR B 104 -10.06 62.24 18.45
C TYR B 104 -9.82 63.32 17.38
N TRP B 105 -9.92 62.90 16.13
CA TRP B 105 -9.80 63.81 14.99
C TRP B 105 -10.99 63.59 14.07
N TYR B 106 -11.27 64.56 13.21
CA TYR B 106 -12.37 64.42 12.27
C TYR B 106 -12.07 65.05 10.92
N SER B 107 -12.73 64.54 9.89
CA SER B 107 -12.55 65.02 8.52
C SER B 107 -13.68 64.53 7.65
N ARG B 108 -14.13 65.37 6.71
CA ARG B 108 -15.16 64.94 5.78
C ARG B 108 -14.56 64.05 4.68
N THR B 109 -13.23 64.07 4.54
CA THR B 109 -12.56 63.44 3.40
C THR B 109 -11.81 62.16 3.80
N GLY B 110 -11.54 61.98 5.09
CA GLY B 110 -10.79 60.82 5.55
C GLY B 110 -9.30 61.10 5.53
N LYS B 111 -8.99 62.39 5.48
CA LYS B 111 -7.65 62.86 5.15
C LYS B 111 -7.58 64.28 5.68
N ASP B 112 -6.38 64.85 5.81
CA ASP B 112 -6.25 66.23 6.26
C ASP B 112 -7.01 66.48 7.57
N TRP B 113 -6.61 65.78 8.62
CA TRP B 113 -7.41 65.69 9.85
C TRP B 113 -7.43 66.95 10.69
N ILE B 114 -8.60 67.26 11.24
CA ILE B 114 -8.79 68.37 12.18
C ILE B 114 -8.73 67.84 13.60
N PHE B 115 -8.00 68.52 14.47
CA PHE B 115 -7.87 68.11 15.86
C PHE B 115 -9.12 68.47 16.67
N GLY B 116 -9.75 67.44 17.23
CA GLY B 116 -10.95 67.60 18.03
C GLY B 116 -10.64 67.62 19.52
N GLY B 117 -9.41 67.21 19.85
CA GLY B 117 -8.93 67.24 21.21
C GLY B 117 -9.20 66.00 22.02
N ARG B 118 -9.26 66.19 23.33
CA ARG B 118 -9.27 65.12 24.31
C ARG B 118 -10.65 64.47 24.43
N VAL B 119 -10.67 63.14 24.55
CA VAL B 119 -11.92 62.40 24.69
C VAL B 119 -12.41 62.39 26.14
N MET B 120 -11.52 62.02 27.05
CA MET B 120 -11.81 62.04 28.48
C MET B 120 -11.08 63.17 29.18
N ALA B 121 -11.80 63.91 30.01
CA ALA B 121 -11.19 64.96 30.82
C ALA B 121 -10.15 64.37 31.76
N GLU B 122 -9.12 65.13 32.07
CA GLU B 122 -8.09 64.71 33.00
C GLU B 122 -8.69 64.23 34.31
N GLY B 123 -8.31 63.02 34.72
CA GLY B 123 -8.74 62.47 35.99
C GLY B 123 -9.89 61.47 35.88
N VAL B 124 -10.51 61.41 34.70
CA VAL B 124 -11.59 60.46 34.49
C VAL B 124 -11.08 59.03 34.44
N SER B 125 -10.06 58.78 33.68
CA SER B 125 -9.47 57.45 33.60
C SER B 125 -8.83 57.09 34.92
N PRO B 126 -9.18 55.86 35.43
CA PRO B 126 -8.59 55.40 36.69
C PRO B 126 -7.07 55.45 36.68
N THR B 127 -6.46 55.11 35.55
CA THR B 127 -5.02 55.26 35.36
C THR B 127 -4.75 56.47 34.48
N THR B 128 -3.63 57.15 34.71
CA THR B 128 -3.26 58.32 33.91
C THR B 128 -3.00 57.92 32.47
N ARG B 129 -2.36 56.78 32.29
CA ARG B 129 -2.14 56.24 30.94
C ARG B 129 -3.44 55.76 30.32
N GLU B 130 -3.76 56.32 29.16
CA GLU B 130 -4.86 55.82 28.35
C GLU B 130 -4.25 55.14 27.13
N TRP B 131 -4.14 53.81 27.19
CA TRP B 131 -3.53 53.04 26.11
C TRP B 131 -4.59 52.48 25.17
N ALA B 132 -4.15 51.78 24.13
CA ALA B 132 -4.97 51.57 22.93
C ALA B 132 -6.15 50.61 23.14
N GLY B 133 -7.12 50.73 22.24
CA GLY B 133 -8.32 49.92 22.26
C GLY B 133 -9.13 50.16 21.00
N THR B 134 -10.45 50.19 21.12
CA THR B 134 -11.31 50.39 19.96
C THR B 134 -12.55 51.23 20.29
N PRO B 135 -12.85 52.26 19.47
CA PRO B 135 -14.11 52.99 19.62
C PRO B 135 -15.24 52.39 18.79
N ILE B 136 -16.37 52.11 19.41
CA ILE B 136 -17.48 51.46 18.73
C ILE B 136 -18.70 52.38 18.64
N LEU B 137 -19.28 52.49 17.46
CA LEU B 137 -20.53 53.22 17.28
C LEU B 137 -21.71 52.27 17.50
N LEU B 138 -22.39 52.43 18.63
CA LEU B 138 -23.52 51.59 18.99
C LEU B 138 -24.81 51.93 18.24
N ASN B 139 -24.98 53.23 17.97
CA ASN B 139 -26.29 53.80 17.69
C ASN B 139 -26.32 54.73 16.49
N ASP B 140 -27.51 54.93 15.93
CA ASP B 140 -27.76 56.01 14.99
C ASP B 140 -28.15 57.30 15.73
N ARG B 141 -28.18 57.22 17.06
CA ARG B 141 -28.32 58.38 17.91
C ARG B 141 -26.97 59.00 18.25
N GLY B 142 -25.91 58.27 17.96
CA GLY B 142 -24.57 58.77 18.14
C GLY B 142 -23.81 58.29 19.37
N ASP B 143 -24.37 57.31 20.08
CA ASP B 143 -23.72 56.78 21.28
C ASP B 143 -22.46 55.96 20.94
N ILE B 144 -21.40 56.15 21.73
CA ILE B 144 -20.13 55.46 21.49
C ILE B 144 -19.60 54.81 22.77
N ASP B 145 -19.23 53.54 22.66
CA ASP B 145 -18.45 52.85 23.70
C ASP B 145 -16.99 52.81 23.30
N LEU B 146 -16.15 53.53 24.04
CA LEU B 146 -14.71 53.45 23.84
C LEU B 146 -14.11 52.37 24.71
N TYR B 147 -13.76 51.25 24.09
CA TYR B 147 -12.99 50.21 24.78
C TYR B 147 -11.52 50.62 24.71
N TYR B 148 -10.86 50.64 25.86
CA TYR B 148 -9.45 51.01 25.90
C TYR B 148 -8.77 50.34 27.09
N THR B 149 -7.46 50.58 27.24
CA THR B 149 -6.65 49.90 28.25
C THR B 149 -6.15 50.84 29.35
N CYS B 150 -6.44 50.48 30.59
CA CYS B 150 -5.94 51.19 31.76
C CYS B 150 -4.65 50.55 32.27
N VAL B 151 -3.54 51.29 32.17
CA VAL B 151 -2.22 50.74 32.50
C VAL B 151 -1.50 51.53 33.59
N THR B 152 -0.98 50.80 34.57
CA THR B 152 -0.18 51.36 35.67
C THR B 152 -1.02 52.24 36.60
N PRO B 153 -1.40 51.72 37.79
CA PRO B 153 -1.11 50.37 38.31
C PRO B 153 -1.81 49.27 37.54
N GLY B 154 -1.09 48.16 37.30
CA GLY B 154 -1.67 46.99 36.67
C GLY B 154 -1.98 47.20 35.21
N ALA B 155 -2.80 46.31 34.66
CA ALA B 155 -3.26 46.42 33.29
C ALA B 155 -4.69 45.89 33.20
N THR B 156 -5.62 46.79 32.92
CA THR B 156 -7.04 46.47 32.97
C THR B 156 -7.75 46.91 31.70
N ILE B 157 -8.47 46.00 31.09
CA ILE B 157 -9.31 46.36 29.96
C ILE B 157 -10.58 46.99 30.51
N ALA B 158 -10.99 48.10 29.91
CA ALA B 158 -12.12 48.87 30.41
C ALA B 158 -12.88 49.49 29.25
N LYS B 159 -14.01 50.10 29.57
CA LYS B 159 -14.79 50.83 28.58
C LYS B 159 -15.37 52.11 29.19
N VAL B 160 -15.62 53.09 28.33
CA VAL B 160 -16.22 54.35 28.74
C VAL B 160 -17.23 54.77 27.69
N ARG B 161 -18.46 55.04 28.12
CA ARG B 161 -19.50 55.46 27.20
C ARG B 161 -19.51 56.97 27.02
N GLY B 162 -19.79 57.40 25.81
CA GLY B 162 -19.97 58.80 25.50
C GLY B 162 -20.88 58.95 24.31
N LYS B 163 -20.82 60.09 23.64
CA LYS B 163 -21.74 60.39 22.56
C LYS B 163 -21.10 61.38 21.58
N ILE B 164 -21.28 61.16 20.30
CA ILE B 164 -20.74 62.06 19.29
C ILE B 164 -21.83 63.00 18.76
N VAL B 165 -21.50 64.29 18.70
CA VAL B 165 -22.41 65.32 18.22
C VAL B 165 -21.72 66.12 17.12
N THR B 166 -22.31 66.14 15.93
CA THR B 166 -21.69 66.80 14.79
C THR B 166 -22.36 68.13 14.43
N SER B 167 -21.54 69.11 14.06
CA SER B 167 -22.01 70.38 13.50
C SER B 167 -21.64 70.43 12.03
N ASP B 168 -21.79 71.62 11.43
CA ASP B 168 -21.54 71.77 10.00
C ASP B 168 -20.06 71.83 9.66
N GLN B 169 -19.25 72.35 10.58
CA GLN B 169 -17.82 72.52 10.33
C GLN B 169 -16.97 71.96 11.47
N SER B 170 -17.60 71.27 12.42
CA SER B 170 -16.88 70.72 13.55
C SER B 170 -17.57 69.49 14.13
N VAL B 171 -16.84 68.78 14.99
CA VAL B 171 -17.36 67.61 15.68
C VAL B 171 -16.93 67.67 17.13
N SER B 172 -17.86 67.38 18.05
CA SER B 172 -17.54 67.36 19.47
C SER B 172 -18.10 66.12 20.15
N LEU B 173 -17.65 65.89 21.39
CA LEU B 173 -18.04 64.71 22.14
C LEU B 173 -18.72 65.08 23.46
N GLU B 174 -19.68 64.25 23.86
CA GLU B 174 -20.38 64.42 25.13
C GLU B 174 -20.28 63.13 25.93
N GLY B 175 -20.42 63.25 27.24
CA GLY B 175 -20.27 62.10 28.12
C GLY B 175 -18.79 61.79 28.28
N PHE B 176 -18.45 60.51 28.23
CA PHE B 176 -17.08 60.07 28.49
C PHE B 176 -16.64 60.61 29.84
N GLN B 177 -17.49 60.40 30.86
CA GLN B 177 -17.25 60.92 32.19
C GLN B 177 -16.88 59.83 33.18
N GLN B 178 -17.23 58.59 32.86
CA GLN B 178 -16.93 57.46 33.75
C GLN B 178 -16.42 56.19 33.06
N VAL B 179 -15.31 55.68 33.58
CA VAL B 179 -14.69 54.46 33.08
C VAL B 179 -15.14 53.28 33.92
N THR B 180 -15.54 52.20 33.24
CA THR B 180 -15.90 50.95 33.91
C THR B 180 -14.86 49.88 33.65
N SER B 181 -14.24 49.37 34.72
CA SER B 181 -13.28 48.28 34.57
C SER B 181 -14.00 46.97 34.23
N LEU B 182 -13.52 46.29 33.20
CA LEU B 182 -14.12 45.05 32.73
C LEU B 182 -13.40 43.81 33.23
N PHE B 183 -12.14 43.64 32.85
CA PHE B 183 -11.35 42.52 33.34
C PHE B 183 -9.83 42.69 33.22
N SER B 184 -9.13 41.83 33.96
CA SER B 184 -7.68 41.81 34.01
C SER B 184 -7.17 40.40 33.76
N ALA B 185 -5.86 40.23 33.74
CA ALA B 185 -5.27 38.91 33.60
C ALA B 185 -5.76 38.03 34.74
N ASP B 186 -6.06 36.77 34.44
CA ASP B 186 -6.66 35.87 35.41
C ASP B 186 -5.61 35.04 36.14
N GLY B 187 -4.57 34.63 35.43
CA GLY B 187 -3.50 33.84 36.02
C GLY B 187 -3.55 32.36 35.69
N THR B 188 -4.72 31.85 35.31
CA THR B 188 -4.85 30.47 34.87
C THR B 188 -4.63 30.37 33.35
N ILE B 189 -5.27 31.28 32.61
CA ILE B 189 -5.19 31.31 31.16
C ILE B 189 -4.22 32.39 30.67
N TYR B 190 -4.41 33.61 31.17
CA TYR B 190 -3.56 34.74 30.79
C TYR B 190 -2.64 35.17 31.93
N GLN B 191 -1.43 35.59 31.58
CA GLN B 191 -0.37 35.88 32.53
C GLN B 191 -0.59 37.19 33.31
N THR B 192 -0.28 37.15 34.60
CA THR B 192 -0.48 38.30 35.50
C THR B 192 0.81 39.04 35.81
N GLU B 193 0.68 40.19 36.46
CA GLU B 193 1.83 40.96 36.92
C GLU B 193 2.63 40.17 37.97
N GLU B 194 1.92 39.56 38.91
CA GLU B 194 2.52 38.65 39.90
C GLU B 194 3.51 37.67 39.24
N GLN B 195 3.08 37.08 38.13
CA GLN B 195 3.87 36.06 37.45
C GLN B 195 4.99 36.65 36.60
N ASN B 196 4.77 37.88 36.13
CA ASN B 196 5.70 38.54 35.22
C ASN B 196 5.54 40.05 35.32
N ALA B 197 6.59 40.73 35.77
CA ALA B 197 6.57 42.18 35.89
C ALA B 197 6.47 42.85 34.52
N PHE B 198 6.82 42.10 33.47
CA PHE B 198 6.76 42.60 32.09
C PHE B 198 5.58 42.03 31.31
N TRP B 199 4.58 41.51 32.02
CA TRP B 199 3.44 40.87 31.39
C TRP B 199 2.71 41.80 30.43
N ASN B 200 2.08 41.21 29.42
CA ASN B 200 1.35 41.97 28.42
C ASN B 200 -0.14 41.73 28.57
N PHE B 201 -0.91 42.80 28.58
CA PHE B 201 -2.37 42.69 28.66
C PHE B 201 -3.00 44.00 28.22
N ARG B 202 -3.54 44.04 26.99
CA ARG B 202 -4.07 45.30 26.44
C ARG B 202 -4.77 45.12 25.08
N ASP B 203 -5.33 46.22 24.58
CA ASP B 203 -5.82 46.34 23.20
C ASP B 203 -7.12 45.56 22.93
N PRO B 204 -8.23 46.00 23.52
CA PRO B 204 -9.52 45.38 23.22
C PRO B 204 -10.04 45.72 21.82
N SER B 205 -10.37 44.73 21.01
CA SER B 205 -11.13 44.95 19.77
C SER B 205 -12.40 44.11 19.81
N PRO B 206 -13.52 44.72 20.23
CA PRO B 206 -14.80 43.99 20.26
C PRO B 206 -15.38 43.74 18.87
N PHE B 207 -16.20 42.70 18.74
CA PHE B 207 -16.90 42.40 17.50
C PHE B 207 -18.09 41.47 17.74
N ILE B 208 -19.16 41.65 16.96
CA ILE B 208 -20.27 40.70 16.94
C ILE B 208 -20.03 39.69 15.84
N ASP B 209 -20.00 38.42 16.22
CA ASP B 209 -19.76 37.33 15.27
C ASP B 209 -21.01 37.10 14.41
N ARG B 210 -20.79 37.00 13.10
CA ARG B 210 -21.90 36.88 12.16
C ARG B 210 -22.58 35.53 12.24
N ASN B 211 -21.79 34.48 12.48
CA ASN B 211 -22.32 33.13 12.62
C ASN B 211 -23.01 32.87 13.96
N ASP B 212 -22.64 33.67 14.96
CA ASP B 212 -23.01 33.39 16.35
C ASP B 212 -24.01 34.37 16.94
N GLY B 213 -23.96 35.63 16.49
CA GLY B 213 -24.80 36.67 17.02
C GLY B 213 -24.31 37.18 18.36
N LYS B 214 -23.21 36.63 18.84
CA LYS B 214 -22.68 36.95 20.16
C LYS B 214 -21.61 38.03 20.10
N LEU B 215 -21.42 38.71 21.23
CA LEU B 215 -20.40 39.75 21.36
C LEU B 215 -19.08 39.19 21.89
N TYR B 216 -18.00 39.48 21.16
CA TYR B 216 -16.66 39.00 21.50
C TYR B 216 -15.68 40.14 21.54
N MET B 217 -14.48 39.87 22.04
CA MET B 217 -13.34 40.76 21.85
C MET B 217 -12.02 40.00 21.81
N LEU B 218 -11.12 40.43 20.94
CA LEU B 218 -9.74 40.01 20.99
C LEU B 218 -8.96 40.95 21.91
N PHE B 219 -7.82 40.48 22.40
CA PHE B 219 -6.90 41.34 23.13
C PHE B 219 -5.54 40.68 23.15
N GLU B 220 -4.49 41.47 23.38
CA GLU B 220 -3.15 40.95 23.56
C GLU B 220 -3.00 40.36 24.95
N GLY B 221 -2.27 39.25 25.03
CA GLY B 221 -1.94 38.66 26.31
C GLY B 221 -0.62 37.92 26.27
N ASN B 222 -0.29 37.31 27.40
CA ASN B 222 0.79 36.33 27.47
C ASN B 222 0.20 35.04 28.01
N VAL B 223 0.76 33.90 27.62
CA VAL B 223 0.30 32.62 28.15
C VAL B 223 0.60 32.57 29.64
N ALA B 224 -0.39 32.18 30.42
CA ALA B 224 -0.26 32.16 31.88
C ALA B 224 0.89 31.27 32.32
N GLY B 225 1.40 31.57 33.52
CA GLY B 225 2.50 30.83 34.10
C GLY B 225 3.59 31.80 34.50
N PRO B 226 4.36 31.47 35.56
CA PRO B 226 5.47 32.36 35.95
C PRO B 226 6.47 32.53 34.81
N ARG B 227 7.12 33.69 34.75
CA ARG B 227 8.01 34.00 33.65
C ARG B 227 9.18 33.03 33.57
N GLY B 228 9.40 32.48 32.38
CA GLY B 228 10.51 31.57 32.15
C GLY B 228 10.21 30.12 32.52
N SER B 229 8.98 29.85 32.95
CA SER B 229 8.57 28.51 33.33
C SER B 229 8.03 27.71 32.13
N HIS B 230 7.59 28.43 31.10
CA HIS B 230 7.09 27.80 29.87
C HIS B 230 8.11 26.84 29.26
N GLU B 231 7.62 25.70 28.79
CA GLU B 231 8.44 24.72 28.11
C GLU B 231 8.33 24.85 26.60
N ILE B 232 9.46 24.69 25.91
CA ILE B 232 9.46 24.60 24.47
C ILE B 232 9.42 23.12 24.11
N THR B 233 8.23 22.61 23.79
CA THR B 233 8.11 21.25 23.30
C THR B 233 8.18 21.28 21.78
N GLN B 234 8.04 20.12 21.14
CA GLN B 234 8.14 20.04 19.69
C GLN B 234 6.92 20.68 19.03
N ALA B 235 5.85 20.87 19.81
CA ALA B 235 4.68 21.59 19.33
C ALA B 235 5.05 23.04 19.01
N GLU B 236 5.71 23.71 19.94
CA GLU B 236 6.10 25.09 19.77
C GLU B 236 7.20 25.21 18.72
N MET B 237 8.06 24.21 18.65
CA MET B 237 9.12 24.17 17.66
C MET B 237 8.55 24.19 16.25
N GLY B 238 7.53 23.37 16.03
CA GLY B 238 7.03 23.10 14.69
C GLY B 238 7.99 22.16 14.00
N ASN B 239 7.83 22.00 12.69
CA ASN B 239 8.70 21.11 11.94
C ASN B 239 9.90 21.88 11.37
N VAL B 240 10.84 22.18 12.26
CA VAL B 240 12.01 22.97 11.93
C VAL B 240 13.03 22.15 11.14
N PRO B 241 13.84 22.81 10.30
CA PRO B 241 14.84 22.07 9.53
C PRO B 241 15.99 21.59 10.41
N PRO B 242 16.74 20.58 9.96
CA PRO B 242 17.92 20.15 10.72
C PRO B 242 18.94 21.28 10.84
N GLY B 243 19.53 21.42 12.02
CA GLY B 243 20.48 22.49 12.29
C GLY B 243 19.86 23.71 12.96
N TYR B 244 18.55 23.64 13.22
CA TYR B 244 17.82 24.78 13.79
C TYR B 244 17.13 24.40 15.09
N GLU B 245 17.76 23.53 15.88
CA GLU B 245 17.18 23.05 17.14
C GLU B 245 17.54 23.94 18.33
N ASP B 246 18.39 24.93 18.11
CA ASP B 246 18.85 25.80 19.20
C ASP B 246 17.91 27.00 19.37
N VAL B 247 17.30 27.11 20.55
CA VAL B 247 16.25 28.11 20.79
C VAL B 247 16.67 29.23 21.74
N GLY B 248 17.88 29.14 22.28
CA GLY B 248 18.35 30.13 23.23
C GLY B 248 17.39 30.39 24.38
N GLY B 249 17.05 31.65 24.59
CA GLY B 249 16.18 32.05 25.68
C GLY B 249 14.71 32.16 25.27
N ALA B 250 14.31 31.30 24.34
CA ALA B 250 12.96 31.32 23.79
C ALA B 250 11.88 31.16 24.87
N LYS B 251 12.26 30.52 25.99
CA LYS B 251 11.31 30.23 27.08
C LYS B 251 10.65 31.50 27.59
N TYR B 252 11.29 32.65 27.36
CA TYR B 252 10.81 33.92 27.90
C TYR B 252 9.82 34.64 26.97
N GLN B 253 9.69 34.15 25.75
CA GLN B 253 8.68 34.68 24.83
C GLN B 253 7.41 33.85 24.92
N ALA B 254 6.30 34.48 25.31
CA ALA B 254 5.05 33.77 25.51
C ALA B 254 3.84 34.59 25.08
N GLY B 255 3.96 35.31 23.97
CA GLY B 255 2.88 36.13 23.47
C GLY B 255 1.65 35.34 23.05
N CYS B 256 0.47 35.96 23.13
CA CYS B 256 -0.75 35.31 22.67
C CYS B 256 -1.84 36.32 22.34
N VAL B 257 -2.76 35.92 21.46
CA VAL B 257 -3.95 36.70 21.19
C VAL B 257 -5.10 36.11 21.99
N GLY B 258 -5.58 36.86 22.98
CA GLY B 258 -6.62 36.35 23.86
C GLY B 258 -8.02 36.56 23.32
N LEU B 259 -8.97 35.83 23.88
CA LEU B 259 -10.37 35.91 23.48
C LEU B 259 -11.29 35.97 24.69
N ALA B 260 -12.29 36.85 24.62
CA ALA B 260 -13.34 36.89 25.62
C ALA B 260 -14.71 37.04 24.97
N VAL B 261 -15.75 36.61 25.68
CA VAL B 261 -17.12 36.68 25.19
C VAL B 261 -18.01 37.36 26.23
N ALA B 262 -18.96 38.16 25.75
CA ALA B 262 -19.84 38.90 26.64
C ALA B 262 -21.07 38.06 26.97
N LYS B 263 -21.66 38.36 28.11
CA LYS B 263 -22.88 37.72 28.55
C LYS B 263 -24.05 38.09 27.65
N ASP B 264 -24.04 39.35 27.23
CA ASP B 264 -25.01 39.90 26.30
C ASP B 264 -24.39 41.06 25.52
N LEU B 265 -25.14 41.62 24.56
CA LEU B 265 -24.56 42.62 23.66
C LEU B 265 -24.26 43.95 24.33
N SER B 266 -24.74 44.14 25.56
CA SER B 266 -24.45 45.38 26.28
C SER B 266 -22.97 45.48 26.56
N GLY B 267 -22.31 44.32 26.63
CA GLY B 267 -20.87 44.27 26.84
C GLY B 267 -20.47 44.76 28.22
N SER B 268 -21.29 44.47 29.23
CA SER B 268 -21.04 44.95 30.58
C SER B 268 -20.19 43.98 31.38
N GLU B 269 -20.42 42.68 31.17
CA GLU B 269 -19.68 41.62 31.84
C GLU B 269 -19.07 40.65 30.82
N TRP B 270 -17.88 40.14 31.12
CA TRP B 270 -17.13 39.37 30.15
C TRP B 270 -16.59 38.04 30.68
N GLN B 271 -16.78 36.99 29.89
CA GLN B 271 -16.19 35.68 30.17
C GLN B 271 -14.89 35.52 29.39
N ILE B 272 -13.80 35.40 30.14
CA ILE B 272 -12.48 35.12 29.58
C ILE B 272 -12.46 33.72 28.98
N LEU B 273 -11.88 33.60 27.79
CA LEU B 273 -11.79 32.32 27.08
C LEU B 273 -10.34 31.98 26.75
N PRO B 274 -10.08 30.73 26.34
CA PRO B 274 -8.73 30.36 25.91
C PRO B 274 -8.27 31.19 24.69
N PRO B 275 -6.95 31.36 24.52
CA PRO B 275 -6.46 32.18 23.41
C PRO B 275 -6.71 31.54 22.04
N LEU B 276 -6.70 32.36 21.00
CA LEU B 276 -6.86 31.88 19.63
C LEU B 276 -5.50 31.57 19.03
N ILE B 277 -4.55 32.43 19.32
CA ILE B 277 -3.19 32.32 18.82
C ILE B 277 -2.20 32.39 19.98
N THR B 278 -1.26 31.45 20.04
CA THR B 278 -0.17 31.51 21.02
C THR B 278 1.16 31.48 20.28
N ALA B 279 2.15 32.18 20.84
CA ALA B 279 3.45 32.35 20.20
C ALA B 279 4.59 32.01 21.15
N VAL B 280 4.35 31.04 22.03
CA VAL B 280 5.39 30.58 22.93
C VAL B 280 6.61 30.08 22.16
N GLY B 281 7.78 30.61 22.51
CA GLY B 281 9.01 30.23 21.85
C GLY B 281 9.28 30.98 20.55
N VAL B 282 8.43 31.95 20.24
CA VAL B 282 8.48 32.66 18.95
C VAL B 282 8.53 34.18 19.13
N ASN B 283 7.50 34.73 19.75
CA ASN B 283 7.42 36.17 19.95
C ASN B 283 6.69 36.52 21.24
N ASP B 284 7.15 37.56 21.94
CA ASP B 284 6.57 37.95 23.21
C ASP B 284 5.35 38.84 23.06
N GLN B 285 5.27 39.56 21.95
CA GLN B 285 4.25 40.59 21.77
C GLN B 285 3.45 40.40 20.49
N THR B 286 2.18 40.02 20.67
CA THR B 286 1.21 40.03 19.60
C THR B 286 0.16 41.08 19.94
N GLU B 287 0.40 42.31 19.50
CA GLU B 287 -0.38 43.47 19.94
C GLU B 287 -1.51 43.82 18.97
N ARG B 288 -2.39 44.70 19.43
CA ARG B 288 -3.54 45.20 18.66
C ARG B 288 -4.17 44.16 17.74
N PRO B 289 -4.62 43.03 18.30
CA PRO B 289 -5.31 42.05 17.47
C PRO B 289 -6.61 42.61 16.91
N HIS B 290 -6.94 42.27 15.67
CA HIS B 290 -8.18 42.73 15.06
C HIS B 290 -8.59 41.86 13.87
N PHE B 291 -9.89 41.73 13.67
CA PHE B 291 -10.45 40.88 12.62
C PHE B 291 -10.80 41.65 11.36
N VAL B 292 -10.58 41.01 10.22
CA VAL B 292 -11.27 41.35 8.98
C VAL B 292 -12.11 40.15 8.60
N PHE B 293 -13.40 40.36 8.38
CA PHE B 293 -14.28 39.29 7.95
C PHE B 293 -14.45 39.38 6.44
N GLN B 294 -13.98 38.36 5.73
CA GLN B 294 -14.00 38.35 4.28
C GLN B 294 -14.08 36.95 3.71
N ASP B 295 -14.89 36.79 2.67
CA ASP B 295 -15.07 35.51 1.97
C ASP B 295 -15.39 34.37 2.93
N GLY B 296 -16.21 34.66 3.94
CA GLY B 296 -16.63 33.67 4.91
C GLY B 296 -15.52 33.25 5.85
N LYS B 297 -14.38 33.95 5.78
CA LYS B 297 -13.20 33.60 6.55
C LYS B 297 -12.87 34.62 7.62
N TYR B 298 -12.13 34.19 8.62
CA TYR B 298 -11.69 35.04 9.73
C TYR B 298 -10.24 35.41 9.55
N TYR B 299 -9.98 36.67 9.22
CA TYR B 299 -8.61 37.15 9.05
C TYR B 299 -8.15 37.89 10.31
N LEU B 300 -7.39 37.17 11.13
CA LEU B 300 -6.90 37.70 12.40
C LEU B 300 -5.52 38.33 12.22
N PHE B 301 -5.47 39.65 12.37
CA PHE B 301 -4.22 40.39 12.25
C PHE B 301 -3.69 40.79 13.62
N THR B 302 -2.38 40.83 13.76
CA THR B 302 -1.75 41.29 15.00
C THR B 302 -0.37 41.84 14.69
N ILE B 303 -0.02 42.95 15.35
CA ILE B 303 1.25 43.63 15.08
C ILE B 303 2.32 43.17 16.06
N SER B 304 3.58 43.19 15.62
CA SER B 304 4.69 42.76 16.46
C SER B 304 6.00 43.40 16.04
N HIS B 305 7.05 43.15 16.83
CA HIS B 305 8.37 43.74 16.60
C HIS B 305 9.42 42.73 16.19
N LYS B 306 10.34 43.20 15.36
CA LYS B 306 11.60 42.52 15.11
C LYS B 306 12.25 42.05 16.40
N TYR B 307 12.37 42.95 17.36
CA TYR B 307 13.14 42.68 18.57
C TYR B 307 12.34 42.07 19.73
N THR B 308 11.11 41.62 19.46
CA THR B 308 10.38 40.82 20.44
C THR B 308 10.31 39.35 20.01
N PHE B 309 10.94 39.05 18.88
CA PHE B 309 11.10 37.66 18.44
C PHE B 309 12.07 36.93 19.37
N ALA B 310 11.89 35.62 19.49
CA ALA B 310 12.76 34.81 20.31
C ALA B 310 14.13 34.68 19.64
N ASP B 311 15.11 34.17 20.37
CA ASP B 311 16.45 33.98 19.83
C ASP B 311 16.45 33.06 18.62
N ASN B 312 17.32 33.37 17.66
CA ASN B 312 17.50 32.59 16.44
C ASN B 312 16.25 32.63 15.55
N LEU B 313 15.44 33.66 15.77
CA LEU B 313 14.30 33.96 14.93
C LEU B 313 14.35 35.43 14.61
N THR B 314 13.90 35.81 13.42
CA THR B 314 13.79 37.24 13.10
C THR B 314 12.71 37.51 12.06
N GLY B 315 12.17 38.72 12.12
CA GLY B 315 11.15 39.19 11.20
C GLY B 315 11.15 40.69 11.28
N PRO B 316 10.50 41.37 10.33
CA PRO B 316 10.44 42.83 10.41
C PRO B 316 9.37 43.33 11.35
N ASP B 317 9.47 44.59 11.77
CA ASP B 317 8.37 45.26 12.42
C ASP B 317 7.23 45.37 11.41
N GLY B 318 6.01 45.19 11.86
CA GLY B 318 4.87 45.25 10.96
C GLY B 318 3.68 44.47 11.51
N VAL B 319 2.74 44.14 10.63
CA VAL B 319 1.56 43.37 11.00
C VAL B 319 1.67 41.93 10.49
N TYR B 320 1.35 41.01 11.39
CA TYR B 320 1.30 39.59 11.05
C TYR B 320 -0.15 39.15 11.05
N GLY B 321 -0.43 37.97 10.48
CA GLY B 321 -1.80 37.57 10.28
C GLY B 321 -2.04 36.07 10.16
N PHE B 322 -3.26 35.68 10.47
CA PHE B 322 -3.68 34.28 10.42
C PHE B 322 -5.11 34.19 9.91
N VAL B 323 -5.42 33.16 9.12
CA VAL B 323 -6.76 33.00 8.55
C VAL B 323 -7.39 31.66 8.92
N SER B 324 -8.70 31.68 9.18
CA SER B 324 -9.43 30.47 9.53
C SER B 324 -10.86 30.48 8.98
N ASP B 325 -11.43 29.30 8.81
CA ASP B 325 -12.83 29.17 8.43
C ASP B 325 -13.75 29.39 9.61
N LYS B 326 -13.21 29.26 10.82
CA LYS B 326 -14.03 29.37 12.02
C LYS B 326 -13.36 30.31 13.04
N LEU B 327 -14.18 30.95 13.87
CA LEU B 327 -13.70 31.89 14.89
C LEU B 327 -12.64 31.26 15.79
N THR B 328 -12.89 30.03 16.20
CA THR B 328 -12.05 29.36 17.18
C THR B 328 -11.00 28.43 16.55
N GLY B 329 -10.67 28.69 15.28
CA GLY B 329 -9.59 27.99 14.61
C GLY B 329 -10.06 26.69 13.99
N PRO B 330 -9.12 25.91 13.41
CA PRO B 330 -7.69 26.20 13.38
C PRO B 330 -7.28 27.31 12.40
N TYR B 331 -6.30 28.10 12.79
CA TYR B 331 -5.79 29.19 11.96
C TYR B 331 -4.53 28.78 11.19
N THR B 332 -4.34 29.39 10.02
CA THR B 332 -3.12 29.21 9.22
C THR B 332 -2.35 30.54 9.12
N PRO B 333 -1.02 30.50 9.26
CA PRO B 333 -0.26 31.75 9.10
C PRO B 333 -0.38 32.33 7.70
N MET B 334 -0.58 33.64 7.59
CA MET B 334 -0.72 34.29 6.30
C MET B 334 0.60 34.29 5.54
N ASN B 335 0.53 34.06 4.24
CA ASN B 335 1.71 34.02 3.38
C ASN B 335 2.71 32.97 3.87
N SER B 336 2.17 31.92 4.49
CA SER B 336 2.92 30.76 4.99
C SER B 336 3.71 31.01 6.27
N SER B 337 4.13 32.26 6.50
CA SER B 337 4.97 32.58 7.65
C SER B 337 4.22 33.36 8.71
N GLY B 338 3.17 34.05 8.28
CA GLY B 338 2.40 34.91 9.17
C GLY B 338 2.55 36.39 8.83
N LEU B 339 3.61 36.73 8.08
CA LEU B 339 3.88 38.12 7.77
C LEU B 339 2.98 38.64 6.68
N VAL B 340 2.33 39.77 6.95
CA VAL B 340 1.38 40.38 6.02
C VAL B 340 1.96 41.67 5.45
N LEU B 341 2.49 42.53 6.33
CA LEU B 341 3.08 43.79 5.90
C LEU B 341 4.22 44.19 6.82
N GLY B 342 5.45 44.15 6.29
CA GLY B 342 6.64 44.42 7.08
C GLY B 342 7.42 45.63 6.58
N ASN B 343 8.11 46.30 7.48
CA ASN B 343 8.96 47.43 7.12
C ASN B 343 10.15 46.94 6.30
N PRO B 344 10.64 47.78 5.38
CA PRO B 344 11.84 47.40 4.62
C PRO B 344 13.08 47.43 5.50
N SER B 345 14.06 46.60 5.19
CA SER B 345 15.21 46.42 6.08
C SER B 345 16.09 47.67 6.17
N SER B 346 15.97 48.56 5.19
CA SER B 346 16.76 49.80 5.17
C SER B 346 16.20 50.85 6.13
N GLN B 347 14.89 50.79 6.35
CA GLN B 347 14.22 51.68 7.28
C GLN B 347 13.29 50.85 8.16
N PRO B 348 13.86 50.01 9.03
CA PRO B 348 13.12 48.97 9.74
C PRO B 348 12.12 49.47 10.78
N PHE B 349 12.24 50.74 11.19
CA PHE B 349 11.35 51.30 12.21
C PHE B 349 10.67 52.56 11.70
N GLN B 350 10.47 52.65 10.40
CA GLN B 350 9.85 53.83 9.79
C GLN B 350 8.40 53.97 10.21
N THR B 351 7.71 52.84 10.38
CA THR B 351 6.30 52.84 10.75
C THR B 351 5.98 51.73 11.74
N TYR B 352 4.87 51.89 12.45
CA TYR B 352 4.37 50.82 13.31
C TYR B 352 2.86 50.95 13.51
N SER B 353 2.28 49.93 14.15
CA SER B 353 0.87 49.90 14.50
C SER B 353 -0.01 49.82 13.26
N HIS B 354 0.31 48.86 12.39
CA HIS B 354 -0.44 48.66 11.16
C HIS B 354 -1.81 48.09 11.45
N TYR B 355 -2.85 48.83 11.05
CA TYR B 355 -4.22 48.45 11.31
C TYR B 355 -4.94 48.16 10.00
N VAL B 356 -5.13 46.88 9.70
CA VAL B 356 -5.80 46.44 8.48
C VAL B 356 -7.31 46.59 8.60
N MET B 357 -7.89 47.38 7.70
CA MET B 357 -9.32 47.60 7.68
C MET B 357 -9.98 46.72 6.61
N PRO B 358 -11.28 46.41 6.77
CA PRO B 358 -11.96 45.46 5.89
C PRO B 358 -11.99 45.87 4.42
N ASN B 359 -11.67 47.12 4.12
CA ASN B 359 -11.59 47.58 2.74
C ASN B 359 -10.19 47.38 2.15
N GLY B 360 -9.34 46.71 2.92
CA GLY B 360 -7.99 46.42 2.49
C GLY B 360 -6.99 47.52 2.79
N LEU B 361 -7.49 48.68 3.22
CA LEU B 361 -6.61 49.79 3.56
C LEU B 361 -5.91 49.55 4.89
N VAL B 362 -4.61 49.86 4.92
CA VAL B 362 -3.79 49.69 6.11
C VAL B 362 -3.19 51.03 6.51
N THR B 363 -3.45 51.46 7.74
CA THR B 363 -2.93 52.71 8.25
C THR B 363 -1.76 52.47 9.22
N SER B 364 -0.88 53.46 9.32
CA SER B 364 0.33 53.35 10.13
C SER B 364 0.70 54.73 10.65
N PHE B 365 1.43 54.79 11.75
CA PHE B 365 2.06 56.05 12.16
C PHE B 365 3.54 55.97 11.86
N ILE B 366 4.13 57.11 11.52
CA ILE B 366 5.56 57.20 11.27
C ILE B 366 6.31 57.30 12.59
N ASP B 367 7.22 56.36 12.82
CA ASP B 367 8.04 56.36 14.02
C ASP B 367 9.40 57.00 13.70
N SER B 368 10.33 56.21 13.21
CA SER B 368 11.71 56.67 13.02
C SER B 368 12.25 56.39 11.61
N VAL B 369 12.56 57.48 10.90
CA VAL B 369 13.10 57.41 9.54
C VAL B 369 14.57 57.79 9.56
N PRO B 370 15.46 56.93 9.01
CA PRO B 370 16.88 57.28 9.07
C PRO B 370 17.23 58.50 8.22
N TRP B 371 18.14 59.33 8.73
CA TRP B 371 18.55 60.56 8.05
C TRP B 371 19.93 60.27 7.44
N LYS B 372 21.01 60.69 8.11
CA LYS B 372 22.35 60.25 7.75
C LYS B 372 22.88 59.53 8.99
N GLY B 373 24.16 59.12 8.97
CA GLY B 373 24.73 58.21 9.95
C GLY B 373 23.80 57.60 10.99
N LYS B 374 23.97 57.93 12.26
CA LYS B 374 23.18 57.29 13.32
C LYS B 374 21.95 58.11 13.73
N ASP B 375 21.81 59.31 13.17
CA ASP B 375 20.65 60.16 13.46
C ASP B 375 19.44 59.80 12.59
N TYR B 376 18.25 59.88 13.19
CA TYR B 376 17.00 59.62 12.47
C TYR B 376 16.01 60.75 12.71
N ARG B 377 15.05 60.89 11.79
CA ARG B 377 13.94 61.83 11.98
C ARG B 377 12.73 61.09 12.55
N ILE B 378 12.18 61.61 13.64
CA ILE B 378 11.00 61.00 14.25
C ILE B 378 9.75 61.62 13.65
N GLY B 379 8.65 60.88 13.67
CA GLY B 379 7.43 61.31 13.02
C GLY B 379 6.35 61.79 13.96
N GLY B 380 5.60 60.84 14.54
CA GLY B 380 4.47 61.18 15.39
C GLY B 380 3.31 61.66 14.54
N THR B 381 3.18 61.06 13.36
CA THR B 381 2.16 61.43 12.40
C THR B 381 1.81 60.21 11.54
N GLU B 382 0.71 60.28 10.80
CA GLU B 382 0.25 59.15 10.01
C GLU B 382 1.15 58.90 8.80
N ALA B 383 1.39 57.62 8.51
CA ALA B 383 2.12 57.21 7.33
C ALA B 383 1.20 57.17 6.10
N PRO B 384 1.77 57.05 4.90
CA PRO B 384 0.92 56.83 3.73
C PRO B 384 0.13 55.54 3.85
N THR B 385 -1.17 55.63 3.64
CA THR B 385 -2.04 54.47 3.71
C THR B 385 -1.83 53.57 2.50
N VAL B 386 -1.59 52.29 2.74
CA VAL B 386 -1.43 51.31 1.67
C VAL B 386 -2.67 50.43 1.58
N LYS B 387 -2.90 49.85 0.40
CA LYS B 387 -3.95 48.85 0.22
C LYS B 387 -3.32 47.48 -0.01
N ILE B 388 -3.76 46.51 0.78
CA ILE B 388 -3.40 45.11 0.53
C ILE B 388 -4.61 44.33 0.04
N LEU B 389 -4.35 43.29 -0.74
CA LEU B 389 -5.39 42.41 -1.27
C LEU B 389 -5.34 41.06 -0.59
N LEU B 390 -6.46 40.62 -0.02
CA LEU B 390 -6.52 39.33 0.64
C LEU B 390 -7.10 38.27 -0.31
N LYS B 391 -6.42 37.14 -0.40
CA LYS B 391 -6.81 36.07 -1.33
C LYS B 391 -6.41 34.73 -0.71
N GLY B 392 -7.39 34.02 -0.16
CA GLY B 392 -7.13 32.79 0.57
C GLY B 392 -6.26 33.06 1.77
N ASP B 393 -5.12 32.39 1.82
CA ASP B 393 -4.16 32.58 2.90
C ASP B 393 -2.95 33.38 2.45
N ARG B 394 -3.15 34.24 1.45
CA ARG B 394 -2.07 35.10 0.95
C ARG B 394 -2.51 36.55 0.85
N SER B 395 -1.58 37.47 1.11
CA SER B 395 -1.82 38.90 0.94
C SER B 395 -0.87 39.49 -0.10
N PHE B 396 -1.33 40.52 -0.79
CA PHE B 396 -0.51 41.27 -1.74
C PHE B 396 -0.73 42.76 -1.53
N ILE B 397 0.35 43.52 -1.35
CA ILE B 397 0.21 44.98 -1.33
C ILE B 397 -0.03 45.41 -2.77
N VAL B 398 -0.91 46.39 -2.96
CA VAL B 398 -1.53 46.60 -4.27
C VAL B 398 -1.48 48.06 -4.75
N ASP B 399 -1.65 49.03 -3.86
CA ASP B 399 -1.15 50.38 -4.12
C ASP B 399 -1.15 51.25 -2.85
N SER B 400 -0.79 52.52 -3.02
CA SER B 400 -0.62 53.45 -1.91
C SER B 400 -1.50 54.69 -2.08
N PHE B 401 -1.90 55.27 -0.96
CA PHE B 401 -2.67 56.51 -0.95
C PHE B 401 -1.94 57.56 -0.10
N ASP B 402 -2.61 58.68 0.16
CA ASP B 402 -2.00 59.81 0.84
C ASP B 402 -1.77 59.54 2.32
N TYR B 403 -0.96 60.39 2.94
CA TYR B 403 -0.69 60.32 4.37
C TYR B 403 -1.97 60.37 5.20
N GLY B 404 -2.20 59.34 5.99
CA GLY B 404 -3.32 59.33 6.92
C GLY B 404 -4.67 59.14 6.27
N TYR B 405 -4.69 58.66 5.03
CA TYR B 405 -5.97 58.42 4.36
C TYR B 405 -6.71 57.25 5.00
N ILE B 406 -7.76 57.57 5.75
CA ILE B 406 -8.58 56.56 6.40
C ILE B 406 -10.05 56.87 6.12
N PRO B 407 -10.50 56.59 4.89
CA PRO B 407 -11.89 56.82 4.52
C PRO B 407 -12.84 55.86 5.23
N ALA B 408 -14.10 56.25 5.36
CA ALA B 408 -15.10 55.36 5.94
C ALA B 408 -15.68 54.45 4.88
N MET B 409 -16.15 53.30 5.31
CA MET B 409 -16.76 52.33 4.42
C MET B 409 -18.26 52.55 4.35
N LYS B 410 -18.77 53.24 5.36
CA LYS B 410 -20.21 53.40 5.51
C LYS B 410 -20.55 54.64 6.34
N ASP B 411 -21.59 55.36 5.92
CA ASP B 411 -22.00 56.60 6.56
C ASP B 411 -23.31 56.43 7.30
N ILE B 412 -23.34 56.95 8.53
CA ILE B 412 -24.54 56.91 9.35
C ILE B 412 -25.07 58.32 9.59
N THR B 413 -26.35 58.51 9.30
CA THR B 413 -27.01 59.78 9.58
C THR B 413 -27.70 59.66 10.93
N LEU B 414 -27.52 60.68 11.76
CA LEU B 414 -28.05 60.65 13.12
C LEU B 414 -29.35 61.45 13.23
N TYR C 4 27.38 2.15 -27.02
CA TYR C 4 26.98 2.95 -28.19
C TYR C 4 26.99 2.21 -29.52
N ASN C 5 27.34 0.94 -29.51
CA ASN C 5 27.23 0.13 -30.73
C ASN C 5 25.89 -0.57 -30.77
N TYR C 6 25.41 -0.83 -31.98
CA TYR C 6 24.12 -1.48 -32.15
C TYR C 6 24.46 -2.96 -32.30
N LYS C 7 23.45 -3.81 -32.13
CA LYS C 7 23.65 -5.25 -32.19
C LYS C 7 22.97 -5.86 -33.41
N PRO C 8 23.62 -6.88 -34.01
CA PRO C 8 23.01 -7.56 -35.16
C PRO C 8 21.80 -8.39 -34.81
N THR C 9 20.85 -8.47 -35.74
CA THR C 9 19.72 -9.37 -35.63
C THR C 9 20.16 -10.74 -36.11
N LEU C 10 19.95 -11.78 -35.32
CA LEU C 10 20.32 -13.11 -35.74
C LEU C 10 19.16 -13.78 -36.49
N TRP C 11 19.46 -14.27 -37.69
CA TRP C 11 18.58 -15.18 -38.38
C TRP C 11 18.90 -16.55 -37.78
N THR C 12 17.93 -17.14 -37.08
CA THR C 12 18.20 -18.28 -36.22
C THR C 12 17.74 -19.59 -36.88
N ARG C 13 18.19 -20.71 -36.34
CA ARG C 13 17.77 -22.02 -36.85
C ARG C 13 16.26 -22.19 -36.70
N ALA C 14 15.73 -21.68 -35.58
CA ALA C 14 14.29 -21.70 -35.34
C ALA C 14 13.56 -20.99 -36.48
N ASP C 15 14.10 -19.86 -36.93
CA ASP C 15 13.54 -19.12 -38.06
C ASP C 15 13.56 -19.99 -39.31
N ALA C 16 14.70 -20.62 -39.57
CA ALA C 16 14.89 -21.41 -40.78
C ALA C 16 13.93 -22.59 -40.84
N LEU C 17 13.69 -23.22 -39.69
CA LEU C 17 12.81 -24.38 -39.63
C LEU C 17 11.39 -24.03 -40.06
N LYS C 18 11.05 -22.74 -39.98
CA LYS C 18 9.74 -22.24 -40.39
C LYS C 18 9.64 -22.07 -41.92
N VAL C 19 10.77 -22.14 -42.60
CA VAL C 19 10.80 -21.93 -44.04
C VAL C 19 9.99 -22.99 -44.80
N HIS C 20 9.00 -22.54 -45.56
CA HIS C 20 8.21 -23.47 -46.39
C HIS C 20 8.39 -23.30 -47.89
N GLU C 21 8.83 -24.40 -48.50
CA GLU C 21 8.94 -24.51 -49.93
C GLU C 21 7.56 -24.76 -50.55
N ASP C 22 7.31 -24.19 -51.72
CA ASP C 22 6.07 -24.39 -52.47
C ASP C 22 4.83 -23.79 -51.78
N ASP C 23 5.02 -22.70 -51.05
CA ASP C 23 3.92 -21.86 -50.60
C ASP C 23 3.50 -21.01 -51.81
N PRO C 24 2.22 -21.12 -52.22
CA PRO C 24 1.86 -20.42 -53.46
C PRO C 24 2.00 -18.90 -53.38
N THR C 25 1.85 -18.33 -52.19
CA THR C 25 1.98 -16.89 -52.01
C THR C 25 3.45 -16.45 -52.03
N THR C 26 4.36 -17.42 -51.99
CA THR C 26 5.77 -17.15 -51.77
C THR C 26 6.64 -17.93 -52.76
N THR C 27 6.00 -18.50 -53.78
CA THR C 27 6.70 -19.33 -54.76
C THR C 27 6.60 -18.75 -56.18
N GLN C 28 7.73 -18.76 -56.89
CA GLN C 28 7.76 -18.29 -58.26
C GLN C 28 6.98 -19.18 -59.21
N PRO C 29 6.30 -18.58 -60.20
CA PRO C 29 5.68 -19.40 -61.24
C PRO C 29 6.67 -20.29 -61.97
N VAL C 30 6.19 -21.41 -62.49
CA VAL C 30 7.03 -22.35 -63.22
C VAL C 30 7.50 -21.73 -64.54
N ILE C 31 8.82 -21.72 -64.74
CA ILE C 31 9.38 -21.25 -66.01
C ILE C 31 9.04 -22.23 -67.12
N ASP C 32 8.44 -21.71 -68.19
CA ASP C 32 8.14 -22.51 -69.38
C ASP C 32 9.45 -22.80 -70.11
N ILE C 33 9.66 -24.07 -70.48
CA ILE C 33 10.93 -24.49 -71.04
C ILE C 33 11.20 -23.91 -72.42
N ALA C 34 10.17 -23.39 -73.07
CA ALA C 34 10.31 -22.74 -74.38
C ALA C 34 10.59 -21.25 -74.23
N PHE C 35 11.14 -20.86 -73.09
CA PHE C 35 11.45 -19.46 -72.82
C PHE C 35 12.35 -18.88 -73.91
N PRO C 36 12.19 -17.58 -74.23
CA PRO C 36 13.06 -16.93 -75.19
C PRO C 36 14.38 -16.46 -74.57
N VAL C 37 15.37 -16.17 -75.41
CA VAL C 37 16.65 -15.67 -74.95
C VAL C 37 16.90 -14.30 -75.55
N MET C 38 17.43 -13.38 -74.74
CA MET C 38 17.56 -11.99 -75.14
C MET C 38 18.81 -11.75 -76.00
N SER C 39 19.74 -12.70 -75.98
CA SER C 39 20.90 -12.64 -76.86
C SER C 39 21.47 -14.01 -77.21
N GLU C 40 21.73 -14.23 -78.50
CA GLU C 40 22.38 -15.45 -78.95
C GLU C 40 23.91 -15.30 -78.97
N GLU C 41 24.40 -14.11 -78.63
CA GLU C 41 25.83 -13.86 -78.56
C GLU C 41 26.41 -13.92 -77.14
N VAL C 42 25.64 -13.47 -76.14
CA VAL C 42 26.15 -13.44 -74.76
C VAL C 42 25.23 -14.08 -73.73
N PHE C 43 25.80 -14.46 -72.60
CA PHE C 43 25.07 -14.84 -71.41
C PHE C 43 24.94 -13.64 -70.49
N ILE C 44 23.79 -13.51 -69.84
CA ILE C 44 23.67 -12.61 -68.68
C ILE C 44 23.13 -13.41 -67.51
N TRP C 45 23.38 -12.94 -66.30
CA TRP C 45 22.68 -13.46 -65.14
C TRP C 45 22.35 -12.31 -64.17
N ASP C 46 23.17 -12.04 -63.16
CA ASP C 46 22.87 -10.95 -62.22
C ASP C 46 22.54 -9.64 -62.92
N THR C 47 21.35 -9.12 -62.63
CA THR C 47 20.87 -7.91 -63.28
C THR C 47 20.76 -6.76 -62.27
N MET C 48 21.40 -5.65 -62.59
CA MET C 48 21.48 -4.50 -61.70
C MET C 48 20.87 -3.27 -62.34
N PRO C 49 19.58 -3.00 -62.04
CA PRO C 49 18.94 -1.85 -62.68
C PRO C 49 19.54 -0.53 -62.23
N LEU C 50 19.55 0.46 -63.12
CA LEU C 50 20.04 1.78 -62.75
C LEU C 50 19.07 2.42 -61.76
N ARG C 51 19.61 2.91 -60.64
CA ARG C 51 18.78 3.53 -59.61
C ARG C 51 19.48 4.73 -58.96
N ASP C 52 18.74 5.45 -58.11
CA ASP C 52 19.31 6.57 -57.37
C ASP C 52 19.61 6.17 -55.93
N PHE C 53 20.12 7.11 -55.15
CA PHE C 53 20.51 6.83 -53.77
C PHE C 53 19.32 6.47 -52.87
N ASP C 54 18.11 6.83 -53.28
CA ASP C 54 16.92 6.49 -52.51
C ASP C 54 16.41 5.08 -52.82
N GLY C 55 16.94 4.48 -53.89
CA GLY C 55 16.59 3.11 -54.25
C GLY C 55 15.64 3.01 -55.42
N GLU C 56 15.20 4.15 -55.94
CA GLU C 56 14.23 4.18 -57.04
C GLU C 56 14.88 3.88 -58.37
N ILE C 57 14.19 3.08 -59.20
CA ILE C 57 14.69 2.73 -60.51
C ILE C 57 14.51 3.90 -61.48
N ILE C 58 15.61 4.33 -62.09
CA ILE C 58 15.64 5.56 -62.86
C ILE C 58 15.83 5.32 -64.36
N SER C 59 15.06 6.06 -65.14
CA SER C 59 15.27 6.15 -66.59
C SER C 59 15.90 7.50 -66.89
N VAL C 60 16.69 7.56 -67.97
CA VAL C 60 17.32 8.80 -68.39
C VAL C 60 16.89 9.17 -69.80
N ASN C 61 16.31 10.37 -69.94
CA ASN C 61 15.77 10.84 -71.21
C ASN C 61 14.88 9.79 -71.88
N GLY C 62 14.06 9.13 -71.07
CA GLY C 62 13.12 8.14 -71.57
C GLY C 62 13.73 6.78 -71.84
N TRP C 63 14.99 6.59 -71.45
CA TRP C 63 15.67 5.30 -71.60
C TRP C 63 15.78 4.56 -70.27
N CYS C 64 15.14 3.39 -70.17
CA CYS C 64 15.39 2.50 -69.05
C CYS C 64 16.75 1.85 -69.21
N ILE C 65 17.44 1.63 -68.11
CA ILE C 65 18.81 1.14 -68.12
C ILE C 65 19.01 0.01 -67.12
N ILE C 66 19.64 -1.06 -67.57
CA ILE C 66 20.10 -2.12 -66.67
C ILE C 66 21.56 -2.47 -66.92
N PHE C 67 22.26 -2.82 -65.85
CA PHE C 67 23.61 -3.37 -65.92
C PHE C 67 23.54 -4.86 -65.61
N THR C 68 24.28 -5.67 -66.36
CA THR C 68 24.27 -7.11 -66.17
C THR C 68 25.67 -7.68 -66.02
N LEU C 69 25.81 -8.69 -65.18
CA LEU C 69 26.96 -9.58 -65.23
C LEU C 69 26.85 -10.35 -66.53
N THR C 70 27.91 -10.35 -67.32
CA THR C 70 27.84 -10.82 -68.71
C THR C 70 29.04 -11.68 -69.09
N ALA C 71 28.81 -12.61 -70.00
CA ALA C 71 29.89 -13.42 -70.57
C ALA C 71 29.49 -13.87 -71.97
N ASP C 72 30.49 -14.17 -72.80
CA ASP C 72 30.25 -14.54 -74.18
C ASP C 72 29.78 -15.99 -74.30
N ARG C 73 28.83 -16.23 -75.20
CA ARG C 73 28.46 -17.58 -75.58
C ARG C 73 29.55 -18.11 -76.52
N ASN C 74 30.16 -19.22 -76.12
CA ASN C 74 31.27 -19.78 -76.87
C ASN C 74 30.81 -20.83 -77.89
N THR C 75 29.77 -20.47 -78.65
CA THR C 75 29.17 -21.35 -79.65
C THR C 75 30.19 -21.97 -80.58
N ASP C 76 31.19 -21.18 -80.98
CA ASP C 76 32.16 -21.58 -81.99
C ASP C 76 33.57 -21.77 -81.43
N ASN C 77 33.71 -21.72 -80.11
CA ASN C 77 35.02 -21.86 -79.47
C ASN C 77 35.40 -23.33 -79.33
N PRO C 78 36.57 -23.72 -79.90
CA PRO C 78 36.97 -25.12 -79.77
C PRO C 78 37.19 -25.57 -78.32
N GLN C 79 37.45 -24.63 -77.41
CA GLN C 79 37.70 -24.98 -76.02
C GLN C 79 36.46 -25.55 -75.33
N PHE C 80 35.29 -25.14 -75.80
CA PHE C 80 34.03 -25.53 -75.18
C PHE C 80 33.29 -26.56 -76.02
N GLN C 81 34.02 -27.51 -76.57
CA GLN C 81 33.41 -28.55 -77.39
C GLN C 81 33.33 -29.86 -76.61
N ASP C 82 32.16 -30.49 -76.69
CA ASP C 82 31.93 -31.83 -76.16
C ASP C 82 32.78 -32.83 -76.97
N GLU C 83 32.93 -34.04 -76.45
CA GLU C 83 33.69 -35.08 -77.15
C GLU C 83 33.07 -35.38 -78.52
N ASN C 84 33.93 -35.46 -79.53
CA ASN C 84 33.56 -35.54 -80.95
C ASN C 84 33.26 -34.14 -81.51
N GLY C 85 33.56 -33.12 -80.71
CA GLY C 85 33.64 -31.74 -81.19
C GLY C 85 32.35 -30.93 -81.35
N ASN C 86 31.36 -31.20 -80.51
CA ASN C 86 30.10 -30.45 -80.52
C ASN C 86 30.07 -29.44 -79.37
N TYR C 87 29.35 -28.33 -79.56
CA TYR C 87 29.29 -27.27 -78.55
C TYR C 87 28.56 -27.68 -77.27
N ASP C 88 29.30 -27.65 -76.16
CA ASP C 88 28.75 -27.99 -74.85
C ASP C 88 28.21 -26.75 -74.13
N ILE C 89 26.93 -26.45 -74.35
CA ILE C 89 26.31 -25.27 -73.76
C ILE C 89 26.35 -25.27 -72.23
N THR C 90 26.32 -26.46 -71.64
CA THR C 90 26.29 -26.57 -70.19
C THR C 90 27.62 -26.20 -69.56
N ARG C 91 28.71 -26.80 -70.04
CA ARG C 91 30.04 -26.52 -69.52
C ARG C 91 30.34 -25.03 -69.68
N ASP C 92 29.97 -24.49 -70.83
CA ASP C 92 30.12 -23.06 -71.10
C ASP C 92 29.40 -22.23 -70.03
N TRP C 93 28.09 -22.42 -69.94
CA TRP C 93 27.25 -21.73 -68.96
C TRP C 93 27.81 -21.77 -67.54
N GLU C 94 28.30 -22.94 -67.13
CA GLU C 94 28.75 -23.14 -65.75
C GLU C 94 30.14 -22.57 -65.48
N ASP C 95 30.90 -22.26 -66.53
CA ASP C 95 32.24 -21.69 -66.40
C ASP C 95 32.20 -20.16 -66.39
N ARG C 96 31.00 -19.60 -66.44
CA ARG C 96 30.82 -18.18 -66.75
C ARG C 96 31.34 -17.22 -65.67
N HIS C 97 31.31 -17.64 -64.42
CA HIS C 97 31.63 -16.75 -63.31
C HIS C 97 33.08 -16.28 -63.37
N GLY C 98 33.94 -17.11 -63.94
CA GLY C 98 35.34 -16.77 -64.08
C GLY C 98 35.61 -15.67 -65.10
N ARG C 99 34.70 -15.52 -66.06
CA ARG C 99 34.86 -14.51 -67.11
C ARG C 99 33.79 -13.43 -67.03
N ALA C 100 33.27 -13.20 -65.82
CA ALA C 100 32.22 -12.21 -65.62
C ALA C 100 32.70 -10.78 -65.94
N ARG C 101 32.00 -10.13 -66.86
CA ARG C 101 32.21 -8.72 -67.16
C ARG C 101 30.88 -7.98 -67.05
N ILE C 102 30.92 -6.71 -66.65
CA ILE C 102 29.71 -5.91 -66.52
C ILE C 102 29.39 -5.15 -67.81
N CYS C 103 28.20 -5.42 -68.34
CA CYS C 103 27.69 -4.76 -69.53
C CYS C 103 26.41 -4.01 -69.18
N TYR C 104 25.93 -3.18 -70.10
CA TYR C 104 24.67 -2.46 -69.89
C TYR C 104 23.73 -2.67 -71.07
N TRP C 105 22.43 -2.56 -70.80
CA TRP C 105 21.40 -2.66 -71.82
C TRP C 105 20.48 -1.46 -71.69
N TYR C 106 19.73 -1.16 -72.73
CA TYR C 106 18.78 -0.05 -72.67
C TYR C 106 17.50 -0.33 -73.45
N SER C 107 16.44 0.35 -73.04
CA SER C 107 15.12 0.21 -73.66
C SER C 107 14.21 1.36 -73.25
N ARG C 108 13.41 1.85 -74.18
CA ARG C 108 12.44 2.88 -73.87
C ARG C 108 11.24 2.27 -73.15
N THR C 109 11.09 0.95 -73.23
CA THR C 109 9.92 0.32 -72.65
C THR C 109 10.13 -0.59 -71.46
N GLY C 110 11.36 -0.72 -70.96
CA GLY C 110 11.66 -1.59 -69.84
C GLY C 110 11.67 -3.05 -70.19
N LYS C 111 11.68 -3.31 -71.48
CA LYS C 111 11.38 -4.60 -72.06
C LYS C 111 12.23 -4.73 -73.31
N ASP C 112 12.40 -5.93 -73.85
CA ASP C 112 12.99 -6.04 -75.19
C ASP C 112 14.30 -5.31 -75.30
N TRP C 113 15.27 -5.70 -74.50
CA TRP C 113 16.49 -4.91 -74.29
C TRP C 113 17.46 -4.89 -75.47
N ILE C 114 18.04 -3.71 -75.70
CA ILE C 114 19.09 -3.54 -76.71
C ILE C 114 20.46 -3.64 -76.04
N PHE C 115 21.38 -4.37 -76.67
CA PHE C 115 22.72 -4.54 -76.12
C PHE C 115 23.57 -3.28 -76.36
N GLY C 116 24.02 -2.66 -75.28
CA GLY C 116 24.85 -1.47 -75.34
C GLY C 116 26.31 -1.82 -75.17
N GLY C 117 26.57 -3.06 -74.75
CA GLY C 117 27.92 -3.55 -74.64
C GLY C 117 28.62 -3.31 -73.30
N ARG C 118 29.94 -3.24 -73.37
CA ARG C 118 30.80 -3.26 -72.21
C ARG C 118 30.85 -1.89 -71.52
N VAL C 119 30.86 -1.88 -70.19
CA VAL C 119 30.91 -0.64 -69.43
C VAL C 119 32.36 -0.16 -69.27
N MET C 120 33.23 -1.05 -68.82
CA MET C 120 34.66 -0.78 -68.69
C MET C 120 35.47 -1.48 -69.78
N ALA C 121 36.39 -0.75 -70.40
CA ALA C 121 37.28 -1.37 -71.38
C ALA C 121 38.12 -2.44 -70.71
N GLU C 122 38.44 -3.50 -71.43
CA GLU C 122 39.24 -4.59 -70.88
C GLU C 122 40.55 -4.02 -70.33
N GLY C 123 40.87 -4.37 -69.08
CA GLY C 123 42.10 -3.92 -68.45
C GLY C 123 41.94 -2.77 -67.48
N VAL C 124 40.76 -2.16 -67.44
CA VAL C 124 40.47 -1.10 -66.49
C VAL C 124 40.31 -1.66 -65.07
N SER C 125 39.55 -2.70 -64.92
CA SER C 125 39.33 -3.33 -63.63
C SER C 125 40.60 -4.00 -63.13
N PRO C 126 40.97 -3.69 -61.83
CA PRO C 126 42.15 -4.31 -61.22
C PRO C 126 42.13 -5.84 -61.31
N THR C 127 40.95 -6.44 -61.11
CA THR C 127 40.76 -7.87 -61.31
C THR C 127 40.01 -8.12 -62.60
N THR C 128 40.31 -9.25 -63.25
CA THR C 128 39.63 -9.60 -64.50
C THR C 128 38.15 -9.82 -64.24
N ARG C 129 37.83 -10.45 -63.12
CA ARG C 129 36.44 -10.64 -62.72
C ARG C 129 35.78 -9.32 -62.32
N GLU C 130 34.68 -8.99 -62.98
CA GLU C 130 33.82 -7.88 -62.56
C GLU C 130 32.52 -8.46 -62.03
N TRP C 131 32.42 -8.58 -60.71
CA TRP C 131 31.26 -9.17 -60.07
C TRP C 131 30.26 -8.11 -59.62
N ALA C 132 29.15 -8.56 -59.05
CA ALA C 132 27.94 -7.76 -58.95
C ALA C 132 28.04 -6.59 -57.98
N GLY C 133 27.16 -5.62 -58.18
CA GLY C 133 27.13 -4.42 -57.36
C GLY C 133 25.91 -3.58 -57.70
N THR C 134 26.09 -2.26 -57.72
CA THR C 134 25.00 -1.33 -58.00
C THR C 134 25.45 -0.14 -58.84
N PRO C 135 24.74 0.14 -59.94
CA PRO C 135 25.00 1.39 -60.66
C PRO C 135 24.12 2.51 -60.13
N ILE C 136 24.72 3.63 -59.73
CA ILE C 136 23.95 4.73 -59.14
C ILE C 136 23.98 5.98 -60.01
N LEU C 137 22.82 6.58 -60.24
CA LEU C 137 22.74 7.86 -60.94
C LEU C 137 22.90 9.01 -59.94
N LEU C 138 24.08 9.63 -59.99
CA LEU C 138 24.43 10.73 -59.10
C LEU C 138 23.74 12.05 -59.48
N ASN C 139 23.54 12.23 -60.78
CA ASN C 139 23.35 13.57 -61.35
C ASN C 139 22.18 13.72 -62.30
N ASP C 140 21.77 14.97 -62.48
CA ASP C 140 20.90 15.33 -63.58
C ASP C 140 21.68 15.68 -64.85
N ARG C 141 23.01 15.67 -64.77
CA ARG C 141 23.86 15.78 -65.98
C ARG C 141 24.26 14.41 -66.53
N GLY C 142 23.97 13.34 -65.78
CA GLY C 142 24.21 11.99 -66.24
C GLY C 142 25.43 11.24 -65.70
N ASP C 143 26.07 11.78 -64.67
CA ASP C 143 27.21 11.08 -64.04
C ASP C 143 26.75 9.86 -63.23
N ILE C 144 27.52 8.78 -63.34
CA ILE C 144 27.19 7.52 -62.68
C ILE C 144 28.39 6.98 -61.90
N ASP C 145 28.15 6.60 -60.65
CA ASP C 145 29.12 5.79 -59.89
C ASP C 145 28.70 4.32 -59.93
N LEU C 146 29.48 3.49 -60.60
CA LEU C 146 29.25 2.05 -60.59
C LEU C 146 30.00 1.41 -59.43
N TYR C 147 29.28 1.04 -58.38
CA TYR C 147 29.84 0.24 -57.29
C TYR C 147 29.78 -1.23 -57.70
N TYR C 148 30.90 -1.93 -57.62
CA TYR C 148 30.95 -3.35 -58.00
C TYR C 148 32.05 -4.06 -57.24
N THR C 149 32.18 -5.36 -57.46
CA THR C 149 33.11 -6.20 -56.69
C THR C 149 34.26 -6.74 -57.53
N CYS C 150 35.48 -6.46 -57.06
CA CYS C 150 36.69 -6.99 -57.69
C CYS C 150 37.14 -8.27 -56.99
N VAL C 151 37.11 -9.38 -57.72
CA VAL C 151 37.38 -10.69 -57.13
C VAL C 151 38.56 -11.40 -57.81
N THR C 152 39.47 -11.92 -56.98
CA THR C 152 40.62 -12.73 -57.42
C THR C 152 41.64 -11.92 -58.23
N PRO C 153 42.76 -11.54 -57.59
CA PRO C 153 43.13 -11.80 -56.19
C PRO C 153 42.25 -11.08 -55.18
N GLY C 154 41.90 -11.78 -54.10
CA GLY C 154 41.16 -11.20 -53.01
C GLY C 154 39.72 -10.91 -53.36
N ALA C 155 39.09 -10.09 -52.52
CA ALA C 155 37.72 -9.62 -52.76
C ALA C 155 37.61 -8.21 -52.22
N THR C 156 37.43 -7.26 -53.13
CA THR C 156 37.47 -5.85 -52.79
C THR C 156 36.28 -5.11 -53.37
N ILE C 157 35.57 -4.37 -52.52
CA ILE C 157 34.51 -3.50 -52.97
C ILE C 157 35.14 -2.24 -53.52
N ALA C 158 34.66 -1.81 -54.68
CA ALA C 158 35.24 -0.70 -55.40
C ALA C 158 34.17 0.07 -56.12
N LYS C 159 34.55 1.22 -56.68
CA LYS C 159 33.64 2.00 -57.51
C LYS C 159 34.41 2.59 -58.68
N VAL C 160 33.68 2.85 -59.77
CA VAL C 160 34.26 3.46 -60.95
C VAL C 160 33.28 4.48 -61.50
N ARG C 161 33.74 5.72 -61.67
CA ARG C 161 32.87 6.77 -62.15
C ARG C 161 32.88 6.83 -63.67
N GLY C 162 31.70 7.10 -64.22
CA GLY C 162 31.52 7.32 -65.63
C GLY C 162 30.35 8.25 -65.87
N LYS C 163 29.79 8.20 -67.08
CA LYS C 163 28.75 9.13 -67.48
C LYS C 163 27.91 8.53 -68.60
N ILE C 164 26.59 8.73 -68.52
CA ILE C 164 25.68 8.21 -69.55
C ILE C 164 25.27 9.32 -70.51
N VAL C 165 25.35 9.02 -71.80
CA VAL C 165 24.98 9.96 -72.86
C VAL C 165 23.98 9.28 -73.77
N THR C 166 22.79 9.88 -73.89
CA THR C 166 21.72 9.28 -74.70
C THR C 166 21.53 10.00 -76.01
N SER C 167 21.26 9.23 -77.06
CA SER C 167 20.85 9.77 -78.35
C SER C 167 19.37 9.48 -78.53
N ASP C 168 18.86 9.68 -79.73
CA ASP C 168 17.43 9.49 -80.00
C ASP C 168 17.05 8.01 -80.13
N GLN C 169 17.99 7.17 -80.59
CA GLN C 169 17.73 5.75 -80.82
C GLN C 169 18.79 4.84 -80.20
N SER C 170 19.70 5.41 -79.42
CA SER C 170 20.75 4.61 -78.80
C SER C 170 21.25 5.23 -77.50
N VAL C 171 22.04 4.45 -76.76
CA VAL C 171 22.63 4.92 -75.51
C VAL C 171 24.10 4.48 -75.45
N SER C 172 24.98 5.39 -75.02
CA SER C 172 26.40 5.07 -74.86
C SER C 172 26.95 5.62 -73.54
N LEU C 173 28.15 5.15 -73.18
CA LEU C 173 28.78 5.51 -71.91
C LEU C 173 30.13 6.18 -72.11
N GLU C 174 30.44 7.12 -71.22
CA GLU C 174 31.72 7.83 -71.22
C GLU C 174 32.39 7.69 -69.86
N GLY C 175 33.71 7.81 -69.83
CA GLY C 175 34.46 7.60 -68.61
C GLY C 175 34.61 6.12 -68.29
N PHE C 176 34.42 5.76 -67.03
CA PHE C 176 34.64 4.40 -66.56
C PHE C 176 36.05 3.93 -66.93
N GLN C 177 37.04 4.78 -66.63
CA GLN C 177 38.44 4.51 -66.99
C GLN C 177 39.34 4.21 -65.82
N GLN C 178 38.93 4.58 -64.61
CA GLN C 178 39.77 4.33 -63.45
C GLN C 178 38.95 3.80 -62.28
N VAL C 179 39.37 2.67 -61.74
CA VAL C 179 38.66 2.03 -60.63
C VAL C 179 39.31 2.47 -59.32
N THR C 180 38.47 2.85 -58.35
CA THR C 180 38.93 3.21 -57.02
C THR C 180 38.54 2.13 -56.03
N SER C 181 39.53 1.49 -55.42
CA SER C 181 39.28 0.48 -54.40
C SER C 181 38.82 1.14 -53.11
N LEU C 182 37.72 0.66 -52.55
CA LEU C 182 37.16 1.26 -51.35
C LEU C 182 37.56 0.45 -50.11
N PHE C 183 37.14 -0.81 -50.02
CA PHE C 183 37.56 -1.66 -48.91
C PHE C 183 37.40 -3.15 -49.13
N SER C 184 38.04 -3.91 -48.26
CA SER C 184 37.96 -5.36 -48.23
C SER C 184 37.64 -5.78 -46.79
N ALA C 185 37.53 -7.09 -46.54
CA ALA C 185 37.27 -7.58 -45.19
C ALA C 185 38.34 -7.12 -44.21
N ASP C 186 37.91 -6.80 -42.99
CA ASP C 186 38.80 -6.22 -41.96
C ASP C 186 39.46 -7.27 -41.08
N GLY C 187 38.71 -8.34 -40.75
CA GLY C 187 39.21 -9.41 -39.91
C GLY C 187 38.70 -9.37 -38.48
N THR C 188 38.28 -8.19 -38.03
CA THR C 188 37.66 -8.05 -36.71
C THR C 188 36.16 -8.25 -36.78
N ILE C 189 35.53 -7.62 -37.77
CA ILE C 189 34.08 -7.71 -37.93
C ILE C 189 33.72 -8.67 -39.06
N TYR C 190 34.33 -8.46 -40.24
CA TYR C 190 34.06 -9.31 -41.39
C TYR C 190 35.23 -10.23 -41.72
N GLN C 191 34.90 -11.43 -42.16
CA GLN C 191 35.86 -12.51 -42.35
C GLN C 191 36.80 -12.30 -43.54
N THR C 192 38.07 -12.63 -43.36
CA THR C 192 39.10 -12.42 -44.39
C THR C 192 39.48 -13.72 -45.09
N GLU C 193 40.24 -13.59 -46.16
CA GLU C 193 40.76 -14.74 -46.89
C GLU C 193 41.71 -15.56 -46.01
N GLU C 194 42.58 -14.85 -45.28
CA GLU C 194 43.44 -15.48 -44.26
C GLU C 194 42.66 -16.47 -43.39
N GLN C 195 41.51 -16.03 -42.91
CA GLN C 195 40.70 -16.80 -41.97
C GLN C 195 39.90 -17.90 -42.66
N ASN C 196 39.57 -17.69 -43.92
CA ASN C 196 38.73 -18.61 -44.66
C ASN C 196 38.99 -18.49 -46.17
N ALA C 197 39.49 -19.56 -46.77
CA ALA C 197 39.77 -19.56 -48.20
C ALA C 197 38.49 -19.41 -49.03
N PHE C 198 37.36 -19.73 -48.41
CA PHE C 198 36.06 -19.64 -49.07
C PHE C 198 35.25 -18.45 -48.60
N TRP C 199 35.91 -17.46 -47.99
CA TRP C 199 35.22 -16.31 -47.41
C TRP C 199 34.39 -15.56 -48.45
N ASN C 200 33.31 -14.95 -47.98
CA ASN C 200 32.40 -14.18 -48.83
C ASN C 200 32.52 -12.68 -48.56
N PHE C 201 32.65 -11.90 -49.64
CA PHE C 201 32.72 -10.45 -49.51
C PHE C 201 32.41 -9.82 -50.87
N ARG C 202 31.21 -9.26 -51.03
CA ARG C 202 30.78 -8.72 -52.32
C ARG C 202 29.43 -8.01 -52.28
N ASP C 203 29.06 -7.42 -53.41
CA ASP C 203 27.72 -6.90 -53.69
C ASP C 203 27.36 -5.62 -52.95
N PRO C 204 28.04 -4.51 -53.27
CA PRO C 204 27.69 -3.22 -52.68
C PRO C 204 26.36 -2.66 -53.19
N SER C 205 25.45 -2.33 -52.29
CA SER C 205 24.26 -1.55 -52.64
C SER C 205 24.21 -0.30 -51.78
N PRO C 206 24.72 0.83 -52.31
CA PRO C 206 24.69 2.10 -51.57
C PRO C 206 23.29 2.70 -51.48
N PHE C 207 23.06 3.51 -50.44
CA PHE C 207 21.80 4.21 -50.28
C PHE C 207 21.96 5.37 -49.32
N ILE C 208 21.22 6.46 -49.56
CA ILE C 208 21.11 7.53 -48.58
C ILE C 208 19.90 7.27 -47.70
N ASP C 209 20.13 7.20 -46.39
CA ASP C 209 19.08 6.95 -45.42
C ASP C 209 18.21 8.20 -45.24
N ARG C 210 16.89 8.01 -45.29
CA ARG C 210 15.95 9.13 -45.25
C ARG C 210 15.89 9.79 -43.89
N ASN C 211 15.99 8.99 -42.84
CA ASN C 211 15.95 9.49 -41.47
C ASN C 211 17.26 10.14 -41.05
N ASP C 212 18.33 9.78 -41.75
CA ASP C 212 19.69 10.11 -41.32
C ASP C 212 20.37 11.13 -42.23
N GLY C 213 20.05 11.07 -43.53
CA GLY C 213 20.69 11.92 -44.51
C GLY C 213 22.09 11.45 -44.88
N LYS C 214 22.52 10.35 -44.28
CA LYS C 214 23.88 9.86 -44.48
C LYS C 214 23.96 8.81 -45.58
N LEU C 215 25.16 8.64 -46.14
CA LEU C 215 25.39 7.66 -47.18
C LEU C 215 25.86 6.34 -46.60
N TYR C 216 25.18 5.26 -46.95
CA TYR C 216 25.47 3.92 -46.46
C TYR C 216 25.62 2.96 -47.61
N MET C 217 26.08 1.75 -47.31
CA MET C 217 25.96 0.64 -48.24
C MET C 217 25.82 -0.68 -47.50
N LEU C 218 24.97 -1.56 -48.03
CA LEU C 218 24.96 -2.95 -47.62
C LEU C 218 25.96 -3.74 -48.44
N PHE C 219 26.35 -4.91 -47.94
CA PHE C 219 27.15 -5.85 -48.72
C PHE C 219 27.09 -7.22 -48.08
N GLU C 220 27.37 -8.26 -48.87
CA GLU C 220 27.47 -9.61 -48.33
C GLU C 220 28.80 -9.77 -47.63
N GLY C 221 28.77 -10.48 -46.50
CA GLY C 221 29.99 -10.80 -45.79
C GLY C 221 29.85 -12.11 -45.03
N ASN C 222 30.92 -12.47 -44.31
CA ASN C 222 30.88 -13.53 -43.32
C ASN C 222 31.29 -12.94 -41.98
N VAL C 223 30.78 -13.52 -40.90
CA VAL C 223 31.18 -13.08 -39.56
C VAL C 223 32.66 -13.41 -39.38
N ALA C 224 33.42 -12.44 -38.89
CA ALA C 224 34.86 -12.60 -38.71
C ALA C 224 35.20 -13.75 -37.79
N GLY C 225 36.41 -14.28 -37.96
CA GLY C 225 36.91 -15.38 -37.17
C GLY C 225 37.40 -16.48 -38.08
N PRO C 226 38.40 -17.26 -37.64
CA PRO C 226 38.85 -18.38 -38.47
C PRO C 226 37.70 -19.34 -38.74
N ARG C 227 37.74 -20.00 -39.89
CA ARG C 227 36.65 -20.87 -40.31
C ARG C 227 36.43 -22.02 -39.33
N GLY C 228 35.18 -22.19 -38.90
CA GLY C 228 34.80 -23.28 -38.02
C GLY C 228 35.02 -22.98 -36.55
N SER C 229 35.46 -21.77 -36.24
CA SER C 229 35.72 -21.37 -34.86
C SER C 229 34.46 -20.80 -34.20
N HIS C 230 33.52 -20.36 -35.02
CA HIS C 230 32.24 -19.84 -34.55
C HIS C 230 31.53 -20.87 -33.68
N GLU C 231 30.95 -20.40 -32.57
CA GLU C 231 30.15 -21.27 -31.71
C GLU C 231 28.66 -21.13 -31.98
N ILE C 232 27.96 -22.25 -31.85
CA ILE C 232 26.51 -22.26 -31.89
C ILE C 232 26.00 -22.11 -30.47
N THR C 233 25.62 -20.89 -30.13
CA THR C 233 25.01 -20.63 -28.85
C THR C 233 23.52 -20.81 -29.08
N GLN C 234 22.71 -20.67 -28.04
CA GLN C 234 21.26 -20.80 -28.20
C GLN C 234 20.68 -19.53 -28.82
N ALA C 235 21.47 -18.47 -28.89
CA ALA C 235 21.08 -17.28 -29.63
C ALA C 235 20.92 -17.67 -31.09
N GLU C 236 21.93 -18.33 -31.65
CA GLU C 236 21.90 -18.74 -33.04
C GLU C 236 20.84 -19.81 -33.26
N MET C 237 20.65 -20.67 -32.26
CA MET C 237 19.63 -21.70 -32.33
C MET C 237 18.23 -21.11 -32.46
N GLY C 238 17.93 -20.11 -31.66
CA GLY C 238 16.56 -19.63 -31.56
C GLY C 238 15.74 -20.58 -30.70
N ASN C 239 14.42 -20.45 -30.77
CA ASN C 239 13.54 -21.31 -29.98
C ASN C 239 13.16 -22.55 -30.77
N VAL C 240 14.11 -23.47 -30.92
CA VAL C 240 13.91 -24.68 -31.71
C VAL C 240 13.07 -25.71 -30.97
N PRO C 241 12.33 -26.55 -31.73
CA PRO C 241 11.51 -27.58 -31.09
C PRO C 241 12.33 -28.73 -30.49
N PRO C 242 11.74 -29.48 -29.55
CA PRO C 242 12.44 -30.66 -29.02
C PRO C 242 12.75 -31.66 -30.13
N GLY C 243 13.93 -32.25 -30.10
CA GLY C 243 14.34 -33.18 -31.14
C GLY C 243 15.14 -32.54 -32.25
N TYR C 244 15.39 -31.24 -32.14
CA TYR C 244 16.06 -30.49 -33.20
C TYR C 244 17.32 -29.77 -32.72
N GLU C 245 18.04 -30.39 -31.81
CA GLU C 245 19.27 -29.79 -31.32
C GLU C 245 20.46 -30.27 -32.13
N ASP C 246 20.20 -31.07 -33.16
CA ASP C 246 21.26 -31.61 -33.97
C ASP C 246 21.62 -30.59 -35.04
N VAL C 247 22.87 -30.12 -34.98
CA VAL C 247 23.34 -29.03 -35.84
C VAL C 247 24.38 -29.46 -36.87
N GLY C 248 24.81 -30.71 -36.82
CA GLY C 248 25.82 -31.19 -37.75
C GLY C 248 27.01 -30.25 -37.80
N GLY C 249 27.35 -29.83 -39.01
CA GLY C 249 28.48 -28.93 -39.22
C GLY C 249 28.07 -27.47 -39.30
N ALA C 250 27.05 -27.09 -38.53
CA ALA C 250 26.53 -25.72 -38.56
C ALA C 250 27.61 -24.69 -38.25
N LYS C 251 28.63 -25.10 -37.50
CA LYS C 251 29.72 -24.21 -37.13
C LYS C 251 30.40 -23.57 -38.35
N TYR C 252 30.26 -24.18 -39.52
CA TYR C 252 30.94 -23.70 -40.73
C TYR C 252 30.13 -22.69 -41.56
N GLN C 253 28.85 -22.51 -41.25
CA GLN C 253 28.03 -21.51 -41.91
C GLN C 253 27.99 -20.22 -41.09
N ALA C 254 28.43 -19.11 -41.68
CA ALA C 254 28.51 -17.85 -40.97
C ALA C 254 28.19 -16.62 -41.84
N GLY C 255 27.18 -16.76 -42.69
CA GLY C 255 26.79 -15.67 -43.58
C GLY C 255 26.28 -14.46 -42.81
N CYS C 256 26.43 -13.28 -43.39
CA CYS C 256 25.89 -12.07 -42.80
C CYS C 256 25.71 -10.95 -43.84
N VAL C 257 24.79 -10.03 -43.54
CA VAL C 257 24.61 -8.82 -44.33
C VAL C 257 25.35 -7.68 -43.65
N GLY C 258 26.42 -7.21 -44.28
CA GLY C 258 27.26 -6.18 -43.69
C GLY C 258 26.76 -4.78 -43.94
N LEU C 259 27.29 -3.83 -43.17
CA LEU C 259 26.93 -2.42 -43.28
C LEU C 259 28.19 -1.54 -43.23
N ALA C 260 28.24 -0.53 -44.09
CA ALA C 260 29.26 0.50 -44.02
C ALA C 260 28.65 1.88 -44.20
N VAL C 261 29.35 2.91 -43.71
CA VAL C 261 28.89 4.29 -43.82
C VAL C 261 30.02 5.17 -44.36
N ALA C 262 29.66 6.16 -45.19
CA ALA C 262 30.66 7.07 -45.78
C ALA C 262 30.90 8.32 -44.92
N LYS C 263 32.08 8.92 -45.03
CA LYS C 263 32.36 10.17 -44.33
C LYS C 263 31.51 11.31 -44.87
N ASP C 264 31.23 11.27 -46.16
CA ASP C 264 30.35 12.26 -46.78
C ASP C 264 29.69 11.66 -48.01
N LEU C 265 28.82 12.43 -48.65
CA LEU C 265 27.98 11.93 -49.73
C LEU C 265 28.78 11.60 -51.00
N SER C 266 30.03 12.03 -51.07
CA SER C 266 30.89 11.72 -52.21
C SER C 266 31.19 10.22 -52.30
N GLY C 267 31.16 9.55 -51.16
CA GLY C 267 31.39 8.11 -51.12
C GLY C 267 32.82 7.73 -51.44
N SER C 268 33.76 8.55 -51.01
CA SER C 268 35.18 8.34 -51.28
C SER C 268 35.84 7.49 -50.19
N GLU C 269 35.44 7.74 -48.95
CA GLU C 269 35.97 7.01 -47.79
C GLU C 269 34.83 6.34 -47.03
N TRP C 270 35.08 5.14 -46.52
CA TRP C 270 34.05 4.33 -45.90
C TRP C 270 34.44 3.76 -44.54
N GLN C 271 33.55 3.93 -43.57
CA GLN C 271 33.69 3.33 -42.25
C GLN C 271 32.90 2.01 -42.17
N ILE C 272 33.63 0.92 -41.99
CA ILE C 272 33.03 -0.39 -41.79
C ILE C 272 32.27 -0.45 -40.45
N LEU C 273 31.07 -1.00 -40.48
CA LEU C 273 30.22 -1.10 -39.28
C LEU C 273 29.82 -2.55 -39.00
N PRO C 274 29.28 -2.81 -37.80
CA PRO C 274 28.78 -4.15 -37.47
C PRO C 274 27.66 -4.58 -38.42
N PRO C 275 27.49 -5.90 -38.61
CA PRO C 275 26.46 -6.37 -39.55
C PRO C 275 25.03 -6.11 -39.04
N LEU C 276 24.08 -6.10 -39.98
CA LEU C 276 22.67 -5.93 -39.64
C LEU C 276 22.03 -7.29 -39.40
N ILE C 277 22.39 -8.25 -40.24
CA ILE C 277 21.87 -9.60 -40.17
C ILE C 277 23.03 -10.59 -40.15
N THR C 278 22.99 -11.54 -39.23
CA THR C 278 23.96 -12.64 -39.20
C THR C 278 23.24 -13.97 -39.26
N ALA C 279 23.85 -14.95 -39.93
CA ALA C 279 23.21 -16.24 -40.18
C ALA C 279 24.11 -17.39 -39.76
N VAL C 280 24.90 -17.16 -38.70
CA VAL C 280 25.75 -18.21 -38.14
C VAL C 280 24.90 -19.40 -37.72
N GLY C 281 25.27 -20.58 -38.20
CA GLY C 281 24.55 -21.79 -37.88
C GLY C 281 23.32 -22.02 -38.73
N VAL C 282 23.10 -21.16 -39.72
CA VAL C 282 21.89 -21.20 -40.56
C VAL C 282 22.23 -21.22 -42.04
N ASN C 283 22.91 -20.20 -42.52
CA ASN C 283 23.28 -20.10 -43.93
C ASN C 283 24.61 -19.39 -44.12
N ASP C 284 25.39 -19.86 -45.09
CA ASP C 284 26.72 -19.32 -45.34
C ASP C 284 26.66 -18.09 -46.25
N GLN C 285 25.63 -18.01 -47.09
CA GLN C 285 25.57 -16.98 -48.13
C GLN C 285 24.28 -16.17 -48.09
N THR C 286 24.43 -14.91 -47.68
CA THR C 286 23.37 -13.92 -47.80
C THR C 286 23.83 -12.88 -48.80
N GLU C 287 23.52 -13.11 -50.07
CA GLU C 287 24.10 -12.34 -51.17
C GLU C 287 23.19 -11.20 -51.62
N ARG C 288 23.75 -10.32 -52.45
CA ARG C 288 23.05 -9.16 -53.02
C ARG C 288 22.04 -8.54 -52.08
N PRO C 289 22.49 -8.11 -50.89
CA PRO C 289 21.56 -7.42 -49.99
C PRO C 289 21.09 -6.11 -50.59
N HIS C 290 19.82 -5.76 -50.39
CA HIS C 290 19.28 -4.50 -50.90
C HIS C 290 18.01 -4.10 -50.18
N PHE C 291 17.82 -2.79 -50.04
CA PHE C 291 16.70 -2.24 -49.31
C PHE C 291 15.54 -1.84 -50.22
N VAL C 292 14.32 -2.05 -49.71
CA VAL C 292 13.14 -1.34 -50.18
C VAL C 292 12.64 -0.50 -49.01
N PHE C 293 12.45 0.79 -49.24
CA PHE C 293 11.91 1.68 -48.22
C PHE C 293 10.41 1.87 -48.45
N GLN C 294 9.60 1.39 -47.52
CA GLN C 294 8.14 1.44 -47.68
C GLN C 294 7.41 1.52 -46.33
N ASP C 295 6.37 2.34 -46.29
CA ASP C 295 5.55 2.52 -45.10
C ASP C 295 6.40 2.82 -43.86
N GLY C 296 7.44 3.62 -44.05
CA GLY C 296 8.31 4.01 -42.96
C GLY C 296 9.18 2.88 -42.46
N LYS C 297 9.18 1.76 -43.18
CA LYS C 297 9.90 0.57 -42.75
C LYS C 297 11.07 0.24 -43.67
N TYR C 298 12.01 -0.53 -43.13
CA TYR C 298 13.19 -0.99 -43.85
C TYR C 298 13.03 -2.44 -44.27
N TYR C 299 12.84 -2.69 -45.56
CA TYR C 299 12.71 -4.06 -46.07
C TYR C 299 14.03 -4.53 -46.64
N LEU C 300 14.76 -5.30 -45.83
CA LEU C 300 16.08 -5.80 -46.21
C LEU C 300 15.96 -7.17 -46.86
N PHE C 301 16.24 -7.22 -48.15
CA PHE C 301 16.17 -8.46 -48.91
C PHE C 301 17.57 -8.99 -49.19
N THR C 302 17.71 -10.31 -49.23
CA THR C 302 18.97 -10.93 -49.57
C THR C 302 18.71 -12.31 -50.18
N ILE C 303 19.48 -12.65 -51.21
CA ILE C 303 19.28 -13.92 -51.92
C ILE C 303 20.20 -15.00 -51.36
N SER C 304 19.76 -16.25 -51.41
CA SER C 304 20.53 -17.37 -50.88
C SER C 304 20.18 -18.67 -51.57
N HIS C 305 20.92 -19.72 -51.23
CA HIS C 305 20.73 -21.03 -51.83
C HIS C 305 20.19 -22.08 -50.88
N LYS C 306 19.39 -22.98 -51.46
CA LYS C 306 19.05 -24.24 -50.82
C LYS C 306 20.28 -24.90 -50.20
N TYR C 307 21.34 -25.04 -50.99
CA TYR C 307 22.50 -25.83 -50.59
C TYR C 307 23.60 -25.05 -49.87
N THR C 308 23.30 -23.82 -49.46
CA THR C 308 24.21 -23.08 -48.57
C THR C 308 23.63 -23.01 -47.16
N PHE C 309 22.45 -23.62 -46.97
CA PHE C 309 21.88 -23.78 -45.65
C PHE C 309 22.72 -24.76 -44.83
N ALA C 310 22.74 -24.58 -43.52
CA ALA C 310 23.49 -25.46 -42.63
C ALA C 310 22.83 -26.82 -42.56
N ASP C 311 23.52 -27.79 -41.95
CA ASP C 311 22.99 -29.14 -41.83
C ASP C 311 21.67 -29.12 -41.06
N ASN C 312 20.75 -29.99 -41.47
CA ASN C 312 19.46 -30.12 -40.80
C ASN C 312 18.61 -28.86 -40.93
N LEU C 313 18.92 -28.07 -41.96
CA LEU C 313 18.14 -26.92 -42.36
C LEU C 313 17.92 -27.01 -43.87
N THR C 314 16.78 -26.50 -44.33
CA THR C 314 16.51 -26.46 -45.77
C THR C 314 15.62 -25.30 -46.18
N GLY C 315 15.81 -24.84 -47.41
CA GLY C 315 14.99 -23.80 -48.00
C GLY C 315 15.20 -23.85 -49.50
N PRO C 316 14.32 -23.19 -50.27
CA PRO C 316 14.53 -23.13 -51.72
C PRO C 316 15.49 -22.03 -52.13
N ASP C 317 16.04 -22.10 -53.33
CA ASP C 317 16.75 -20.98 -53.91
C ASP C 317 15.75 -19.85 -54.10
N GLY C 318 16.20 -18.62 -53.85
CA GLY C 318 15.32 -17.47 -53.98
C GLY C 318 15.79 -16.30 -53.14
N VAL C 319 14.87 -15.36 -52.90
CA VAL C 319 15.18 -14.20 -52.08
C VAL C 319 14.52 -14.31 -50.72
N TYR C 320 15.30 -14.01 -49.69
CA TYR C 320 14.82 -13.98 -48.32
C TYR C 320 14.79 -12.52 -47.89
N GLY C 321 14.10 -12.24 -46.78
CA GLY C 321 13.88 -10.85 -46.40
C GLY C 321 13.62 -10.64 -44.92
N PHE C 322 13.90 -9.42 -44.48
CA PHE C 322 13.71 -9.01 -43.09
C PHE C 322 13.20 -7.57 -43.06
N VAL C 323 12.33 -7.27 -42.10
CA VAL C 323 11.75 -5.93 -41.99
C VAL C 323 11.99 -5.32 -40.61
N SER C 324 12.27 -4.02 -40.58
CA SER C 324 12.48 -3.30 -39.32
C SER C 324 11.95 -1.87 -39.41
N ASP C 325 11.67 -1.29 -38.25
CA ASP C 325 11.27 0.11 -38.15
C ASP C 325 12.48 1.02 -38.24
N LYS C 326 13.66 0.47 -37.96
CA LYS C 326 14.89 1.27 -37.90
C LYS C 326 15.98 0.62 -38.74
N LEU C 327 16.90 1.43 -39.26
CA LEU C 327 17.99 0.93 -40.08
C LEU C 327 18.81 -0.17 -39.39
N THR C 328 19.15 0.06 -38.13
CA THR C 328 20.05 -0.85 -37.40
C THR C 328 19.29 -1.87 -36.57
N GLY C 329 18.04 -2.14 -36.94
CA GLY C 329 17.29 -3.21 -36.32
C GLY C 329 16.55 -2.78 -35.08
N PRO C 330 15.94 -3.73 -34.37
CA PRO C 330 15.93 -5.17 -34.69
C PRO C 330 15.04 -5.53 -35.87
N TYR C 331 15.48 -6.50 -36.67
CA TYR C 331 14.73 -6.96 -37.83
C TYR C 331 13.89 -8.19 -37.53
N THR C 332 12.78 -8.34 -38.25
CA THR C 332 11.95 -9.53 -38.15
C THR C 332 11.97 -10.31 -39.47
N PRO C 333 12.08 -11.64 -39.40
CA PRO C 333 12.05 -12.40 -40.66
C PRO C 333 10.72 -12.24 -41.38
N MET C 334 10.76 -12.05 -42.70
CA MET C 334 9.56 -11.89 -43.50
C MET C 334 8.79 -13.21 -43.57
N ASN C 335 7.46 -13.14 -43.52
CA ASN C 335 6.61 -14.32 -43.57
C ASN C 335 6.96 -15.33 -42.47
N SER C 336 7.46 -14.78 -41.35
CA SER C 336 7.83 -15.54 -40.15
C SER C 336 9.13 -16.34 -40.28
N SER C 337 9.48 -16.76 -41.50
CA SER C 337 10.65 -17.61 -41.73
C SER C 337 11.80 -16.87 -42.40
N GLY C 338 11.47 -15.80 -43.13
CA GLY C 338 12.45 -15.06 -43.88
C GLY C 338 12.26 -15.21 -45.39
N LEU C 339 11.53 -16.24 -45.80
CA LEU C 339 11.38 -16.51 -47.23
C LEU C 339 10.35 -15.60 -47.87
N VAL C 340 10.76 -14.93 -48.95
CA VAL C 340 9.92 -13.97 -49.65
C VAL C 340 9.48 -14.52 -51.01
N LEU C 341 10.44 -15.05 -51.76
CA LEU C 341 10.14 -15.64 -53.07
C LEU C 341 11.09 -16.80 -53.37
N GLY C 342 10.56 -18.01 -53.40
CA GLY C 342 11.36 -19.21 -53.61
C GLY C 342 10.98 -19.97 -54.88
N ASN C 343 11.96 -20.68 -55.46
CA ASN C 343 11.69 -21.52 -56.61
C ASN C 343 10.80 -22.70 -56.23
N PRO C 344 9.95 -23.16 -57.16
CA PRO C 344 9.14 -24.34 -56.85
C PRO C 344 10.01 -25.60 -56.80
N SER C 345 9.64 -26.58 -55.98
CA SER C 345 10.49 -27.72 -55.73
C SER C 345 10.67 -28.60 -56.96
N SER C 346 9.79 -28.45 -57.94
CA SER C 346 9.87 -29.24 -59.17
C SER C 346 10.95 -28.70 -60.11
N GLN C 347 11.22 -27.41 -60.02
CA GLN C 347 12.28 -26.76 -60.82
C GLN C 347 13.09 -25.84 -59.90
N PRO C 348 13.86 -26.43 -58.97
CA PRO C 348 14.47 -25.69 -57.85
C PRO C 348 15.53 -24.68 -58.26
N PHE C 349 16.04 -24.80 -59.47
CA PHE C 349 17.11 -23.93 -59.95
C PHE C 349 16.74 -23.25 -61.26
N GLN C 350 15.45 -23.02 -61.47
CA GLN C 350 14.97 -22.39 -62.68
C GLN C 350 15.42 -20.94 -62.78
N THR C 351 15.47 -20.27 -61.63
CA THR C 351 15.85 -18.86 -61.59
C THR C 351 16.73 -18.56 -60.38
N TYR C 352 17.47 -17.46 -60.46
CA TYR C 352 18.22 -16.98 -59.30
C TYR C 352 18.45 -15.47 -59.38
N SER C 353 18.97 -14.91 -58.28
CA SER C 353 19.33 -13.50 -58.20
C SER C 353 18.09 -12.62 -58.27
N HIS C 354 17.13 -12.92 -57.42
CA HIS C 354 15.90 -12.15 -57.34
C HIS C 354 16.16 -10.79 -56.72
N TYR C 355 15.86 -9.73 -57.48
CA TYR C 355 16.09 -8.35 -57.04
C TYR C 355 14.78 -7.61 -56.88
N VAL C 356 14.34 -7.45 -55.63
CA VAL C 356 13.10 -6.78 -55.33
C VAL C 356 13.23 -5.26 -55.44
N MET C 357 12.44 -4.67 -56.31
CA MET C 357 12.46 -3.23 -56.52
C MET C 357 11.31 -2.56 -55.76
N PRO C 358 11.45 -1.26 -55.44
CA PRO C 358 10.48 -0.58 -54.58
C PRO C 358 9.05 -0.52 -55.15
N ASN C 359 8.89 -0.85 -56.43
CA ASN C 359 7.56 -0.90 -57.03
C ASN C 359 6.94 -2.29 -56.90
N GLY C 360 7.60 -3.16 -56.15
CA GLY C 360 7.11 -4.51 -55.93
C GLY C 360 7.50 -5.50 -57.00
N LEU C 361 8.08 -5.01 -58.10
CA LEU C 361 8.54 -5.88 -59.16
C LEU C 361 9.82 -6.61 -58.75
N VAL C 362 9.89 -7.89 -59.09
CA VAL C 362 11.06 -8.72 -58.80
C VAL C 362 11.60 -9.32 -60.10
N THR C 363 12.86 -9.05 -60.40
CA THR C 363 13.51 -9.57 -61.61
C THR C 363 14.43 -10.75 -61.29
N SER C 364 14.62 -11.61 -62.27
CA SER C 364 15.42 -12.83 -62.10
C SER C 364 16.05 -13.20 -63.43
N PHE C 365 17.14 -13.96 -63.37
CA PHE C 365 17.65 -14.60 -64.58
C PHE C 365 17.32 -16.08 -64.53
N ILE C 366 17.09 -16.66 -65.71
CA ILE C 366 16.81 -18.08 -65.83
C ILE C 366 18.12 -18.84 -65.81
N ASP C 367 18.26 -19.77 -64.86
CA ASP C 367 19.44 -20.60 -64.77
C ASP C 367 19.17 -21.95 -65.44
N SER C 368 18.59 -22.90 -64.70
CA SER C 368 18.44 -24.27 -65.19
C SER C 368 17.01 -24.80 -65.05
N VAL C 369 16.39 -25.09 -66.19
CA VAL C 369 15.04 -25.63 -66.25
C VAL C 369 15.09 -27.10 -66.67
N PRO C 370 14.48 -28.01 -65.88
CA PRO C 370 14.57 -29.43 -66.23
C PRO C 370 13.82 -29.74 -67.52
N TRP C 371 14.37 -30.61 -68.38
CA TRP C 371 13.75 -30.88 -69.67
C TRP C 371 13.14 -32.30 -69.66
N LYS C 372 13.81 -33.28 -70.26
CA LYS C 372 13.41 -34.67 -70.06
C LYS C 372 14.58 -35.31 -69.30
N GLY C 373 14.41 -36.55 -68.87
CA GLY C 373 15.37 -37.17 -67.96
C GLY C 373 15.92 -36.18 -66.94
N LYS C 374 17.21 -36.28 -66.66
CA LYS C 374 17.86 -35.41 -65.68
C LYS C 374 18.61 -34.24 -66.34
N ASP C 375 18.63 -34.20 -67.66
CA ASP C 375 19.24 -33.08 -68.38
C ASP C 375 18.29 -31.89 -68.36
N TYR C 376 18.88 -30.70 -68.31
CA TYR C 376 18.13 -29.46 -68.20
C TYR C 376 18.49 -28.48 -69.31
N ARG C 377 17.60 -27.51 -69.54
CA ARG C 377 17.89 -26.40 -70.45
C ARG C 377 18.41 -25.21 -69.66
N ILE C 378 19.55 -24.67 -70.08
CA ILE C 378 20.12 -23.51 -69.42
C ILE C 378 19.61 -22.24 -70.09
N GLY C 379 19.57 -21.15 -69.34
CA GLY C 379 18.98 -19.91 -69.81
C GLY C 379 19.98 -18.82 -70.16
N GLY C 380 20.46 -18.11 -69.14
CA GLY C 380 21.35 -16.98 -69.35
C GLY C 380 20.59 -15.79 -69.89
N THR C 381 19.36 -15.65 -69.43
CA THR C 381 18.45 -14.60 -69.89
C THR C 381 17.48 -14.26 -68.76
N GLU C 382 16.77 -13.15 -68.90
CA GLU C 382 15.87 -12.71 -67.83
C GLU C 382 14.64 -13.60 -67.73
N ALA C 383 14.21 -13.86 -66.50
CA ALA C 383 12.98 -14.58 -66.23
C ALA C 383 11.80 -13.63 -66.32
N PRO C 384 10.57 -14.17 -66.33
CA PRO C 384 9.40 -13.29 -66.23
C PRO C 384 9.41 -12.49 -64.93
N THR C 385 9.24 -11.19 -65.03
CA THR C 385 9.20 -10.33 -63.85
C THR C 385 7.89 -10.55 -63.11
N VAL C 386 7.99 -10.82 -61.80
CA VAL C 386 6.82 -11.00 -60.96
C VAL C 386 6.63 -9.78 -60.06
N LYS C 387 5.40 -9.57 -59.62
CA LYS C 387 5.12 -8.53 -58.62
C LYS C 387 4.73 -9.16 -57.29
N ILE C 388 5.42 -8.75 -56.23
CA ILE C 388 5.02 -9.12 -54.89
C ILE C 388 4.47 -7.91 -54.14
N LEU C 389 3.56 -8.17 -53.22
CA LEU C 389 2.95 -7.14 -52.40
C LEU C 389 3.48 -7.23 -50.97
N LEU C 390 4.02 -6.13 -50.48
CA LEU C 390 4.54 -6.08 -49.12
C LEU C 390 3.48 -5.50 -48.18
N LYS C 391 3.27 -6.19 -47.07
CA LYS C 391 2.24 -5.79 -46.11
C LYS C 391 2.70 -6.20 -44.71
N GLY C 392 3.21 -5.22 -43.95
CA GLY C 392 3.80 -5.49 -42.65
C GLY C 392 5.01 -6.39 -42.80
N ASP C 393 5.00 -7.53 -42.12
CA ASP C 393 6.08 -8.50 -42.22
C ASP C 393 5.69 -9.72 -43.06
N ARG C 394 4.77 -9.49 -44.00
CA ARG C 394 4.33 -10.54 -44.91
C ARG C 394 4.39 -10.08 -46.36
N SER C 395 4.73 -11.01 -47.26
CA SER C 395 4.71 -10.74 -48.69
C SER C 395 3.72 -11.66 -49.41
N PHE C 396 3.15 -11.17 -50.50
CA PHE C 396 2.30 -11.97 -51.37
C PHE C 396 2.68 -11.73 -52.83
N ILE C 397 2.93 -12.80 -53.57
CA ILE C 397 3.11 -12.67 -55.01
C ILE C 397 1.71 -12.40 -55.57
N VAL C 398 1.63 -11.52 -56.57
CA VAL C 398 0.35 -10.89 -56.91
C VAL C 398 0.02 -10.93 -58.42
N ASP C 399 1.02 -10.77 -59.29
CA ASP C 399 0.89 -11.26 -60.67
C ASP C 399 2.24 -11.25 -61.39
N SER C 400 2.20 -11.58 -62.69
CA SER C 400 3.41 -11.73 -63.49
C SER C 400 3.39 -10.83 -64.73
N PHE C 401 4.57 -10.42 -65.16
CA PHE C 401 4.72 -9.64 -66.39
C PHE C 401 5.67 -10.35 -67.35
N ASP C 402 6.05 -9.68 -68.44
CA ASP C 402 6.83 -10.31 -69.49
C ASP C 402 8.28 -10.54 -69.07
N TYR C 403 8.98 -11.36 -69.85
CA TYR C 403 10.39 -11.65 -69.61
C TYR C 403 11.24 -10.39 -69.55
N GLY C 404 11.90 -10.18 -68.42
CA GLY C 404 12.85 -9.09 -68.27
C GLY C 404 12.22 -7.72 -68.15
N TYR C 405 10.93 -7.68 -67.82
CA TYR C 405 10.26 -6.39 -67.65
C TYR C 405 10.78 -5.68 -66.41
N ILE C 406 11.58 -4.65 -66.63
CA ILE C 406 12.12 -3.86 -65.53
C ILE C 406 11.90 -2.38 -65.84
N PRO C 407 10.66 -1.91 -65.68
CA PRO C 407 10.35 -0.50 -65.93
C PRO C 407 10.98 0.42 -64.90
N ALA C 408 11.18 1.69 -65.27
CA ALA C 408 11.69 2.68 -64.34
C ALA C 408 10.52 3.24 -63.54
N MET C 409 10.82 3.74 -62.34
CA MET C 409 9.80 4.31 -61.47
C MET C 409 9.67 5.81 -61.69
N LYS C 410 10.71 6.40 -62.26
CA LYS C 410 10.83 7.84 -62.39
C LYS C 410 11.79 8.17 -63.52
N ASP C 411 11.48 9.22 -64.30
CA ASP C 411 12.33 9.64 -65.41
C ASP C 411 13.07 10.95 -65.10
N ILE C 412 14.37 10.97 -65.39
CA ILE C 412 15.19 12.17 -65.25
C ILE C 412 15.67 12.68 -66.60
N THR C 413 15.43 13.96 -66.87
CA THR C 413 15.91 14.62 -68.07
C THR C 413 17.23 15.34 -67.81
N LEU C 414 18.19 15.18 -68.73
CA LEU C 414 19.50 15.77 -68.55
C LEU C 414 19.65 17.09 -69.32
N TYR D 4 -18.75 1.34 -30.35
CA TYR D 4 -18.17 0.11 -30.89
C TYR D 4 -18.26 0.06 -32.41
N ASN D 5 -17.88 1.14 -33.08
CA ASN D 5 -17.94 1.12 -34.54
C ASN D 5 -16.62 0.63 -35.14
N TYR D 6 -16.33 -0.65 -34.90
CA TYR D 6 -15.13 -1.31 -35.40
C TYR D 6 -15.47 -2.25 -36.56
N LYS D 7 -14.44 -2.63 -37.32
CA LYS D 7 -14.61 -3.55 -38.45
C LYS D 7 -13.97 -4.90 -38.15
N PRO D 8 -14.60 -6.00 -38.59
CA PRO D 8 -13.99 -7.31 -38.37
C PRO D 8 -12.74 -7.54 -39.20
N THR D 9 -11.80 -8.29 -38.65
CA THR D 9 -10.63 -8.74 -39.40
C THR D 9 -10.98 -9.98 -40.19
N LEU D 10 -10.72 -9.96 -41.49
CA LEU D 10 -10.99 -11.12 -42.32
C LEU D 10 -9.78 -12.04 -42.35
N TRP D 11 -10.00 -13.31 -42.02
CA TRP D 11 -9.06 -14.36 -42.32
C TRP D 11 -9.30 -14.73 -43.78
N THR D 12 -8.32 -14.47 -44.64
CA THR D 12 -8.55 -14.50 -46.09
C THR D 12 -8.00 -15.77 -46.74
N ARG D 13 -8.41 -16.02 -47.98
CA ARG D 13 -7.91 -17.17 -48.72
C ARG D 13 -6.42 -17.04 -48.92
N ALA D 14 -5.96 -15.82 -49.18
CA ALA D 14 -4.54 -15.54 -49.29
C ALA D 14 -3.81 -15.97 -48.00
N ASP D 15 -4.42 -15.67 -46.85
CA ASP D 15 -3.86 -16.10 -45.57
C ASP D 15 -3.80 -17.61 -45.48
N ALA D 16 -4.90 -18.27 -45.85
CA ALA D 16 -5.00 -19.72 -45.75
C ALA D 16 -3.97 -20.43 -46.63
N LEU D 17 -3.72 -19.88 -47.82
CA LEU D 17 -2.75 -20.47 -48.74
C LEU D 17 -1.35 -20.52 -48.14
N LYS D 18 -1.09 -19.66 -47.15
CA LYS D 18 0.20 -19.64 -46.47
C LYS D 18 0.33 -20.74 -45.42
N VAL D 19 -0.77 -21.38 -45.09
CA VAL D 19 -0.77 -22.41 -44.06
C VAL D 19 0.09 -23.60 -44.49
N HIS D 20 1.12 -23.90 -43.70
CA HIS D 20 1.96 -25.08 -43.93
C HIS D 20 1.80 -26.17 -42.89
N GLU D 21 1.44 -27.35 -43.36
CA GLU D 21 1.38 -28.57 -42.55
C GLU D 21 2.78 -29.16 -42.32
N ASP D 22 3.03 -29.69 -41.12
CA ASP D 22 4.31 -30.34 -40.80
C ASP D 22 5.48 -29.33 -40.72
N ASP D 23 5.18 -28.11 -40.30
CA ASP D 23 6.21 -27.17 -39.85
C ASP D 23 6.60 -27.61 -38.44
N PRO D 24 7.89 -27.93 -38.21
CA PRO D 24 8.24 -28.47 -36.88
C PRO D 24 8.00 -27.52 -35.71
N THR D 25 8.07 -26.21 -35.95
CA THR D 25 7.84 -25.23 -34.89
C THR D 25 6.35 -25.10 -34.57
N THR D 26 5.51 -25.68 -35.42
CA THR D 26 4.07 -25.43 -35.38
C THR D 26 3.30 -26.76 -35.47
N THR D 27 4.02 -27.87 -35.29
CA THR D 27 3.42 -29.20 -35.39
C THR D 27 3.55 -29.97 -34.08
N GLN D 28 2.46 -30.62 -33.68
CA GLN D 28 2.44 -31.45 -32.48
C GLN D 28 3.30 -32.69 -32.60
N PRO D 29 3.95 -33.10 -31.50
CA PRO D 29 4.65 -34.38 -31.50
C PRO D 29 3.72 -35.56 -31.82
N VAL D 30 4.28 -36.61 -32.39
CA VAL D 30 3.51 -37.80 -32.74
C VAL D 30 3.01 -38.52 -31.50
N ILE D 31 1.70 -38.77 -31.43
CA ILE D 31 1.13 -39.54 -30.32
C ILE D 31 1.56 -41.00 -30.43
N ASP D 32 2.14 -41.52 -29.35
CA ASP D 32 2.50 -42.93 -29.28
C ASP D 32 1.23 -43.77 -29.12
N ILE D 33 1.10 -44.82 -29.93
CA ILE D 33 -0.14 -45.58 -29.96
C ILE D 33 -0.41 -46.36 -28.67
N ALA D 34 0.63 -46.50 -27.85
CA ALA D 34 0.49 -47.16 -26.56
C ALA D 34 0.13 -46.17 -25.45
N PHE D 35 -0.50 -45.06 -25.83
CA PHE D 35 -0.91 -44.04 -24.87
C PHE D 35 -1.83 -44.62 -23.79
N PRO D 36 -1.73 -44.10 -22.55
CA PRO D 36 -2.62 -44.53 -21.48
C PRO D 36 -3.98 -43.82 -21.52
N VAL D 37 -4.97 -44.38 -20.84
CA VAL D 37 -6.30 -43.76 -20.76
C VAL D 37 -6.61 -43.42 -19.30
N MET D 38 -7.20 -42.25 -19.09
CA MET D 38 -7.41 -41.75 -17.72
C MET D 38 -8.66 -42.35 -17.07
N SER D 39 -9.55 -42.93 -17.88
CA SER D 39 -10.70 -43.64 -17.34
C SER D 39 -11.16 -44.77 -18.26
N GLU D 40 -11.37 -45.94 -17.66
CA GLU D 40 -11.90 -47.09 -18.38
C GLU D 40 -13.43 -47.13 -18.32
N GLU D 41 -14.03 -46.20 -17.59
CA GLU D 41 -15.49 -46.09 -17.51
C GLU D 41 -16.08 -45.03 -18.45
N VAL D 42 -15.36 -43.92 -18.64
CA VAL D 42 -15.89 -42.81 -19.45
C VAL D 42 -14.95 -42.30 -20.54
N PHE D 43 -15.54 -41.64 -21.53
CA PHE D 43 -14.81 -40.86 -22.51
C PHE D 43 -14.76 -39.41 -22.07
N ILE D 44 -13.64 -38.73 -22.31
CA ILE D 44 -13.61 -37.28 -22.28
C ILE D 44 -13.05 -36.77 -23.60
N TRP D 45 -13.37 -35.52 -23.95
CA TRP D 45 -12.67 -34.87 -25.04
C TRP D 45 -12.42 -33.40 -24.67
N ASP D 46 -13.27 -32.47 -25.09
CA ASP D 46 -13.06 -31.06 -24.76
C ASP D 46 -12.79 -30.83 -23.29
N THR D 47 -11.64 -30.23 -23.01
CA THR D 47 -11.21 -29.99 -21.64
C THR D 47 -11.21 -28.50 -21.35
N MET D 48 -11.90 -28.11 -20.29
CA MET D 48 -12.07 -26.71 -19.91
C MET D 48 -11.49 -26.48 -18.51
N PRO D 49 -10.23 -26.00 -18.44
CA PRO D 49 -9.62 -25.79 -17.13
C PRO D 49 -10.28 -24.65 -16.35
N LEU D 50 -10.32 -24.77 -15.03
CA LEU D 50 -10.85 -23.70 -14.19
C LEU D 50 -9.96 -22.47 -14.26
N ARG D 51 -10.56 -21.32 -14.54
CA ARG D 51 -9.80 -20.08 -14.66
C ARG D 51 -10.57 -18.87 -14.13
N ASP D 52 -9.89 -17.73 -14.04
CA ASP D 52 -10.51 -16.48 -13.62
C ASP D 52 -10.81 -15.58 -14.82
N PHE D 53 -11.36 -14.41 -14.56
CA PHE D 53 -11.74 -13.48 -15.61
C PHE D 53 -10.53 -12.94 -16.38
N ASP D 54 -9.34 -13.07 -15.80
CA ASP D 54 -8.11 -12.66 -16.49
C ASP D 54 -7.59 -13.73 -17.43
N GLY D 55 -8.13 -14.94 -17.29
CA GLY D 55 -7.77 -16.05 -18.16
C GLY D 55 -6.79 -17.01 -17.53
N GLU D 56 -6.34 -16.69 -16.31
CA GLU D 56 -5.33 -17.50 -15.64
C GLU D 56 -5.94 -18.76 -15.04
N ILE D 57 -5.20 -19.86 -15.14
CA ILE D 57 -5.65 -21.14 -14.62
C ILE D 57 -5.49 -21.17 -13.10
N ILE D 58 -6.59 -21.47 -12.42
CA ILE D 58 -6.65 -21.35 -10.96
C ILE D 58 -6.79 -22.71 -10.28
N SER D 59 -6.05 -22.88 -9.19
CA SER D 59 -6.25 -24.01 -8.29
C SER D 59 -6.95 -23.50 -7.03
N VAL D 60 -7.72 -24.36 -6.37
CA VAL D 60 -8.41 -23.97 -5.14
C VAL D 60 -7.99 -24.86 -3.98
N ASN D 61 -7.47 -24.23 -2.92
CA ASN D 61 -6.94 -24.94 -1.77
C ASN D 61 -5.99 -26.07 -2.17
N GLY D 62 -5.15 -25.79 -3.15
CA GLY D 62 -4.14 -26.75 -3.60
C GLY D 62 -4.68 -27.81 -4.55
N TRP D 63 -5.92 -27.67 -4.99
CA TRP D 63 -6.54 -28.60 -5.93
C TRP D 63 -6.62 -28.00 -7.32
N CYS D 64 -5.92 -28.62 -8.28
CA CYS D 64 -6.11 -28.25 -9.68
C CYS D 64 -7.46 -28.79 -10.14
N ILE D 65 -8.13 -28.05 -11.01
CA ILE D 65 -9.50 -28.38 -11.43
C ILE D 65 -9.65 -28.27 -12.94
N ILE D 66 -10.23 -29.30 -13.56
CA ILE D 66 -10.64 -29.22 -14.96
C ILE D 66 -12.07 -29.70 -15.15
N PHE D 67 -12.76 -29.07 -16.11
CA PHE D 67 -14.08 -29.51 -16.55
C PHE D 67 -13.93 -30.16 -17.92
N THR D 68 -14.64 -31.27 -18.13
CA THR D 68 -14.56 -31.99 -19.40
C THR D 68 -15.93 -32.28 -20.01
N LEU D 69 -16.03 -32.22 -21.33
CA LEU D 69 -17.14 -32.85 -22.03
C LEU D 69 -16.94 -34.35 -21.89
N THR D 70 -17.98 -35.04 -21.44
CA THR D 70 -17.86 -36.42 -21.01
C THR D 70 -19.00 -37.29 -21.52
N ALA D 71 -18.71 -38.56 -21.73
CA ALA D 71 -19.72 -39.55 -22.07
C ALA D 71 -19.28 -40.93 -21.60
N ASP D 72 -20.25 -41.81 -21.38
CA ASP D 72 -19.95 -43.15 -20.85
C ASP D 72 -19.40 -44.09 -21.93
N ARG D 73 -18.42 -44.90 -21.55
CA ARG D 73 -17.97 -46.00 -22.40
C ARG D 73 -19.00 -47.13 -22.34
N ASN D 74 -19.55 -47.49 -23.49
CA ASN D 74 -20.60 -48.48 -23.56
C ASN D 74 -20.06 -49.89 -23.79
N THR D 75 -19.05 -50.24 -23.00
CA THR D 75 -18.39 -51.54 -23.08
C THR D 75 -19.40 -52.70 -23.08
N ASP D 76 -20.45 -52.57 -22.27
CA ASP D 76 -21.42 -53.65 -22.06
C ASP D 76 -22.82 -53.40 -22.63
N ASN D 77 -22.99 -52.29 -23.34
CA ASN D 77 -24.29 -51.96 -23.91
C ASN D 77 -24.47 -52.71 -25.22
N PRO D 78 -25.53 -53.55 -25.32
CA PRO D 78 -25.75 -54.34 -26.53
C PRO D 78 -25.96 -53.48 -27.77
N GLN D 79 -26.35 -52.23 -27.56
CA GLN D 79 -26.62 -51.31 -28.64
C GLN D 79 -25.37 -51.00 -29.46
N PHE D 80 -24.21 -51.09 -28.80
CA PHE D 80 -22.94 -50.75 -29.45
C PHE D 80 -22.10 -52.00 -29.75
N GLN D 81 -22.77 -53.06 -30.20
CA GLN D 81 -22.09 -54.32 -30.49
C GLN D 81 -21.90 -54.63 -31.98
N ASP D 82 -20.71 -55.13 -32.30
CA ASP D 82 -20.39 -55.69 -33.61
C ASP D 82 -21.21 -56.94 -33.90
N GLU D 83 -21.23 -57.35 -35.16
CA GLU D 83 -21.81 -58.63 -35.52
C GLU D 83 -21.03 -59.74 -34.81
N ASN D 84 -21.78 -60.68 -34.23
CA ASN D 84 -21.25 -61.72 -33.34
C ASN D 84 -21.07 -61.17 -31.92
N GLY D 85 -21.57 -59.97 -31.70
CA GLY D 85 -21.75 -59.43 -30.35
C GLY D 85 -20.52 -58.86 -29.68
N ASN D 86 -19.61 -58.26 -30.44
CA ASN D 86 -18.42 -57.64 -29.84
C ASN D 86 -18.57 -56.13 -29.70
N TYR D 87 -17.90 -55.56 -28.70
CA TYR D 87 -17.99 -54.13 -28.45
C TYR D 87 -17.30 -53.31 -29.53
N ASP D 88 -18.08 -52.46 -30.21
CA ASP D 88 -17.55 -51.57 -31.25
C ASP D 88 -17.13 -50.23 -30.66
N ILE D 89 -15.88 -50.14 -30.23
CA ILE D 89 -15.35 -48.94 -29.60
C ILE D 89 -15.43 -47.72 -30.51
N THR D 90 -15.35 -47.95 -31.82
CA THR D 90 -15.34 -46.85 -32.78
C THR D 90 -16.71 -46.18 -32.92
N ARG D 91 -17.74 -47.00 -33.16
CA ARG D 91 -19.10 -46.48 -33.31
C ARG D 91 -19.50 -45.74 -32.04
N ASP D 92 -19.15 -46.32 -30.89
CA ASP D 92 -19.39 -45.71 -29.59
C ASP D 92 -18.76 -44.32 -29.52
N TRP D 93 -17.44 -44.28 -29.64
CA TRP D 93 -16.66 -43.05 -29.61
C TRP D 93 -17.24 -41.95 -30.50
N GLU D 94 -17.65 -42.32 -31.70
CA GLU D 94 -18.11 -41.34 -32.70
C GLU D 94 -19.54 -40.87 -32.45
N ASP D 95 -20.28 -41.58 -31.59
CA ASP D 95 -21.65 -41.21 -31.25
C ASP D 95 -21.70 -40.30 -30.00
N ARG D 96 -20.54 -39.94 -29.48
CA ARG D 96 -20.42 -39.35 -28.16
C ARG D 96 -21.04 -37.94 -28.02
N HIS D 97 -21.01 -37.17 -29.10
CA HIS D 97 -21.42 -35.77 -29.05
C HIS D 97 -22.90 -35.63 -28.67
N GLY D 98 -23.70 -36.64 -29.03
CA GLY D 98 -25.11 -36.64 -28.70
C GLY D 98 -25.43 -36.81 -27.22
N ARG D 99 -24.51 -37.45 -26.49
CA ARG D 99 -24.71 -37.71 -25.06
C ARG D 99 -23.69 -36.94 -24.22
N ALA D 100 -23.23 -35.82 -24.73
CA ALA D 100 -22.24 -34.98 -24.04
C ALA D 100 -22.78 -34.41 -22.73
N ARG D 101 -22.08 -34.72 -21.64
CA ARG D 101 -22.36 -34.12 -20.33
C ARG D 101 -21.07 -33.51 -19.77
N ILE D 102 -21.21 -32.44 -18.99
CA ILE D 102 -20.04 -31.78 -18.41
C ILE D 102 -19.75 -32.34 -17.02
N CYS D 103 -18.55 -32.88 -16.86
CA CYS D 103 -18.07 -33.41 -15.60
C CYS D 103 -16.83 -32.64 -15.16
N TYR D 104 -16.39 -32.86 -13.93
CA TYR D 104 -15.18 -32.22 -13.43
C TYR D 104 -14.21 -33.24 -12.85
N TRP D 105 -12.92 -32.90 -12.89
CA TRP D 105 -11.87 -33.72 -12.32
C TRP D 105 -11.02 -32.84 -11.41
N TYR D 106 -10.29 -33.45 -10.49
CA TYR D 106 -9.40 -32.70 -9.61
C TYR D 106 -8.10 -33.43 -9.31
N SER D 107 -7.06 -32.67 -9.01
CA SER D 107 -5.74 -33.21 -8.72
C SER D 107 -4.82 -32.19 -8.05
N ARG D 108 -3.99 -32.68 -7.13
CA ARG D 108 -2.95 -31.86 -6.49
C ARG D 108 -1.73 -31.66 -7.39
N THR D 109 -1.61 -32.47 -8.43
CA THR D 109 -0.39 -32.52 -9.26
C THR D 109 -0.57 -31.87 -10.62
N GLY D 110 -1.81 -31.71 -11.05
CA GLY D 110 -2.11 -31.18 -12.37
C GLY D 110 -2.16 -32.29 -13.40
N LYS D 111 -2.20 -33.52 -12.89
CA LYS D 111 -2.10 -34.74 -13.68
C LYS D 111 -2.63 -35.88 -12.83
N ASP D 112 -2.80 -37.05 -13.42
CA ASP D 112 -3.32 -38.21 -12.70
C ASP D 112 -4.66 -37.85 -12.09
N TRP D 113 -5.61 -37.47 -12.94
CA TRP D 113 -6.84 -36.83 -12.51
C TRP D 113 -7.81 -37.79 -11.83
N ILE D 114 -8.43 -37.31 -10.78
CA ILE D 114 -9.46 -38.04 -10.06
C ILE D 114 -10.82 -37.62 -10.58
N PHE D 115 -11.69 -38.59 -10.84
CA PHE D 115 -13.03 -38.30 -11.36
C PHE D 115 -13.92 -37.80 -10.24
N GLY D 116 -14.42 -36.58 -10.41
CA GLY D 116 -15.30 -35.97 -9.43
C GLY D 116 -16.76 -36.13 -9.83
N GLY D 117 -16.97 -36.54 -11.08
CA GLY D 117 -18.30 -36.81 -11.57
C GLY D 117 -19.01 -35.62 -12.19
N ARG D 118 -20.33 -35.69 -12.14
CA ARG D 118 -21.20 -34.79 -12.87
C ARG D 118 -21.34 -33.44 -12.20
N VAL D 119 -21.35 -32.36 -13.00
CA VAL D 119 -21.49 -31.00 -12.47
C VAL D 119 -22.97 -30.67 -12.24
N MET D 120 -23.80 -30.89 -13.26
CA MET D 120 -25.24 -30.68 -13.16
C MET D 120 -25.98 -32.01 -13.11
N ALA D 121 -26.92 -32.12 -12.18
CA ALA D 121 -27.76 -33.31 -12.12
C ALA D 121 -28.59 -33.41 -13.40
N GLU D 122 -28.88 -34.64 -13.81
CA GLU D 122 -29.69 -34.88 -15.01
C GLU D 122 -31.00 -34.10 -14.94
N GLY D 123 -31.30 -33.36 -16.00
CA GLY D 123 -32.56 -32.63 -16.09
C GLY D 123 -32.44 -31.16 -15.74
N VAL D 124 -31.31 -30.76 -15.18
CA VAL D 124 -31.08 -29.36 -14.86
C VAL D 124 -30.85 -28.55 -16.13
N SER D 125 -30.03 -29.04 -17.00
CA SER D 125 -29.77 -28.38 -18.28
C SER D 125 -31.02 -28.43 -19.15
N PRO D 126 -31.38 -27.22 -19.68
CA PRO D 126 -32.57 -27.17 -20.56
C PRO D 126 -32.49 -28.15 -21.72
N THR D 127 -31.31 -28.30 -22.29
CA THR D 127 -31.07 -29.31 -23.31
C THR D 127 -30.28 -30.47 -22.70
N THR D 128 -30.52 -31.68 -23.20
CA THR D 128 -29.82 -32.86 -22.69
C THR D 128 -28.34 -32.76 -23.00
N ARG D 129 -28.01 -32.24 -24.20
CA ARG D 129 -26.62 -32.01 -24.56
C ARG D 129 -26.03 -30.85 -23.77
N GLU D 130 -24.93 -31.11 -23.08
CA GLU D 130 -24.14 -30.08 -22.44
C GLU D 130 -22.83 -29.91 -23.20
N TRP D 131 -22.77 -28.92 -24.08
CA TRP D 131 -21.60 -28.71 -24.91
C TRP D 131 -20.66 -27.65 -24.31
N ALA D 132 -19.56 -27.40 -24.99
CA ALA D 132 -18.39 -26.77 -24.37
C ALA D 132 -18.58 -25.30 -24.01
N GLY D 133 -17.74 -24.83 -23.11
CA GLY D 133 -17.78 -23.46 -22.63
C GLY D 133 -16.61 -23.15 -21.72
N THR D 134 -16.86 -22.38 -20.67
CA THR D 134 -15.82 -22.00 -19.72
C THR D 134 -16.33 -21.97 -18.29
N PRO D 135 -15.60 -22.64 -17.37
CA PRO D 135 -15.91 -22.46 -15.96
C PRO D 135 -15.08 -21.30 -15.39
N ILE D 136 -15.76 -20.36 -14.75
CA ILE D 136 -15.11 -19.17 -14.21
C ILE D 136 -15.17 -19.15 -12.70
N LEU D 137 -14.03 -18.89 -12.08
CA LEU D 137 -13.98 -18.70 -10.64
C LEU D 137 -14.21 -17.22 -10.33
N LEU D 138 -15.39 -16.92 -9.82
CA LEU D 138 -15.77 -15.56 -9.47
C LEU D 138 -15.09 -15.09 -8.19
N ASN D 139 -14.93 -16.02 -7.24
CA ASN D 139 -14.75 -15.67 -5.85
C ASN D 139 -13.64 -16.46 -5.20
N ASP D 140 -13.10 -15.92 -4.12
CA ASP D 140 -12.25 -16.67 -3.23
C ASP D 140 -13.13 -17.34 -2.18
N ARG D 141 -14.43 -17.16 -2.26
CA ARG D 141 -15.34 -17.92 -1.41
C ARG D 141 -15.73 -19.22 -2.11
N GLY D 142 -15.31 -19.37 -3.37
CA GLY D 142 -15.48 -20.61 -4.12
C GLY D 142 -16.63 -20.61 -5.12
N ASP D 143 -17.24 -19.46 -5.34
CA ASP D 143 -18.35 -19.37 -6.30
C ASP D 143 -17.86 -19.51 -7.74
N ILE D 144 -18.61 -20.28 -8.53
CA ILE D 144 -18.25 -20.56 -9.92
C ILE D 144 -19.44 -20.34 -10.86
N ASP D 145 -19.22 -19.56 -11.92
CA ASP D 145 -20.16 -19.48 -13.03
C ASP D 145 -19.68 -20.36 -14.18
N LEU D 146 -20.41 -21.43 -14.45
CA LEU D 146 -20.11 -22.28 -15.60
C LEU D 146 -20.86 -21.79 -16.84
N TYR D 147 -20.13 -21.13 -17.73
CA TYR D 147 -20.69 -20.76 -19.03
C TYR D 147 -20.56 -21.96 -19.95
N TYR D 148 -21.67 -22.36 -20.56
CA TYR D 148 -21.66 -23.52 -21.46
C TYR D 148 -22.74 -23.37 -22.52
N THR D 149 -22.81 -24.34 -23.42
CA THR D 149 -23.70 -24.26 -24.58
C THR D 149 -24.83 -25.29 -24.53
N CYS D 150 -26.06 -24.78 -24.64
CA CYS D 150 -27.24 -25.62 -24.74
C CYS D 150 -27.61 -25.87 -26.20
N VAL D 151 -27.50 -27.13 -26.62
CA VAL D 151 -27.70 -27.50 -28.03
C VAL D 151 -28.81 -28.54 -28.21
N THR D 152 -29.70 -28.26 -29.16
CA THR D 152 -30.78 -29.17 -29.56
C THR D 152 -31.84 -29.34 -28.46
N PRO D 153 -32.99 -28.66 -28.61
CA PRO D 153 -33.37 -27.75 -29.69
C PRO D 153 -32.54 -26.47 -29.75
N GLY D 154 -32.17 -26.04 -30.95
CA GLY D 154 -31.47 -24.78 -31.14
C GLY D 154 -30.03 -24.79 -30.64
N ALA D 155 -29.48 -23.60 -30.46
CA ALA D 155 -28.16 -23.44 -29.88
C ALA D 155 -28.14 -22.15 -29.07
N THR D 156 -27.99 -22.29 -27.76
CA THR D 156 -28.11 -21.18 -26.84
C THR D 156 -26.95 -21.14 -25.87
N ILE D 157 -26.31 -19.98 -25.76
CA ILE D 157 -25.28 -19.77 -24.75
C ILE D 157 -25.95 -19.50 -23.42
N ALA D 158 -25.46 -20.15 -22.38
CA ALA D 158 -26.08 -20.09 -21.07
C ALA D 158 -25.03 -20.15 -19.98
N LYS D 159 -25.46 -19.92 -18.75
CA LYS D 159 -24.58 -20.05 -17.60
C LYS D 159 -25.33 -20.67 -16.43
N VAL D 160 -24.59 -21.34 -15.55
CA VAL D 160 -25.17 -21.95 -14.36
C VAL D 160 -24.23 -21.71 -13.20
N ARG D 161 -24.76 -21.12 -12.12
CA ARG D 161 -23.93 -20.82 -10.96
C ARG D 161 -23.90 -22.00 -10.01
N GLY D 162 -22.72 -22.22 -9.43
CA GLY D 162 -22.53 -23.21 -8.41
C GLY D 162 -21.39 -22.80 -7.50
N LYS D 163 -20.83 -23.77 -6.79
CA LYS D 163 -19.82 -23.49 -5.79
C LYS D 163 -18.94 -24.70 -5.55
N ILE D 164 -17.64 -24.47 -5.42
CA ILE D 164 -16.68 -25.55 -5.18
C ILE D 164 -16.31 -25.62 -3.70
N VAL D 165 -16.34 -26.84 -3.17
CA VAL D 165 -16.02 -27.11 -1.78
C VAL D 165 -14.96 -28.20 -1.73
N THR D 166 -13.81 -27.89 -1.14
CA THR D 166 -12.70 -28.85 -1.08
C THR D 166 -12.54 -29.44 0.30
N SER D 167 -12.22 -30.73 0.33
CA SER D 167 -11.82 -31.40 1.56
C SER D 167 -10.34 -31.67 1.49
N ASP D 168 -9.84 -32.48 2.43
CA ASP D 168 -8.42 -32.76 2.50
C ASP D 168 -8.01 -33.78 1.43
N GLN D 169 -8.95 -34.65 1.06
CA GLN D 169 -8.66 -35.75 0.14
C GLN D 169 -9.65 -35.85 -1.02
N SER D 170 -10.54 -34.87 -1.13
CA SER D 170 -11.53 -34.87 -2.21
C SER D 170 -12.04 -33.47 -2.53
N VAL D 171 -12.77 -33.36 -3.64
CA VAL D 171 -13.36 -32.10 -4.07
C VAL D 171 -14.80 -32.37 -4.52
N SER D 172 -15.72 -31.52 -4.08
CA SER D 172 -17.12 -31.65 -4.49
C SER D 172 -17.71 -30.30 -4.88
N LEU D 173 -18.88 -30.34 -5.49
CA LEU D 173 -19.55 -29.15 -5.99
C LEU D 173 -20.93 -28.98 -5.35
N GLU D 174 -21.32 -27.73 -5.14
CA GLU D 174 -22.64 -27.40 -4.62
C GLU D 174 -23.33 -26.44 -5.56
N GLY D 175 -24.66 -26.42 -5.53
CA GLY D 175 -25.43 -25.61 -6.45
C GLY D 175 -25.50 -26.24 -7.82
N PHE D 176 -25.30 -25.41 -8.85
CA PHE D 176 -25.45 -25.85 -10.23
C PHE D 176 -26.83 -26.49 -10.41
N GLN D 177 -27.85 -25.79 -9.93
CA GLN D 177 -29.21 -26.30 -9.94
C GLN D 177 -30.12 -25.54 -10.90
N GLN D 178 -29.73 -24.34 -11.29
CA GLN D 178 -30.54 -23.53 -12.21
C GLN D 178 -29.70 -22.90 -13.31
N VAL D 179 -30.11 -23.14 -14.55
CA VAL D 179 -29.42 -22.66 -15.73
C VAL D 179 -30.06 -21.36 -16.22
N THR D 180 -29.22 -20.37 -16.53
CA THR D 180 -29.69 -19.11 -17.10
C THR D 180 -29.30 -19.00 -18.57
N SER D 181 -30.31 -18.96 -19.44
CA SER D 181 -30.08 -18.73 -20.86
C SER D 181 -29.81 -17.24 -21.06
N LEU D 182 -28.73 -16.93 -21.77
CA LEU D 182 -28.28 -15.56 -21.96
C LEU D 182 -28.68 -14.99 -23.33
N PHE D 183 -28.19 -15.60 -24.39
CA PHE D 183 -28.56 -15.18 -25.74
C PHE D 183 -28.31 -16.28 -26.75
N SER D 184 -28.91 -16.11 -27.93
CA SER D 184 -28.74 -17.04 -29.03
C SER D 184 -28.41 -16.24 -30.29
N ALA D 185 -28.22 -16.92 -31.42
CA ALA D 185 -27.95 -16.23 -32.67
C ALA D 185 -29.10 -15.27 -33.01
N ASP D 186 -28.76 -14.09 -33.50
CA ASP D 186 -29.73 -13.02 -33.73
C ASP D 186 -30.31 -12.98 -35.14
N GLY D 187 -29.49 -13.27 -36.14
CA GLY D 187 -29.93 -13.26 -37.53
C GLY D 187 -29.48 -12.04 -38.33
N THR D 188 -29.15 -10.95 -37.64
CA THR D 188 -28.60 -9.77 -38.31
C THR D 188 -27.08 -9.85 -38.39
N ILE D 189 -26.45 -10.20 -37.27
CA ILE D 189 -25.00 -10.30 -37.18
C ILE D 189 -24.54 -11.75 -37.25
N TYR D 190 -25.11 -12.59 -36.39
CA TYR D 190 -24.76 -14.01 -36.36
C TYR D 190 -25.88 -14.90 -36.93
N GLN D 191 -25.47 -15.96 -37.62
CA GLN D 191 -26.37 -16.81 -38.40
C GLN D 191 -27.28 -17.69 -37.55
N THR D 192 -28.55 -17.80 -37.96
CA THR D 192 -29.55 -18.56 -37.21
C THR D 192 -29.84 -19.93 -37.85
N GLU D 193 -30.59 -20.75 -37.11
CA GLU D 193 -31.03 -22.05 -37.60
C GLU D 193 -31.95 -21.88 -38.81
N GLU D 194 -32.86 -20.92 -38.71
CA GLU D 194 -33.70 -20.52 -39.85
C GLU D 194 -32.91 -20.37 -41.14
N GLN D 195 -31.79 -19.68 -41.05
CA GLN D 195 -30.96 -19.35 -42.21
C GLN D 195 -30.10 -20.52 -42.65
N ASN D 196 -29.75 -21.39 -41.70
CA ASN D 196 -28.85 -22.50 -41.97
C ASN D 196 -29.07 -23.62 -40.96
N ALA D 197 -29.50 -24.78 -41.45
CA ALA D 197 -29.75 -25.93 -40.58
C ALA D 197 -28.47 -26.43 -39.93
N PHE D 198 -27.33 -26.10 -40.54
CA PHE D 198 -26.02 -26.51 -40.04
C PHE D 198 -25.26 -25.36 -39.36
N TRP D 199 -26.00 -24.33 -38.95
CA TRP D 199 -25.39 -23.14 -38.35
C TRP D 199 -24.56 -23.47 -37.10
N ASN D 200 -23.55 -22.65 -36.86
CA ASN D 200 -22.66 -22.82 -35.71
C ASN D 200 -22.88 -21.70 -34.69
N PHE D 201 -23.04 -22.08 -33.43
CA PHE D 201 -23.19 -21.12 -32.34
C PHE D 201 -22.91 -21.79 -31.02
N ARG D 202 -21.73 -21.53 -30.43
CA ARG D 202 -21.33 -22.21 -29.21
C ARG D 202 -20.03 -21.68 -28.62
N ASP D 203 -19.67 -22.22 -27.46
CA ASP D 203 -18.35 -22.05 -26.84
C ASP D 203 -18.08 -20.67 -26.26
N PRO D 204 -18.80 -20.30 -25.19
CA PRO D 204 -18.53 -19.03 -24.51
C PRO D 204 -17.21 -19.04 -23.74
N SER D 205 -16.34 -18.07 -24.02
CA SER D 205 -15.18 -17.81 -23.17
C SER D 205 -15.22 -16.38 -22.67
N PRO D 206 -15.77 -16.16 -21.45
CA PRO D 206 -15.81 -14.83 -20.86
C PRO D 206 -14.45 -14.32 -20.40
N PHE D 207 -14.29 -13.00 -20.37
CA PHE D 207 -13.08 -12.38 -19.87
C PHE D 207 -13.35 -10.92 -19.53
N ILE D 208 -12.66 -10.42 -18.50
CA ILE D 208 -12.66 -8.99 -18.23
C ILE D 208 -11.48 -8.34 -18.92
N ASP D 209 -11.75 -7.38 -19.78
CA ASP D 209 -10.68 -6.61 -20.40
C ASP D 209 -10.14 -5.56 -19.43
N ARG D 210 -8.84 -5.57 -19.19
CA ARG D 210 -8.24 -4.66 -18.22
C ARG D 210 -8.11 -3.22 -18.72
N ASN D 211 -7.98 -3.04 -20.03
CA ASN D 211 -7.84 -1.68 -20.55
C ASN D 211 -9.13 -0.87 -20.45
N ASP D 212 -10.27 -1.54 -20.42
CA ASP D 212 -11.58 -0.87 -20.40
C ASP D 212 -12.34 -1.20 -19.09
N GLY D 213 -12.01 -2.35 -18.49
CA GLY D 213 -12.68 -2.82 -17.28
C GLY D 213 -14.01 -3.54 -17.46
N LYS D 214 -14.43 -3.75 -18.69
CA LYS D 214 -15.74 -4.36 -18.95
C LYS D 214 -15.68 -5.87 -19.11
N LEU D 215 -16.83 -6.51 -18.92
CA LEU D 215 -16.95 -7.96 -19.08
C LEU D 215 -17.35 -8.32 -20.51
N TYR D 216 -16.58 -9.22 -21.10
CA TYR D 216 -16.80 -9.66 -22.48
C TYR D 216 -16.85 -11.17 -22.56
N MET D 217 -17.24 -11.67 -23.73
CA MET D 217 -17.04 -13.07 -24.05
C MET D 217 -16.83 -13.26 -25.55
N LEU D 218 -15.94 -14.18 -25.91
CA LEU D 218 -15.87 -14.68 -27.27
C LEU D 218 -16.80 -15.89 -27.43
N PHE D 219 -17.16 -16.20 -28.67
CA PHE D 219 -17.90 -17.42 -28.97
C PHE D 219 -17.79 -17.74 -30.45
N GLU D 220 -17.98 -19.01 -30.80
CA GLU D 220 -18.02 -19.39 -32.20
C GLU D 220 -19.34 -19.00 -32.81
N GLY D 221 -19.29 -18.52 -34.05
CA GLY D 221 -20.51 -18.22 -34.79
C GLY D 221 -20.33 -18.39 -36.29
N ASN D 222 -21.40 -18.09 -37.02
CA ASN D 222 -21.34 -17.94 -38.46
C ASN D 222 -21.81 -16.55 -38.82
N VAL D 223 -21.31 -15.99 -39.91
CA VAL D 223 -21.78 -14.69 -40.38
C VAL D 223 -23.23 -14.82 -40.81
N ALA D 224 -24.06 -13.87 -40.37
CA ALA D 224 -25.49 -13.92 -40.65
C ALA D 224 -25.79 -13.91 -42.14
N GLY D 225 -26.97 -14.42 -42.49
CA GLY D 225 -27.42 -14.50 -43.86
C GLY D 225 -27.83 -15.92 -44.19
N PRO D 226 -28.79 -16.09 -45.10
CA PRO D 226 -29.17 -17.45 -45.53
C PRO D 226 -27.98 -18.20 -46.11
N ARG D 227 -27.96 -19.51 -45.94
CA ARG D 227 -26.82 -20.32 -46.35
C ARG D 227 -26.56 -20.22 -47.85
N GLY D 228 -25.31 -19.93 -48.21
CA GLY D 228 -24.90 -19.85 -49.60
C GLY D 228 -25.18 -18.50 -50.25
N SER D 229 -25.68 -17.56 -49.47
CA SER D 229 -25.98 -16.21 -49.97
C SER D 229 -24.77 -15.27 -49.86
N HIS D 230 -23.81 -15.62 -48.99
CA HIS D 230 -22.57 -14.85 -48.83
C HIS D 230 -21.81 -14.71 -50.14
N GLU D 231 -21.27 -13.53 -50.40
CA GLU D 231 -20.45 -13.30 -51.58
C GLU D 231 -18.97 -13.38 -51.24
N ILE D 232 -18.19 -13.93 -52.15
CA ILE D 232 -16.73 -13.86 -52.03
C ILE D 232 -16.29 -12.64 -52.84
N THR D 233 -16.04 -11.53 -52.15
CA THR D 233 -15.49 -10.35 -52.80
C THR D 233 -13.98 -10.43 -52.72
N GLN D 234 -13.29 -9.42 -53.22
CA GLN D 234 -11.84 -9.43 -53.22
C GLN D 234 -11.31 -9.23 -51.80
N ALA D 235 -12.19 -8.77 -50.91
CA ALA D 235 -11.85 -8.67 -49.49
C ALA D 235 -11.59 -10.06 -48.90
N GLU D 236 -12.52 -10.98 -49.14
CA GLU D 236 -12.42 -12.34 -48.62
C GLU D 236 -11.30 -13.12 -49.32
N MET D 237 -11.10 -12.82 -50.60
CA MET D 237 -10.04 -13.44 -51.38
C MET D 237 -8.68 -13.14 -50.77
N GLY D 238 -8.46 -11.90 -50.39
CA GLY D 238 -7.15 -11.43 -50.02
C GLY D 238 -6.36 -11.25 -51.31
N ASN D 239 -5.05 -11.09 -51.19
CA ASN D 239 -4.19 -10.91 -52.35
C ASN D 239 -3.61 -12.24 -52.82
N VAL D 240 -4.45 -13.02 -53.51
CA VAL D 240 -4.09 -14.35 -53.95
C VAL D 240 -3.11 -14.34 -55.12
N PRO D 241 -2.29 -15.39 -55.26
CA PRO D 241 -1.36 -15.48 -56.38
C PRO D 241 -2.08 -15.74 -57.69
N PRO D 242 -1.44 -15.42 -58.82
CA PRO D 242 -2.08 -15.78 -60.11
C PRO D 242 -2.27 -17.29 -60.24
N GLY D 243 -3.43 -17.70 -60.75
CA GLY D 243 -3.76 -19.11 -60.89
C GLY D 243 -4.57 -19.67 -59.73
N TYR D 244 -4.89 -18.82 -58.76
CA TYR D 244 -5.60 -19.25 -57.55
C TYR D 244 -6.89 -18.47 -57.34
N GLU D 245 -7.56 -18.12 -58.44
CA GLU D 245 -8.80 -17.35 -58.39
C GLU D 245 -10.04 -18.24 -58.27
N ASP D 246 -9.83 -19.56 -58.34
CA ASP D 246 -10.93 -20.53 -58.32
C ASP D 246 -11.29 -20.91 -56.88
N VAL D 247 -12.52 -20.62 -56.46
CA VAL D 247 -12.92 -20.80 -55.07
C VAL D 247 -13.92 -21.93 -54.84
N GLY D 248 -14.39 -22.55 -55.92
CA GLY D 248 -15.37 -23.62 -55.83
C GLY D 248 -16.61 -23.23 -55.03
N GLY D 249 -16.94 -24.05 -54.02
CA GLY D 249 -18.11 -23.82 -53.20
C GLY D 249 -17.80 -23.05 -51.93
N ALA D 250 -16.83 -22.15 -52.01
CA ALA D 250 -16.38 -21.37 -50.86
C ALA D 250 -17.52 -20.58 -50.22
N LYS D 251 -18.54 -20.25 -51.01
CA LYS D 251 -19.66 -19.44 -50.52
C LYS D 251 -20.35 -20.04 -49.29
N TYR D 252 -20.17 -21.35 -49.09
CA TYR D 252 -20.84 -22.06 -48.01
C TYR D 252 -20.06 -22.09 -46.70
N GLN D 253 -18.82 -21.64 -46.73
CA GLN D 253 -18.01 -21.50 -45.50
C GLN D 253 -18.09 -20.06 -44.99
N ALA D 254 -18.59 -19.88 -43.77
CA ALA D 254 -18.80 -18.54 -43.23
C ALA D 254 -18.52 -18.49 -41.73
N GLY D 255 -17.48 -19.17 -41.28
CA GLY D 255 -17.12 -19.20 -39.88
C GLY D 255 -16.72 -17.84 -39.34
N CYS D 256 -16.93 -17.62 -38.05
CA CYS D 256 -16.49 -16.39 -37.40
C CYS D 256 -16.34 -16.54 -35.89
N VAL D 257 -15.49 -15.69 -35.31
CA VAL D 257 -15.36 -15.58 -33.87
C VAL D 257 -16.19 -14.39 -33.38
N GLY D 258 -17.27 -14.68 -32.65
CA GLY D 258 -18.17 -13.63 -32.21
C GLY D 258 -17.73 -12.94 -30.93
N LEU D 259 -18.32 -11.78 -30.67
CA LEU D 259 -18.03 -10.99 -29.47
C LEU D 259 -19.32 -10.48 -28.85
N ALA D 260 -19.40 -10.56 -27.53
CA ALA D 260 -20.49 -9.95 -26.79
C ALA D 260 -19.94 -9.23 -25.56
N VAL D 261 -20.70 -8.27 -25.07
CA VAL D 261 -20.32 -7.51 -23.89
C VAL D 261 -21.47 -7.50 -22.89
N ALA D 262 -21.12 -7.56 -21.60
CA ALA D 262 -22.13 -7.55 -20.55
C ALA D 262 -22.44 -6.13 -20.10
N LYS D 263 -23.65 -5.95 -19.60
CA LYS D 263 -24.11 -4.66 -19.08
C LYS D 263 -23.34 -4.30 -17.82
N ASP D 264 -23.03 -5.33 -17.04
CA ASP D 264 -22.22 -5.19 -15.85
C ASP D 264 -21.49 -6.49 -15.53
N LEU D 265 -20.67 -6.46 -14.50
CA LEU D 265 -19.78 -7.58 -14.18
C LEU D 265 -20.48 -8.84 -13.69
N SER D 266 -21.76 -8.72 -13.36
CA SER D 266 -22.53 -9.90 -12.94
C SER D 266 -22.69 -10.87 -14.11
N GLY D 267 -22.63 -10.34 -15.32
CA GLY D 267 -22.74 -11.17 -16.52
C GLY D 267 -24.13 -11.77 -16.67
N SER D 268 -25.14 -11.01 -16.31
CA SER D 268 -26.52 -11.49 -16.36
C SER D 268 -27.17 -11.23 -17.72
N GLU D 269 -26.89 -10.06 -18.28
CA GLU D 269 -27.44 -9.67 -19.58
C GLU D 269 -26.32 -9.29 -20.55
N TRP D 270 -26.50 -9.62 -21.82
CA TRP D 270 -25.43 -9.49 -22.81
C TRP D 270 -25.83 -8.76 -24.09
N GLN D 271 -24.99 -7.82 -24.49
CA GLN D 271 -25.13 -7.13 -25.77
C GLN D 271 -24.27 -7.79 -26.84
N ILE D 272 -24.93 -8.36 -27.84
CA ILE D 272 -24.27 -8.94 -28.99
C ILE D 272 -23.56 -7.86 -29.81
N LEU D 273 -22.31 -8.14 -30.21
CA LEU D 273 -21.50 -7.20 -30.96
C LEU D 273 -21.02 -7.81 -32.28
N PRO D 274 -20.50 -6.98 -33.19
CA PRO D 274 -19.93 -7.51 -34.44
C PRO D 274 -18.76 -8.46 -34.18
N PRO D 275 -18.51 -9.41 -35.08
CA PRO D 275 -17.43 -10.38 -34.87
C PRO D 275 -16.04 -9.75 -34.92
N LEU D 276 -15.06 -10.44 -34.32
CA LEU D 276 -13.68 -10.01 -34.33
C LEU D 276 -12.96 -10.60 -35.53
N ILE D 277 -13.26 -11.87 -35.80
CA ILE D 277 -12.65 -12.61 -36.91
C ILE D 277 -13.74 -13.25 -37.76
N THR D 278 -13.67 -13.05 -39.07
CA THR D 278 -14.57 -13.73 -40.01
C THR D 278 -13.75 -14.51 -41.02
N ALA D 279 -14.27 -15.66 -41.42
CA ALA D 279 -13.54 -16.58 -42.29
C ALA D 279 -14.38 -16.98 -43.49
N VAL D 280 -15.21 -16.05 -43.96
CA VAL D 280 -16.02 -16.29 -45.14
C VAL D 280 -15.14 -16.64 -46.32
N GLY D 281 -15.44 -17.76 -46.96
CA GLY D 281 -14.67 -18.22 -48.11
C GLY D 281 -13.42 -19.00 -47.73
N VAL D 282 -13.24 -19.26 -46.44
CA VAL D 282 -12.02 -19.88 -45.94
C VAL D 282 -12.31 -21.11 -45.09
N ASN D 283 -13.03 -20.92 -43.99
CA ASN D 283 -13.36 -22.03 -43.10
C ASN D 283 -14.71 -21.81 -42.44
N ASP D 284 -15.46 -22.89 -42.27
CA ASP D 284 -16.80 -22.82 -41.71
C ASP D 284 -16.80 -22.80 -40.18
N GLN D 285 -15.75 -23.35 -39.58
CA GLN D 285 -15.72 -23.56 -38.13
C GLN D 285 -14.48 -22.95 -37.47
N THR D 286 -14.71 -21.90 -36.71
CA THR D 286 -13.71 -21.34 -35.81
C THR D 286 -14.21 -21.54 -34.38
N GLU D 287 -13.85 -22.67 -33.79
CA GLU D 287 -14.44 -23.10 -32.52
C GLU D 287 -13.59 -22.73 -31.32
N ARG D 288 -14.18 -22.89 -30.13
CA ARG D 288 -13.54 -22.62 -28.84
C ARG D 288 -12.59 -21.43 -28.86
N PRO D 289 -13.09 -20.25 -29.22
CA PRO D 289 -12.23 -19.08 -29.17
C PRO D 289 -11.81 -18.76 -27.74
N HIS D 290 -10.57 -18.32 -27.55
CA HIS D 290 -10.09 -17.96 -26.23
C HIS D 290 -8.86 -17.06 -26.32
N PHE D 291 -8.74 -16.15 -25.35
CA PHE D 291 -7.66 -15.16 -25.32
C PHE D 291 -6.50 -15.57 -24.44
N VAL D 292 -5.29 -15.22 -24.89
CA VAL D 292 -4.15 -15.08 -24.00
C VAL D 292 -3.73 -13.62 -24.03
N PHE D 293 -3.62 -13.01 -22.85
CA PHE D 293 -3.16 -11.63 -22.76
C PHE D 293 -1.68 -11.61 -22.42
N GLN D 294 -0.86 -11.11 -23.36
CA GLN D 294 0.58 -11.12 -23.17
C GLN D 294 1.25 -9.97 -23.92
N ASP D 295 2.23 -9.37 -23.26
CA ASP D 295 3.02 -8.27 -23.84
C ASP D 295 2.13 -7.15 -24.39
N GLY D 296 1.06 -6.83 -23.66
CA GLY D 296 0.17 -5.75 -24.07
C GLY D 296 -0.67 -6.10 -25.29
N LYS D 297 -0.61 -7.36 -25.71
CA LYS D 297 -1.29 -7.80 -26.94
C LYS D 297 -2.43 -8.79 -26.67
N TYR D 298 -3.34 -8.87 -27.63
CA TYR D 298 -4.47 -9.79 -27.57
C TYR D 298 -4.21 -11.01 -28.45
N TYR D 299 -3.97 -12.16 -27.86
CA TYR D 299 -3.73 -13.38 -28.62
C TYR D 299 -5.00 -14.22 -28.70
N LEU D 300 -5.70 -14.10 -29.81
CA LEU D 300 -6.97 -14.78 -30.03
C LEU D 300 -6.75 -16.13 -30.72
N PHE D 301 -7.01 -17.20 -29.98
CA PHE D 301 -6.85 -18.56 -30.51
C PHE D 301 -8.21 -19.16 -30.81
N THR D 302 -8.26 -19.99 -31.85
CA THR D 302 -9.46 -20.70 -32.22
C THR D 302 -9.11 -21.98 -32.95
N ILE D 303 -9.83 -23.05 -32.64
CA ILE D 303 -9.54 -24.37 -33.21
C ILE D 303 -10.39 -24.62 -34.45
N SER D 304 -9.89 -25.41 -35.37
CA SER D 304 -10.62 -25.71 -36.60
C SER D 304 -10.20 -27.06 -37.19
N HIS D 305 -10.89 -27.48 -38.24
CA HIS D 305 -10.64 -28.76 -38.89
C HIS D 305 -10.06 -28.61 -40.28
N LYS D 306 -9.20 -29.55 -40.65
CA LYS D 306 -8.80 -29.76 -42.03
C LYS D 306 -9.99 -29.74 -42.99
N TYR D 307 -11.02 -30.52 -42.68
CA TYR D 307 -12.13 -30.73 -43.60
C TYR D 307 -13.29 -29.73 -43.44
N THR D 308 -13.05 -28.65 -42.72
CA THR D 308 -14.00 -27.53 -42.69
C THR D 308 -13.43 -26.34 -43.47
N PHE D 309 -12.24 -26.52 -44.03
CA PHE D 309 -11.66 -25.54 -44.96
C PHE D 309 -12.45 -25.49 -46.27
N ALA D 310 -12.45 -24.33 -46.91
CA ALA D 310 -13.15 -24.16 -48.19
C ALA D 310 -12.39 -24.88 -49.29
N ASP D 311 -13.01 -25.00 -50.46
CA ASP D 311 -12.40 -25.65 -51.61
C ASP D 311 -11.10 -24.95 -52.01
N ASN D 312 -10.11 -25.74 -52.41
CA ASN D 312 -8.82 -25.23 -52.89
C ASN D 312 -8.05 -24.52 -51.79
N LEU D 313 -8.43 -24.82 -50.55
CA LEU D 313 -7.70 -24.39 -49.37
C LEU D 313 -7.54 -25.62 -48.48
N THR D 314 -6.42 -25.71 -47.76
CA THR D 314 -6.26 -26.80 -46.82
C THR D 314 -5.32 -26.45 -45.68
N GLY D 315 -5.55 -27.11 -44.55
CA GLY D 315 -4.72 -26.95 -43.37
C GLY D 315 -4.95 -28.16 -42.48
N PRO D 316 -4.09 -28.36 -41.48
CA PRO D 316 -4.29 -29.50 -40.57
C PRO D 316 -5.30 -29.22 -39.47
N ASP D 317 -5.80 -30.27 -38.83
CA ASP D 317 -6.55 -30.12 -37.59
C ASP D 317 -5.63 -29.54 -36.53
N GLY D 318 -6.16 -28.63 -35.72
CA GLY D 318 -5.36 -27.98 -34.70
C GLY D 318 -5.91 -26.64 -34.26
N VAL D 319 -5.06 -25.83 -33.64
CA VAL D 319 -5.45 -24.49 -33.20
C VAL D 319 -4.82 -23.44 -34.08
N TYR D 320 -5.64 -22.47 -34.48
CA TYR D 320 -5.20 -21.32 -35.26
C TYR D 320 -5.24 -20.09 -34.37
N GLY D 321 -4.60 -19.01 -34.81
CA GLY D 321 -4.45 -17.85 -33.94
C GLY D 321 -4.24 -16.52 -34.64
N PHE D 322 -4.60 -15.45 -33.93
CA PHE D 322 -4.47 -14.09 -34.44
C PHE D 322 -4.06 -13.16 -33.30
N VAL D 323 -3.23 -12.16 -33.61
CA VAL D 323 -2.75 -11.23 -32.59
C VAL D 323 -3.06 -9.77 -32.96
N SER D 324 -3.41 -8.98 -31.95
CA SER D 324 -3.71 -7.56 -32.14
C SER D 324 -3.26 -6.72 -30.95
N ASP D 325 -3.05 -5.43 -31.18
CA ASP D 325 -2.74 -4.48 -30.11
C ASP D 325 -4.00 -4.06 -29.35
N LYS D 326 -5.16 -4.25 -29.98
CA LYS D 326 -6.45 -3.87 -29.40
C LYS D 326 -7.48 -4.99 -29.50
N LEU D 327 -8.41 -4.99 -28.56
CA LEU D 327 -9.46 -6.00 -28.49
C LEU D 327 -10.23 -6.11 -29.81
N THR D 328 -10.57 -4.96 -30.38
CA THR D 328 -11.43 -4.93 -31.56
C THR D 328 -10.61 -4.84 -32.86
N GLY D 329 -9.34 -5.24 -32.79
CA GLY D 329 -8.52 -5.35 -33.98
C GLY D 329 -7.80 -4.07 -34.35
N PRO D 330 -7.13 -4.06 -35.52
CA PRO D 330 -7.05 -5.17 -36.47
C PRO D 330 -6.13 -6.31 -36.03
N TYR D 331 -6.52 -7.54 -36.34
CA TYR D 331 -5.75 -8.72 -36.00
C TYR D 331 -4.86 -9.18 -37.16
N THR D 332 -3.73 -9.79 -36.83
CA THR D 332 -2.86 -10.41 -37.82
C THR D 332 -2.82 -11.91 -37.58
N PRO D 333 -2.86 -12.71 -38.66
CA PRO D 333 -2.76 -14.16 -38.49
C PRO D 333 -1.42 -14.59 -37.90
N MET D 334 -1.45 -15.50 -36.93
CA MET D 334 -0.22 -15.97 -36.29
C MET D 334 0.61 -16.78 -37.27
N ASN D 335 1.93 -16.58 -37.22
CA ASN D 335 2.87 -17.28 -38.09
C ASN D 335 2.55 -17.03 -39.57
N SER D 336 1.99 -15.85 -39.84
CA SER D 336 1.66 -15.36 -41.18
C SER D 336 0.43 -16.01 -41.81
N SER D 337 0.11 -17.25 -41.42
CA SER D 337 -1.00 -17.98 -42.03
C SER D 337 -2.18 -18.13 -41.08
N GLY D 338 -1.90 -18.08 -39.78
CA GLY D 338 -2.92 -18.30 -38.78
C GLY D 338 -2.70 -19.58 -37.98
N LEU D 339 -1.90 -20.49 -38.52
CA LEU D 339 -1.67 -21.78 -37.87
C LEU D 339 -0.68 -21.66 -36.71
N VAL D 340 -1.10 -22.15 -35.54
CA VAL D 340 -0.29 -22.08 -34.33
C VAL D 340 0.23 -23.46 -33.94
N LEU D 341 -0.66 -24.45 -33.92
CA LEU D 341 -0.28 -25.81 -33.59
C LEU D 341 -1.13 -26.82 -34.36
N GLY D 342 -0.51 -27.55 -35.28
CA GLY D 342 -1.21 -28.49 -36.13
C GLY D 342 -0.77 -29.94 -35.97
N ASN D 343 -1.68 -30.87 -36.22
CA ASN D 343 -1.35 -32.29 -36.20
C ASN D 343 -0.42 -32.64 -37.36
N PRO D 344 0.48 -33.62 -37.16
CA PRO D 344 1.35 -34.04 -38.26
C PRO D 344 0.56 -34.80 -39.31
N SER D 345 0.99 -34.73 -40.56
CA SER D 345 0.20 -35.26 -41.68
C SER D 345 0.07 -36.78 -41.66
N SER D 346 0.96 -37.45 -40.92
CA SER D 346 0.93 -38.91 -40.82
C SER D 346 -0.16 -39.38 -39.86
N GLN D 347 -0.46 -38.53 -38.87
CA GLN D 347 -1.50 -38.79 -37.90
C GLN D 347 -2.35 -37.53 -37.73
N PRO D 348 -3.13 -37.21 -38.78
CA PRO D 348 -3.81 -35.91 -38.91
C PRO D 348 -4.94 -35.68 -37.92
N PHE D 349 -5.43 -36.74 -37.30
CA PHE D 349 -6.55 -36.64 -36.36
C PHE D 349 -6.19 -37.24 -35.01
N GLN D 350 -4.91 -37.20 -34.66
CA GLN D 350 -4.45 -37.79 -33.41
C GLN D 350 -4.97 -37.02 -32.20
N THR D 351 -5.08 -35.70 -32.34
CA THR D 351 -5.54 -34.84 -31.25
C THR D 351 -6.46 -33.74 -31.76
N TYR D 352 -7.28 -33.19 -30.87
CA TYR D 352 -8.10 -32.03 -31.20
C TYR D 352 -8.45 -31.21 -29.96
N SER D 353 -9.02 -30.04 -30.18
CA SER D 353 -9.49 -29.15 -29.12
C SER D 353 -8.31 -28.62 -28.32
N HIS D 354 -7.35 -28.05 -29.03
CA HIS D 354 -6.15 -27.49 -28.43
C HIS D 354 -6.47 -26.20 -27.68
N TYR D 355 -6.20 -26.18 -26.38
CA TYR D 355 -6.52 -25.03 -25.54
C TYR D 355 -5.24 -24.38 -25.01
N VAL D 356 -4.87 -23.26 -25.62
CA VAL D 356 -3.67 -22.52 -25.24
C VAL D 356 -3.90 -21.73 -23.95
N MET D 357 -3.10 -22.03 -22.93
CA MET D 357 -3.18 -21.33 -21.66
C MET D 357 -2.08 -20.28 -21.57
N PRO D 358 -2.29 -19.24 -20.73
CA PRO D 358 -1.35 -18.10 -20.68
C PRO D 358 0.09 -18.45 -20.29
N ASN D 359 0.31 -19.65 -19.77
CA ASN D 359 1.66 -20.08 -19.42
C ASN D 359 2.34 -20.77 -20.61
N GLY D 360 1.69 -20.76 -21.77
CA GLY D 360 2.23 -21.38 -22.96
C GLY D 360 1.90 -22.85 -23.08
N LEU D 361 1.33 -23.44 -22.04
CA LEU D 361 0.93 -24.83 -22.08
C LEU D 361 -0.32 -25.00 -22.93
N VAL D 362 -0.31 -26.04 -23.78
CA VAL D 362 -1.43 -26.34 -24.66
C VAL D 362 -1.89 -27.77 -24.38
N THR D 363 -3.17 -27.91 -24.02
CA THR D 363 -3.73 -29.24 -23.74
C THR D 363 -4.60 -29.71 -24.90
N SER D 364 -4.71 -31.04 -25.03
CA SER D 364 -5.43 -31.67 -26.12
C SER D 364 -6.04 -32.98 -25.64
N PHE D 365 -7.08 -33.45 -26.32
CA PHE D 365 -7.55 -34.81 -26.11
C PHE D 365 -7.14 -35.65 -27.32
N ILE D 366 -6.86 -36.93 -27.08
CA ILE D 366 -6.52 -37.86 -28.16
C ILE D 366 -7.78 -38.37 -28.84
N ASP D 367 -7.87 -38.15 -30.15
CA ASP D 367 -9.01 -38.61 -30.94
C ASP D 367 -8.66 -39.93 -31.62
N SER D 368 -8.01 -39.88 -32.79
CA SER D 368 -7.77 -41.07 -33.59
C SER D 368 -6.31 -41.22 -34.01
N VAL D 369 -5.67 -42.29 -33.53
CA VAL D 369 -4.28 -42.58 -33.86
C VAL D 369 -4.23 -43.77 -34.81
N PRO D 370 -3.56 -43.63 -35.97
CA PRO D 370 -3.54 -44.78 -36.89
C PRO D 370 -2.75 -45.94 -36.30
N TRP D 371 -3.24 -47.15 -36.55
CA TRP D 371 -2.62 -48.36 -36.01
C TRP D 371 -1.90 -48.96 -37.20
N LYS D 372 -2.48 -49.95 -37.88
CA LYS D 372 -2.09 -50.20 -39.26
C LYS D 372 -3.30 -50.23 -40.19
N GLY D 373 -3.03 -50.43 -41.48
CA GLY D 373 -3.99 -50.25 -42.54
C GLY D 373 -4.84 -49.03 -42.26
N LYS D 374 -6.16 -49.20 -42.32
CA LYS D 374 -7.10 -48.11 -42.08
C LYS D 374 -7.70 -48.14 -40.68
N ASP D 375 -7.34 -49.17 -39.90
CA ASP D 375 -7.83 -49.26 -38.54
C ASP D 375 -7.03 -48.30 -37.67
N TYR D 376 -7.72 -47.63 -36.76
CA TYR D 376 -7.08 -46.68 -35.85
C TYR D 376 -7.48 -46.98 -34.42
N ARG D 377 -6.66 -46.52 -33.49
CA ARG D 377 -7.01 -46.58 -32.07
C ARG D 377 -7.60 -45.25 -31.63
N ILE D 378 -8.77 -45.31 -31.01
CA ILE D 378 -9.42 -44.10 -30.51
C ILE D 378 -8.96 -43.87 -29.06
N GLY D 379 -9.00 -42.61 -28.63
CA GLY D 379 -8.46 -42.24 -27.33
C GLY D 379 -9.53 -41.94 -26.30
N GLY D 380 -10.06 -40.72 -26.34
CA GLY D 380 -11.01 -40.28 -25.33
C GLY D 380 -10.29 -39.99 -24.03
N THR D 381 -9.08 -39.47 -24.16
CA THR D 381 -8.22 -39.17 -23.03
C THR D 381 -7.29 -38.02 -23.38
N GLU D 382 -6.64 -37.43 -22.39
CA GLU D 382 -5.80 -36.27 -22.63
C GLU D 382 -4.52 -36.64 -23.35
N ALA D 383 -4.12 -35.77 -24.28
CA ALA D 383 -2.85 -35.91 -24.98
C ALA D 383 -1.72 -35.35 -24.14
N PRO D 384 -0.46 -35.62 -24.53
CA PRO D 384 0.66 -34.96 -23.87
C PRO D 384 0.59 -33.46 -24.03
N THR D 385 0.68 -32.75 -22.91
CA THR D 385 0.64 -31.29 -22.92
C THR D 385 1.95 -30.75 -23.47
N VAL D 386 1.83 -29.86 -24.46
CA VAL D 386 3.00 -29.21 -25.05
C VAL D 386 3.09 -27.79 -24.56
N LYS D 387 4.29 -27.21 -24.61
CA LYS D 387 4.47 -25.79 -24.35
C LYS D 387 4.82 -25.06 -25.63
N ILE D 388 4.07 -24.00 -25.94
CA ILE D 388 4.44 -23.10 -27.04
C ILE D 388 4.90 -21.75 -26.48
N LEU D 389 5.79 -21.11 -27.22
CA LEU D 389 6.33 -19.80 -26.86
C LEU D 389 5.81 -18.75 -27.82
N LEU D 390 5.18 -17.70 -27.27
CA LEU D 390 4.62 -16.63 -28.08
C LEU D 390 5.60 -15.46 -28.18
N LYS D 391 5.82 -14.99 -29.40
CA LYS D 391 6.79 -13.93 -29.65
C LYS D 391 6.33 -13.09 -30.84
N GLY D 392 5.76 -11.93 -30.55
CA GLY D 392 5.17 -11.10 -31.57
C GLY D 392 4.00 -11.80 -32.22
N ASP D 393 4.07 -11.96 -33.54
CA ASP D 393 3.02 -12.67 -34.27
C ASP D 393 3.50 -14.06 -34.68
N ARG D 394 4.40 -14.63 -33.90
CA ARG D 394 4.94 -15.96 -34.17
C ARG D 394 4.88 -16.84 -32.94
N SER D 395 4.65 -18.14 -33.15
CA SER D 395 4.70 -19.13 -32.09
C SER D 395 5.78 -20.17 -32.34
N PHE D 396 6.34 -20.73 -31.27
CA PHE D 396 7.30 -21.83 -31.35
C PHE D 396 6.95 -22.90 -30.33
N ILE D 397 6.81 -24.15 -30.77
CA ILE D 397 6.66 -25.25 -29.82
C ILE D 397 8.03 -25.49 -29.21
N VAL D 398 8.07 -25.76 -27.92
CA VAL D 398 9.31 -25.60 -27.14
C VAL D 398 9.66 -26.81 -26.26
N ASP D 399 8.67 -27.46 -25.65
CA ASP D 399 8.85 -28.85 -25.21
C ASP D 399 7.53 -29.51 -24.83
N SER D 400 7.62 -30.75 -24.35
CA SER D 400 6.45 -31.58 -24.05
C SER D 400 6.46 -32.04 -22.60
N PHE D 401 5.27 -32.22 -22.05
CA PHE D 401 5.12 -32.76 -20.69
C PHE D 401 4.24 -34.01 -20.73
N ASP D 402 3.87 -34.52 -19.55
CA ASP D 402 3.16 -35.79 -19.46
C ASP D 402 1.71 -35.65 -19.93
N TYR D 403 1.07 -36.80 -20.16
CA TYR D 403 -0.35 -36.85 -20.55
C TYR D 403 -1.26 -36.12 -19.58
N GLY D 404 -1.98 -35.12 -20.08
CA GLY D 404 -2.98 -34.42 -19.30
C GLY D 404 -2.43 -33.47 -18.25
N TYR D 405 -1.16 -33.10 -18.38
CA TYR D 405 -0.56 -32.15 -17.45
C TYR D 405 -1.16 -30.77 -17.65
N ILE D 406 -2.02 -30.37 -16.71
CA ILE D 406 -2.63 -29.04 -16.76
C ILE D 406 -2.47 -28.39 -15.38
N PRO D 407 -1.25 -27.90 -15.08
CA PRO D 407 -1.01 -27.24 -13.79
C PRO D 407 -1.71 -25.91 -13.72
N ALA D 408 -1.98 -25.47 -12.50
CA ALA D 408 -2.59 -24.16 -12.30
C ALA D 408 -1.48 -23.12 -12.29
N MET D 409 -1.83 -21.89 -12.61
CA MET D 409 -0.84 -20.82 -12.64
C MET D 409 -0.78 -20.13 -11.29
N LYS D 410 -1.84 -20.26 -10.50
CA LYS D 410 -1.94 -19.49 -9.27
C LYS D 410 -2.97 -20.15 -8.35
N ASP D 411 -2.69 -20.16 -7.04
CA ASP D 411 -3.56 -20.85 -6.08
C ASP D 411 -4.38 -19.90 -5.21
N ILE D 412 -5.67 -20.24 -5.09
CA ILE D 412 -6.61 -19.50 -4.25
C ILE D 412 -7.05 -20.33 -3.05
N THR D 413 -6.89 -19.73 -1.88
CA THR D 413 -7.36 -20.30 -0.63
C THR D 413 -8.73 -19.71 -0.30
N LEU D 414 -9.67 -20.55 0.13
CA LEU D 414 -11.02 -20.09 0.40
C LEU D 414 -11.28 -19.82 1.88
N TYR E 4 -0.48 8.81 38.55
CA TYR E 4 -1.15 7.54 38.81
C TYR E 4 -2.54 7.76 39.38
N ASN E 5 -3.04 8.99 39.28
CA ASN E 5 -4.33 9.32 39.87
C ASN E 5 -5.51 9.21 38.90
N TYR E 6 -6.68 8.89 39.43
CA TYR E 6 -7.88 8.67 38.61
C TYR E 6 -8.80 9.88 38.57
N LYS E 7 -9.72 9.87 37.62
CA LYS E 7 -10.66 10.96 37.39
C LYS E 7 -12.12 10.59 37.68
N PRO E 8 -12.90 11.52 38.23
CA PRO E 8 -14.32 11.28 38.53
C PRO E 8 -15.24 11.15 37.32
N THR E 9 -16.30 10.37 37.49
CA THR E 9 -17.40 10.31 36.52
C THR E 9 -18.35 11.46 36.83
N LEU E 10 -18.67 12.27 35.82
CA LEU E 10 -19.62 13.37 36.05
C LEU E 10 -21.05 12.90 35.79
N TRP E 11 -21.91 13.12 36.77
CA TRP E 11 -23.35 13.04 36.55
C TRP E 11 -23.75 14.37 35.94
N THR E 12 -24.21 14.35 34.69
CA THR E 12 -24.33 15.56 33.90
C THR E 12 -25.78 16.07 33.80
N ARG E 13 -25.94 17.31 33.35
CA ARG E 13 -27.27 17.86 33.17
C ARG E 13 -28.02 17.07 32.11
N ALA E 14 -27.29 16.65 31.08
CA ALA E 14 -27.87 15.81 30.04
C ALA E 14 -28.44 14.52 30.65
N ASP E 15 -27.71 13.93 31.58
CA ASP E 15 -28.17 12.75 32.30
C ASP E 15 -29.44 13.06 33.06
N ALA E 16 -29.43 14.18 33.78
CA ALA E 16 -30.56 14.56 34.62
C ALA E 16 -31.83 14.79 33.80
N LEU E 17 -31.68 15.36 32.62
CA LEU E 17 -32.82 15.63 31.75
C LEU E 17 -33.54 14.33 31.36
N LYS E 18 -32.83 13.21 31.42
CA LYS E 18 -33.39 11.91 31.10
C LYS E 18 -34.23 11.30 32.24
N VAL E 19 -34.12 11.88 33.43
CA VAL E 19 -34.82 11.38 34.62
C VAL E 19 -36.33 11.48 34.43
N HIS E 20 -37.04 10.36 34.52
CA HIS E 20 -38.51 10.36 34.41
C HIS E 20 -39.18 9.98 35.72
N GLU E 21 -40.01 10.89 36.23
CA GLU E 21 -40.85 10.61 37.39
C GLU E 21 -42.07 9.76 37.04
N ASP E 22 -42.47 8.85 37.92
CA ASP E 22 -43.65 7.97 37.74
C ASP E 22 -43.47 6.93 36.64
N ASP E 23 -42.24 6.47 36.43
CA ASP E 23 -41.97 5.28 35.63
C ASP E 23 -42.33 4.09 36.52
N PRO E 24 -43.26 3.23 36.06
CA PRO E 24 -43.69 2.16 36.97
C PRO E 24 -42.58 1.17 37.35
N THR E 25 -41.59 0.99 36.49
CA THR E 25 -40.48 0.09 36.79
C THR E 25 -39.50 0.72 37.78
N THR E 26 -39.67 2.02 38.03
CA THR E 26 -38.67 2.80 38.76
C THR E 26 -39.35 3.68 39.82
N THR E 27 -40.62 3.41 40.09
CA THR E 27 -41.39 4.20 41.06
C THR E 27 -41.91 3.35 42.23
N GLN E 28 -41.77 3.88 43.45
CA GLN E 28 -42.26 3.22 44.66
C GLN E 28 -43.79 3.12 44.70
N PRO E 29 -44.31 2.00 45.22
CA PRO E 29 -45.76 1.93 45.44
C PRO E 29 -46.26 3.03 46.37
N VAL E 30 -47.52 3.40 46.20
CA VAL E 30 -48.14 4.43 47.02
C VAL E 30 -48.29 3.94 48.46
N ILE E 31 -47.77 4.72 49.41
CA ILE E 31 -47.93 4.41 50.83
C ILE E 31 -49.39 4.61 51.24
N ASP E 32 -49.96 3.57 51.85
CA ASP E 32 -51.32 3.67 52.38
C ASP E 32 -51.31 4.53 53.63
N ILE E 33 -52.24 5.48 53.72
CA ILE E 33 -52.22 6.46 54.80
C ILE E 33 -52.52 5.85 56.17
N ALA E 34 -53.09 4.64 56.17
CA ALA E 34 -53.35 3.91 57.41
C ALA E 34 -52.17 3.05 57.84
N PHE E 35 -50.97 3.43 57.41
CA PHE E 35 -49.76 2.69 57.74
C PHE E 35 -49.58 2.58 59.25
N PRO E 36 -49.01 1.46 59.73
CA PRO E 36 -48.71 1.30 61.15
C PRO E 36 -47.41 1.99 61.55
N VAL E 37 -47.22 2.21 62.85
CA VAL E 37 -45.99 2.79 63.38
C VAL E 37 -45.34 1.82 64.33
N MET E 38 -44.01 1.71 64.24
CA MET E 38 -43.29 0.69 64.99
C MET E 38 -43.02 1.10 66.43
N SER E 39 -43.16 2.39 66.74
CA SER E 39 -43.07 2.86 68.12
C SER E 39 -43.89 4.12 68.37
N GLU E 40 -44.65 4.11 69.46
CA GLU E 40 -45.40 5.28 69.89
C GLU E 40 -44.58 6.16 70.84
N GLU E 41 -43.38 5.72 71.18
CA GLU E 41 -42.47 6.50 72.02
C GLU E 41 -41.40 7.28 71.24
N VAL E 42 -40.91 6.72 70.14
CA VAL E 42 -39.84 7.37 69.37
C VAL E 42 -40.12 7.49 67.88
N PHE E 43 -39.43 8.43 67.26
CA PHE E 43 -39.34 8.53 65.80
C PHE E 43 -38.09 7.81 65.35
N ILE E 44 -38.17 7.13 64.21
CA ILE E 44 -36.96 6.72 63.50
C ILE E 44 -37.05 7.25 62.07
N TRP E 45 -35.91 7.38 61.40
CA TRP E 45 -35.92 7.60 59.96
C TRP E 45 -34.76 6.82 59.33
N ASP E 46 -33.61 7.44 59.08
CA ASP E 46 -32.49 6.72 58.46
C ASP E 46 -32.19 5.38 59.12
N THR E 47 -32.25 4.31 58.33
CA THR E 47 -32.07 2.96 58.84
C THR E 47 -30.80 2.34 58.28
N MET E 48 -29.96 1.85 59.18
CA MET E 48 -28.65 1.31 58.84
C MET E 48 -28.55 -0.14 59.29
N PRO E 49 -28.81 -1.08 58.38
CA PRO E 49 -28.76 -2.49 58.78
C PRO E 49 -27.35 -2.94 59.12
N LEU E 50 -27.23 -3.88 60.06
CA LEU E 50 -25.93 -4.44 60.40
C LEU E 50 -25.40 -5.26 59.22
N ARG E 51 -24.15 -4.98 58.82
CA ARG E 51 -23.55 -5.70 57.70
C ARG E 51 -22.05 -5.95 57.91
N ASP E 52 -21.45 -6.72 57.02
CA ASP E 52 -20.01 -6.97 57.06
C ASP E 52 -19.29 -6.12 56.01
N PHE E 53 -17.97 -6.26 55.95
CA PHE E 53 -17.16 -5.45 55.04
C PHE E 53 -17.45 -5.74 53.57
N ASP E 54 -18.05 -6.88 53.27
CA ASP E 54 -18.40 -7.21 51.90
C ASP E 54 -19.75 -6.60 51.47
N GLY E 55 -20.49 -6.09 52.45
CA GLY E 55 -21.75 -5.42 52.19
C GLY E 55 -22.97 -6.26 52.48
N GLU E 56 -22.76 -7.50 52.92
CA GLU E 56 -23.85 -8.42 53.19
C GLU E 56 -24.52 -8.12 54.52
N ILE E 57 -25.84 -8.20 54.56
CA ILE E 57 -26.58 -7.97 55.79
C ILE E 57 -26.48 -9.18 56.70
N ILE E 58 -26.02 -8.95 57.92
CA ILE E 58 -25.67 -10.03 58.84
C ILE E 58 -26.61 -10.11 60.04
N SER E 59 -26.98 -11.33 60.40
CA SER E 59 -27.66 -11.61 61.64
C SER E 59 -26.65 -12.26 62.60
N VAL E 60 -26.87 -12.07 63.90
CA VAL E 60 -26.00 -12.65 64.91
C VAL E 60 -26.79 -13.57 65.84
N ASN E 61 -26.38 -14.83 65.92
CA ASN E 61 -27.09 -15.83 66.70
C ASN E 61 -28.58 -15.82 66.42
N GLY E 62 -28.95 -15.70 65.15
CA GLY E 62 -30.33 -15.74 64.74
C GLY E 62 -31.08 -14.44 64.95
N TRP E 63 -30.36 -13.39 65.33
CA TRP E 63 -30.95 -12.06 65.52
C TRP E 63 -30.60 -11.11 64.38
N CYS E 64 -31.61 -10.65 63.64
CA CYS E 64 -31.39 -9.56 62.68
C CYS E 64 -31.23 -8.26 63.46
N ILE E 65 -30.39 -7.38 62.94
CA ILE E 65 -30.03 -6.14 63.63
C ILE E 65 -30.09 -4.94 62.70
N ILE E 66 -30.74 -3.87 63.14
CA ILE E 66 -30.69 -2.59 62.44
C ILE E 66 -30.34 -1.46 63.41
N PHE E 67 -29.61 -0.48 62.90
CA PHE E 67 -29.34 0.77 63.61
C PHE E 67 -30.17 1.88 62.96
N THR E 68 -30.76 2.74 63.79
CA THR E 68 -31.59 3.83 63.28
C THR E 68 -31.18 5.17 63.86
N LEU E 69 -31.28 6.21 63.03
CA LEU E 69 -31.33 7.57 63.53
C LEU E 69 -32.65 7.71 64.26
N THR E 70 -32.60 8.21 65.50
CA THR E 70 -33.75 8.15 66.38
C THR E 70 -33.96 9.45 67.16
N ALA E 71 -35.21 9.74 67.48
CA ALA E 71 -35.55 10.86 68.35
C ALA E 71 -36.86 10.59 69.07
N ASP E 72 -37.04 11.22 70.22
CA ASP E 72 -38.22 10.98 71.04
C ASP E 72 -39.44 11.69 70.48
N ARG E 73 -40.59 11.03 70.54
CA ARG E 73 -41.87 11.67 70.29
C ARG E 73 -42.23 12.51 71.52
N ASN E 74 -42.40 13.81 71.32
CA ASN E 74 -42.64 14.75 72.42
C ASN E 74 -44.14 14.93 72.67
N THR E 75 -44.86 13.82 72.72
CA THR E 75 -46.31 13.82 72.90
C THR E 75 -46.77 14.69 74.07
N ASP E 76 -46.02 14.66 75.17
CA ASP E 76 -46.41 15.33 76.41
C ASP E 76 -45.48 16.49 76.78
N ASN E 77 -44.58 16.86 75.87
CA ASN E 77 -43.64 17.95 76.15
C ASN E 77 -44.32 19.29 75.91
N PRO E 78 -44.36 20.16 76.94
CA PRO E 78 -44.98 21.48 76.74
C PRO E 78 -44.28 22.30 75.68
N GLN E 79 -43.01 21.98 75.39
CA GLN E 79 -42.26 22.74 74.41
C GLN E 79 -42.83 22.60 72.99
N PHE E 80 -43.47 21.46 72.71
CA PHE E 80 -44.01 21.15 71.39
C PHE E 80 -45.54 21.21 71.29
N GLN E 81 -46.15 22.22 71.89
CA GLN E 81 -47.60 22.34 71.89
C GLN E 81 -48.13 23.38 70.90
N ASP E 82 -49.23 23.05 70.24
CA ASP E 82 -49.98 23.98 69.39
C ASP E 82 -50.50 25.13 70.23
N GLU E 83 -50.92 26.21 69.57
CA GLU E 83 -51.54 27.31 70.26
C GLU E 83 -52.83 26.78 70.90
N ASN E 84 -53.03 27.09 72.18
CA ASN E 84 -54.09 26.52 73.01
C ASN E 84 -53.67 25.15 73.58
N GLY E 85 -52.40 24.80 73.40
CA GLY E 85 -51.77 23.71 74.14
C GLY E 85 -51.97 22.27 73.69
N ASN E 86 -52.13 22.04 72.39
CA ASN E 86 -52.26 20.69 71.85
C ASN E 86 -50.96 20.21 71.22
N TYR E 87 -50.71 18.90 71.21
CA TYR E 87 -49.46 18.36 70.66
C TYR E 87 -49.33 18.54 69.15
N ASP E 88 -48.31 19.29 68.73
CA ASP E 88 -48.02 19.51 67.30
C ASP E 88 -47.05 18.46 66.75
N ILE E 89 -47.60 17.36 66.25
CA ILE E 89 -46.79 16.26 65.74
C ILE E 89 -45.89 16.68 64.57
N THR E 90 -46.33 17.68 63.82
CA THR E 90 -45.59 18.12 62.64
C THR E 90 -44.34 18.88 63.03
N ARG E 91 -44.49 19.88 63.89
CA ARG E 91 -43.35 20.67 64.34
C ARG E 91 -42.32 19.76 65.01
N ASP E 92 -42.83 18.82 65.82
CA ASP E 92 -41.99 17.81 66.46
C ASP E 92 -41.18 17.04 65.43
N TRP E 93 -41.88 16.31 64.56
CA TRP E 93 -41.28 15.52 63.49
C TRP E 93 -40.21 16.28 62.70
N GLU E 94 -40.48 17.54 62.38
CA GLU E 94 -39.58 18.32 61.53
C GLU E 94 -38.36 18.89 62.28
N ASP E 95 -38.41 18.89 63.61
CA ASP E 95 -37.31 19.40 64.44
C ASP E 95 -36.33 18.28 64.80
N ARG E 96 -36.56 17.08 64.27
CA ARG E 96 -35.90 15.86 64.75
C ARG E 96 -34.40 15.78 64.47
N HIS E 97 -33.95 16.37 63.38
CA HIS E 97 -32.57 16.21 62.94
C HIS E 97 -31.58 16.79 63.94
N GLY E 98 -32.03 17.81 64.67
CA GLY E 98 -31.20 18.44 65.68
C GLY E 98 -30.94 17.57 66.91
N ARG E 99 -31.85 16.62 67.17
CA ARG E 99 -31.73 15.75 68.34
C ARG E 99 -31.51 14.30 67.92
N ALA E 100 -30.91 14.11 66.76
CA ALA E 100 -30.64 12.79 66.22
C ALA E 100 -29.68 11.97 67.09
N ARG E 101 -30.12 10.82 67.54
CA ARG E 101 -29.30 9.84 68.25
C ARG E 101 -29.41 8.50 67.55
N ILE E 102 -28.35 7.70 67.61
CA ILE E 102 -28.36 6.38 66.99
C ILE E 102 -28.79 5.29 67.96
N CYS E 103 -29.85 4.59 67.61
CA CYS E 103 -30.36 3.48 68.40
C CYS E 103 -30.31 2.21 67.57
N TYR E 104 -30.55 1.07 68.21
CA TYR E 104 -30.57 -0.20 67.51
C TYR E 104 -31.85 -0.95 67.81
N TRP E 105 -32.26 -1.81 66.88
CA TRP E 105 -33.42 -2.67 67.05
C TRP E 105 -33.02 -4.10 66.71
N TYR E 106 -33.80 -5.08 67.16
CA TYR E 106 -33.51 -6.47 66.83
C TYR E 106 -34.77 -7.30 66.61
N SER E 107 -34.62 -8.37 65.84
CA SER E 107 -35.71 -9.27 65.51
C SER E 107 -35.16 -10.58 64.95
N ARG E 108 -35.79 -11.69 65.30
CA ARG E 108 -35.42 -12.99 64.73
C ARG E 108 -35.97 -13.13 63.32
N THR E 109 -36.96 -12.33 62.99
CA THR E 109 -37.60 -12.47 61.69
C THR E 109 -37.37 -11.35 60.70
N GLY E 110 -36.64 -10.32 61.07
CA GLY E 110 -36.25 -9.28 60.13
C GLY E 110 -37.38 -8.26 59.99
N LYS E 111 -38.30 -8.32 60.94
CA LYS E 111 -39.60 -7.66 60.85
C LYS E 111 -40.11 -7.54 62.27
N ASP E 112 -41.13 -6.71 62.50
CA ASP E 112 -41.70 -6.59 63.84
C ASP E 112 -40.62 -6.30 64.89
N TRP E 113 -39.95 -5.16 64.74
CA TRP E 113 -38.72 -4.90 65.48
C TRP E 113 -38.93 -4.56 66.96
N ILE E 114 -38.02 -5.08 67.78
CA ILE E 114 -37.98 -4.80 69.21
C ILE E 114 -36.98 -3.67 69.48
N PHE E 115 -37.38 -2.71 70.31
CA PHE E 115 -36.50 -1.58 70.63
C PHE E 115 -35.42 -2.01 71.63
N GLY E 116 -34.17 -1.88 71.21
CA GLY E 116 -33.03 -2.21 72.05
C GLY E 116 -32.44 -0.99 72.70
N GLY E 117 -32.85 0.18 72.22
CA GLY E 117 -32.44 1.43 72.81
C GLY E 117 -31.17 2.06 72.26
N ARG E 118 -30.53 2.84 73.11
CA ARG E 118 -29.44 3.71 72.72
C ARG E 118 -28.13 2.93 72.57
N VAL E 119 -27.35 3.26 71.54
CA VAL E 119 -26.06 2.61 71.30
C VAL E 119 -24.95 3.23 72.14
N MET E 120 -24.86 4.57 72.07
CA MET E 120 -23.92 5.34 72.89
C MET E 120 -24.64 6.10 74.00
N ALA E 121 -24.12 6.03 75.23
CA ALA E 121 -24.68 6.82 76.33
C ALA E 121 -24.50 8.30 76.00
N GLU E 122 -25.44 9.14 76.44
CA GLU E 122 -25.36 10.58 76.22
C GLU E 122 -24.04 11.16 76.73
N GLY E 123 -23.39 11.94 75.88
CA GLY E 123 -22.14 12.59 76.22
C GLY E 123 -20.91 11.90 75.66
N VAL E 124 -21.08 10.70 75.12
CA VAL E 124 -19.97 9.97 74.50
C VAL E 124 -19.58 10.59 73.15
N SER E 125 -20.54 10.85 72.33
CA SER E 125 -20.28 11.47 71.03
C SER E 125 -19.80 12.91 71.23
N PRO E 126 -18.66 13.24 70.53
CA PRO E 126 -18.14 14.60 70.64
C PRO E 126 -19.19 15.66 70.32
N THR E 127 -20.04 15.38 69.33
CA THR E 127 -21.18 16.24 69.00
C THR E 127 -22.46 15.60 69.50
N THR E 128 -23.43 16.43 69.86
CA THR E 128 -24.72 15.94 70.33
C THR E 128 -25.45 15.18 69.23
N ARG E 129 -25.35 15.70 68.01
CA ARG E 129 -25.93 15.03 66.85
C ARG E 129 -25.15 13.77 66.50
N GLU E 130 -25.85 12.65 66.44
CA GLU E 130 -25.30 11.41 65.92
C GLU E 130 -25.99 11.13 64.59
N TRP E 131 -25.35 11.52 63.50
CA TRP E 131 -25.94 11.39 62.17
C TRP E 131 -25.49 10.10 61.50
N ALA E 132 -26.01 9.85 60.30
CA ALA E 132 -26.03 8.51 59.74
C ALA E 132 -24.66 8.01 59.32
N GLY E 133 -24.56 6.69 59.22
CA GLY E 133 -23.30 6.04 58.86
C GLY E 133 -23.54 4.55 58.64
N THR E 134 -22.60 3.72 59.07
CA THR E 134 -22.72 2.27 58.90
C THR E 134 -22.19 1.50 60.11
N PRO E 135 -22.98 0.54 60.62
CA PRO E 135 -22.46 -0.37 61.65
C PRO E 135 -21.85 -1.60 60.99
N ILE E 136 -20.61 -1.92 61.33
CA ILE E 136 -19.93 -3.05 60.70
C ILE E 136 -19.62 -4.17 61.70
N LEU E 137 -19.93 -5.40 61.32
CA LEU E 137 -19.56 -6.56 62.13
C LEU E 137 -18.15 -7.03 61.75
N LEU E 138 -17.21 -6.74 62.64
CA LEU E 138 -15.80 -7.10 62.44
C LEU E 138 -15.53 -8.58 62.67
N ASN E 139 -16.27 -9.18 63.59
CA ASN E 139 -15.86 -10.40 64.26
C ASN E 139 -16.92 -11.48 64.29
N ASP E 140 -16.46 -12.72 64.47
CA ASP E 140 -17.33 -13.81 64.85
C ASP E 140 -17.42 -13.92 66.36
N ARG E 141 -16.66 -13.08 67.07
CA ARG E 141 -16.84 -12.95 68.51
C ARG E 141 -17.83 -11.82 68.86
N GLY E 142 -18.21 -11.03 67.86
CA GLY E 142 -19.24 -10.00 68.03
C GLY E 142 -18.82 -8.53 68.14
N ASP E 143 -17.56 -8.21 67.88
CA ASP E 143 -17.11 -6.82 67.91
C ASP E 143 -17.69 -6.02 66.74
N ILE E 144 -18.08 -4.78 67.01
CA ILE E 144 -18.69 -3.92 66.00
C ILE E 144 -18.01 -2.56 65.97
N ASP E 145 -17.62 -2.11 64.79
CA ASP E 145 -17.23 -0.72 64.59
C ASP E 145 -18.40 0.04 63.98
N LEU E 146 -18.95 0.99 64.74
CA LEU E 146 -19.98 1.88 64.22
C LEU E 146 -19.36 3.13 63.62
N TYR E 147 -19.32 3.19 62.29
CA TYR E 147 -18.91 4.41 61.59
C TYR E 147 -20.12 5.34 61.48
N TYR E 148 -19.97 6.59 61.88
CA TYR E 148 -21.06 7.55 61.83
C TYR E 148 -20.54 8.97 61.69
N THR E 149 -21.45 9.93 61.61
CA THR E 149 -21.08 11.33 61.36
C THR E 149 -21.37 12.25 62.55
N CYS E 150 -20.32 12.92 63.01
CA CYS E 150 -20.42 13.91 64.09
C CYS E 150 -20.63 15.31 63.51
N VAL E 151 -21.79 15.89 63.77
CA VAL E 151 -22.17 17.17 63.17
C VAL E 151 -22.46 18.31 64.17
N THR E 152 -21.85 19.45 63.89
CA THR E 152 -22.04 20.68 64.67
C THR E 152 -21.54 20.53 66.11
N PRO E 153 -20.33 21.05 66.39
CA PRO E 153 -19.42 21.75 65.47
C PRO E 153 -18.84 20.88 64.36
N GLY E 154 -18.77 21.49 63.17
CA GLY E 154 -18.14 20.85 62.04
C GLY E 154 -18.95 19.69 61.50
N ALA E 155 -18.28 18.90 60.69
CA ALA E 155 -18.82 17.67 60.16
C ALA E 155 -17.63 16.75 60.07
N THR E 156 -17.64 15.71 60.88
CA THR E 156 -16.49 14.84 61.02
C THR E 156 -16.93 13.40 60.94
N ILE E 157 -16.30 12.64 60.06
CA ILE E 157 -16.52 11.21 60.01
C ILE E 157 -15.71 10.57 61.13
N ALA E 158 -16.35 9.65 61.85
CA ALA E 158 -15.76 9.05 63.02
C ALA E 158 -16.22 7.60 63.14
N LYS E 159 -15.63 6.88 64.08
CA LYS E 159 -16.05 5.52 64.38
C LYS E 159 -15.99 5.29 65.88
N VAL E 160 -16.80 4.36 66.36
CA VAL E 160 -16.82 3.99 67.77
C VAL E 160 -16.96 2.48 67.86
N ARG E 161 -16.02 1.85 68.57
CA ARG E 161 -16.07 0.40 68.69
C ARG E 161 -16.92 -0.03 69.88
N GLY E 162 -17.66 -1.10 69.69
CA GLY E 162 -18.41 -1.73 70.75
C GLY E 162 -18.54 -3.21 70.45
N LYS E 163 -19.52 -3.87 71.04
CA LYS E 163 -19.64 -5.31 70.88
C LYS E 163 -21.06 -5.75 71.16
N ILE E 164 -21.57 -6.68 70.36
CA ILE E 164 -22.93 -7.15 70.51
C ILE E 164 -22.98 -8.48 71.28
N VAL E 165 -23.90 -8.54 72.23
CA VAL E 165 -24.11 -9.71 73.08
C VAL E 165 -25.57 -10.11 73.03
N THR E 166 -25.84 -11.34 72.59
CA THR E 166 -27.22 -11.81 72.43
C THR E 166 -27.61 -12.78 73.54
N SER E 167 -28.87 -12.67 73.98
CA SER E 167 -29.48 -13.65 74.87
C SER E 167 -30.52 -14.42 74.07
N ASP E 168 -31.33 -15.21 74.77
CA ASP E 168 -32.30 -16.08 74.11
C ASP E 168 -33.52 -15.30 73.60
N GLN E 169 -33.86 -14.20 74.28
CA GLN E 169 -35.05 -13.41 73.93
C GLN E 169 -34.75 -11.91 73.85
N SER E 170 -33.47 -11.54 73.92
CA SER E 170 -33.10 -10.13 73.86
C SER E 170 -31.68 -9.94 73.33
N VAL E 171 -31.35 -8.69 73.00
CA VAL E 171 -30.04 -8.32 72.50
C VAL E 171 -29.58 -7.04 73.16
N SER E 172 -28.31 -7.01 73.60
CA SER E 172 -27.74 -5.82 74.22
C SER E 172 -26.35 -5.50 73.68
N LEU E 173 -25.88 -4.29 73.99
CA LEU E 173 -24.59 -3.82 73.49
C LEU E 173 -23.64 -3.46 74.62
N GLU E 174 -22.35 -3.72 74.38
CA GLU E 174 -21.29 -3.38 75.32
C GLU E 174 -20.24 -2.52 74.64
N GLY E 175 -19.53 -1.72 75.42
CA GLY E 175 -18.57 -0.77 74.88
C GLY E 175 -19.26 0.46 74.33
N PHE E 176 -18.82 0.89 73.15
CA PHE E 176 -19.30 2.12 72.54
C PHE E 176 -19.15 3.26 73.53
N GLN E 177 -17.96 3.36 74.12
CA GLN E 177 -17.65 4.36 75.15
C GLN E 177 -16.66 5.43 74.72
N GLN E 178 -15.91 5.14 73.66
CA GLN E 178 -14.87 6.04 73.19
C GLN E 178 -14.96 6.23 71.67
N VAL E 179 -15.15 7.48 71.26
CA VAL E 179 -15.29 7.83 69.84
C VAL E 179 -13.97 8.32 69.28
N THR E 180 -13.59 7.83 68.11
CA THR E 180 -12.39 8.29 67.42
C THR E 180 -12.75 9.10 66.18
N SER E 181 -12.35 10.36 66.16
CA SER E 181 -12.55 11.19 64.96
C SER E 181 -11.56 10.75 63.90
N LEU E 182 -12.05 10.49 62.70
CA LEU E 182 -11.20 9.99 61.62
C LEU E 182 -10.78 11.12 60.69
N PHE E 183 -11.72 11.76 60.02
CA PHE E 183 -11.40 12.91 59.17
C PHE E 183 -12.59 13.80 58.85
N SER E 184 -12.26 14.99 58.34
CA SER E 184 -13.23 16.01 57.92
C SER E 184 -12.83 16.49 56.52
N ALA E 185 -13.59 17.42 55.96
CA ALA E 185 -13.26 17.99 54.65
C ALA E 185 -11.87 18.59 54.63
N ASP E 186 -11.18 18.41 53.50
CA ASP E 186 -9.79 18.82 53.34
C ASP E 186 -9.61 20.23 52.75
N GLY E 187 -10.48 20.60 51.82
CA GLY E 187 -10.43 21.92 51.19
C GLY E 187 -9.83 21.93 49.80
N THR E 188 -9.01 20.91 49.51
CA THR E 188 -8.45 20.76 48.17
C THR E 188 -9.38 19.90 47.30
N ILE E 189 -9.84 18.78 47.86
CA ILE E 189 -10.69 17.86 47.14
C ILE E 189 -12.15 18.00 47.58
N TYR E 190 -12.40 17.94 48.89
CA TYR E 190 -13.75 18.08 49.42
C TYR E 190 -13.97 19.42 50.12
N GLN E 191 -15.18 19.94 49.96
CA GLN E 191 -15.51 21.30 50.39
C GLN E 191 -15.62 21.44 51.91
N THR E 192 -15.09 22.56 52.43
CA THR E 192 -15.06 22.81 53.87
C THR E 192 -16.12 23.80 54.32
N GLU E 193 -16.29 23.93 55.63
CA GLU E 193 -17.20 24.90 56.20
C GLU E 193 -16.76 26.33 55.88
N GLU E 194 -15.46 26.57 55.99
CA GLU E 194 -14.84 27.83 55.55
C GLU E 194 -15.35 28.29 54.18
N GLN E 195 -15.36 27.35 53.24
CA GLN E 195 -15.71 27.61 51.85
C GLN E 195 -17.21 27.72 51.63
N ASN E 196 -17.98 27.04 52.48
CA ASN E 196 -19.43 26.97 52.32
C ASN E 196 -20.10 26.67 53.67
N ALA E 197 -20.91 27.61 54.14
CA ALA E 197 -21.62 27.42 55.40
C ALA E 197 -22.60 26.27 55.32
N PHE E 198 -23.02 25.92 54.11
CA PHE E 198 -23.96 24.82 53.90
C PHE E 198 -23.29 23.55 53.38
N TRP E 199 -21.97 23.46 53.56
CA TRP E 199 -21.22 22.33 52.99
C TRP E 199 -21.76 20.98 53.47
N ASN E 200 -21.60 19.96 52.62
CA ASN E 200 -22.05 18.61 52.93
C ASN E 200 -20.87 17.68 53.17
N PHE E 201 -20.93 16.93 54.26
CA PHE E 201 -19.90 15.96 54.57
C PHE E 201 -20.43 14.96 55.60
N ARG E 202 -20.75 13.75 55.15
CA ARG E 202 -21.37 12.76 56.05
C ARG E 202 -21.54 11.38 55.41
N ASP E 203 -22.00 10.43 56.22
CA ASP E 203 -22.48 9.10 55.80
C ASP E 203 -21.38 8.14 55.34
N PRO E 204 -20.52 7.72 56.26
CA PRO E 204 -19.51 6.72 55.92
C PRO E 204 -20.09 5.33 55.70
N SER E 205 -19.82 4.74 54.54
CA SER E 205 -20.09 3.33 54.30
C SER E 205 -18.79 2.63 53.90
N PRO E 206 -18.11 2.02 54.90
CA PRO E 206 -16.88 1.25 54.63
C PRO E 206 -17.13 -0.07 53.90
N PHE E 207 -16.12 -0.54 53.17
CA PHE E 207 -16.20 -1.83 52.49
C PHE E 207 -14.80 -2.33 52.13
N ILE E 208 -14.61 -3.65 52.15
CA ILE E 208 -13.40 -4.24 51.59
C ILE E 208 -13.65 -4.63 50.14
N ASP E 209 -12.80 -4.10 49.25
CA ASP E 209 -12.91 -4.37 47.82
C ASP E 209 -12.41 -5.77 47.49
N ARG E 210 -13.19 -6.50 46.69
CA ARG E 210 -12.92 -7.90 46.41
C ARG E 210 -11.71 -8.09 45.50
N ASN E 211 -11.56 -7.18 44.55
CA ASN E 211 -10.46 -7.22 43.60
C ASN E 211 -9.14 -6.75 44.20
N ASP E 212 -9.25 -5.96 45.27
CA ASP E 212 -8.13 -5.20 45.80
C ASP E 212 -7.66 -5.69 47.17
N GLY E 213 -8.59 -6.17 47.98
CA GLY E 213 -8.30 -6.60 49.34
C GLY E 213 -8.15 -5.44 50.31
N LYS E 214 -8.32 -4.22 49.81
CA LYS E 214 -8.12 -3.02 50.61
C LYS E 214 -9.39 -2.52 51.26
N LEU E 215 -9.22 -1.76 52.33
CA LEU E 215 -10.36 -1.18 53.04
C LEU E 215 -10.66 0.22 52.51
N TYR E 216 -11.91 0.43 52.13
CA TYR E 216 -12.36 1.70 51.59
C TYR E 216 -13.60 2.18 52.32
N MET E 217 -14.00 3.41 52.05
CA MET E 217 -15.31 3.91 52.42
C MET E 217 -15.79 4.96 51.43
N LEU E 218 -17.10 4.92 51.15
CA LEU E 218 -17.75 6.03 50.47
C LEU E 218 -18.26 7.04 51.49
N PHE E 219 -18.51 8.27 51.05
CA PHE E 219 -19.18 9.26 51.88
C PHE E 219 -19.73 10.36 50.99
N GLU E 220 -20.72 11.10 51.50
CA GLU E 220 -21.23 12.27 50.80
C GLU E 220 -20.26 13.41 50.98
N GLY E 221 -20.06 14.20 49.94
CA GLY E 221 -19.25 15.39 50.02
C GLY E 221 -19.72 16.43 49.03
N ASN E 222 -19.02 17.56 49.00
CA ASN E 222 -19.16 18.55 47.95
C ASN E 222 -17.80 18.76 47.30
N VAL E 223 -17.79 19.11 46.03
CA VAL E 223 -16.54 19.40 45.35
C VAL E 223 -15.93 20.63 45.99
N ALA E 224 -14.64 20.57 46.29
CA ALA E 224 -13.94 21.66 46.95
C ALA E 224 -14.00 22.95 46.14
N GLY E 225 -13.85 24.05 46.84
CA GLY E 225 -13.87 25.38 46.23
C GLY E 225 -14.88 26.23 46.96
N PRO E 226 -14.64 27.55 47.01
CA PRO E 226 -15.63 28.43 47.65
C PRO E 226 -16.99 28.31 46.97
N ARG E 227 -18.05 28.52 47.73
CA ARG E 227 -19.40 28.33 47.22
C ARG E 227 -19.71 29.25 46.04
N GLY E 228 -20.21 28.66 44.96
CA GLY E 228 -20.61 29.41 43.79
C GLY E 228 -19.46 29.74 42.86
N SER E 229 -18.27 29.27 43.19
CA SER E 229 -17.09 29.52 42.36
C SER E 229 -16.98 28.46 41.28
N HIS E 230 -17.61 27.30 41.51
CA HIS E 230 -17.64 26.25 40.51
C HIS E 230 -18.27 26.81 39.24
N GLU E 231 -17.62 26.57 38.11
CA GLU E 231 -18.15 26.95 36.81
C GLU E 231 -18.69 25.73 36.06
N ILE E 232 -19.75 25.98 35.28
CA ILE E 232 -20.35 24.96 34.44
C ILE E 232 -19.73 24.98 33.04
N THR E 233 -18.82 24.04 32.79
CA THR E 233 -18.27 23.84 31.45
C THR E 233 -19.14 22.83 30.73
N GLN E 234 -18.77 22.49 29.50
CA GLN E 234 -19.56 21.57 28.68
C GLN E 234 -19.45 20.12 29.17
N ALA E 235 -18.45 19.85 30.02
CA ALA E 235 -18.35 18.55 30.67
C ALA E 235 -19.54 18.33 31.58
N GLU E 236 -19.79 19.32 32.44
CA GLU E 236 -20.87 19.25 33.41
C GLU E 236 -22.22 19.29 32.71
N MET E 237 -22.27 20.03 31.61
CA MET E 237 -23.48 20.14 30.80
C MET E 237 -23.92 18.78 30.26
N GLY E 238 -22.97 18.01 29.74
CA GLY E 238 -23.30 16.80 29.00
C GLY E 238 -23.77 17.17 27.61
N ASN E 239 -24.36 16.23 26.90
CA ASN E 239 -24.86 16.50 25.55
C ASN E 239 -26.31 16.94 25.58
N VAL E 240 -26.52 18.18 26.00
CA VAL E 240 -27.87 18.71 26.17
C VAL E 240 -28.54 19.03 24.84
N PRO E 241 -29.87 18.95 24.79
CA PRO E 241 -30.58 19.28 23.56
C PRO E 241 -30.59 20.78 23.30
N PRO E 242 -30.84 21.20 22.05
CA PRO E 242 -31.00 22.63 21.80
C PRO E 242 -32.17 23.21 22.58
N GLY E 243 -32.01 24.42 23.13
CA GLY E 243 -33.04 25.05 23.94
C GLY E 243 -32.87 24.81 25.43
N TYR E 244 -31.82 24.07 25.80
CA TYR E 244 -31.59 23.70 27.19
C TYR E 244 -30.21 24.15 27.66
N GLU E 245 -29.77 25.29 27.15
CA GLU E 245 -28.43 25.80 27.47
C GLU E 245 -28.47 26.64 28.75
N ASP E 246 -29.67 26.89 29.25
CA ASP E 246 -29.87 27.78 30.39
C ASP E 246 -29.77 27.01 31.72
N VAL E 247 -28.83 27.39 32.56
CA VAL E 247 -28.55 26.63 33.79
C VAL E 247 -28.92 27.36 35.08
N GLY E 248 -29.37 28.60 34.96
CA GLY E 248 -29.71 29.40 36.13
C GLY E 248 -28.60 29.44 37.16
N GLY E 249 -28.93 29.12 38.41
CA GLY E 249 -27.95 29.14 39.49
C GLY E 249 -27.31 27.79 39.74
N ALA E 250 -27.13 27.01 38.68
CA ALA E 250 -26.57 25.67 38.78
C ALA E 250 -25.18 25.66 39.41
N LYS E 251 -24.48 26.78 39.28
CA LYS E 251 -23.12 26.92 39.78
C LYS E 251 -23.01 26.62 41.27
N TYR E 252 -24.14 26.72 41.97
CA TYR E 252 -24.17 26.54 43.43
C TYR E 252 -24.42 25.09 43.87
N GLN E 253 -24.77 24.22 42.93
CA GLN E 253 -24.93 22.80 43.22
C GLN E 253 -23.63 22.07 42.89
N ALA E 254 -23.02 21.42 43.89
CA ALA E 254 -21.74 20.77 43.70
C ALA E 254 -21.61 19.46 44.49
N GLY E 255 -22.68 18.68 44.51
CA GLY E 255 -22.68 17.42 45.22
C GLY E 255 -21.68 16.42 44.66
N CYS E 256 -21.20 15.52 45.50
CA CYS E 256 -20.31 14.44 45.04
C CYS E 256 -20.31 13.25 46.00
N VAL E 257 -19.98 12.08 45.46
CA VAL E 257 -19.75 10.89 46.27
C VAL E 257 -18.24 10.70 46.46
N GLY E 258 -17.79 10.89 47.69
CA GLY E 258 -16.37 10.84 48.01
C GLY E 258 -15.85 9.44 48.25
N LEU E 259 -14.53 9.30 48.23
CA LEU E 259 -13.86 8.03 48.49
C LEU E 259 -12.67 8.21 49.43
N ALA E 260 -12.48 7.29 50.36
CA ALA E 260 -11.26 7.24 51.17
C ALA E 260 -10.74 5.81 51.32
N VAL E 261 -9.45 5.67 51.58
CA VAL E 261 -8.80 4.37 51.77
C VAL E 261 -7.93 4.34 53.03
N ALA E 262 -7.94 3.22 53.73
CA ALA E 262 -7.16 3.05 54.96
C ALA E 262 -5.77 2.45 54.75
N LYS E 263 -4.85 2.72 55.68
CA LYS E 263 -3.51 2.14 55.62
C LYS E 263 -3.57 0.63 55.82
N ASP E 264 -4.51 0.19 56.63
CA ASP E 264 -4.73 -1.23 56.85
C ASP E 264 -6.19 -1.51 57.23
N LEU E 265 -6.51 -2.79 57.39
CA LEU E 265 -7.90 -3.20 57.57
C LEU E 265 -8.47 -2.80 58.95
N SER E 266 -7.61 -2.36 59.87
CA SER E 266 -8.08 -1.90 61.17
C SER E 266 -8.93 -0.63 61.04
N GLY E 267 -8.70 0.13 59.97
CA GLY E 267 -9.46 1.34 59.71
C GLY E 267 -9.19 2.45 60.69
N SER E 268 -7.95 2.56 61.13
CA SER E 268 -7.57 3.54 62.15
C SER E 268 -7.16 4.86 61.51
N GLU E 269 -6.49 4.77 60.36
CA GLU E 269 -6.04 5.95 59.62
C GLU E 269 -6.61 5.91 58.21
N TRP E 270 -6.97 7.08 57.69
CA TRP E 270 -7.63 7.16 56.38
C TRP E 270 -6.99 8.19 55.46
N GLN E 271 -6.66 7.78 54.24
CA GLN E 271 -6.19 8.71 53.22
C GLN E 271 -7.34 9.09 52.29
N ILE E 272 -7.66 10.38 52.27
CA ILE E 272 -8.69 10.93 51.39
C ILE E 272 -8.31 10.81 49.91
N LEU E 273 -9.29 10.42 49.08
CA LEU E 273 -9.07 10.25 47.64
C LEU E 273 -10.04 11.10 46.82
N PRO E 274 -9.78 11.25 45.51
CA PRO E 274 -10.69 11.97 44.63
C PRO E 274 -12.07 11.33 44.56
N PRO E 275 -13.12 12.10 44.28
CA PRO E 275 -14.48 11.53 44.26
C PRO E 275 -14.71 10.54 43.11
N LEU E 276 -15.71 9.69 43.27
CA LEU E 276 -16.09 8.73 42.24
C LEU E 276 -17.14 9.34 41.32
N ILE E 277 -18.07 10.07 41.94
CA ILE E 277 -19.17 10.72 41.23
C ILE E 277 -19.22 12.19 41.64
N THR E 278 -19.30 13.09 40.67
CA THR E 278 -19.52 14.51 40.96
C THR E 278 -20.77 14.97 40.23
N ALA E 279 -21.51 15.88 40.86
CA ALA E 279 -22.81 16.32 40.35
C ALA E 279 -22.89 17.84 40.24
N VAL E 280 -21.75 18.47 39.97
CA VAL E 280 -21.67 19.92 39.79
C VAL E 280 -22.60 20.36 38.65
N GLY E 281 -23.47 21.33 38.95
CA GLY E 281 -24.41 21.84 37.98
C GLY E 281 -25.66 20.98 37.87
N VAL E 282 -25.77 19.98 38.74
CA VAL E 282 -26.86 19.00 38.66
C VAL E 282 -27.59 18.84 39.99
N ASN E 283 -26.87 18.43 41.03
CA ASN E 283 -27.48 18.22 42.34
C ASN E 283 -26.48 18.52 43.46
N ASP E 284 -26.99 19.13 44.53
CA ASP E 284 -26.14 19.53 45.65
C ASP E 284 -25.90 18.39 46.62
N GLN E 285 -26.84 17.45 46.67
CA GLN E 285 -26.82 16.40 47.69
C GLN E 285 -26.88 14.99 47.09
N THR E 286 -25.77 14.29 47.18
CA THR E 286 -25.70 12.86 46.89
C THR E 286 -25.39 12.15 48.21
N GLU E 287 -26.44 11.81 48.95
CA GLU E 287 -26.30 11.34 50.32
C GLU E 287 -26.27 9.81 50.43
N ARG E 288 -25.91 9.33 51.61
CA ARG E 288 -25.83 7.90 51.93
C ARG E 288 -25.36 7.05 50.75
N PRO E 289 -24.16 7.33 50.22
CA PRO E 289 -23.63 6.46 49.17
C PRO E 289 -23.36 5.05 49.69
N HIS E 290 -23.64 4.04 48.89
CA HIS E 290 -23.40 2.65 49.29
C HIS E 290 -23.32 1.73 48.08
N PHE E 291 -22.52 0.69 48.20
CA PHE E 291 -22.29 -0.26 47.11
C PHE E 291 -23.14 -1.51 47.22
N VAL E 292 -23.56 -2.03 46.05
CA VAL E 292 -23.95 -3.42 45.90
C VAL E 292 -22.96 -4.06 44.93
N PHE E 293 -22.35 -5.17 45.33
CA PHE E 293 -21.44 -5.88 44.44
C PHE E 293 -22.17 -7.05 43.80
N GLN E 294 -22.34 -6.99 42.48
CA GLN E 294 -23.11 -8.01 41.77
C GLN E 294 -22.63 -8.18 40.33
N ASP E 295 -22.57 -9.43 39.88
CA ASP E 295 -22.16 -9.77 38.53
C ASP E 295 -20.83 -9.13 38.16
N GLY E 296 -19.91 -9.09 39.12
CA GLY E 296 -18.59 -8.53 38.90
C GLY E 296 -18.61 -7.03 38.74
N LYS E 297 -19.76 -6.41 39.00
CA LYS E 297 -19.92 -4.98 38.79
C LYS E 297 -20.11 -4.22 40.09
N TYR E 298 -19.83 -2.93 40.04
CA TYR E 298 -19.97 -2.03 41.17
C TYR E 298 -21.23 -1.19 41.02
N TYR E 299 -22.24 -1.46 41.84
CA TYR E 299 -23.48 -0.69 41.80
C TYR E 299 -23.48 0.37 42.90
N LEU E 300 -23.14 1.59 42.51
CA LEU E 300 -23.03 2.70 43.45
C LEU E 300 -24.37 3.43 43.53
N PHE E 301 -25.02 3.32 44.69
CA PHE E 301 -26.29 3.98 44.92
C PHE E 301 -26.11 5.19 45.83
N THR E 302 -26.93 6.21 45.60
CA THR E 302 -26.93 7.40 46.44
C THR E 302 -28.30 8.06 46.40
N ILE E 303 -28.76 8.53 47.55
CA ILE E 303 -30.08 9.13 47.65
C ILE E 303 -30.01 10.65 47.49
N SER E 304 -31.07 11.25 46.95
CA SER E 304 -31.09 12.69 46.74
C SER E 304 -32.52 13.22 46.71
N HIS E 305 -32.65 14.55 46.64
CA HIS E 305 -33.95 15.21 46.68
C HIS E 305 -34.33 15.86 45.37
N LYS E 306 -35.63 15.86 45.11
CA LYS E 306 -36.24 16.71 44.10
C LYS E 306 -35.72 18.14 44.18
N TYR E 307 -35.74 18.71 45.38
CA TYR E 307 -35.46 20.13 45.55
C TYR E 307 -33.99 20.46 45.86
N THR E 308 -33.09 19.49 45.67
CA THR E 308 -31.66 19.76 45.69
C THR E 308 -31.08 19.70 44.28
N PHE E 309 -31.94 19.42 43.30
CA PHE E 309 -31.55 19.52 41.90
C PHE E 309 -31.30 20.98 41.53
N ALA E 310 -30.41 21.20 40.57
CA ALA E 310 -30.11 22.54 40.10
C ALA E 310 -31.28 23.09 39.29
N ASP E 311 -31.24 24.38 39.00
CA ASP E 311 -32.30 25.03 38.24
C ASP E 311 -32.46 24.37 36.88
N ASN E 312 -33.69 24.27 36.41
CA ASN E 312 -34.02 23.73 35.10
C ASN E 312 -33.66 22.24 35.00
N LEU E 313 -33.59 21.60 36.15
CA LEU E 313 -33.45 20.15 36.27
C LEU E 313 -34.47 19.68 37.28
N THR E 314 -34.99 18.47 37.11
CA THR E 314 -35.89 17.90 38.11
C THR E 314 -35.86 16.37 38.15
N GLY E 315 -36.15 15.84 39.34
CA GLY E 315 -36.25 14.42 39.56
C GLY E 315 -37.03 14.22 40.84
N PRO E 316 -37.49 12.99 41.12
CA PRO E 316 -38.20 12.74 42.38
C PRO E 316 -37.25 12.50 43.55
N ASP E 317 -37.76 12.62 44.77
CA ASP E 317 -37.03 12.13 45.93
C ASP E 317 -36.89 10.62 45.80
N GLY E 318 -35.74 10.08 46.18
CA GLY E 318 -35.51 8.65 46.06
C GLY E 318 -34.03 8.31 45.99
N VAL E 319 -33.73 7.12 45.49
CA VAL E 319 -32.35 6.68 45.33
C VAL E 319 -31.94 6.68 43.86
N TYR E 320 -30.76 7.25 43.61
CA TYR E 320 -30.17 7.25 42.30
C TYR E 320 -28.97 6.30 42.29
N GLY E 321 -28.50 5.94 41.11
CA GLY E 321 -27.49 4.90 41.02
C GLY E 321 -26.62 4.93 39.77
N PHE E 322 -25.44 4.36 39.90
CA PHE E 322 -24.47 4.29 38.82
C PHE E 322 -23.75 2.95 38.86
N VAL E 323 -23.42 2.40 37.69
CA VAL E 323 -22.76 1.09 37.61
C VAL E 323 -21.46 1.17 36.84
N SER E 324 -20.46 0.42 37.31
CA SER E 324 -19.16 0.36 36.66
C SER E 324 -18.54 -1.03 36.78
N ASP E 325 -17.63 -1.34 35.87
CA ASP E 325 -16.86 -2.58 35.94
C ASP E 325 -15.72 -2.49 36.95
N LYS E 326 -15.34 -1.26 37.29
CA LYS E 326 -14.20 -1.02 38.16
C LYS E 326 -14.57 -0.05 39.28
N LEU E 327 -13.89 -0.16 40.42
CA LEU E 327 -14.17 0.69 41.57
C LEU E 327 -14.08 2.19 41.23
N THR E 328 -13.03 2.57 40.51
CA THR E 328 -12.76 3.98 40.25
C THR E 328 -13.31 4.46 38.91
N GLY E 329 -14.31 3.75 38.40
CA GLY E 329 -15.02 4.19 37.21
C GLY E 329 -14.35 3.73 35.93
N PRO E 330 -14.86 4.18 34.77
CA PRO E 330 -15.99 5.12 34.66
C PRO E 330 -17.35 4.49 34.95
N TYR E 331 -18.22 5.25 35.58
CA TYR E 331 -19.57 4.81 35.92
C TYR E 331 -20.61 5.24 34.88
N THR E 332 -21.65 4.44 34.72
CA THR E 332 -22.78 4.80 33.86
C THR E 332 -24.04 5.01 34.70
N PRO E 333 -24.81 6.06 34.41
CA PRO E 333 -26.06 6.26 35.18
C PRO E 333 -27.04 5.11 34.98
N MET E 334 -27.66 4.66 36.08
CA MET E 334 -28.62 3.57 36.02
C MET E 334 -29.88 4.01 35.28
N ASN E 335 -30.43 3.11 34.48
CA ASN E 335 -31.64 3.39 33.70
C ASN E 335 -31.47 4.61 32.79
N SER E 336 -30.23 4.83 32.37
CA SER E 336 -29.84 5.91 31.46
C SER E 336 -29.81 7.30 32.11
N SER E 337 -30.61 7.52 33.14
CA SER E 337 -30.74 8.84 33.77
C SER E 337 -30.10 8.90 35.15
N GLY E 338 -29.98 7.73 35.80
CA GLY E 338 -29.46 7.66 37.15
C GLY E 338 -30.51 7.25 38.17
N LEU E 339 -31.78 7.40 37.82
CA LEU E 339 -32.86 7.12 38.75
C LEU E 339 -33.13 5.62 38.88
N VAL E 340 -33.14 5.13 40.12
CA VAL E 340 -33.34 3.71 40.43
C VAL E 340 -34.70 3.49 41.07
N LEU E 341 -35.01 4.29 42.08
CA LEU E 341 -36.30 4.19 42.76
C LEU E 341 -36.76 5.54 43.25
N GLY E 342 -37.83 6.06 42.65
CA GLY E 342 -38.35 7.38 42.98
C GLY E 342 -39.77 7.36 43.53
N ASN E 343 -40.09 8.34 44.37
CA ASN E 343 -41.44 8.47 44.89
C ASN E 343 -42.42 8.86 43.78
N PRO E 344 -43.67 8.40 43.88
CA PRO E 344 -44.66 8.83 42.88
C PRO E 344 -45.01 10.31 43.05
N SER E 345 -45.38 10.98 41.96
CA SER E 345 -45.56 12.43 41.99
C SER E 345 -46.75 12.87 42.83
N SER E 346 -47.66 11.94 43.09
CA SER E 346 -48.87 12.23 43.88
C SER E 346 -48.54 12.29 45.37
N GLN E 347 -47.52 11.53 45.76
CA GLN E 347 -47.05 11.52 47.14
C GLN E 347 -45.52 11.62 47.13
N PRO E 348 -44.99 12.79 46.73
CA PRO E 348 -43.57 12.97 46.40
C PRO E 348 -42.62 12.85 47.59
N PHE E 349 -43.16 12.95 48.81
CA PHE E 349 -42.33 12.90 50.00
C PHE E 349 -42.82 11.84 50.98
N GLN E 350 -43.44 10.78 50.44
CA GLN E 350 -43.98 9.72 51.27
C GLN E 350 -42.89 8.92 51.97
N THR E 351 -41.76 8.75 51.30
CA THR E 351 -40.65 7.98 51.84
C THR E 351 -39.31 8.62 51.54
N TYR E 352 -38.27 8.27 52.31
CA TYR E 352 -36.93 8.70 51.98
C TYR E 352 -35.87 7.75 52.52
N SER E 353 -34.62 7.98 52.11
CA SER E 353 -33.46 7.26 52.59
C SER E 353 -33.53 5.81 52.15
N HIS E 354 -33.72 5.63 50.86
CA HIS E 354 -33.79 4.29 50.28
C HIS E 354 -32.41 3.65 50.31
N TYR E 355 -32.32 2.50 50.96
CA TYR E 355 -31.05 1.78 51.12
C TYR E 355 -31.11 0.43 50.41
N VAL E 356 -30.48 0.36 49.24
CA VAL E 356 -30.48 -0.86 48.44
C VAL E 356 -29.49 -1.88 48.99
N MET E 357 -30.01 -3.05 49.36
CA MET E 357 -29.20 -4.13 49.90
C MET E 357 -28.88 -5.17 48.81
N PRO E 358 -27.78 -5.92 48.98
CA PRO E 358 -27.36 -6.85 47.92
C PRO E 358 -28.37 -7.94 47.55
N ASN E 359 -29.42 -8.14 48.34
CA ASN E 359 -30.46 -9.11 47.99
C ASN E 359 -31.56 -8.46 47.16
N GLY E 360 -31.37 -7.21 46.78
CA GLY E 360 -32.34 -6.50 45.97
C GLY E 360 -33.42 -5.81 46.79
N LEU E 361 -33.44 -6.08 48.09
CA LEU E 361 -34.42 -5.44 48.97
C LEU E 361 -34.03 -3.99 49.22
N VAL E 362 -35.02 -3.11 49.20
CA VAL E 362 -34.80 -1.68 49.44
C VAL E 362 -35.68 -1.22 50.61
N THR E 363 -35.05 -0.68 51.65
CA THR E 363 -35.78 -0.19 52.82
C THR E 363 -35.90 1.31 52.83
N SER E 364 -36.94 1.81 53.48
CA SER E 364 -37.26 3.24 53.51
C SER E 364 -37.96 3.57 54.81
N PHE E 365 -37.90 4.83 55.22
CA PHE E 365 -38.78 5.30 56.28
C PHE E 365 -39.87 6.16 55.66
N ILE E 366 -41.03 6.13 56.29
CA ILE E 366 -42.16 6.95 55.86
C ILE E 366 -42.00 8.36 56.40
N ASP E 367 -41.97 9.34 55.51
CA ASP E 367 -41.87 10.74 55.93
C ASP E 367 -43.26 11.36 55.95
N SER E 368 -43.74 11.86 54.80
CA SER E 368 -44.98 12.63 54.76
C SER E 368 -45.95 12.12 53.69
N VAL E 369 -47.10 11.64 54.14
CA VAL E 369 -48.13 11.13 53.26
C VAL E 369 -49.30 12.11 53.20
N PRO E 370 -49.70 12.54 51.99
CA PRO E 370 -50.79 13.52 51.93
C PRO E 370 -52.11 12.94 52.39
N TRP E 371 -52.88 13.74 53.12
CA TRP E 371 -54.17 13.30 53.68
C TRP E 371 -55.26 14.05 52.90
N LYS E 372 -56.12 14.81 53.59
CA LYS E 372 -56.99 15.75 52.86
C LYS E 372 -56.20 17.04 52.66
N GLY E 373 -56.83 18.04 52.05
CA GLY E 373 -56.16 19.19 51.46
C GLY E 373 -54.64 19.19 51.50
N LYS E 374 -54.05 20.19 52.17
CA LYS E 374 -52.59 20.34 52.19
C LYS E 374 -51.94 19.79 53.48
N ASP E 375 -52.76 19.29 54.39
CA ASP E 375 -52.24 18.65 55.59
C ASP E 375 -51.84 17.24 55.23
N TYR E 376 -50.77 16.76 55.86
CA TYR E 376 -50.24 15.42 55.59
C TYR E 376 -50.09 14.65 56.89
N ARG E 377 -50.04 13.32 56.78
CA ARG E 377 -49.70 12.47 57.92
C ARG E 377 -48.21 12.17 57.90
N ILE E 378 -47.54 12.41 59.01
CA ILE E 378 -46.13 12.11 59.14
C ILE E 378 -45.96 10.70 59.69
N GLY E 379 -44.83 10.06 59.38
CA GLY E 379 -44.60 8.66 59.71
C GLY E 379 -43.62 8.46 60.86
N GLY E 380 -42.33 8.51 60.54
CA GLY E 380 -41.29 8.24 61.51
C GLY E 380 -41.21 6.75 61.79
N THR E 381 -41.45 5.96 60.74
CA THR E 381 -41.49 4.51 60.83
C THR E 381 -41.09 3.93 59.48
N GLU E 382 -40.78 2.64 59.45
CA GLU E 382 -40.31 2.02 58.21
C GLU E 382 -41.44 1.88 57.20
N ALA E 383 -41.09 2.10 55.92
CA ALA E 383 -42.01 1.89 54.81
C ALA E 383 -42.01 0.41 54.42
N PRO E 384 -42.96 0.00 53.58
CA PRO E 384 -42.91 -1.36 53.03
C PRO E 384 -41.62 -1.58 52.23
N THR E 385 -40.91 -2.66 52.53
CA THR E 385 -39.69 -3.00 51.81
C THR E 385 -40.04 -3.49 50.41
N VAL E 386 -39.39 -2.91 49.41
CA VAL E 386 -39.58 -3.31 48.02
C VAL E 386 -38.36 -4.09 47.53
N LYS E 387 -38.56 -4.93 46.52
CA LYS E 387 -37.44 -5.61 45.86
C LYS E 387 -37.25 -5.08 44.45
N ILE E 388 -36.03 -4.65 44.15
CA ILE E 388 -35.67 -4.28 42.79
C ILE E 388 -34.72 -5.32 42.20
N LEU E 389 -34.79 -5.47 40.88
CA LEU E 389 -33.94 -6.41 40.17
C LEU E 389 -32.91 -5.64 39.35
N LEU E 390 -31.64 -5.97 39.56
CA LEU E 390 -30.57 -5.33 38.82
C LEU E 390 -30.16 -6.19 37.62
N LYS E 391 -30.06 -5.53 36.47
CA LYS E 391 -29.74 -6.21 35.23
C LYS E 391 -28.97 -5.25 34.33
N GLY E 392 -27.65 -5.43 34.28
CA GLY E 392 -26.78 -4.52 33.57
C GLY E 392 -26.85 -3.14 34.18
N ASP E 393 -27.20 -2.13 33.36
CA ASP E 393 -27.33 -0.76 33.85
C ASP E 393 -28.79 -0.36 33.97
N ARG E 394 -29.66 -1.34 34.20
CA ARG E 394 -31.08 -1.11 34.37
C ARG E 394 -31.60 -1.77 35.63
N SER E 395 -32.57 -1.11 36.28
CA SER E 395 -33.23 -1.69 37.45
C SER E 395 -34.71 -1.88 37.20
N PHE E 396 -35.29 -2.89 37.84
CA PHE E 396 -36.74 -3.11 37.83
C PHE E 396 -37.23 -3.42 39.24
N ILE E 397 -38.26 -2.70 39.68
CA ILE E 397 -38.96 -3.08 40.89
C ILE E 397 -39.79 -4.30 40.53
N VAL E 398 -39.87 -5.27 41.44
CA VAL E 398 -40.35 -6.60 41.04
C VAL E 398 -41.41 -7.12 42.03
N ASP E 399 -41.28 -6.82 43.32
CA ASP E 399 -42.43 -6.86 44.23
C ASP E 399 -42.19 -6.16 45.58
N SER E 400 -43.19 -6.27 46.46
CA SER E 400 -43.17 -5.58 47.75
C SER E 400 -43.32 -6.55 48.92
N PHE E 401 -42.73 -6.20 50.06
CA PHE E 401 -42.88 -6.99 51.29
C PHE E 401 -43.44 -6.11 52.42
N ASP E 402 -43.47 -6.65 53.63
CA ASP E 402 -44.11 -5.97 54.75
C ASP E 402 -43.31 -4.76 55.22
N TYR E 403 -43.95 -3.93 56.04
CA TYR E 403 -43.31 -2.75 56.61
C TYR E 403 -42.03 -3.11 57.39
N GLY E 404 -40.91 -2.53 56.97
CA GLY E 404 -39.66 -2.67 57.69
C GLY E 404 -39.02 -4.03 57.58
N TYR E 405 -39.44 -4.80 56.59
CA TYR E 405 -38.84 -6.13 56.38
C TYR E 405 -37.41 -5.98 55.91
N ILE E 406 -36.46 -6.27 56.81
CA ILE E 406 -35.04 -6.21 56.49
C ILE E 406 -34.37 -7.49 56.97
N PRO E 407 -34.57 -8.59 56.23
CA PRO E 407 -33.96 -9.88 56.58
C PRO E 407 -32.46 -9.89 56.36
N ALA E 408 -31.76 -10.77 57.07
CA ALA E 408 -30.33 -10.96 56.87
C ALA E 408 -30.09 -11.97 55.75
N MET E 409 -28.93 -11.86 55.11
CA MET E 409 -28.54 -12.76 54.02
C MET E 409 -27.73 -13.94 54.51
N LYS E 410 -27.19 -13.79 55.70
CA LYS E 410 -26.24 -14.74 56.24
C LYS E 410 -26.23 -14.61 57.76
N ASP E 411 -26.15 -15.74 58.46
CA ASP E 411 -26.13 -15.74 59.91
C ASP E 411 -24.75 -16.12 60.43
N ILE E 412 -24.26 -15.35 61.39
CA ILE E 412 -23.01 -15.66 62.07
C ILE E 412 -23.32 -15.99 63.53
N THR E 413 -22.87 -17.17 63.94
CA THR E 413 -22.91 -17.66 65.32
C THR E 413 -21.66 -17.27 66.07
N LEU E 414 -21.80 -16.77 67.28
CA LEU E 414 -20.62 -16.34 68.01
C LEU E 414 -20.16 -17.41 69.00
N TYR F 4 -26.08 -20.86 12.69
CA TYR F 4 -26.92 -19.75 13.14
C TYR F 4 -27.85 -20.12 14.28
N ASN F 5 -27.35 -20.80 15.31
CA ASN F 5 -28.22 -21.14 16.42
C ASN F 5 -28.23 -20.06 17.51
N TYR F 6 -28.79 -18.91 17.14
CA TYR F 6 -28.95 -17.77 18.04
C TYR F 6 -30.40 -17.66 18.49
N LYS F 7 -30.64 -16.91 19.55
CA LYS F 7 -31.98 -16.70 20.08
C LYS F 7 -32.41 -15.24 19.87
N PRO F 8 -33.70 -15.01 19.57
CA PRO F 8 -34.13 -13.62 19.41
C PRO F 8 -34.16 -12.85 20.73
N THR F 9 -33.87 -11.56 20.65
CA THR F 9 -34.01 -10.66 21.78
C THR F 9 -35.46 -10.19 21.85
N LEU F 10 -36.07 -10.35 23.02
CA LEU F 10 -37.45 -9.90 23.19
C LEU F 10 -37.47 -8.46 23.67
N TRP F 11 -38.23 -7.63 22.97
CA TRP F 11 -38.63 -6.33 23.47
C TRP F 11 -39.83 -6.61 24.37
N THR F 12 -39.68 -6.38 25.67
CA THR F 12 -40.63 -6.87 26.66
C THR F 12 -41.55 -5.77 27.18
N ARG F 13 -42.63 -6.17 27.84
CA ARG F 13 -43.57 -5.21 28.41
C ARG F 13 -42.86 -4.39 29.47
N ALA F 14 -42.02 -5.04 30.26
CA ALA F 14 -41.22 -4.33 31.25
C ALA F 14 -40.37 -3.24 30.58
N ASP F 15 -39.81 -3.55 29.42
CA ASP F 15 -39.07 -2.55 28.64
C ASP F 15 -39.98 -1.40 28.22
N ALA F 16 -41.15 -1.73 27.71
CA ALA F 16 -42.08 -0.72 27.21
C ALA F 16 -42.56 0.23 28.30
N LEU F 17 -42.77 -0.31 29.50
CA LEU F 17 -43.21 0.49 30.64
C LEU F 17 -42.19 1.58 30.97
N LYS F 18 -40.94 1.38 30.55
CA LYS F 18 -39.88 2.37 30.77
C LYS F 18 -39.88 3.52 29.76
N VAL F 19 -40.66 3.39 28.69
CA VAL F 19 -40.70 4.41 27.65
C VAL F 19 -41.24 5.74 28.19
N HIS F 20 -40.44 6.79 28.02
CA HIS F 20 -40.79 8.13 28.49
C HIS F 20 -41.11 9.07 27.35
N GLU F 21 -42.35 9.53 27.30
CA GLU F 21 -42.71 10.56 26.33
C GLU F 21 -42.24 11.93 26.82
N ASP F 22 -41.85 12.78 25.87
CA ASP F 22 -41.47 14.17 26.14
C ASP F 22 -40.19 14.27 26.96
N ASP F 23 -39.31 13.29 26.79
CA ASP F 23 -37.93 13.39 27.28
C ASP F 23 -37.17 14.29 26.32
N PRO F 24 -36.61 15.41 26.80
CA PRO F 24 -36.00 16.35 25.86
C PRO F 24 -34.79 15.79 25.08
N THR F 25 -34.08 14.84 25.67
CA THR F 25 -32.94 14.24 24.98
C THR F 25 -33.39 13.26 23.91
N THR F 26 -34.67 12.93 23.92
CA THR F 26 -35.20 11.83 23.12
C THR F 26 -36.48 12.30 22.40
N THR F 27 -36.68 13.62 22.40
CA THR F 27 -37.88 14.22 21.79
C THR F 27 -37.52 15.16 20.64
N GLN F 28 -38.26 15.02 19.54
CA GLN F 28 -38.08 15.87 18.37
C GLN F 28 -38.56 17.29 18.63
N PRO F 29 -37.86 18.29 18.08
CA PRO F 29 -38.38 19.65 18.15
C PRO F 29 -39.76 19.80 17.50
N VAL F 30 -40.51 20.76 18.00
CA VAL F 30 -41.86 21.05 17.51
C VAL F 30 -41.85 21.59 16.08
N ILE F 31 -42.62 20.96 15.20
CA ILE F 31 -42.76 21.47 13.84
C ILE F 31 -43.56 22.77 13.82
N ASP F 32 -42.98 23.79 13.21
CA ASP F 32 -43.66 25.06 13.03
C ASP F 32 -44.73 24.89 11.95
N ILE F 33 -45.93 25.36 12.22
CA ILE F 33 -47.06 25.10 11.33
C ILE F 33 -46.92 25.82 9.98
N ALA F 34 -46.02 26.80 9.93
CA ALA F 34 -45.74 27.52 8.69
C ALA F 34 -44.61 26.85 7.89
N PHE F 35 -44.42 25.55 8.09
CA PHE F 35 -43.39 24.80 7.38
C PHE F 35 -43.54 24.90 5.87
N PRO F 36 -42.43 24.93 5.13
CA PRO F 36 -42.49 24.94 3.66
C PRO F 36 -42.69 23.54 3.07
N VAL F 37 -43.14 23.47 1.82
CA VAL F 37 -43.34 22.20 1.13
C VAL F 37 -42.42 22.12 -0.10
N MET F 38 -41.82 20.95 -0.30
CA MET F 38 -40.80 20.79 -1.34
C MET F 38 -41.39 20.59 -2.73
N SER F 39 -42.68 20.25 -2.80
CA SER F 39 -43.37 20.18 -4.09
C SER F 39 -44.85 20.50 -3.96
N GLU F 40 -45.33 21.36 -4.85
CA GLU F 40 -46.74 21.70 -4.92
C GLU F 40 -47.49 20.77 -5.88
N GLU F 41 -46.76 19.87 -6.53
CA GLU F 41 -47.36 18.88 -7.43
C GLU F 41 -47.54 17.50 -6.79
N VAL F 42 -46.59 17.08 -5.92
CA VAL F 42 -46.65 15.73 -5.34
C VAL F 42 -46.50 15.69 -3.83
N PHE F 43 -46.96 14.59 -3.24
CA PHE F 43 -46.68 14.24 -1.85
C PHE F 43 -45.47 13.33 -1.80
N ILE F 44 -44.64 13.49 -0.78
CA ILE F 44 -43.69 12.46 -0.41
C ILE F 44 -43.89 12.11 1.05
N TRP F 45 -43.45 10.92 1.46
CA TRP F 45 -43.34 10.62 2.88
C TRP F 45 -42.06 9.81 3.13
N ASP F 46 -42.14 8.49 3.19
CA ASP F 46 -40.94 7.70 3.46
C ASP F 46 -39.78 8.05 2.54
N THR F 47 -38.66 8.44 3.14
CA THR F 47 -37.50 8.86 2.37
C THR F 47 -36.35 7.87 2.56
N MET F 48 -35.82 7.41 1.43
CA MET F 48 -34.78 6.41 1.40
C MET F 48 -33.53 6.96 0.73
N PRO F 49 -32.57 7.45 1.53
CA PRO F 49 -31.34 8.01 0.95
C PRO F 49 -30.47 6.96 0.26
N LEU F 50 -29.78 7.35 -0.81
CA LEU F 50 -28.86 6.44 -1.49
C LEU F 50 -27.66 6.11 -0.61
N ARG F 51 -27.39 4.83 -0.46
CA ARG F 51 -26.30 4.36 0.37
C ARG F 51 -25.60 3.13 -0.17
N ASP F 52 -24.48 2.76 0.46
CA ASP F 52 -23.75 1.55 0.09
C ASP F 52 -24.04 0.42 1.07
N PHE F 53 -23.40 -0.71 0.85
CA PHE F 53 -23.61 -1.90 1.67
C PHE F 53 -23.13 -1.70 3.12
N ASP F 54 -22.30 -0.68 3.36
CA ASP F 54 -21.86 -0.37 4.72
C ASP F 54 -22.86 0.51 5.47
N GLY F 55 -23.79 1.09 4.73
CA GLY F 55 -24.83 1.91 5.32
C GLY F 55 -24.56 3.40 5.16
N GLU F 56 -23.42 3.75 4.58
CA GLU F 56 -23.05 5.15 4.45
C GLU F 56 -23.80 5.83 3.32
N ILE F 57 -24.19 7.08 3.56
CA ILE F 57 -24.92 7.85 2.56
C ILE F 57 -23.98 8.36 1.48
N ILE F 58 -24.29 8.02 0.24
CA ILE F 58 -23.39 8.25 -0.89
C ILE F 58 -23.92 9.32 -1.84
N SER F 59 -23.03 10.20 -2.27
CA SER F 59 -23.30 11.12 -3.36
C SER F 59 -22.58 10.62 -4.61
N VAL F 60 -23.11 10.92 -5.78
CA VAL F 60 -22.50 10.50 -7.05
C VAL F 60 -22.16 11.71 -7.91
N ASN F 61 -20.89 11.84 -8.27
CA ASN F 61 -20.41 12.99 -9.03
C ASN F 61 -20.91 14.31 -8.44
N GLY F 62 -20.90 14.38 -7.11
CA GLY F 62 -21.30 15.59 -6.40
C GLY F 62 -22.80 15.78 -6.29
N TRP F 63 -23.56 14.77 -6.69
CA TRP F 63 -25.02 14.82 -6.56
C TRP F 63 -25.51 13.98 -5.40
N CYS F 64 -26.11 14.63 -4.41
CA CYS F 64 -26.79 13.90 -3.35
C CYS F 64 -28.05 13.31 -3.93
N ILE F 65 -28.41 12.12 -3.46
CA ILE F 65 -29.54 11.38 -4.02
C ILE F 65 -30.44 10.85 -2.91
N ILE F 66 -31.74 11.05 -3.06
CA ILE F 66 -32.73 10.41 -2.19
C ILE F 66 -33.85 9.76 -3.00
N PHE F 67 -34.35 8.63 -2.50
CA PHE F 67 -35.55 7.98 -3.04
C PHE F 67 -36.70 8.20 -2.08
N THR F 68 -37.88 8.49 -2.62
CA THR F 68 -39.07 8.75 -1.79
C THR F 68 -40.28 7.92 -2.21
N LEU F 69 -41.08 7.50 -1.24
CA LEU F 69 -42.45 7.08 -1.51
C LEU F 69 -43.23 8.33 -1.91
N THR F 70 -43.93 8.26 -3.04
CA THR F 70 -44.48 9.45 -3.66
C THR F 70 -45.89 9.22 -4.18
N ALA F 71 -46.69 10.29 -4.17
CA ALA F 71 -48.02 10.27 -4.77
C ALA F 71 -48.41 11.67 -5.23
N ASP F 72 -49.31 11.75 -6.20
CA ASP F 72 -49.70 13.03 -6.77
C ASP F 72 -50.68 13.79 -5.87
N ARG F 73 -50.49 15.11 -5.78
CA ARG F 73 -51.47 15.98 -5.16
C ARG F 73 -52.65 16.16 -6.12
N ASN F 74 -53.84 15.79 -5.66
CA ASN F 74 -55.03 15.82 -6.51
C ASN F 74 -55.78 17.15 -6.38
N THR F 75 -55.03 18.24 -6.44
CA THR F 75 -55.58 19.58 -6.30
C THR F 75 -56.78 19.84 -7.20
N ASP F 76 -56.72 19.34 -8.44
CA ASP F 76 -57.73 19.65 -9.45
C ASP F 76 -58.60 18.45 -9.83
N ASN F 77 -58.41 17.31 -9.17
CA ASN F 77 -59.19 16.12 -9.48
C ASN F 77 -60.55 16.14 -8.79
N PRO F 78 -61.66 16.03 -9.57
CA PRO F 78 -62.99 16.07 -8.95
C PRO F 78 -63.26 14.97 -7.93
N GLN F 79 -62.51 13.87 -8.00
CA GLN F 79 -62.73 12.76 -7.09
C GLN F 79 -62.41 13.11 -5.64
N PHE F 80 -61.51 14.06 -5.43
CA PHE F 80 -61.07 14.43 -4.09
C PHE F 80 -61.65 15.78 -3.66
N GLN F 81 -62.92 16.00 -4.00
CA GLN F 81 -63.59 17.26 -3.66
C GLN F 81 -64.58 17.15 -2.52
N ASP F 82 -64.55 18.15 -1.64
CA ASP F 82 -65.57 18.31 -0.61
C ASP F 82 -66.91 18.57 -1.29
N GLU F 83 -68.01 18.37 -0.58
CA GLU F 83 -69.30 18.82 -1.07
C GLU F 83 -69.32 20.34 -1.19
N ASN F 84 -69.86 20.79 -2.31
CA ASN F 84 -69.75 22.18 -2.80
C ASN F 84 -68.43 22.33 -3.56
N GLY F 85 -67.76 21.21 -3.80
CA GLY F 85 -66.68 21.16 -4.78
C GLY F 85 -65.34 21.72 -4.35
N ASN F 86 -65.00 21.56 -3.06
CA ASN F 86 -63.75 22.09 -2.54
C ASN F 86 -62.70 21.00 -2.44
N TYR F 87 -61.42 21.34 -2.66
CA TYR F 87 -60.35 20.34 -2.59
C TYR F 87 -60.12 19.87 -1.17
N ASP F 88 -60.32 18.57 -0.93
CA ASP F 88 -60.10 17.99 0.39
C ASP F 88 -58.68 17.44 0.53
N ILE F 89 -57.77 18.30 0.96
CA ILE F 89 -56.35 17.94 1.10
C ILE F 89 -56.15 16.76 2.06
N THR F 90 -57.02 16.65 3.05
CA THR F 90 -56.88 15.61 4.08
C THR F 90 -57.21 14.22 3.53
N ARG F 91 -58.36 14.09 2.88
CA ARG F 91 -58.77 12.81 2.31
C ARG F 91 -57.73 12.35 1.30
N ASP F 92 -57.25 13.29 0.50
CA ASP F 92 -56.20 13.04 -0.48
C ASP F 92 -54.96 12.46 0.20
N TRP F 93 -54.39 13.25 1.10
CA TRP F 93 -53.20 12.87 1.87
C TRP F 93 -53.32 11.47 2.50
N GLU F 94 -54.47 11.17 3.08
CA GLU F 94 -54.67 9.92 3.81
C GLU F 94 -54.92 8.72 2.89
N ASP F 95 -55.22 8.97 1.62
CA ASP F 95 -55.44 7.92 0.64
C ASP F 95 -54.16 7.54 -0.11
N ARG F 96 -53.05 8.15 0.30
CA ARG F 96 -51.83 8.12 -0.48
C ARG F 96 -51.15 6.74 -0.57
N HIS F 97 -51.29 5.93 0.48
CA HIS F 97 -50.57 4.67 0.56
C HIS F 97 -50.96 3.71 -0.57
N GLY F 98 -52.20 3.83 -1.03
CA GLY F 98 -52.69 3.00 -2.12
C GLY F 98 -52.07 3.30 -3.47
N ARG F 99 -51.61 4.53 -3.65
CA ARG F 99 -51.02 4.96 -4.91
C ARG F 99 -49.54 5.27 -4.74
N ALA F 100 -48.91 4.58 -3.79
CA ALA F 100 -47.49 4.78 -3.51
C ALA F 100 -46.62 4.37 -4.70
N ARG F 101 -45.81 5.31 -5.20
CA ARG F 101 -44.81 5.04 -6.22
C ARG F 101 -43.45 5.56 -5.75
N ILE F 102 -42.37 4.89 -6.15
CA ILE F 102 -41.02 5.32 -5.74
C ILE F 102 -40.42 6.28 -6.77
N CYS F 103 -40.10 7.49 -6.30
CA CYS F 103 -39.45 8.50 -7.12
C CYS F 103 -38.09 8.84 -6.53
N TYR F 104 -37.28 9.59 -7.27
CA TYR F 104 -35.97 10.02 -6.77
C TYR F 104 -35.81 11.53 -6.90
N TRP F 105 -34.99 12.09 -6.03
CA TRP F 105 -34.66 13.50 -6.06
C TRP F 105 -33.15 13.64 -6.02
N TYR F 106 -32.63 14.79 -6.47
CA TYR F 106 -31.19 15.03 -6.44
C TYR F 106 -30.84 16.47 -6.10
N SER F 107 -29.66 16.65 -5.51
CA SER F 107 -29.19 17.96 -5.09
C SER F 107 -27.68 17.99 -4.80
N ARG F 108 -27.06 19.11 -5.14
CA ARG F 108 -25.65 19.35 -4.82
C ARG F 108 -25.44 19.76 -3.37
N THR F 109 -26.52 20.15 -2.68
CA THR F 109 -26.43 20.74 -1.35
C THR F 109 -26.90 19.82 -0.22
N GLY F 110 -27.67 18.80 -0.56
CA GLY F 110 -28.26 17.91 0.42
C GLY F 110 -29.62 18.43 0.87
N LYS F 111 -30.12 19.42 0.13
CA LYS F 111 -31.33 20.16 0.46
C LYS F 111 -31.82 20.84 -0.82
N ASP F 112 -33.01 21.44 -0.76
CA ASP F 112 -33.58 22.12 -1.92
C ASP F 112 -33.65 21.15 -3.10
N TRP F 113 -34.38 20.06 -2.90
CA TRP F 113 -34.31 18.91 -3.79
C TRP F 113 -35.00 19.19 -5.12
N ILE F 114 -34.38 18.69 -6.18
CA ILE F 114 -34.93 18.76 -7.53
C ILE F 114 -35.65 17.46 -7.83
N PHE F 115 -36.85 17.56 -8.39
CA PHE F 115 -37.62 16.38 -8.71
C PHE F 115 -37.10 15.71 -9.97
N GLY F 116 -36.65 14.47 -9.83
CA GLY F 116 -36.12 13.70 -10.95
C GLY F 116 -37.16 12.78 -11.52
N GLY F 117 -38.26 12.62 -10.79
CA GLY F 117 -39.37 11.84 -11.25
C GLY F 117 -39.32 10.37 -10.89
N ARG F 118 -39.98 9.57 -11.70
CA ARG F 118 -40.26 8.18 -11.42
C ARG F 118 -39.06 7.27 -11.66
N VAL F 119 -38.86 6.29 -10.78
CA VAL F 119 -37.75 5.35 -10.94
C VAL F 119 -38.14 4.22 -11.89
N MET F 120 -39.29 3.59 -11.64
CA MET F 120 -39.82 2.54 -12.52
C MET F 120 -41.00 3.04 -13.33
N ALA F 121 -41.00 2.77 -14.63
CA ALA F 121 -42.13 3.10 -15.47
C ALA F 121 -43.36 2.32 -15.01
N GLU F 122 -44.53 2.93 -15.17
CA GLU F 122 -45.78 2.29 -14.79
C GLU F 122 -45.88 0.90 -15.42
N GLY F 123 -46.17 -0.10 -14.61
CA GLY F 123 -46.36 -1.47 -15.08
C GLY F 123 -45.15 -2.37 -14.91
N VAL F 124 -44.01 -1.78 -14.57
CA VAL F 124 -42.81 -2.57 -14.33
C VAL F 124 -42.93 -3.33 -13.02
N SER F 125 -43.34 -2.67 -11.98
CA SER F 125 -43.53 -3.31 -10.68
C SER F 125 -44.72 -4.27 -10.76
N PRO F 126 -44.47 -5.52 -10.28
CA PRO F 126 -45.56 -6.52 -10.30
C PRO F 126 -46.82 -6.03 -9.61
N THR F 127 -46.65 -5.32 -8.49
CA THR F 127 -47.76 -4.67 -7.80
C THR F 127 -47.74 -3.18 -8.10
N THR F 128 -48.92 -2.56 -8.15
CA THR F 128 -49.01 -1.13 -8.41
C THR F 128 -48.37 -0.35 -7.27
N ARG F 129 -48.60 -0.81 -6.05
CA ARG F 129 -47.97 -0.20 -4.88
C ARG F 129 -46.49 -0.49 -4.88
N GLU F 130 -45.70 0.58 -4.81
CA GLU F 130 -44.28 0.48 -4.60
C GLU F 130 -44.01 1.01 -3.19
N TRP F 131 -43.89 0.11 -2.23
CA TRP F 131 -43.69 0.48 -0.84
C TRP F 131 -42.19 0.43 -0.48
N ALA F 132 -41.89 0.79 0.75
CA ALA F 132 -40.54 1.23 1.13
C ALA F 132 -39.50 0.12 1.11
N GLY F 133 -38.24 0.55 1.02
CA GLY F 133 -37.10 -0.35 0.96
C GLY F 133 -35.80 0.42 1.05
N THR F 134 -34.79 -0.02 0.29
CA THR F 134 -33.47 0.62 0.29
C THR F 134 -32.84 0.66 -1.09
N PRO F 135 -32.36 1.85 -1.50
CA PRO F 135 -31.56 1.93 -2.72
C PRO F 135 -30.08 1.75 -2.39
N ILE F 136 -29.42 0.82 -3.08
CA ILE F 136 -28.02 0.49 -2.86
C ILE F 136 -27.15 0.86 -4.04
N LEU F 137 -26.03 1.53 -3.77
CA LEU F 137 -25.03 1.75 -4.80
C LEU F 137 -24.07 0.57 -4.78
N LEU F 138 -24.18 -0.27 -5.80
CA LEU F 138 -23.34 -1.45 -5.94
C LEU F 138 -21.93 -1.12 -6.37
N ASN F 139 -21.83 -0.12 -7.26
CA ASN F 139 -20.65 0.07 -8.10
C ASN F 139 -20.24 1.53 -8.11
N ASP F 140 -18.98 1.77 -8.44
CA ASP F 140 -18.52 3.13 -8.71
C ASP F 140 -18.78 3.50 -10.19
N ARG F 141 -19.37 2.57 -10.94
CA ARG F 141 -19.89 2.83 -12.28
C ARG F 141 -21.36 3.26 -12.31
N GLY F 142 -22.00 3.26 -11.15
CA GLY F 142 -23.34 3.81 -11.02
C GLY F 142 -24.46 2.80 -10.99
N ASP F 143 -24.13 1.52 -10.93
CA ASP F 143 -25.17 0.49 -10.87
C ASP F 143 -25.87 0.53 -9.52
N ILE F 144 -27.20 0.41 -9.55
CA ILE F 144 -28.01 0.48 -8.34
C ILE F 144 -28.99 -0.67 -8.26
N ASP F 145 -28.99 -1.36 -7.11
CA ASP F 145 -30.07 -2.30 -6.79
C ASP F 145 -31.06 -1.63 -5.85
N LEU F 146 -32.28 -1.39 -6.34
CA LEU F 146 -33.34 -0.89 -5.50
C LEU F 146 -34.10 -2.04 -4.87
N TYR F 147 -33.85 -2.28 -3.59
CA TYR F 147 -34.65 -3.22 -2.82
C TYR F 147 -35.90 -2.48 -2.35
N TYR F 148 -37.07 -3.05 -2.63
CA TYR F 148 -38.33 -2.42 -2.22
C TYR F 148 -39.39 -3.48 -2.00
N THR F 149 -40.59 -3.04 -1.60
CA THR F 149 -41.65 -3.97 -1.23
C THR F 149 -42.82 -3.95 -2.19
N CYS F 150 -43.17 -5.12 -2.72
CA CYS F 150 -44.34 -5.30 -3.56
C CYS F 150 -45.53 -5.71 -2.72
N VAL F 151 -46.54 -4.84 -2.64
CA VAL F 151 -47.68 -5.06 -1.75
C VAL F 151 -49.02 -5.06 -2.51
N THR F 152 -49.85 -6.06 -2.22
CA THR F 152 -51.20 -6.19 -2.76
C THR F 152 -51.25 -6.52 -4.25
N PRO F 153 -51.55 -7.79 -4.59
CA PRO F 153 -51.83 -8.91 -3.69
C PRO F 153 -50.58 -9.36 -2.92
N GLY F 154 -50.78 -9.70 -1.65
CA GLY F 154 -49.72 -10.21 -0.80
C GLY F 154 -48.69 -9.17 -0.40
N ALA F 155 -47.54 -9.64 0.07
CA ALA F 155 -46.43 -8.76 0.44
C ALA F 155 -45.11 -9.47 0.15
N THR F 156 -44.36 -8.94 -0.81
CA THR F 156 -43.17 -9.61 -1.30
C THR F 156 -41.98 -8.64 -1.36
N ILE F 157 -40.88 -9.06 -0.76
CA ILE F 157 -39.64 -8.30 -0.88
C ILE F 157 -39.01 -8.60 -2.23
N ALA F 158 -38.58 -7.54 -2.91
CA ALA F 158 -38.07 -7.67 -4.25
C ALA F 158 -36.95 -6.68 -4.49
N LYS F 159 -36.29 -6.81 -5.63
CA LYS F 159 -35.27 -5.87 -6.03
C LYS F 159 -35.35 -5.61 -7.54
N VAL F 160 -34.89 -4.43 -7.93
CA VAL F 160 -34.87 -4.06 -9.34
C VAL F 160 -33.56 -3.32 -9.63
N ARG F 161 -32.82 -3.82 -10.61
CA ARG F 161 -31.54 -3.22 -10.94
C ARG F 161 -31.71 -2.10 -11.95
N GLY F 162 -30.92 -1.04 -11.75
CA GLY F 162 -30.85 0.06 -12.68
C GLY F 162 -29.48 0.69 -12.58
N LYS F 163 -29.36 1.93 -13.04
CA LYS F 163 -28.07 2.59 -13.11
C LYS F 163 -28.29 4.10 -13.11
N ILE F 164 -27.44 4.82 -12.38
CA ILE F 164 -27.55 6.27 -12.30
C ILE F 164 -26.54 6.96 -13.23
N VAL F 165 -27.04 7.95 -13.97
CA VAL F 165 -26.24 8.72 -14.92
C VAL F 165 -26.40 10.21 -14.62
N THR F 166 -25.29 10.88 -14.32
CA THR F 166 -25.33 12.29 -13.97
C THR F 166 -24.81 13.18 -15.08
N SER F 167 -25.47 14.33 -15.26
CA SER F 167 -24.97 15.39 -16.14
C SER F 167 -24.46 16.51 -15.25
N ASP F 168 -24.17 17.65 -15.87
CA ASP F 168 -23.60 18.77 -15.13
C ASP F 168 -24.67 19.50 -14.31
N GLN F 169 -25.91 19.45 -14.79
CA GLN F 169 -27.01 20.18 -14.15
C GLN F 169 -28.25 19.33 -13.93
N SER F 170 -28.15 18.02 -14.16
CA SER F 170 -29.28 17.12 -13.94
C SER F 170 -28.82 15.69 -13.65
N VAL F 171 -29.75 14.87 -13.20
CA VAL F 171 -29.49 13.46 -12.90
C VAL F 171 -30.63 12.62 -13.45
N SER F 172 -30.30 11.52 -14.11
CA SER F 172 -31.30 10.62 -14.64
C SER F 172 -30.95 9.17 -14.34
N LEU F 173 -31.91 8.28 -14.58
CA LEU F 173 -31.76 6.85 -14.29
C LEU F 173 -31.95 6.03 -15.55
N GLU F 174 -31.22 4.92 -15.63
CA GLU F 174 -31.35 3.98 -16.73
C GLU F 174 -31.64 2.59 -16.16
N GLY F 175 -32.27 1.75 -16.97
CA GLY F 175 -32.67 0.42 -16.52
C GLY F 175 -33.91 0.51 -15.65
N PHE F 176 -33.89 -0.22 -14.54
CA PHE F 176 -35.05 -0.36 -13.68
C PHE F 176 -36.26 -0.82 -14.50
N GLN F 177 -36.03 -1.87 -15.29
CA GLN F 177 -37.05 -2.38 -16.21
C GLN F 177 -37.57 -3.76 -15.82
N GLN F 178 -36.84 -4.48 -14.98
CA GLN F 178 -37.26 -5.81 -14.54
C GLN F 178 -37.10 -6.02 -13.04
N VAL F 179 -38.21 -6.42 -12.41
CA VAL F 179 -38.26 -6.65 -10.99
C VAL F 179 -38.05 -8.14 -10.68
N THR F 180 -37.19 -8.41 -9.71
CA THR F 180 -36.96 -9.77 -9.23
C THR F 180 -37.58 -9.96 -7.86
N SER F 181 -38.54 -10.86 -7.76
CA SER F 181 -39.13 -11.20 -6.47
C SER F 181 -38.12 -12.08 -5.71
N LEU F 182 -37.84 -11.71 -4.47
CA LEU F 182 -36.86 -12.42 -3.67
C LEU F 182 -37.54 -13.41 -2.73
N PHE F 183 -38.35 -12.92 -1.81
CA PHE F 183 -39.10 -13.80 -0.91
C PHE F 183 -40.27 -13.12 -0.22
N SER F 184 -41.15 -13.95 0.36
CA SER F 184 -42.30 -13.49 1.10
C SER F 184 -42.32 -14.23 2.45
N ALA F 185 -43.32 -13.94 3.29
CA ALA F 185 -43.45 -14.63 4.57
C ALA F 185 -43.56 -16.14 4.37
N ASP F 186 -42.89 -16.89 5.24
CA ASP F 186 -42.79 -18.34 5.08
C ASP F 186 -43.88 -19.11 5.83
N GLY F 187 -44.25 -18.63 7.02
CA GLY F 187 -45.26 -19.27 7.83
C GLY F 187 -44.73 -20.06 9.02
N THR F 188 -43.47 -20.48 8.95
CA THR F 188 -42.84 -21.15 10.09
C THR F 188 -42.18 -20.13 11.02
N ILE F 189 -41.44 -19.20 10.43
CA ILE F 189 -40.72 -18.18 11.20
C ILE F 189 -41.46 -16.84 11.16
N TYR F 190 -41.80 -16.38 9.96
CA TYR F 190 -42.52 -15.11 9.79
C TYR F 190 -43.97 -15.35 9.36
N GLN F 191 -44.85 -14.48 9.87
CA GLN F 191 -46.30 -14.64 9.73
C GLN F 191 -46.81 -14.36 8.31
N THR F 192 -47.75 -15.20 7.85
CA THR F 192 -48.29 -15.09 6.50
C THR F 192 -49.68 -14.46 6.46
N GLU F 193 -50.13 -14.15 5.25
CA GLU F 193 -51.48 -13.63 5.03
C GLU F 193 -52.54 -14.66 5.43
N GLU F 194 -52.31 -15.91 5.07
CA GLU F 194 -53.13 -17.04 5.51
C GLU F 194 -53.43 -16.97 7.02
N GLN F 195 -52.38 -16.74 7.79
CA GLN F 195 -52.46 -16.75 9.25
C GLN F 195 -53.06 -15.45 9.80
N ASN F 196 -52.87 -14.36 9.07
CA ASN F 196 -53.31 -13.04 9.53
C ASN F 196 -53.55 -12.12 8.35
N ALA F 197 -54.79 -11.69 8.18
CA ALA F 197 -55.14 -10.79 7.08
C ALA F 197 -54.44 -9.44 7.22
N PHE F 198 -54.02 -9.12 8.44
CA PHE F 198 -53.35 -7.85 8.73
C PHE F 198 -51.84 -8.02 8.94
N TRP F 199 -51.29 -9.13 8.46
CA TRP F 199 -49.88 -9.43 8.66
C TRP F 199 -48.96 -8.36 8.10
N ASN F 200 -47.78 -8.23 8.71
CA ASN F 200 -46.77 -7.26 8.31
C ASN F 200 -45.56 -7.94 7.70
N PHE F 201 -45.14 -7.46 6.53
CA PHE F 201 -43.94 -7.97 5.86
C PHE F 201 -43.45 -6.96 4.82
N ARG F 202 -42.37 -6.25 5.14
CA ARG F 202 -41.89 -5.18 4.26
C ARG F 202 -40.56 -4.56 4.70
N ASP F 203 -40.07 -3.64 3.87
CA ASP F 203 -38.95 -2.74 4.19
C ASP F 203 -37.59 -3.41 4.27
N PRO F 204 -37.08 -3.88 3.12
CA PRO F 204 -35.74 -4.48 3.09
C PRO F 204 -34.62 -3.46 3.28
N SER F 205 -33.75 -3.69 4.25
CA SER F 205 -32.51 -2.92 4.38
C SER F 205 -31.31 -3.86 4.33
N PRO F 206 -30.74 -4.04 3.13
CA PRO F 206 -29.54 -4.88 2.99
C PRO F 206 -28.28 -4.26 3.58
N PHE F 207 -27.34 -5.11 3.97
CA PHE F 207 -26.04 -4.64 4.44
C PHE F 207 -25.02 -5.76 4.39
N ILE F 208 -23.77 -5.41 4.10
CA ILE F 208 -22.70 -6.37 4.27
C ILE F 208 -22.10 -6.23 5.65
N ASP F 209 -22.12 -7.30 6.42
CA ASP F 209 -21.47 -7.31 7.72
C ASP F 209 -19.96 -7.48 7.54
N ARG F 210 -19.18 -6.56 8.09
CA ARG F 210 -17.73 -6.59 7.91
C ARG F 210 -17.02 -7.66 8.73
N ASN F 211 -17.59 -8.04 9.87
CA ASN F 211 -16.96 -9.06 10.68
C ASN F 211 -17.01 -10.44 10.02
N ASP F 212 -17.97 -10.67 9.13
CA ASP F 212 -18.21 -11.97 8.53
C ASP F 212 -18.00 -11.93 7.01
N GLY F 213 -18.19 -10.73 6.44
CA GLY F 213 -18.15 -10.50 5.01
C GLY F 213 -19.39 -10.85 4.20
N LYS F 214 -20.42 -11.34 4.86
CA LYS F 214 -21.61 -11.84 4.14
C LYS F 214 -22.67 -10.76 3.94
N LEU F 215 -23.55 -11.00 2.97
CA LEU F 215 -24.65 -10.08 2.67
C LEU F 215 -25.91 -10.45 3.45
N TYR F 216 -26.47 -9.46 4.13
CA TYR F 216 -27.68 -9.63 4.93
C TYR F 216 -28.71 -8.58 4.59
N MET F 217 -29.91 -8.75 5.14
CA MET F 217 -30.88 -7.69 5.17
C MET F 217 -31.77 -7.80 6.40
N LEU F 218 -32.15 -6.65 6.95
CA LEU F 218 -33.24 -6.59 7.91
C LEU F 218 -34.55 -6.37 7.16
N PHE F 219 -35.66 -6.69 7.82
CA PHE F 219 -36.99 -6.36 7.30
C PHE F 219 -38.02 -6.45 8.42
N GLU F 220 -39.14 -5.75 8.25
CA GLU F 220 -40.23 -5.85 9.21
C GLU F 220 -40.99 -7.14 9.01
N GLY F 221 -41.37 -7.76 10.12
CA GLY F 221 -42.20 -8.95 10.06
C GLY F 221 -43.10 -9.10 11.27
N ASN F 222 -43.85 -10.19 11.28
CA ASN F 222 -44.58 -10.63 12.47
C ASN F 222 -44.14 -12.04 12.81
N VAL F 223 -44.18 -12.39 14.09
CA VAL F 223 -43.85 -13.74 14.50
C VAL F 223 -44.89 -14.71 13.93
N ALA F 224 -44.43 -15.80 13.35
CA ALA F 224 -45.32 -16.76 12.69
C ALA F 224 -46.35 -17.35 13.66
N GLY F 225 -47.45 -17.81 13.10
CA GLY F 225 -48.53 -18.40 13.86
C GLY F 225 -49.85 -17.72 13.52
N PRO F 226 -50.96 -18.46 13.59
CA PRO F 226 -52.27 -17.83 13.34
C PRO F 226 -52.51 -16.68 14.31
N ARG F 227 -53.25 -15.67 13.87
CA ARG F 227 -53.45 -14.46 14.66
C ARG F 227 -54.13 -14.76 15.99
N GLY F 228 -53.55 -14.26 17.08
CA GLY F 228 -54.12 -14.42 18.39
C GLY F 228 -53.79 -15.74 19.06
N SER F 229 -52.96 -16.55 18.41
CA SER F 229 -52.55 -17.84 18.95
C SER F 229 -51.29 -17.71 19.83
N HIS F 230 -50.56 -16.62 19.64
CA HIS F 230 -49.38 -16.33 20.46
C HIS F 230 -49.72 -16.30 21.96
N GLU F 231 -48.81 -16.86 22.76
CA GLU F 231 -48.91 -16.84 24.21
C GLU F 231 -48.08 -15.72 24.80
N ILE F 232 -48.59 -15.07 25.84
CA ILE F 232 -47.77 -14.15 26.60
C ILE F 232 -47.22 -14.93 27.79
N THR F 233 -45.99 -15.39 27.67
CA THR F 233 -45.33 -16.06 28.78
C THR F 233 -44.58 -15.01 29.59
N GLN F 234 -43.88 -15.43 30.63
CA GLN F 234 -43.17 -14.50 31.50
C GLN F 234 -41.94 -13.93 30.79
N ALA F 235 -41.55 -14.57 29.69
CA ALA F 235 -40.50 -14.06 28.81
C ALA F 235 -40.92 -12.74 28.18
N GLU F 236 -42.10 -12.74 27.57
CA GLU F 236 -42.62 -11.55 26.90
C GLU F 236 -42.99 -10.46 27.91
N MET F 237 -43.47 -10.88 29.08
CA MET F 237 -43.81 -9.94 30.13
C MET F 237 -42.60 -9.13 30.53
N GLY F 238 -41.47 -9.82 30.68
CA GLY F 238 -40.31 -9.20 31.29
C GLY F 238 -40.53 -9.16 32.79
N ASN F 239 -39.71 -8.39 33.48
CA ASN F 239 -39.84 -8.26 34.93
C ASN F 239 -40.70 -7.05 35.29
N VAL F 240 -42.02 -7.22 35.15
CA VAL F 240 -42.98 -6.15 35.37
C VAL F 240 -43.19 -5.84 36.85
N PRO F 241 -43.56 -4.58 37.17
CA PRO F 241 -43.82 -4.23 38.58
C PRO F 241 -45.13 -4.82 39.08
N PRO F 242 -45.28 -4.95 40.41
CA PRO F 242 -46.58 -5.44 40.91
C PRO F 242 -47.71 -4.49 40.52
N GLY F 243 -48.85 -5.05 40.13
CA GLY F 243 -49.99 -4.26 39.69
C GLY F 243 -50.06 -4.01 38.19
N TYR F 244 -49.09 -4.58 37.46
CA TYR F 244 -48.99 -4.40 36.00
C TYR F 244 -48.97 -5.74 35.26
N GLU F 245 -49.70 -6.73 35.80
CA GLU F 245 -49.74 -8.07 35.24
C GLU F 245 -50.86 -8.25 34.21
N ASP F 246 -51.70 -7.23 34.06
CA ASP F 246 -52.86 -7.25 33.15
C ASP F 246 -52.46 -6.80 31.74
N VAL F 247 -52.60 -7.70 30.75
CA VAL F 247 -52.10 -7.44 29.39
C VAL F 247 -53.19 -7.23 28.35
N GLY F 248 -54.45 -7.36 28.75
CA GLY F 248 -55.57 -7.21 27.83
C GLY F 248 -55.45 -8.09 26.59
N GLY F 249 -55.54 -7.48 25.42
CA GLY F 249 -55.48 -8.22 24.17
C GLY F 249 -54.09 -8.23 23.56
N ALA F 250 -53.06 -8.21 24.42
CA ALA F 250 -51.67 -8.11 23.99
C ALA F 250 -51.19 -9.22 23.04
N LYS F 251 -51.74 -10.43 23.15
CA LYS F 251 -51.35 -11.54 22.27
C LYS F 251 -51.55 -11.22 20.78
N TYR F 252 -52.34 -10.19 20.46
CA TYR F 252 -52.62 -9.82 19.07
C TYR F 252 -51.53 -8.91 18.50
N GLN F 253 -50.61 -8.45 19.35
CA GLN F 253 -49.42 -7.73 18.89
C GLN F 253 -48.23 -8.69 18.81
N ALA F 254 -47.65 -8.83 17.62
CA ALA F 254 -46.56 -9.80 17.42
C ALA F 254 -45.51 -9.28 16.44
N GLY F 255 -45.19 -8.00 16.53
CA GLY F 255 -44.20 -7.38 15.66
C GLY F 255 -42.81 -7.95 15.85
N CYS F 256 -42.00 -7.91 14.81
CA CYS F 256 -40.61 -8.34 14.90
C CYS F 256 -39.74 -7.74 13.79
N VAL F 257 -38.43 -7.67 14.05
CA VAL F 257 -37.45 -7.31 13.03
C VAL F 257 -36.82 -8.58 12.47
N GLY F 258 -37.10 -8.89 11.21
CA GLY F 258 -36.61 -10.13 10.61
C GLY F 258 -35.21 -10.04 10.04
N LEU F 259 -34.60 -11.21 9.81
CA LEU F 259 -33.25 -11.28 9.26
C LEU F 259 -33.17 -12.31 8.15
N ALA F 260 -32.48 -11.95 7.07
CA ALA F 260 -32.16 -12.90 6.01
C ALA F 260 -30.70 -12.75 5.58
N VAL F 261 -30.17 -13.82 5.00
CA VAL F 261 -28.80 -13.84 4.50
C VAL F 261 -28.79 -14.33 3.05
N ALA F 262 -27.91 -13.75 2.23
CA ALA F 262 -27.81 -14.13 0.83
C ALA F 262 -26.80 -15.25 0.63
N LYS F 263 -26.96 -16.05 -0.44
CA LYS F 263 -25.97 -17.08 -0.74
C LYS F 263 -24.65 -16.46 -1.17
N ASP F 264 -24.72 -15.32 -1.84
CA ASP F 264 -23.54 -14.57 -2.21
C ASP F 264 -23.87 -13.09 -2.34
N LEU F 265 -22.85 -12.28 -2.58
CA LEU F 265 -23.02 -10.83 -2.55
C LEU F 265 -23.85 -10.29 -3.71
N SER F 266 -24.15 -11.14 -4.69
CA SER F 266 -25.02 -10.73 -5.80
C SER F 266 -26.42 -10.44 -5.28
N GLY F 267 -26.78 -11.09 -4.17
CA GLY F 267 -28.07 -10.87 -3.55
C GLY F 267 -29.22 -11.40 -4.39
N SER F 268 -28.99 -12.52 -5.07
CA SER F 268 -30.00 -13.11 -5.94
C SER F 268 -30.89 -14.11 -5.20
N GLU F 269 -30.30 -14.86 -4.28
CA GLU F 269 -31.02 -15.86 -3.50
C GLU F 269 -30.87 -15.57 -2.01
N TRP F 270 -31.95 -15.76 -1.25
CA TRP F 270 -31.97 -15.39 0.16
C TRP F 270 -32.48 -16.51 1.04
N GLN F 271 -31.71 -16.82 2.10
CA GLN F 271 -32.15 -17.79 3.09
C GLN F 271 -32.72 -17.03 4.28
N ILE F 272 -34.01 -17.24 4.54
CA ILE F 272 -34.69 -16.65 5.69
C ILE F 272 -34.12 -17.16 7.02
N LEU F 273 -33.93 -16.26 7.97
CA LEU F 273 -33.36 -16.60 9.29
C LEU F 273 -34.30 -16.20 10.43
N PRO F 274 -34.04 -16.70 11.66
CA PRO F 274 -34.86 -16.26 12.80
C PRO F 274 -34.74 -14.76 13.07
N PRO F 275 -35.77 -14.16 13.66
CA PRO F 275 -35.72 -12.71 13.87
C PRO F 275 -34.67 -12.28 14.90
N LEU F 276 -34.29 -11.00 14.84
CA LEU F 276 -33.34 -10.43 15.79
C LEU F 276 -34.08 -9.85 16.98
N ILE F 277 -35.20 -9.19 16.69
CA ILE F 277 -36.02 -8.54 17.71
C ILE F 277 -37.48 -8.97 17.57
N THR F 278 -38.08 -9.41 18.68
CA THR F 278 -39.50 -9.74 18.70
C THR F 278 -40.19 -8.91 19.77
N ALA F 279 -41.43 -8.51 19.50
CA ALA F 279 -42.17 -7.60 20.36
C ALA F 279 -43.54 -8.15 20.69
N VAL F 280 -43.64 -9.47 20.78
CA VAL F 280 -44.88 -10.13 21.13
C VAL F 280 -45.38 -9.61 22.47
N GLY F 281 -46.63 -9.15 22.49
CA GLY F 281 -47.22 -8.61 23.70
C GLY F 281 -46.87 -7.17 23.95
N VAL F 282 -46.19 -6.54 22.98
CA VAL F 282 -45.69 -5.18 23.17
C VAL F 282 -46.10 -4.24 22.04
N ASN F 283 -45.70 -4.57 20.81
CA ASN F 283 -46.05 -3.75 19.65
C ASN F 283 -46.18 -4.61 18.40
N ASP F 284 -47.13 -4.27 17.54
CA ASP F 284 -47.40 -5.06 16.34
C ASP F 284 -46.48 -4.68 15.19
N GLN F 285 -45.99 -3.44 15.19
CA GLN F 285 -45.26 -2.92 14.05
C GLN F 285 -43.87 -2.38 14.41
N THR F 286 -42.85 -3.11 13.96
CA THR F 286 -41.47 -2.63 14.00
C THR F 286 -40.99 -2.44 12.57
N GLU F 287 -41.20 -1.25 12.03
CA GLU F 287 -41.01 -0.98 10.61
C GLU F 287 -39.65 -0.39 10.29
N ARG F 288 -39.34 -0.35 9.00
CA ARG F 288 -38.09 0.21 8.45
C ARG F 288 -36.87 -0.05 9.34
N PRO F 289 -36.58 -1.32 9.60
CA PRO F 289 -35.37 -1.59 10.36
C PRO F 289 -34.13 -1.17 9.58
N HIS F 290 -33.13 -0.64 10.28
CA HIS F 290 -31.88 -0.24 9.64
C HIS F 290 -30.75 -0.14 10.64
N PHE F 291 -29.54 -0.49 10.20
CA PHE F 291 -28.37 -0.51 11.08
C PHE F 291 -27.53 0.75 10.99
N VAL F 292 -26.98 1.14 12.13
CA VAL F 292 -25.81 2.01 12.18
C VAL F 292 -24.70 1.19 12.83
N PHE F 293 -23.55 1.12 12.15
CA PHE F 293 -22.40 0.43 12.72
C PHE F 293 -21.47 1.48 13.34
N GLN F 294 -21.31 1.41 14.65
CA GLN F 294 -20.51 2.40 15.36
C GLN F 294 -19.88 1.82 16.61
N ASP F 295 -18.61 2.18 16.84
CA ASP F 295 -17.85 1.73 18.01
C ASP F 295 -17.88 0.22 18.19
N GLY F 296 -17.79 -0.52 17.08
CA GLY F 296 -17.77 -1.97 17.13
C GLY F 296 -19.11 -2.58 17.50
N LYS F 297 -20.15 -1.75 17.56
CA LYS F 297 -21.47 -2.18 17.99
C LYS F 297 -22.52 -2.12 16.88
N TYR F 298 -23.59 -2.89 17.06
CA TYR F 298 -24.69 -2.94 16.11
C TYR F 298 -25.89 -2.13 16.62
N TYR F 299 -26.14 -0.98 16.00
CA TYR F 299 -27.26 -0.13 16.40
C TYR F 299 -28.47 -0.37 15.48
N LEU F 300 -29.40 -1.19 15.96
CA LEU F 300 -30.58 -1.56 15.19
C LEU F 300 -31.74 -0.62 15.50
N PHE F 301 -32.11 0.20 14.52
CA PHE F 301 -33.22 1.14 14.67
C PHE F 301 -34.45 0.63 13.95
N THR F 302 -35.62 0.93 14.51
CA THR F 302 -36.89 0.58 13.90
C THR F 302 -37.96 1.55 14.37
N ILE F 303 -38.83 1.94 13.45
CA ILE F 303 -39.87 2.93 13.72
C ILE F 303 -41.17 2.23 14.11
N SER F 304 -41.99 2.89 14.90
CA SER F 304 -43.26 2.31 15.34
C SER F 304 -44.27 3.40 15.67
N HIS F 305 -45.51 3.00 15.94
CA HIS F 305 -46.60 3.93 16.25
C HIS F 305 -47.04 3.85 17.70
N LYS F 306 -47.44 4.99 18.24
CA LYS F 306 -48.21 5.04 19.48
C LYS F 306 -49.34 4.00 19.49
N TYR F 307 -50.16 3.99 18.45
CA TYR F 307 -51.39 3.20 18.45
C TYR F 307 -51.22 1.78 17.91
N THR F 308 -49.98 1.32 17.80
CA THR F 308 -49.71 -0.10 17.57
C THR F 308 -49.14 -0.76 18.82
N PHE F 309 -49.00 0.04 19.89
CA PHE F 309 -48.63 -0.51 21.18
C PHE F 309 -49.75 -1.36 21.77
N ALA F 310 -49.38 -2.38 22.56
CA ALA F 310 -50.36 -3.27 23.16
C ALA F 310 -51.12 -2.56 24.27
N ASP F 311 -52.19 -3.18 24.76
CA ASP F 311 -52.99 -2.62 25.83
C ASP F 311 -52.13 -2.41 27.07
N ASN F 312 -52.38 -1.32 27.79
CA ASN F 312 -51.68 -1.01 29.03
C ASN F 312 -50.19 -0.75 28.82
N LEU F 313 -49.83 -0.46 27.57
CA LEU F 313 -48.51 0.01 27.20
C LEU F 313 -48.71 1.20 26.26
N THR F 314 -47.81 2.18 26.32
CA THR F 314 -47.87 3.29 25.36
C THR F 314 -46.53 3.97 25.15
N GLY F 315 -46.38 4.58 23.98
CA GLY F 315 -45.20 5.35 23.63
C GLY F 315 -45.58 6.28 22.50
N PRO F 316 -44.71 7.25 22.17
CA PRO F 316 -45.01 8.15 21.06
C PRO F 316 -44.66 7.56 19.71
N ASP F 317 -45.20 8.14 18.64
CA ASP F 317 -44.72 7.85 17.30
C ASP F 317 -43.27 8.30 17.18
N GLY F 318 -42.44 7.51 16.49
CA GLY F 318 -41.04 7.83 16.34
C GLY F 318 -40.18 6.61 16.04
N VAL F 319 -38.87 6.75 16.28
CA VAL F 319 -37.93 5.65 16.06
C VAL F 319 -37.48 5.07 17.38
N TYR F 320 -37.50 3.74 17.45
CA TYR F 320 -36.99 3.01 18.60
C TYR F 320 -35.70 2.30 18.22
N GLY F 321 -34.95 1.83 19.22
CA GLY F 321 -33.62 1.30 18.94
C GLY F 321 -33.09 0.31 19.95
N PHE F 322 -32.17 -0.54 19.47
CA PHE F 322 -31.53 -1.57 20.28
C PHE F 322 -30.07 -1.69 19.89
N VAL F 323 -29.20 -1.94 20.87
CA VAL F 323 -27.76 -2.05 20.61
C VAL F 323 -27.19 -3.38 21.08
N SER F 324 -26.29 -3.94 20.28
CA SER F 324 -25.62 -5.20 20.62
C SER F 324 -24.17 -5.20 20.14
N ASP F 325 -23.36 -6.04 20.79
CA ASP F 325 -21.97 -6.24 20.40
C ASP F 325 -21.86 -7.17 19.20
N LYS F 326 -22.92 -7.93 18.96
CA LYS F 326 -22.96 -8.93 17.89
C LYS F 326 -24.22 -8.80 17.05
N LEU F 327 -24.11 -9.19 15.79
CA LEU F 327 -25.21 -9.11 14.84
C LEU F 327 -26.43 -9.85 15.39
N THR F 328 -26.18 -11.04 15.90
CA THR F 328 -27.27 -11.92 16.32
C THR F 328 -27.57 -11.82 17.82
N GLY F 329 -27.21 -10.68 18.42
CA GLY F 329 -27.60 -10.39 19.79
C GLY F 329 -26.66 -10.93 20.84
N PRO F 330 -27.04 -10.80 22.12
CA PRO F 330 -28.29 -10.20 22.59
C PRO F 330 -28.31 -8.67 22.51
N TYR F 331 -29.47 -8.12 22.18
CA TYR F 331 -29.63 -6.68 22.05
C TYR F 331 -30.19 -6.08 23.34
N THR F 332 -29.82 -4.83 23.59
CA THR F 332 -30.36 -4.07 24.71
C THR F 332 -31.18 -2.90 24.15
N PRO F 333 -32.36 -2.61 24.74
CA PRO F 333 -33.14 -1.45 24.29
C PRO F 333 -32.40 -0.14 24.53
N MET F 334 -32.44 0.76 23.55
CA MET F 334 -31.75 2.03 23.68
C MET F 334 -32.42 2.90 24.74
N ASN F 335 -31.60 3.60 25.52
CA ASN F 335 -32.10 4.49 26.57
C ASN F 335 -32.97 3.74 27.57
N SER F 336 -32.66 2.45 27.74
CA SER F 336 -33.33 1.54 28.69
C SER F 336 -34.71 1.06 28.26
N SER F 337 -35.43 1.86 27.47
CA SER F 337 -36.80 1.52 27.08
C SER F 337 -36.93 1.13 25.61
N GLY F 338 -36.00 1.60 24.79
CA GLY F 338 -36.05 1.36 23.36
C GLY F 338 -36.30 2.63 22.56
N LEU F 339 -36.80 3.68 23.22
CA LEU F 339 -37.14 4.92 22.52
C LEU F 339 -35.90 5.78 22.25
N VAL F 340 -35.71 6.15 20.98
CA VAL F 340 -34.54 6.92 20.56
C VAL F 340 -34.94 8.36 20.21
N LEU F 341 -36.01 8.51 19.42
CA LEU F 341 -36.49 9.83 19.04
C LEU F 341 -38.01 9.82 18.87
N GLY F 342 -38.71 10.51 19.76
CA GLY F 342 -40.17 10.51 19.76
C GLY F 342 -40.79 11.88 19.55
N ASN F 343 -41.97 11.90 18.95
CA ASN F 343 -42.72 13.14 18.76
C ASN F 343 -43.21 13.68 20.11
N PRO F 344 -43.29 15.01 20.24
CA PRO F 344 -43.81 15.59 21.49
C PRO F 344 -45.30 15.34 21.63
N SER F 345 -45.78 15.25 22.87
CA SER F 345 -47.16 14.83 23.13
C SER F 345 -48.19 15.86 22.66
N SER F 346 -47.76 17.10 22.46
CA SER F 346 -48.65 18.16 21.99
C SER F 346 -48.91 18.05 20.48
N GLN F 347 -47.94 17.49 19.77
CA GLN F 347 -48.03 17.26 18.33
C GLN F 347 -47.57 15.83 18.04
N PRO F 348 -48.36 14.84 18.46
CA PRO F 348 -47.93 13.44 18.49
C PRO F 348 -47.75 12.81 17.13
N PHE F 349 -48.29 13.42 16.07
CA PHE F 349 -48.19 12.86 14.73
C PHE F 349 -47.61 13.85 13.72
N GLN F 350 -46.79 14.78 14.21
CA GLN F 350 -46.20 15.80 13.35
C GLN F 350 -45.21 15.21 12.35
N THR F 351 -44.49 14.17 12.75
CA THR F 351 -43.50 13.53 11.89
C THR F 351 -43.54 12.02 12.02
N TYR F 352 -43.06 11.33 10.99
CA TYR F 352 -42.93 9.90 11.05
C TYR F 352 -41.84 9.40 10.10
N SER F 353 -41.49 8.13 10.22
CA SER F 353 -40.53 7.46 9.34
C SER F 353 -39.13 8.03 9.55
N HIS F 354 -38.71 8.05 10.81
CA HIS F 354 -37.41 8.59 11.20
C HIS F 354 -36.31 7.63 10.77
N TYR F 355 -35.38 8.12 9.96
CA TYR F 355 -34.29 7.30 9.44
C TYR F 355 -32.94 7.79 9.97
N VAL F 356 -32.40 7.07 10.95
CA VAL F 356 -31.11 7.42 11.54
C VAL F 356 -29.96 7.01 10.64
N MET F 357 -29.16 7.98 10.22
CA MET F 357 -28.01 7.72 9.36
C MET F 357 -26.74 7.70 10.19
N PRO F 358 -25.70 7.02 9.69
CA PRO F 358 -24.47 6.80 10.48
C PRO F 358 -23.75 8.09 10.91
N ASN F 359 -24.10 9.23 10.33
CA ASN F 359 -23.52 10.51 10.74
C ASN F 359 -24.34 11.15 11.86
N GLY F 360 -25.31 10.42 12.38
CA GLY F 360 -26.13 10.91 13.47
C GLY F 360 -27.32 11.73 13.02
N LEU F 361 -27.37 12.06 11.73
CA LEU F 361 -28.51 12.80 11.19
C LEU F 361 -29.72 11.90 11.06
N VAL F 362 -30.88 12.44 11.44
CA VAL F 362 -32.13 11.72 11.38
C VAL F 362 -33.10 12.53 10.52
N THR F 363 -33.61 11.91 9.46
CA THR F 363 -34.57 12.57 8.58
C THR F 363 -35.99 12.08 8.83
N SER F 364 -36.95 12.94 8.54
CA SER F 364 -38.36 12.67 8.81
C SER F 364 -39.22 13.37 7.78
N PHE F 365 -40.43 12.86 7.56
CA PHE F 365 -41.41 13.61 6.79
C PHE F 365 -42.45 14.16 7.74
N ILE F 366 -43.00 15.33 7.40
CA ILE F 366 -44.07 15.94 8.19
C ILE F 366 -45.41 15.32 7.82
N ASP F 367 -46.10 14.76 8.81
CA ASP F 367 -47.43 14.19 8.59
C ASP F 367 -48.51 15.19 8.97
N SER F 368 -48.86 15.26 10.26
CA SER F 368 -49.99 16.07 10.71
C SER F 368 -49.64 17.00 11.87
N VAL F 369 -49.73 18.30 11.62
CA VAL F 369 -49.45 19.33 12.62
C VAL F 369 -50.76 19.99 13.07
N PRO F 370 -51.02 20.02 14.40
CA PRO F 370 -52.29 20.61 14.83
C PRO F 370 -52.34 22.10 14.55
N TRP F 371 -53.50 22.59 14.14
CA TRP F 371 -53.68 23.98 13.74
C TRP F 371 -54.51 24.68 14.83
N LYS F 372 -55.83 24.77 14.62
CA LYS F 372 -56.77 25.18 15.66
C LYS F 372 -57.61 23.93 15.95
N GLY F 373 -58.57 24.04 16.88
CA GLY F 373 -59.32 22.90 17.40
C GLY F 373 -58.96 21.51 16.90
N LYS F 374 -59.87 20.89 16.14
CA LYS F 374 -59.66 19.52 15.68
C LYS F 374 -59.05 19.46 14.28
N ASP F 375 -58.89 20.62 13.65
CA ASP F 375 -58.28 20.69 12.34
C ASP F 375 -56.75 20.70 12.44
N TYR F 376 -56.10 20.01 11.50
CA TYR F 376 -54.65 19.95 11.45
C TYR F 376 -54.17 20.28 10.04
N ARG F 377 -52.92 20.72 9.93
CA ARG F 377 -52.27 20.90 8.63
C ARG F 377 -51.45 19.67 8.28
N ILE F 378 -51.69 19.13 7.10
CA ILE F 378 -50.92 17.98 6.64
C ILE F 378 -49.70 18.48 5.87
N GLY F 379 -48.65 17.66 5.84
CA GLY F 379 -47.38 18.07 5.26
C GLY F 379 -47.08 17.44 3.91
N GLY F 380 -46.58 16.21 3.93
CA GLY F 380 -46.15 15.54 2.72
C GLY F 380 -44.85 16.12 2.22
N THR F 381 -44.00 16.49 3.17
CA THR F 381 -42.71 17.11 2.87
C THR F 381 -41.73 16.77 4.01
N GLU F 382 -40.44 16.99 3.78
CA GLU F 382 -39.43 16.63 4.77
C GLU F 382 -39.49 17.53 6.00
N ALA F 383 -39.28 16.92 7.17
CA ALA F 383 -39.17 17.66 8.42
C ALA F 383 -37.76 18.19 8.59
N PRO F 384 -37.55 19.09 9.57
CA PRO F 384 -36.18 19.51 9.90
C PRO F 384 -35.34 18.35 10.37
N THR F 385 -34.19 18.17 9.74
CA THR F 385 -33.28 17.10 10.09
C THR F 385 -32.62 17.41 11.43
N VAL F 386 -32.69 16.44 12.34
CA VAL F 386 -32.06 16.57 13.64
C VAL F 386 -30.82 15.71 13.69
N LYS F 387 -29.88 16.04 14.57
CA LYS F 387 -28.74 15.18 14.83
C LYS F 387 -28.84 14.55 16.21
N ILE F 388 -28.73 13.23 16.28
CA ILE F 388 -28.59 12.54 17.56
C ILE F 388 -27.18 11.99 17.72
N LEU F 389 -26.74 11.91 18.96
CA LEU F 389 -25.43 11.41 19.33
C LEU F 389 -25.56 10.06 20.02
N LEU F 390 -24.88 9.04 19.50
CA LEU F 390 -24.94 7.70 20.08
C LEU F 390 -23.78 7.47 21.02
N LYS F 391 -24.10 6.96 22.21
CA LYS F 391 -23.10 6.76 23.25
C LYS F 391 -23.51 5.57 24.10
N GLY F 392 -22.86 4.44 23.85
CA GLY F 392 -23.22 3.19 24.51
C GLY F 392 -24.62 2.78 24.13
N ASP F 393 -25.48 2.61 25.14
CA ASP F 393 -26.87 2.26 24.92
C ASP F 393 -27.78 3.46 25.15
N ARG F 394 -27.22 4.65 24.95
CA ARG F 394 -27.96 5.89 25.13
C ARG F 394 -27.83 6.82 23.93
N SER F 395 -28.90 7.55 23.64
CA SER F 395 -28.90 8.57 22.60
C SER F 395 -29.20 9.96 23.17
N PHE F 396 -28.65 10.99 22.55
CA PHE F 396 -28.95 12.38 22.89
C PHE F 396 -29.21 13.18 21.63
N ILE F 397 -30.33 13.88 21.54
CA ILE F 397 -30.53 14.81 20.43
C ILE F 397 -29.68 16.04 20.70
N VAL F 398 -29.04 16.57 19.67
CA VAL F 398 -27.88 17.45 19.85
C VAL F 398 -27.97 18.77 19.09
N ASP F 399 -28.51 18.77 17.86
CA ASP F 399 -29.04 20.01 17.28
C ASP F 399 -29.89 19.73 16.05
N SER F 400 -30.34 20.82 15.40
CA SER F 400 -31.26 20.74 14.27
C SER F 400 -30.69 21.42 13.03
N PHE F 401 -31.07 20.93 11.86
CA PHE F 401 -30.70 21.54 10.60
C PHE F 401 -31.95 21.90 9.80
N ASP F 402 -31.76 22.30 8.54
CA ASP F 402 -32.85 22.80 7.72
C ASP F 402 -33.77 21.67 7.22
N TYR F 403 -34.94 22.05 6.72
CA TYR F 403 -35.90 21.09 6.19
C TYR F 403 -35.31 20.21 5.09
N GLY F 404 -35.33 18.90 5.33
CA GLY F 404 -34.92 17.92 4.35
C GLY F 404 -33.42 17.83 4.12
N TYR F 405 -32.64 18.36 5.05
CA TYR F 405 -31.19 18.29 4.94
C TYR F 405 -30.71 16.86 5.09
N ILE F 406 -30.32 16.25 3.98
CA ILE F 406 -29.79 14.88 3.99
C ILE F 406 -28.49 14.86 3.19
N PRO F 407 -27.40 15.37 3.78
CA PRO F 407 -26.10 15.38 3.10
C PRO F 407 -25.52 13.98 2.97
N ALA F 408 -24.64 13.79 2.01
CA ALA F 408 -23.94 12.52 1.87
C ALA F 408 -22.73 12.50 2.78
N MET F 409 -22.27 11.30 3.14
CA MET F 409 -21.12 11.14 4.00
C MET F 409 -19.83 11.01 3.20
N LYS F 410 -20.00 10.57 1.96
CA LYS F 410 -18.96 10.13 1.05
C LYS F 410 -19.32 10.44 -0.42
N ASP F 411 -18.39 10.94 -1.23
CA ASP F 411 -18.71 11.12 -2.65
C ASP F 411 -17.96 10.12 -3.54
N ILE F 412 -18.70 9.51 -4.46
CA ILE F 412 -18.11 8.60 -5.44
C ILE F 412 -18.23 9.19 -6.84
N THR F 413 -17.09 9.27 -7.53
CA THR F 413 -17.07 9.72 -8.92
C THR F 413 -17.05 8.50 -9.84
N LEU F 414 -17.85 8.54 -10.91
CA LEU F 414 -18.02 7.39 -11.79
C LEU F 414 -17.12 7.42 -13.02
N TYR G 4 22.19 -23.78 -17.42
CA TYR G 4 22.90 -24.02 -18.68
C TYR G 4 22.79 -22.78 -19.52
N ASN G 5 21.62 -22.18 -19.41
CA ASN G 5 21.40 -20.79 -19.76
C ASN G 5 21.59 -19.98 -18.49
N TYR G 6 22.81 -19.88 -17.97
CA TYR G 6 22.97 -19.44 -16.57
C TYR G 6 24.02 -18.41 -16.19
N LYS G 7 23.83 -17.90 -14.97
CA LYS G 7 24.70 -16.93 -14.33
C LYS G 7 25.44 -17.59 -13.17
N PRO G 8 26.71 -17.24 -12.96
CA PRO G 8 27.38 -17.81 -11.77
C PRO G 8 26.82 -17.23 -10.48
N THR G 9 26.79 -18.04 -9.43
CA THR G 9 26.45 -17.56 -8.10
C THR G 9 27.69 -16.96 -7.46
N LEU G 10 27.59 -15.72 -6.98
CA LEU G 10 28.72 -15.09 -6.31
C LEU G 10 28.71 -15.40 -4.83
N TRP G 11 29.85 -15.91 -4.35
CA TRP G 11 30.12 -15.97 -2.92
C TRP G 11 30.64 -14.58 -2.56
N THR G 12 29.87 -13.86 -1.74
CA THR G 12 30.11 -12.43 -1.54
C THR G 12 30.84 -12.14 -0.24
N ARG G 13 31.36 -10.92 -0.12
CA ARG G 13 32.03 -10.50 1.11
C ARG G 13 31.04 -10.51 2.27
N ALA G 14 29.81 -10.10 1.99
CA ALA G 14 28.75 -10.17 2.99
C ALA G 14 28.57 -11.60 3.49
N ASP G 15 28.60 -12.57 2.58
CA ASP G 15 28.51 -13.98 2.95
C ASP G 15 29.67 -14.37 3.85
N ALA G 16 30.88 -13.96 3.46
CA ALA G 16 32.09 -14.31 4.19
C ALA G 16 32.08 -13.73 5.62
N LEU G 17 31.54 -12.52 5.76
CA LEU G 17 31.46 -11.88 7.06
C LEU G 17 30.61 -12.67 8.04
N LYS G 18 29.74 -13.52 7.51
CA LYS G 18 28.89 -14.38 8.33
C LYS G 18 29.63 -15.60 8.85
N VAL G 19 30.82 -15.86 8.32
CA VAL G 19 31.58 -17.05 8.67
C VAL G 19 31.96 -17.12 10.14
N HIS G 20 31.57 -18.23 10.76
CA HIS G 20 31.89 -18.42 12.17
C HIS G 20 32.94 -19.51 12.47
N GLU G 21 34.04 -19.05 13.06
CA GLU G 21 35.06 -19.95 13.56
C GLU G 21 34.63 -20.46 14.93
N ASP G 22 34.89 -21.75 15.18
CA ASP G 22 34.61 -22.39 16.46
C ASP G 22 33.11 -22.53 16.76
N ASP G 23 32.30 -22.66 15.72
CA ASP G 23 30.92 -23.10 15.87
C ASP G 23 30.95 -24.61 16.11
N PRO G 24 30.41 -25.09 17.25
CA PRO G 24 30.58 -26.51 17.54
C PRO G 24 29.90 -27.43 16.53
N THR G 25 28.83 -26.94 15.91
CA THR G 25 28.12 -27.71 14.89
C THR G 25 28.87 -27.75 13.56
N THR G 26 29.91 -26.92 13.43
CA THR G 26 30.57 -26.70 12.15
C THR G 26 32.09 -26.76 12.32
N THR G 27 32.53 -27.27 13.47
CA THR G 27 33.96 -27.32 13.78
C THR G 27 34.43 -28.76 14.01
N GLN G 28 35.58 -29.07 13.43
CA GLN G 28 36.20 -30.39 13.60
C GLN G 28 36.66 -30.60 15.03
N PRO G 29 36.53 -31.84 15.54
CA PRO G 29 37.12 -32.14 16.85
C PRO G 29 38.63 -31.93 16.86
N VAL G 30 39.17 -31.64 18.04
CA VAL G 30 40.60 -31.41 18.20
C VAL G 30 41.37 -32.70 17.94
N ILE G 31 42.36 -32.65 17.04
CA ILE G 31 43.23 -33.78 16.79
C ILE G 31 44.12 -34.05 17.99
N ASP G 32 44.09 -35.28 18.48
CA ASP G 32 44.97 -35.68 19.56
C ASP G 32 46.36 -35.82 18.99
N ILE G 33 47.33 -35.19 19.64
CA ILE G 33 48.68 -35.10 19.11
C ILE G 33 49.42 -36.44 19.11
N ALA G 34 48.89 -37.42 19.84
CA ALA G 34 49.45 -38.76 19.84
C ALA G 34 48.83 -39.59 18.73
N PHE G 35 48.34 -38.92 17.69
CA PHE G 35 47.73 -39.61 16.56
C PHE G 35 48.68 -40.63 15.94
N PRO G 36 48.13 -41.74 15.44
CA PRO G 36 48.96 -42.74 14.76
C PRO G 36 49.22 -42.36 13.30
N VAL G 37 50.23 -42.98 12.70
CA VAL G 37 50.55 -42.75 11.29
C VAL G 37 50.37 -44.06 10.52
N MET G 38 49.79 -43.97 9.33
CA MET G 38 49.45 -45.16 8.57
C MET G 38 50.64 -45.72 7.79
N SER G 39 51.70 -44.92 7.64
CA SER G 39 52.94 -45.41 7.03
C SER G 39 54.17 -44.68 7.55
N GLU G 40 55.20 -45.45 7.90
CA GLU G 40 56.49 -44.90 8.30
C GLU G 40 57.44 -44.73 7.10
N GLU G 41 57.00 -45.16 5.91
CA GLU G 41 57.79 -44.99 4.70
C GLU G 41 57.37 -43.79 3.84
N VAL G 42 56.06 -43.50 3.80
CA VAL G 42 55.57 -42.43 2.94
C VAL G 42 54.65 -41.42 3.64
N PHE G 43 54.55 -40.24 3.04
CA PHE G 43 53.54 -39.24 3.40
C PHE G 43 52.34 -39.41 2.49
N ILE G 44 51.14 -39.21 3.04
CA ILE G 44 49.97 -38.98 2.20
C ILE G 44 49.31 -37.68 2.63
N TRP G 45 48.53 -37.07 1.75
CA TRP G 45 47.65 -35.99 2.16
C TRP G 45 46.33 -36.10 1.39
N ASP G 46 46.13 -35.39 0.29
CA ASP G 46 44.86 -35.50 -0.44
C ASP G 46 44.43 -36.93 -0.72
N THR G 47 43.24 -37.26 -0.23
CA THR G 47 42.73 -38.61 -0.35
C THR G 47 41.50 -38.62 -1.26
N MET G 48 41.56 -39.50 -2.25
CA MET G 48 40.52 -39.60 -3.28
C MET G 48 39.90 -40.99 -3.29
N PRO G 49 38.76 -41.17 -2.61
CA PRO G 49 38.14 -42.50 -2.57
C PRO G 49 37.60 -42.93 -3.93
N LEU G 50 37.65 -44.22 -4.21
CA LEU G 50 37.11 -44.77 -5.45
C LEU G 50 35.59 -44.63 -5.46
N ARG G 51 35.06 -44.05 -6.54
CA ARG G 51 33.62 -43.86 -6.64
C ARG G 51 33.12 -44.04 -8.07
N ASP G 52 31.79 -44.03 -8.24
CA ASP G 52 31.18 -44.12 -9.56
C ASP G 52 30.71 -42.74 -10.04
N PHE G 53 30.12 -42.69 -11.23
CA PHE G 53 29.72 -41.43 -11.81
C PHE G 53 28.61 -40.74 -11.02
N ASP G 54 27.89 -41.49 -10.20
CA ASP G 54 26.83 -40.90 -9.38
C ASP G 54 27.38 -40.29 -8.09
N GLY G 55 28.63 -40.57 -7.77
CA GLY G 55 29.27 -40.02 -6.60
C GLY G 55 29.35 -41.00 -5.43
N GLU G 56 28.83 -42.20 -5.62
CA GLU G 56 28.80 -43.20 -4.57
C GLU G 56 30.15 -43.89 -4.39
N ILE G 57 30.56 -44.09 -3.14
CA ILE G 57 31.85 -44.72 -2.84
C ILE G 57 31.76 -46.22 -3.04
N ILE G 58 32.66 -46.75 -3.87
CA ILE G 58 32.59 -48.12 -4.34
C ILE G 58 33.70 -49.02 -3.80
N SER G 59 33.31 -50.22 -3.39
CA SER G 59 34.25 -51.28 -3.10
C SER G 59 34.19 -52.29 -4.24
N VAL G 60 35.31 -52.98 -4.47
CA VAL G 60 35.36 -54.00 -5.52
C VAL G 60 35.73 -55.36 -4.94
N ASN G 61 34.86 -56.34 -5.15
CA ASN G 61 35.02 -57.68 -4.59
C ASN G 61 35.36 -57.64 -3.10
N GLY G 62 34.68 -56.74 -2.38
CA GLY G 62 34.85 -56.61 -0.94
C GLY G 62 36.05 -55.80 -0.51
N TRP G 63 36.72 -55.16 -1.47
CA TRP G 63 37.87 -54.31 -1.17
C TRP G 63 37.50 -52.83 -1.29
N CYS G 64 37.60 -52.10 -0.18
CA CYS G 64 37.52 -50.64 -0.23
C CYS G 64 38.81 -50.11 -0.82
N ILE G 65 38.70 -49.03 -1.60
CA ILE G 65 39.84 -48.49 -2.33
C ILE G 65 39.93 -46.97 -2.16
N ILE G 66 41.13 -46.49 -1.86
CA ILE G 66 41.41 -45.06 -1.88
C ILE G 66 42.67 -44.76 -2.67
N PHE G 67 42.67 -43.61 -3.36
CA PHE G 67 43.85 -43.07 -4.01
C PHE G 67 44.36 -41.87 -3.21
N THR G 68 45.67 -41.75 -3.05
CA THR G 68 46.24 -40.65 -2.27
C THR G 68 47.34 -39.92 -3.04
N LEU G 69 47.41 -38.61 -2.84
CA LEU G 69 48.62 -37.87 -3.19
C LEU G 69 49.69 -38.32 -2.21
N THR G 70 50.84 -38.73 -2.74
CA THR G 70 51.83 -39.43 -1.94
C THR G 70 53.25 -38.94 -2.20
N ALA G 71 54.10 -39.03 -1.18
CA ALA G 71 55.52 -38.73 -1.33
C ALA G 71 56.32 -39.52 -0.29
N ASP G 72 57.59 -39.75 -0.58
CA ASP G 72 58.43 -40.54 0.30
C ASP G 72 58.89 -39.75 1.52
N ARG G 73 58.92 -40.41 2.68
CA ARG G 73 59.57 -39.86 3.86
C ARG G 73 61.08 -40.00 3.68
N ASN G 74 61.78 -38.87 3.72
CA ASN G 74 63.22 -38.86 3.49
C ASN G 74 64.02 -39.00 4.78
N THR G 75 63.61 -39.97 5.60
CA THR G 75 64.23 -40.22 6.90
C THR G 75 65.75 -40.34 6.82
N ASP G 76 66.24 -41.00 5.77
CA ASP G 76 67.66 -41.32 5.67
C ASP G 76 68.41 -40.58 4.54
N ASN G 77 67.72 -39.68 3.85
CA ASN G 77 68.33 -38.94 2.75
C ASN G 77 69.09 -37.72 3.29
N PRO G 78 70.40 -37.62 2.97
CA PRO G 78 71.21 -36.49 3.48
C PRO G 78 70.70 -35.10 3.06
N GLN G 79 69.91 -35.02 1.99
CA GLN G 79 69.43 -33.75 1.49
C GLN G 79 68.50 -33.05 2.49
N PHE G 80 67.82 -33.85 3.31
CA PHE G 80 66.85 -33.33 4.25
C PHE G 80 67.34 -33.38 5.69
N GLN G 81 68.62 -33.02 5.89
CA GLN G 81 69.19 -33.05 7.23
C GLN G 81 69.36 -31.67 7.86
N ASP G 82 68.96 -31.56 9.12
CA ASP G 82 69.20 -30.41 9.97
C ASP G 82 70.71 -30.26 10.24
N GLU G 83 71.14 -29.09 10.69
CA GLU G 83 72.54 -28.90 11.11
C GLU G 83 72.94 -29.82 12.27
N ASN G 84 74.12 -30.41 12.11
CA ASN G 84 74.62 -31.53 12.93
C ASN G 84 74.05 -32.84 12.41
N GLY G 85 73.39 -32.78 11.24
CA GLY G 85 73.05 -33.95 10.46
C GLY G 85 71.85 -34.75 10.91
N ASN G 86 70.84 -34.08 11.46
CA ASN G 86 69.61 -34.76 11.88
C ASN G 86 68.48 -34.60 10.87
N TYR G 87 67.57 -35.58 10.84
CA TYR G 87 66.46 -35.55 9.89
C TYR G 87 65.45 -34.44 10.22
N ASP G 88 65.27 -33.53 9.27
CA ASP G 88 64.31 -32.43 9.41
C ASP G 88 62.96 -32.83 8.82
N ILE G 89 62.11 -33.41 9.67
CA ILE G 89 60.79 -33.87 9.23
C ILE G 89 59.94 -32.72 8.68
N THR G 90 60.14 -31.52 9.19
CA THR G 90 59.32 -30.38 8.80
C THR G 90 59.63 -29.92 7.37
N ARG G 91 60.91 -29.68 7.10
CA ARG G 91 61.33 -29.24 5.77
C ARG G 91 60.91 -30.28 4.73
N ASP G 92 61.08 -31.55 5.08
CA ASP G 92 60.65 -32.67 4.26
C ASP G 92 59.16 -32.57 3.92
N TRP G 93 58.34 -32.63 4.96
CA TRP G 93 56.88 -32.54 4.84
C TRP G 93 56.42 -31.36 3.97
N GLU G 94 57.05 -30.21 4.16
CA GLU G 94 56.63 -28.98 3.48
C GLU G 94 57.10 -28.90 2.02
N ASP G 95 58.06 -29.76 1.64
CA ASP G 95 58.56 -29.81 0.27
C ASP G 95 57.80 -30.82 -0.59
N ARG G 96 56.77 -31.44 -0.01
CA ARG G 96 56.14 -32.63 -0.60
C ARG G 96 55.40 -32.38 -1.91
N HIS G 97 54.83 -31.19 -2.07
CA HIS G 97 53.97 -30.89 -3.21
C HIS G 97 54.73 -30.99 -4.52
N GLY G 98 56.03 -30.74 -4.47
CA GLY G 98 56.89 -30.86 -5.63
C GLY G 98 57.11 -32.29 -6.10
N ARG G 99 56.99 -33.26 -5.19
CA ARG G 99 57.20 -34.67 -5.54
C ARG G 99 55.92 -35.49 -5.39
N ALA G 100 54.78 -34.84 -5.55
CA ALA G 100 53.49 -35.50 -5.42
C ALA G 100 53.29 -36.59 -6.47
N ARG G 101 53.07 -37.82 -6.00
CA ARG G 101 52.71 -38.95 -6.86
C ARG G 101 51.43 -39.59 -6.35
N ILE G 102 50.62 -40.14 -7.27
CA ILE G 102 49.36 -40.76 -6.88
C ILE G 102 49.55 -42.26 -6.65
N CYS G 103 49.23 -42.68 -5.43
CA CYS G 103 49.29 -44.08 -5.02
C CYS G 103 47.90 -44.53 -4.62
N TYR G 104 47.72 -45.84 -4.43
CA TYR G 104 46.45 -46.38 -3.98
C TYR G 104 46.62 -47.28 -2.75
N TRP G 105 45.56 -47.38 -1.96
CA TRP G 105 45.54 -48.24 -0.79
C TRP G 105 44.28 -49.09 -0.84
N TYR G 106 44.26 -50.20 -0.11
CA TYR G 106 43.09 -51.05 -0.07
C TYR G 106 42.86 -51.65 1.30
N SER G 107 41.60 -51.98 1.57
CA SER G 107 41.19 -52.57 2.84
C SER G 107 39.81 -53.17 2.70
N ARG G 108 39.59 -54.31 3.35
CA ARG G 108 38.27 -54.90 3.39
C ARG G 108 37.40 -54.16 4.41
N THR G 109 38.03 -53.43 5.33
CA THR G 109 37.30 -52.81 6.42
C THR G 109 37.06 -51.32 6.30
N GLY G 110 37.79 -50.66 5.43
CA GLY G 110 37.64 -49.23 5.24
C GLY G 110 38.55 -48.40 6.11
N LYS G 111 39.52 -49.06 6.74
CA LYS G 111 40.40 -48.45 7.73
C LYS G 111 41.57 -49.42 7.82
N ASP G 112 42.64 -49.06 8.51
CA ASP G 112 43.80 -49.95 8.62
C ASP G 112 44.28 -50.31 7.22
N TRP G 113 44.65 -49.29 6.47
CA TRP G 113 44.89 -49.42 5.02
C TRP G 113 46.20 -50.11 4.69
N ILE G 114 46.16 -50.94 3.65
CA ILE G 114 47.33 -51.60 3.11
C ILE G 114 47.88 -50.81 1.93
N PHE G 115 49.19 -50.61 1.90
CA PHE G 115 49.81 -49.85 0.82
C PHE G 115 49.91 -50.70 -0.44
N GLY G 116 49.27 -50.22 -1.52
CA GLY G 116 49.28 -50.91 -2.79
C GLY G 116 50.31 -50.33 -3.73
N GLY G 117 50.84 -49.17 -3.37
CA GLY G 117 51.89 -48.54 -4.13
C GLY G 117 51.42 -47.62 -5.24
N ARG G 118 52.28 -47.48 -6.24
CA ARG G 118 52.15 -46.47 -7.27
C ARG G 118 51.14 -46.85 -8.34
N VAL G 119 50.35 -45.88 -8.80
CA VAL G 119 49.34 -46.13 -9.83
C VAL G 119 49.96 -46.07 -11.22
N MET G 120 50.69 -45.00 -11.50
CA MET G 120 51.40 -44.83 -12.77
C MET G 120 52.89 -45.02 -12.58
N ALA G 121 53.51 -45.79 -13.45
CA ALA G 121 54.96 -45.95 -13.42
C ALA G 121 55.60 -44.59 -13.67
N GLU G 122 56.76 -44.36 -13.05
CA GLU G 122 57.49 -43.10 -13.21
C GLU G 122 57.71 -42.83 -14.69
N GLY G 123 57.36 -41.62 -15.13
CA GLY G 123 57.57 -41.20 -16.51
C GLY G 123 56.35 -41.28 -17.39
N VAL G 124 55.29 -41.91 -16.91
CA VAL G 124 54.04 -42.00 -17.66
C VAL G 124 53.32 -40.65 -17.69
N SER G 125 53.22 -40.01 -16.57
CA SER G 125 52.58 -38.70 -16.49
C SER G 125 53.43 -37.66 -17.21
N PRO G 126 52.74 -36.88 -18.10
CA PRO G 126 53.46 -35.83 -18.84
C PRO G 126 54.22 -34.88 -17.92
N THR G 127 53.63 -34.54 -16.79
CA THR G 127 54.31 -33.77 -15.75
C THR G 127 54.74 -34.69 -14.61
N THR G 128 55.85 -34.36 -13.96
CA THR G 128 56.33 -35.17 -12.84
C THR G 128 55.34 -35.12 -11.69
N ARG G 129 54.79 -33.93 -11.46
CA ARG G 129 53.77 -33.76 -10.44
C ARG G 129 52.47 -34.42 -10.86
N GLU G 130 51.98 -35.31 -10.01
CA GLU G 130 50.65 -35.88 -10.16
C GLU G 130 49.76 -35.32 -9.06
N TRP G 131 49.00 -34.28 -9.37
CA TRP G 131 48.16 -33.62 -8.38
C TRP G 131 46.72 -34.16 -8.43
N ALA G 132 45.87 -33.64 -7.55
CA ALA G 132 44.62 -34.32 -7.17
C ALA G 132 43.56 -34.34 -8.26
N GLY G 133 42.63 -35.27 -8.11
CA GLY G 133 41.54 -35.47 -9.05
C GLY G 133 40.55 -36.49 -8.51
N THR G 134 40.00 -37.33 -9.39
CA THR G 134 39.06 -38.36 -8.97
C THR G 134 39.22 -39.67 -9.75
N PRO G 135 39.30 -40.81 -9.04
CA PRO G 135 39.26 -42.11 -9.73
C PRO G 135 37.83 -42.64 -9.87
N ILE G 136 37.43 -42.99 -11.09
CA ILE G 136 36.07 -43.44 -11.37
C ILE G 136 36.01 -44.88 -11.82
N LEU G 137 35.10 -45.65 -11.23
CA LEU G 137 34.86 -47.03 -11.64
C LEU G 137 33.80 -47.09 -12.75
N LEU G 138 34.26 -47.41 -13.95
CA LEU G 138 33.42 -47.48 -15.15
C LEU G 138 32.59 -48.75 -15.22
N ASN G 139 33.16 -49.83 -14.70
CA ASN G 139 32.77 -51.16 -15.11
C ASN G 139 32.56 -52.13 -13.97
N ASP G 140 31.79 -53.18 -14.24
CA ASP G 140 31.76 -54.36 -13.39
C ASP G 140 32.86 -55.29 -13.90
N ARG G 141 33.56 -54.81 -14.92
CA ARG G 141 34.74 -55.45 -15.45
C ARG G 141 36.01 -54.98 -14.75
N GLY G 142 35.89 -53.87 -14.02
CA GLY G 142 36.99 -53.36 -13.21
C GLY G 142 37.81 -52.24 -13.85
N ASP G 143 37.37 -51.72 -14.99
CA ASP G 143 38.09 -50.63 -15.65
C ASP G 143 37.94 -49.32 -14.87
N ILE G 144 39.04 -48.56 -14.78
CA ILE G 144 39.05 -47.31 -14.02
C ILE G 144 39.61 -46.15 -14.85
N ASP G 145 38.89 -45.04 -14.89
CA ASP G 145 39.42 -43.79 -15.40
C ASP G 145 39.88 -42.92 -14.24
N LEU G 146 41.19 -42.70 -14.13
CA LEU G 146 41.72 -41.78 -13.15
C LEU G 146 41.82 -40.38 -13.73
N TYR G 147 40.90 -39.50 -13.33
CA TYR G 147 41.00 -38.09 -13.66
C TYR G 147 41.94 -37.44 -12.64
N TYR G 148 42.95 -36.72 -13.12
CA TYR G 148 43.89 -36.06 -12.23
C TYR G 148 44.48 -34.82 -12.91
N THR G 149 45.34 -34.11 -12.19
CA THR G 149 45.88 -32.84 -12.67
C THR G 149 47.38 -32.89 -12.95
N CYS G 150 47.75 -32.52 -14.17
CA CYS G 150 49.14 -32.40 -14.57
C CYS G 150 49.64 -30.97 -14.38
N VAL G 151 50.59 -30.78 -13.46
CA VAL G 151 51.07 -29.45 -13.09
C VAL G 151 52.56 -29.27 -13.30
N THR G 152 52.93 -28.16 -13.95
CA THR G 152 54.32 -27.77 -14.17
C THR G 152 55.04 -28.71 -15.14
N PRO G 153 55.23 -28.28 -16.40
CA PRO G 153 54.81 -27.00 -16.99
C PRO G 153 53.29 -26.86 -17.11
N GLY G 154 52.78 -25.67 -16.81
CA GLY G 154 51.37 -25.37 -16.96
C GLY G 154 50.48 -26.07 -15.95
N ALA G 155 49.19 -26.12 -16.24
CA ALA G 155 48.23 -26.84 -15.43
C ALA G 155 47.15 -27.42 -16.33
N THR G 156 47.11 -28.74 -16.42
CA THR G 156 46.25 -29.42 -17.37
C THR G 156 45.46 -30.54 -16.71
N ILE G 157 44.15 -30.52 -16.92
CA ILE G 157 43.30 -31.62 -16.48
C ILE G 157 43.43 -32.75 -17.49
N ALA G 158 43.58 -33.97 -16.98
CA ALA G 158 43.83 -35.12 -17.82
C ALA G 158 43.17 -36.36 -17.23
N LYS G 159 43.21 -37.45 -17.99
CA LYS G 159 42.73 -38.72 -17.49
C LYS G 159 43.64 -39.84 -17.97
N VAL G 160 43.67 -40.93 -17.20
CA VAL G 160 44.46 -42.10 -17.55
C VAL G 160 43.64 -43.35 -17.22
N ARG G 161 43.46 -44.21 -18.22
CA ARG G 161 42.68 -45.42 -18.01
C ARG G 161 43.56 -46.56 -17.52
N GLY G 162 43.01 -47.35 -16.60
CA GLY G 162 43.64 -48.54 -16.11
C GLY G 162 42.58 -49.51 -15.67
N LYS G 163 42.95 -50.47 -14.83
CA LYS G 163 42.03 -51.52 -14.43
C LYS G 163 42.43 -52.13 -13.10
N ILE G 164 41.44 -52.41 -12.25
CA ILE G 164 41.69 -52.99 -10.94
C ILE G 164 41.46 -54.50 -10.95
N VAL G 165 42.41 -55.23 -10.37
CA VAL G 165 42.36 -56.68 -10.27
C VAL G 165 42.57 -57.10 -8.82
N THR G 166 41.59 -57.78 -8.25
CA THR G 166 41.64 -58.18 -6.83
C THR G 166 41.95 -59.65 -6.62
N SER G 167 42.76 -59.93 -5.62
CA SER G 167 43.01 -61.30 -5.14
C SER G 167 42.36 -61.48 -3.78
N ASP G 168 42.70 -62.57 -3.10
CA ASP G 168 42.09 -62.89 -1.82
C ASP G 168 42.64 -62.05 -0.66
N GLN G 169 43.91 -61.65 -0.76
CA GLN G 169 44.56 -60.89 0.30
C GLN G 169 45.29 -59.66 -0.22
N SER G 170 45.10 -59.32 -1.49
CA SER G 170 45.77 -58.17 -2.08
C SER G 170 44.99 -57.60 -3.24
N VAL G 171 45.39 -56.40 -3.66
CA VAL G 171 44.79 -55.70 -4.79
C VAL G 171 45.90 -55.09 -5.64
N SER G 172 45.79 -55.24 -6.96
CA SER G 172 46.77 -54.66 -7.87
C SER G 172 46.09 -53.95 -9.04
N LEU G 173 46.88 -53.18 -9.77
CA LEU G 173 46.38 -52.38 -10.88
C LEU G 173 47.07 -52.77 -12.18
N GLU G 174 46.32 -52.68 -13.28
CA GLU G 174 46.84 -52.94 -14.61
C GLU G 174 46.55 -51.74 -15.49
N GLY G 175 47.35 -51.57 -16.54
CA GLY G 175 47.20 -50.42 -17.41
C GLY G 175 47.79 -49.18 -16.78
N PHE G 176 47.06 -48.07 -16.87
CA PHE G 176 47.54 -46.77 -16.41
C PHE G 176 48.89 -46.47 -17.05
N GLN G 177 48.96 -46.67 -18.37
CA GLN G 177 50.21 -46.50 -19.11
C GLN G 177 50.22 -45.29 -20.03
N GLN G 178 49.04 -44.77 -20.36
CA GLN G 178 48.96 -43.60 -21.23
C GLN G 178 48.00 -42.54 -20.72
N VAL G 179 48.52 -41.33 -20.59
CA VAL G 179 47.76 -40.20 -20.09
C VAL G 179 47.22 -39.39 -21.25
N THR G 180 45.93 -39.04 -21.18
CA THR G 180 45.30 -38.19 -22.18
C THR G 180 45.00 -36.82 -21.60
N SER G 181 45.60 -35.79 -22.19
CA SER G 181 45.31 -34.42 -21.79
C SER G 181 43.92 -34.05 -22.30
N LEU G 182 43.09 -33.51 -21.41
CA LEU G 182 41.71 -33.17 -21.76
C LEU G 182 41.56 -31.69 -22.10
N PHE G 183 41.82 -30.82 -21.13
CA PHE G 183 41.77 -29.38 -21.39
C PHE G 183 42.53 -28.56 -20.36
N SER G 184 42.78 -27.30 -20.73
CA SER G 184 43.50 -26.35 -19.89
C SER G 184 42.68 -25.08 -19.77
N ALA G 185 43.18 -24.12 -18.99
CA ALA G 185 42.51 -22.83 -18.87
C ALA G 185 42.43 -22.19 -20.26
N ASP G 186 41.30 -21.56 -20.56
CA ASP G 186 41.04 -21.02 -21.89
C ASP G 186 41.46 -19.56 -22.01
N GLY G 187 41.25 -18.78 -20.95
CA GLY G 187 41.60 -17.37 -20.95
C GLY G 187 40.42 -16.43 -21.14
N THR G 188 39.32 -16.94 -21.70
CA THR G 188 38.10 -16.16 -21.84
C THR G 188 37.21 -16.31 -20.60
N ILE G 189 37.06 -17.56 -20.14
CA ILE G 189 36.25 -17.86 -18.97
C ILE G 189 37.12 -18.12 -17.73
N TYR G 190 38.10 -19.01 -17.87
CA TYR G 190 39.01 -19.35 -16.78
C TYR G 190 40.41 -18.77 -17.00
N GLN G 191 41.05 -18.37 -15.90
CA GLN G 191 42.32 -17.64 -15.93
C GLN G 191 43.51 -18.50 -16.33
N THR G 192 44.41 -17.93 -17.14
CA THR G 192 45.58 -18.65 -17.64
C THR G 192 46.88 -18.25 -16.93
N GLU G 193 47.94 -19.00 -17.19
CA GLU G 193 49.26 -18.69 -16.69
C GLU G 193 49.75 -17.35 -17.25
N GLU G 194 49.54 -17.13 -18.54
CA GLU G 194 49.80 -15.84 -19.18
C GLU G 194 49.29 -14.67 -18.35
N GLN G 195 48.05 -14.80 -17.89
CA GLN G 195 47.36 -13.74 -17.17
C GLN G 195 47.79 -13.67 -15.70
N ASN G 196 48.20 -14.80 -15.15
CA ASN G 196 48.54 -14.89 -13.74
C ASN G 196 49.52 -16.05 -13.50
N ALA G 197 50.72 -15.72 -13.05
CA ALA G 197 51.72 -16.72 -12.78
C ALA G 197 51.30 -17.64 -11.62
N PHE G 198 50.37 -17.16 -10.80
CA PHE G 198 49.87 -17.93 -9.67
C PHE G 198 48.48 -18.48 -9.90
N TRP G 199 48.07 -18.57 -11.16
CA TRP G 199 46.73 -19.03 -11.51
C TRP G 199 46.42 -20.41 -10.96
N ASN G 200 45.15 -20.66 -10.70
CA ASN G 200 44.68 -21.95 -10.18
C ASN G 200 43.88 -22.69 -11.23
N PHE G 201 44.22 -23.96 -11.43
CA PHE G 201 43.48 -24.80 -12.37
C PHE G 201 43.77 -26.28 -12.05
N ARG G 202 42.81 -26.96 -11.43
CA ARG G 202 43.04 -28.33 -10.98
C ARG G 202 41.79 -29.01 -10.39
N ASP G 203 41.93 -30.29 -10.07
CA ASP G 203 40.96 -31.07 -9.29
C ASP G 203 39.67 -31.41 -10.02
N PRO G 204 39.76 -32.27 -11.04
CA PRO G 204 38.55 -32.74 -11.73
C PRO G 204 37.73 -33.71 -10.89
N SER G 205 36.44 -33.42 -10.71
CA SER G 205 35.50 -34.40 -10.16
C SER G 205 34.35 -34.64 -11.13
N PRO G 206 34.47 -35.67 -11.97
CA PRO G 206 33.41 -35.99 -12.93
C PRO G 206 32.14 -36.54 -12.28
N PHE G 207 31.00 -36.35 -12.93
CA PHE G 207 29.74 -36.91 -12.45
C PHE G 207 28.70 -36.96 -13.56
N ILE G 208 27.84 -37.98 -13.54
CA ILE G 208 26.66 -38.01 -14.41
C ILE G 208 25.45 -37.43 -13.70
N ASP G 209 24.87 -36.41 -14.31
CA ASP G 209 23.71 -35.73 -13.75
C ASP G 209 22.46 -36.57 -13.88
N ARG G 210 21.72 -36.68 -12.79
CA ARG G 210 20.54 -37.53 -12.73
C ARG G 210 19.37 -36.98 -13.56
N ASN G 211 19.21 -35.66 -13.57
CA ASN G 211 18.16 -35.00 -14.34
C ASN G 211 18.47 -34.95 -15.83
N ASP G 212 19.75 -35.03 -16.17
CA ASP G 212 20.24 -34.72 -17.51
C ASP G 212 20.75 -35.94 -18.27
N GLY G 213 21.34 -36.89 -17.57
CA GLY G 213 21.94 -38.06 -18.20
C GLY G 213 23.29 -37.76 -18.82
N LYS G 214 23.74 -36.51 -18.69
CA LYS G 214 24.98 -36.08 -19.32
C LYS G 214 26.16 -36.17 -18.36
N LEU G 215 27.37 -36.23 -18.92
CA LEU G 215 28.60 -36.29 -18.13
C LEU G 215 29.18 -34.90 -17.87
N TYR G 216 29.45 -34.60 -16.61
CA TYR G 216 30.00 -33.30 -16.22
C TYR G 216 31.22 -33.47 -15.37
N MET G 217 31.91 -32.37 -15.14
CA MET G 217 32.94 -32.32 -14.12
C MET G 217 33.04 -30.92 -13.52
N LEU G 218 33.25 -30.88 -12.22
CA LEU G 218 33.68 -29.65 -11.56
C LEU G 218 35.20 -29.59 -11.57
N PHE G 219 35.73 -28.39 -11.37
CA PHE G 219 37.16 -28.21 -11.16
C PHE G 219 37.44 -26.85 -10.54
N GLU G 220 38.59 -26.69 -9.90
CA GLU G 220 39.00 -25.40 -9.39
C GLU G 220 39.51 -24.52 -10.52
N GLY G 221 39.17 -23.24 -10.46
CA GLY G 221 39.69 -22.28 -11.41
C GLY G 221 39.81 -20.91 -10.81
N ASN G 222 40.23 -19.96 -11.63
CA ASN G 222 40.15 -18.55 -11.32
C ASN G 222 39.35 -17.85 -12.41
N VAL G 223 38.66 -16.77 -12.06
CA VAL G 223 37.93 -16.01 -13.06
C VAL G 223 38.93 -15.39 -14.04
N ALA G 224 38.65 -15.54 -15.33
CA ALA G 224 39.56 -15.06 -16.36
C ALA G 224 39.81 -13.57 -16.26
N GLY G 225 40.95 -13.14 -16.78
CA GLY G 225 41.36 -11.75 -16.78
C GLY G 225 42.75 -11.63 -16.18
N PRO G 226 43.54 -10.64 -16.62
CA PRO G 226 44.86 -10.44 -16.02
C PRO G 226 44.77 -10.21 -14.52
N ARG G 227 45.80 -10.64 -13.79
CA ARG G 227 45.78 -10.58 -12.33
C ARG G 227 45.65 -9.15 -11.83
N GLY G 228 44.69 -8.93 -10.94
CA GLY G 228 44.48 -7.62 -10.33
C GLY G 228 43.64 -6.67 -11.16
N SER G 229 43.13 -7.16 -12.29
CA SER G 229 42.29 -6.35 -13.18
C SER G 229 40.82 -6.44 -12.80
N HIS G 230 40.45 -7.50 -12.08
CA HIS G 230 39.07 -7.70 -11.61
C HIS G 230 38.59 -6.50 -10.80
N GLU G 231 37.34 -6.12 -11.03
CA GLU G 231 36.70 -5.05 -10.27
C GLU G 231 35.86 -5.60 -9.15
N ILE G 232 35.89 -4.92 -8.00
CA ILE G 232 34.97 -5.24 -6.91
C ILE G 232 33.78 -4.30 -7.05
N THR G 233 32.70 -4.79 -7.64
CA THR G 233 31.47 -4.03 -7.69
C THR G 233 30.62 -4.38 -6.48
N GLN G 234 29.44 -3.80 -6.38
CA GLN G 234 28.57 -4.05 -5.23
C GLN G 234 28.00 -5.46 -5.28
N ALA G 235 28.08 -6.11 -6.45
CA ALA G 235 27.71 -7.50 -6.56
C ALA G 235 28.63 -8.36 -5.71
N GLU G 236 29.94 -8.17 -5.88
CA GLU G 236 30.93 -8.96 -5.15
C GLU G 236 30.92 -8.59 -3.67
N MET G 237 30.63 -7.33 -3.38
CA MET G 237 30.52 -6.87 -2.00
C MET G 237 29.43 -7.62 -1.25
N GLY G 238 28.29 -7.77 -1.90
CA GLY G 238 27.09 -8.25 -1.23
C GLY G 238 26.49 -7.13 -0.40
N ASN G 239 25.54 -7.46 0.47
CA ASN G 239 24.90 -6.46 1.32
C ASN G 239 25.66 -6.35 2.63
N VAL G 240 26.80 -5.67 2.53
CA VAL G 240 27.74 -5.51 3.62
C VAL G 240 27.20 -4.53 4.66
N PRO G 241 27.57 -4.73 5.96
CA PRO G 241 27.10 -3.79 6.99
C PRO G 241 27.84 -2.46 6.90
N PRO G 242 27.25 -1.39 7.45
CA PRO G 242 28.00 -0.12 7.48
C PRO G 242 29.30 -0.25 8.27
N GLY G 243 30.37 0.35 7.75
CA GLY G 243 31.68 0.27 8.37
C GLY G 243 32.57 -0.82 7.81
N TYR G 244 32.06 -1.55 6.83
CA TYR G 244 32.78 -2.67 6.25
C TYR G 244 32.96 -2.50 4.73
N GLU G 245 33.15 -1.26 4.29
CA GLU G 245 33.33 -0.96 2.88
C GLU G 245 34.78 -1.06 2.39
N ASP G 246 35.72 -1.30 3.31
CA ASP G 246 37.14 -1.35 2.96
C ASP G 246 37.57 -2.77 2.56
N VAL G 247 38.04 -2.93 1.32
CA VAL G 247 38.31 -4.26 0.78
C VAL G 247 39.79 -4.54 0.59
N GLY G 248 40.65 -3.56 0.87
CA GLY G 248 42.08 -3.72 0.69
C GLY G 248 42.47 -4.21 -0.68
N GLY G 249 43.24 -5.29 -0.73
CA GLY G 249 43.74 -5.86 -1.97
C GLY G 249 42.85 -6.97 -2.50
N ALA G 250 41.56 -6.87 -2.25
CA ALA G 250 40.61 -7.91 -2.63
C ALA G 250 40.62 -8.21 -4.13
N LYS G 251 41.01 -7.23 -4.95
CA LYS G 251 41.01 -7.43 -6.41
C LYS G 251 41.85 -8.64 -6.84
N TYR G 252 42.77 -9.06 -5.97
CA TYR G 252 43.70 -10.13 -6.32
C TYR G 252 43.17 -11.53 -6.00
N GLN G 253 42.05 -11.60 -5.29
CA GLN G 253 41.38 -12.87 -5.04
C GLN G 253 40.27 -13.08 -6.07
N ALA G 254 40.36 -14.16 -6.85
CA ALA G 254 39.40 -14.42 -7.92
C ALA G 254 39.10 -15.91 -8.09
N GLY G 255 38.99 -16.64 -6.98
CA GLY G 255 38.70 -18.05 -7.03
C GLY G 255 37.33 -18.38 -7.61
N CYS G 256 37.21 -19.56 -8.21
CA CYS G 256 35.93 -20.02 -8.74
C CYS G 256 35.85 -21.55 -8.88
N VAL G 257 34.63 -22.08 -8.84
CA VAL G 257 34.38 -23.49 -9.14
C VAL G 257 33.93 -23.61 -10.59
N GLY G 258 34.78 -24.20 -11.42
CA GLY G 258 34.50 -24.29 -12.84
C GLY G 258 33.65 -25.49 -13.20
N LEU G 259 33.06 -25.44 -14.40
CA LEU G 259 32.21 -26.51 -14.91
C LEU G 259 32.54 -26.85 -16.37
N ALA G 260 32.58 -28.14 -16.66
CA ALA G 260 32.70 -28.61 -18.04
C ALA G 260 31.73 -29.76 -18.31
N VAL G 261 31.40 -29.96 -19.59
CA VAL G 261 30.49 -31.01 -20.01
C VAL G 261 31.13 -31.82 -21.14
N ALA G 262 30.89 -33.13 -21.14
CA ALA G 262 31.48 -34.00 -22.14
C ALA G 262 30.57 -34.13 -23.35
N LYS G 263 31.18 -34.47 -24.49
CA LYS G 263 30.44 -34.72 -25.72
C LYS G 263 29.58 -35.97 -25.57
N ASP G 264 30.13 -36.96 -24.88
CA ASP G 264 29.42 -38.19 -24.58
C ASP G 264 29.99 -38.82 -23.30
N LEU G 265 29.41 -39.93 -22.87
CA LEU G 265 29.78 -40.50 -21.59
C LEU G 265 31.20 -41.08 -21.58
N SER G 266 31.82 -41.21 -22.76
CA SER G 266 33.19 -41.71 -22.82
C SER G 266 34.14 -40.72 -22.16
N GLY G 267 33.75 -39.45 -22.13
CA GLY G 267 34.53 -38.42 -21.50
C GLY G 267 35.85 -38.15 -22.21
N SER G 268 35.82 -38.26 -23.53
CA SER G 268 37.02 -38.06 -24.34
C SER G 268 37.19 -36.60 -24.75
N GLU G 269 36.08 -35.93 -25.03
CA GLU G 269 36.10 -34.52 -25.42
C GLU G 269 35.23 -33.70 -24.46
N TRP G 270 35.69 -32.49 -24.14
CA TRP G 270 35.06 -31.67 -23.12
C TRP G 270 34.80 -30.23 -23.56
N GLN G 271 33.58 -29.78 -23.34
CA GLN G 271 33.19 -28.39 -23.55
C GLN G 271 33.26 -27.60 -22.25
N ILE G 272 34.15 -26.62 -22.20
CA ILE G 272 34.28 -25.72 -21.07
C ILE G 272 33.02 -24.86 -20.93
N LEU G 273 32.53 -24.71 -19.70
CA LEU G 273 31.32 -23.93 -19.43
C LEU G 273 31.58 -22.83 -18.40
N PRO G 274 30.65 -21.88 -18.26
CA PRO G 274 30.80 -20.84 -17.24
C PRO G 274 30.85 -21.42 -15.82
N PRO G 275 31.49 -20.71 -14.88
CA PRO G 275 31.59 -21.25 -13.52
C PRO G 275 30.25 -21.30 -12.78
N LEU G 276 30.19 -22.14 -11.76
CA LEU G 276 28.99 -22.26 -10.92
C LEU G 276 29.10 -21.31 -9.74
N ILE G 277 30.29 -21.23 -9.18
CA ILE G 277 30.57 -20.39 -8.02
C ILE G 277 31.77 -19.51 -8.31
N THR G 278 31.64 -18.21 -8.03
CA THR G 278 32.77 -17.29 -8.12
C THR G 278 32.97 -16.58 -6.78
N ALA G 279 34.23 -16.32 -6.45
CA ALA G 279 34.59 -15.77 -5.14
C ALA G 279 35.48 -14.54 -5.30
N VAL G 280 35.27 -13.78 -6.36
CA VAL G 280 36.00 -12.55 -6.58
C VAL G 280 35.80 -11.59 -5.40
N GLY G 281 36.92 -11.14 -4.83
CA GLY G 281 36.90 -10.23 -3.69
C GLY G 281 36.73 -10.92 -2.35
N VAL G 282 36.76 -12.25 -2.37
CA VAL G 282 36.48 -13.04 -1.17
C VAL G 282 37.59 -14.06 -0.87
N ASN G 283 37.81 -14.97 -1.81
CA ASN G 283 38.84 -16.00 -1.63
C ASN G 283 39.46 -16.40 -2.96
N ASP G 284 40.76 -16.65 -2.96
CA ASP G 284 41.48 -16.98 -4.19
C ASP G 284 41.37 -18.46 -4.56
N GLN G 285 41.16 -19.31 -3.56
CA GLN G 285 41.22 -20.75 -3.76
C GLN G 285 39.96 -21.47 -3.31
N THR G 286 39.21 -21.97 -4.29
CA THR G 286 38.11 -22.89 -4.05
C THR G 286 38.51 -24.24 -4.66
N GLU G 287 39.16 -25.08 -3.85
CA GLU G 287 39.79 -26.30 -4.34
C GLU G 287 38.90 -27.52 -4.18
N ARG G 288 39.32 -28.62 -4.81
CA ARG G 288 38.64 -29.91 -4.77
C ARG G 288 37.12 -29.82 -4.72
N PRO G 289 36.50 -29.15 -5.71
CA PRO G 289 35.04 -29.12 -5.73
C PRO G 289 34.45 -30.50 -5.93
N HIS G 290 33.34 -30.79 -5.25
CA HIS G 290 32.68 -32.08 -5.38
C HIS G 290 31.24 -32.03 -4.92
N PHE G 291 30.40 -32.84 -5.57
CA PHE G 291 28.97 -32.88 -5.32
C PHE G 291 28.55 -34.00 -4.37
N VAL G 292 27.57 -33.69 -3.53
CA VAL G 292 26.74 -34.69 -2.89
C VAL G 292 25.33 -34.48 -3.40
N PHE G 293 24.72 -35.52 -3.95
CA PHE G 293 23.35 -35.45 -4.42
C PHE G 293 22.44 -36.00 -3.34
N GLN G 294 21.60 -35.13 -2.79
CA GLN G 294 20.72 -35.51 -1.69
C GLN G 294 19.44 -34.68 -1.66
N ASP G 295 18.33 -35.35 -1.35
CA ASP G 295 17.02 -34.72 -1.23
C ASP G 295 16.67 -33.88 -2.45
N GLY G 296 17.03 -34.37 -3.62
CA GLY G 296 16.74 -33.69 -4.86
C GLY G 296 17.56 -32.43 -5.04
N LYS G 297 18.54 -32.22 -4.16
CA LYS G 297 19.34 -30.99 -4.16
C LYS G 297 20.80 -31.26 -4.53
N TYR G 298 21.45 -30.18 -4.98
CA TYR G 298 22.86 -30.23 -5.36
C TYR G 298 23.71 -29.60 -4.26
N TYR G 299 24.45 -30.42 -3.54
CA TYR G 299 25.33 -29.93 -2.48
C TYR G 299 26.76 -29.82 -2.99
N LEU G 300 27.15 -28.61 -3.36
CA LEU G 300 28.48 -28.36 -3.91
C LEU G 300 29.44 -27.97 -2.80
N PHE G 301 30.41 -28.83 -2.54
CA PHE G 301 31.42 -28.58 -1.52
C PHE G 301 32.74 -28.17 -2.14
N THR G 302 33.47 -27.30 -1.47
CA THR G 302 34.80 -26.91 -1.92
C THR G 302 35.64 -26.49 -0.72
N ILE G 303 36.92 -26.88 -0.74
CA ILE G 303 37.82 -26.61 0.38
C ILE G 303 38.61 -25.34 0.15
N SER G 304 38.98 -24.66 1.23
CA SER G 304 39.73 -23.41 1.13
C SER G 304 40.55 -23.13 2.38
N HIS G 305 41.35 -22.07 2.33
CA HIS G 305 42.24 -21.70 3.44
C HIS G 305 41.84 -20.40 4.10
N LYS G 306 42.09 -20.33 5.40
CA LYS G 306 42.10 -19.09 6.16
C LYS G 306 42.86 -17.98 5.42
N TYR G 307 44.08 -18.28 4.99
CA TYR G 307 44.98 -17.27 4.46
C TYR G 307 44.89 -17.07 2.95
N THR G 308 43.86 -17.62 2.32
CA THR G 308 43.55 -17.29 0.92
C THR G 308 42.31 -16.41 0.85
N PHE G 309 41.74 -16.09 2.01
CA PHE G 309 40.66 -15.10 2.08
C PHE G 309 41.21 -13.71 1.77
N ALA G 310 40.35 -12.86 1.23
CA ALA G 310 40.73 -11.49 0.91
C ALA G 310 40.93 -10.67 2.17
N ASP G 311 41.50 -9.47 2.03
CA ASP G 311 41.72 -8.58 3.16
C ASP G 311 40.39 -8.24 3.85
N ASN G 312 40.44 -8.14 5.17
CA ASN G 312 39.29 -7.76 5.99
C ASN G 312 38.20 -8.83 5.95
N LEU G 313 38.60 -10.04 5.58
CA LEU G 313 37.75 -11.22 5.65
C LEU G 313 38.53 -12.33 6.33
N THR G 314 37.86 -13.20 7.06
CA THR G 314 38.54 -14.37 7.62
C THR G 314 37.60 -15.55 7.84
N GLY G 315 38.18 -16.74 7.78
CA GLY G 315 37.47 -17.99 8.03
C GLY G 315 38.52 -19.03 8.34
N PRO G 316 38.11 -20.19 8.87
CA PRO G 316 39.10 -21.23 9.15
C PRO G 316 39.43 -22.07 7.92
N ASP G 317 40.54 -22.79 7.98
CA ASP G 317 40.81 -23.84 7.01
C ASP G 317 39.72 -24.89 7.15
N GLY G 318 39.26 -25.43 6.03
CA GLY G 318 38.20 -26.44 6.07
C GLY G 318 37.45 -26.53 4.76
N VAL G 319 36.26 -27.12 4.81
CA VAL G 319 35.40 -27.25 3.64
C VAL G 319 34.23 -26.28 3.71
N TYR G 320 34.00 -25.60 2.61
CA TYR G 320 32.86 -24.70 2.47
C TYR G 320 31.88 -25.33 1.50
N GLY G 321 30.65 -24.82 1.47
CA GLY G 321 29.60 -25.47 0.71
C GLY G 321 28.46 -24.59 0.26
N PHE G 322 27.80 -25.03 -0.81
CA PHE G 322 26.67 -24.32 -1.38
C PHE G 322 25.63 -25.33 -1.86
N VAL G 323 24.36 -24.98 -1.73
CA VAL G 323 23.27 -25.88 -2.12
C VAL G 323 22.32 -25.23 -3.13
N SER G 324 21.84 -26.03 -4.10
CA SER G 324 20.89 -25.55 -5.09
C SER G 324 19.88 -26.63 -5.50
N ASP G 325 18.74 -26.19 -6.02
CA ASP G 325 17.74 -27.11 -6.55
C ASP G 325 18.15 -27.57 -7.95
N LYS G 326 19.02 -26.79 -8.59
CA LYS G 326 19.44 -27.09 -9.95
C LYS G 326 20.96 -27.02 -10.08
N LEU G 327 21.49 -27.79 -11.02
CA LEU G 327 22.93 -27.89 -11.24
C LEU G 327 23.58 -26.54 -11.48
N THR G 328 22.94 -25.71 -12.29
CA THR G 328 23.50 -24.44 -12.71
C THR G 328 23.01 -23.28 -11.85
N GLY G 329 22.57 -23.60 -10.63
CA GLY G 329 22.21 -22.58 -9.67
C GLY G 329 20.76 -22.13 -9.79
N PRO G 330 20.38 -21.09 -9.02
CA PRO G 330 21.25 -20.38 -8.09
C PRO G 330 21.56 -21.15 -6.80
N TYR G 331 22.79 -21.00 -6.34
CA TYR G 331 23.24 -21.66 -5.11
C TYR G 331 23.11 -20.74 -3.90
N THR G 332 22.90 -21.34 -2.74
CA THR G 332 22.91 -20.62 -1.46
C THR G 332 24.08 -21.10 -0.60
N PRO G 333 24.79 -20.17 0.07
CA PRO G 333 25.88 -20.62 0.95
C PRO G 333 25.36 -21.47 2.10
N MET G 334 26.05 -22.57 2.40
CA MET G 334 25.64 -23.46 3.48
C MET G 334 25.83 -22.78 4.84
N ASN G 335 24.88 -23.00 5.74
CA ASN G 335 24.91 -22.43 7.08
C ASN G 335 24.98 -20.90 7.05
N SER G 336 24.42 -20.31 5.99
CA SER G 336 24.32 -18.87 5.78
C SER G 336 25.63 -18.20 5.34
N SER G 337 26.77 -18.76 5.72
CA SER G 337 28.07 -18.16 5.43
C SER G 337 28.85 -18.92 4.37
N GLY G 338 28.55 -20.21 4.24
CA GLY G 338 29.27 -21.08 3.34
C GLY G 338 30.09 -22.13 4.06
N LEU G 339 30.36 -21.91 5.34
CA LEU G 339 31.21 -22.81 6.11
C LEU G 339 30.46 -24.06 6.54
N VAL G 340 31.04 -25.21 6.24
CA VAL G 340 30.44 -26.50 6.56
C VAL G 340 31.22 -27.19 7.69
N LEU G 341 32.54 -27.24 7.54
CA LEU G 341 33.39 -27.86 8.54
C LEU G 341 34.75 -27.16 8.62
N GLY G 342 35.00 -26.47 9.73
CA GLY G 342 36.23 -25.70 9.90
C GLY G 342 37.09 -26.19 11.05
N ASN G 343 38.40 -25.99 10.92
CA ASN G 343 39.32 -26.33 11.99
C ASN G 343 39.11 -25.42 13.19
N PRO G 344 39.34 -25.93 14.41
CA PRO G 344 39.23 -25.08 15.60
C PRO G 344 40.37 -24.06 15.65
N SER G 345 40.11 -22.90 16.25
CA SER G 345 41.08 -21.80 16.20
C SER G 345 42.35 -22.11 16.98
N SER G 346 42.29 -23.07 17.89
CA SER G 346 43.44 -23.44 18.71
C SER G 346 44.41 -24.32 17.92
N GLN G 347 43.87 -25.06 16.95
CA GLN G 347 44.66 -25.90 16.06
C GLN G 347 44.20 -25.69 14.62
N PRO G 348 44.46 -24.49 14.07
CA PRO G 348 43.85 -24.03 12.81
C PRO G 348 44.31 -24.80 11.56
N PHE G 349 45.42 -25.52 11.66
CA PHE G 349 45.97 -26.25 10.51
C PHE G 349 46.17 -27.72 10.83
N GLN G 350 45.36 -28.25 11.74
CA GLN G 350 45.47 -29.63 12.16
C GLN G 350 45.11 -30.58 11.02
N THR G 351 44.15 -30.17 10.19
CA THR G 351 43.69 -31.00 9.08
C THR G 351 43.40 -30.16 7.84
N TYR G 352 43.38 -30.82 6.68
CA TYR G 352 42.95 -30.16 5.45
C TYR G 352 42.41 -31.18 4.44
N SER G 353 41.84 -30.66 3.35
CA SER G 353 41.35 -31.46 2.24
C SER G 353 40.14 -32.30 2.66
N HIS G 354 39.16 -31.63 3.27
CA HIS G 354 37.95 -32.30 3.71
C HIS G 354 37.08 -32.71 2.53
N TYR G 355 36.83 -34.01 2.42
CA TYR G 355 36.08 -34.58 1.31
C TYR G 355 34.77 -35.17 1.82
N VAL G 356 33.67 -34.46 1.58
CA VAL G 356 32.35 -34.89 2.01
C VAL G 356 31.79 -35.95 1.08
N MET G 357 31.51 -37.12 1.62
CA MET G 357 30.95 -38.23 0.85
C MET G 357 29.44 -38.30 1.07
N PRO G 358 28.70 -38.90 0.10
CA PRO G 358 27.23 -38.89 0.14
C PRO G 358 26.62 -39.58 1.36
N ASN G 359 27.42 -40.32 2.12
CA ASN G 359 26.94 -40.96 3.35
C ASN G 359 27.13 -40.05 4.56
N GLY G 360 27.56 -38.82 4.30
CA GLY G 360 27.77 -37.84 5.36
C GLY G 360 29.15 -37.91 6.00
N LEU G 361 29.91 -38.94 5.67
CA LEU G 361 31.26 -39.08 6.19
C LEU G 361 32.22 -38.10 5.53
N VAL G 362 33.07 -37.47 6.34
CA VAL G 362 34.06 -36.52 5.86
C VAL G 362 35.46 -36.98 6.26
N THR G 363 36.32 -37.16 5.27
CA THR G 363 37.70 -37.57 5.54
C THR G 363 38.67 -36.40 5.39
N SER G 364 39.79 -36.50 6.11
CA SER G 364 40.78 -35.43 6.18
C SER G 364 42.16 -36.04 6.36
N PHE G 365 43.20 -35.32 5.96
CA PHE G 365 44.55 -35.71 6.34
C PHE G 365 45.03 -34.75 7.42
N ILE G 366 45.86 -35.26 8.32
CA ILE G 366 46.45 -34.45 9.37
C ILE G 366 47.67 -33.70 8.84
N ASP G 367 47.63 -32.37 8.96
CA ASP G 367 48.75 -31.54 8.54
C ASP G 367 49.61 -31.20 9.77
N SER G 368 49.27 -30.14 10.49
CA SER G 368 50.11 -29.63 11.57
C SER G 368 49.38 -29.44 12.90
N VAL G 369 49.78 -30.21 13.91
CA VAL G 369 49.18 -30.13 15.25
C VAL G 369 50.19 -29.53 16.26
N PRO G 370 49.83 -28.43 16.94
CA PRO G 370 50.78 -27.80 17.89
C PRO G 370 50.99 -28.55 19.21
N TRP G 371 52.22 -28.64 19.73
CA TRP G 371 52.44 -29.18 21.08
C TRP G 371 53.00 -28.14 22.04
N LYS G 372 54.30 -27.88 21.96
CA LYS G 372 54.90 -26.83 22.78
C LYS G 372 55.20 -25.58 21.96
N GLY G 373 55.51 -24.51 22.69
CA GLY G 373 55.63 -23.16 22.16
C GLY G 373 55.33 -23.02 20.68
N LYS G 374 56.37 -22.77 19.89
CA LYS G 374 56.18 -22.48 18.48
C LYS G 374 56.34 -23.71 17.58
N ASP G 375 56.74 -24.85 18.17
CA ASP G 375 56.86 -26.11 17.43
C ASP G 375 55.54 -26.88 17.28
N TYR G 376 55.38 -27.55 16.14
CA TYR G 376 54.19 -28.36 15.85
C TYR G 376 54.60 -29.76 15.39
N ARG G 377 53.70 -30.73 15.56
CA ARG G 377 53.89 -32.07 14.99
C ARG G 377 53.17 -32.19 13.65
N ILE G 378 53.90 -32.65 12.63
CA ILE G 378 53.31 -32.86 11.31
C ILE G 378 52.76 -34.28 11.20
N GLY G 379 51.77 -34.47 10.33
CA GLY G 379 51.08 -35.74 10.23
C GLY G 379 51.43 -36.53 8.97
N GLY G 380 50.79 -36.19 7.86
CA GLY G 380 50.95 -36.94 6.63
C GLY G 380 50.22 -38.26 6.71
N THR G 381 49.08 -38.24 7.39
CA THR G 381 48.27 -39.42 7.62
C THR G 381 46.81 -39.02 7.78
N GLU G 382 45.89 -39.97 7.70
CA GLU G 382 44.46 -39.65 7.74
C GLU G 382 44.01 -39.20 9.13
N ALA G 383 43.13 -38.21 9.15
CA ALA G 383 42.50 -37.74 10.37
C ALA G 383 41.32 -38.63 10.73
N PRO G 384 40.79 -38.48 11.97
CA PRO G 384 39.54 -39.17 12.30
C PRO G 384 38.40 -38.74 11.38
N THR G 385 37.72 -39.71 10.80
CA THR G 385 36.59 -39.42 9.92
C THR G 385 35.41 -38.95 10.75
N VAL G 386 34.82 -37.80 10.37
CA VAL G 386 33.64 -37.28 11.06
C VAL G 386 32.41 -37.48 10.18
N LYS G 387 31.24 -37.52 10.80
CA LYS G 387 29.99 -37.52 10.06
C LYS G 387 29.25 -36.21 10.27
N ILE G 388 28.87 -35.58 9.15
CA ILE G 388 27.99 -34.42 9.18
C ILE G 388 26.60 -34.78 8.63
N LEU G 389 25.60 -34.07 9.12
CA LEU G 389 24.22 -34.26 8.69
C LEU G 389 23.77 -33.07 7.85
N LEU G 390 23.29 -33.34 6.65
CA LEU G 390 22.82 -32.29 5.77
C LEU G 390 21.30 -32.14 5.90
N LYS G 391 20.84 -30.90 6.06
CA LYS G 391 19.43 -30.62 6.27
C LYS G 391 19.10 -29.25 5.68
N GLY G 392 18.49 -29.25 4.50
CA GLY G 392 18.24 -28.01 3.77
C GLY G 392 19.54 -27.33 3.40
N ASP G 393 19.69 -26.10 3.84
CA ASP G 393 20.92 -25.33 3.62
C ASP G 393 21.75 -25.23 4.90
N ARG G 394 21.62 -26.23 5.77
CA ARG G 394 22.39 -26.27 7.02
C ARG G 394 23.06 -27.62 7.21
N SER G 395 24.26 -27.60 7.80
CA SER G 395 24.97 -28.82 8.16
C SER G 395 25.19 -28.90 9.68
N PHE G 396 25.23 -30.12 10.20
CA PHE G 396 25.56 -30.37 11.61
C PHE G 396 26.54 -31.52 11.71
N ILE G 397 27.66 -31.33 12.41
CA ILE G 397 28.55 -32.45 12.70
C ILE G 397 27.87 -33.28 13.78
N VAL G 398 27.98 -34.59 13.67
CA VAL G 398 27.06 -35.50 14.36
C VAL G 398 27.74 -36.64 15.14
N ASP G 399 28.81 -37.21 14.61
CA ASP G 399 29.77 -37.94 15.45
C ASP G 399 31.08 -38.23 14.70
N SER G 400 31.97 -38.97 15.37
CA SER G 400 33.31 -39.24 14.87
C SER G 400 33.59 -40.74 14.79
N PHE G 401 34.43 -41.13 13.84
CA PHE G 401 34.88 -42.51 13.71
C PHE G 401 36.40 -42.57 13.76
N ASP G 402 36.97 -43.73 13.48
CA ASP G 402 38.41 -43.94 13.64
C ASP G 402 39.22 -43.24 12.54
N TYR G 403 40.53 -43.16 12.75
CA TYR G 403 41.44 -42.55 11.78
C TYR G 403 41.35 -43.22 10.40
N GLY G 404 41.02 -42.41 9.39
CA GLY G 404 41.01 -42.87 8.01
C GLY G 404 39.85 -43.77 7.63
N TYR G 405 38.79 -43.77 8.43
CA TYR G 405 37.62 -44.60 8.14
C TYR G 405 36.83 -44.14 6.91
N ILE G 406 36.96 -44.91 5.83
CA ILE G 406 36.27 -44.61 4.57
C ILE G 406 35.59 -45.87 4.03
N PRO G 407 34.46 -46.27 4.66
CA PRO G 407 33.73 -47.44 4.19
C PRO G 407 33.09 -47.18 2.84
N ALA G 408 32.80 -48.23 2.09
CA ALA G 408 32.09 -48.06 0.83
C ALA G 408 30.58 -48.04 1.04
N MET G 409 29.91 -47.39 0.11
CA MET G 409 28.46 -47.27 0.10
C MET G 409 27.86 -48.40 -0.72
N LYS G 410 28.67 -49.01 -1.58
CA LYS G 410 28.20 -49.94 -2.59
C LYS G 410 29.32 -50.91 -2.95
N ASP G 411 29.00 -52.19 -3.08
CA ASP G 411 29.98 -53.18 -3.48
C ASP G 411 29.66 -53.71 -4.87
N ILE G 412 30.67 -53.74 -5.73
CA ILE G 412 30.53 -54.29 -7.07
C ILE G 412 31.38 -55.54 -7.15
N THR G 413 30.79 -56.62 -7.63
CA THR G 413 31.47 -57.87 -7.83
C THR G 413 31.86 -57.98 -9.30
N LEU G 414 33.14 -58.26 -9.58
CA LEU G 414 33.63 -58.25 -10.95
C LEU G 414 33.61 -59.63 -11.58
N TYR H 4 -6.97 -27.59 11.93
CA TYR H 4 -5.69 -27.12 12.45
C TYR H 4 -4.83 -28.27 12.97
N ASN H 5 -4.66 -29.29 12.13
CA ASN H 5 -3.80 -30.43 12.46
C ASN H 5 -2.35 -30.18 12.08
N TYR H 6 -1.70 -29.25 12.78
CA TYR H 6 -0.29 -28.94 12.53
C TYR H 6 0.59 -29.28 13.73
N LYS H 7 1.88 -29.34 13.49
CA LYS H 7 2.88 -29.61 14.52
C LYS H 7 3.75 -28.38 14.74
N PRO H 8 4.13 -28.10 16.00
CA PRO H 8 5.02 -26.96 16.26
C PRO H 8 6.43 -27.18 15.75
N THR H 9 7.08 -26.10 15.33
CA THR H 9 8.51 -26.13 15.00
C THR H 9 9.34 -25.97 16.27
N LEU H 10 10.27 -26.89 16.52
CA LEU H 10 11.13 -26.77 17.69
C LEU H 10 12.38 -25.96 17.35
N TRP H 11 12.63 -24.94 18.16
CA TRP H 11 13.94 -24.29 18.18
C TRP H 11 14.82 -25.15 19.08
N THR H 12 15.84 -25.77 18.50
CA THR H 12 16.58 -26.85 19.19
C THR H 12 17.89 -26.37 19.75
N ARG H 13 18.49 -27.17 20.64
CA ARG H 13 19.79 -26.84 21.21
C ARG H 13 20.83 -26.77 20.10
N ALA H 14 20.72 -27.69 19.14
CA ALA H 14 21.60 -27.69 17.98
C ALA H 14 21.51 -26.35 17.24
N ASP H 15 20.30 -25.83 17.10
CA ASP H 15 20.09 -24.52 16.49
C ASP H 15 20.80 -23.45 17.30
N ALA H 16 20.60 -23.49 18.62
CA ALA H 16 21.16 -22.48 19.51
C ALA H 16 22.69 -22.46 19.48
N LEU H 17 23.28 -23.65 19.39
CA LEU H 17 24.74 -23.76 19.35
C LEU H 17 25.34 -23.03 18.13
N LYS H 18 24.52 -22.81 17.11
CA LYS H 18 24.95 -22.10 15.91
C LYS H 18 24.95 -20.58 16.10
N VAL H 19 24.34 -20.11 17.18
CA VAL H 19 24.22 -18.67 17.44
C VAL H 19 25.57 -17.96 17.63
N HIS H 20 25.84 -16.95 16.81
CA HIS H 20 27.07 -16.13 16.95
C HIS H 20 26.83 -14.71 17.40
N GLU H 21 27.49 -14.39 18.52
CA GLU H 21 27.56 -13.04 19.01
C GLU H 21 28.59 -12.25 18.21
N ASP H 22 28.31 -10.99 17.91
CA ASP H 22 29.28 -10.11 17.21
C ASP H 22 29.52 -10.49 15.74
N ASP H 23 28.51 -11.07 15.09
CA ASP H 23 28.49 -11.19 13.63
C ASP H 23 28.11 -9.79 13.11
N PRO H 24 28.95 -9.17 12.28
CA PRO H 24 28.66 -7.78 11.90
C PRO H 24 27.36 -7.60 11.11
N THR H 25 26.96 -8.63 10.36
CA THR H 25 25.73 -8.58 9.59
C THR H 25 24.50 -8.73 10.48
N THR H 26 24.71 -9.11 11.73
CA THR H 26 23.62 -9.53 12.61
C THR H 26 23.77 -8.85 13.98
N THR H 27 24.63 -7.84 14.04
CA THR H 27 24.90 -7.13 15.29
C THR H 27 24.54 -5.65 15.20
N GLN H 28 23.90 -5.14 16.25
CA GLN H 28 23.55 -3.73 16.33
C GLN H 28 24.78 -2.83 16.46
N PRO H 29 24.74 -1.65 15.84
CA PRO H 29 25.82 -0.68 16.07
C PRO H 29 25.93 -0.29 17.54
N VAL H 30 27.13 0.09 17.96
CA VAL H 30 27.39 0.48 19.34
C VAL H 30 26.67 1.78 19.66
N ILE H 31 25.87 1.78 20.73
CA ILE H 31 25.21 2.99 21.20
C ILE H 31 26.23 3.97 21.77
N ASP H 32 26.18 5.20 21.28
CA ASP H 32 27.02 6.26 21.81
C ASP H 32 26.49 6.66 23.19
N ILE H 33 27.38 6.75 24.17
CA ILE H 33 26.97 6.98 25.55
C ILE H 33 26.41 8.39 25.74
N ALA H 34 26.68 9.27 24.79
CA ALA H 34 26.15 10.64 24.82
C ALA H 34 24.79 10.74 24.12
N PHE H 35 24.07 9.63 24.05
CA PHE H 35 22.75 9.60 23.41
C PHE H 35 21.80 10.62 24.04
N PRO H 36 20.90 11.20 23.23
CA PRO H 36 19.88 12.10 23.76
C PRO H 36 18.68 11.34 24.34
N VAL H 37 17.87 12.02 25.15
CA VAL H 37 16.67 11.42 25.72
C VAL H 37 15.44 12.19 25.25
N MET H 38 14.37 11.46 24.93
CA MET H 38 13.18 12.08 24.33
C MET H 38 12.27 12.74 25.37
N SER H 39 12.43 12.39 26.64
CA SER H 39 11.69 13.06 27.71
C SER H 39 12.45 13.09 29.01
N GLU H 40 12.49 14.27 29.62
CA GLU H 40 13.11 14.44 30.92
C GLU H 40 12.09 14.22 32.05
N GLU H 41 10.83 13.99 31.69
CA GLU H 41 9.78 13.71 32.67
C GLU H 41 9.47 12.22 32.83
N VAL H 42 9.53 11.44 31.75
CA VAL H 42 9.16 10.02 31.81
C VAL H 42 10.18 9.07 31.21
N PHE H 43 10.09 7.81 31.62
CA PHE H 43 10.80 6.72 30.98
C PHE H 43 9.89 6.06 29.96
N ILE H 44 10.46 5.65 28.83
CA ILE H 44 9.76 4.73 27.94
C ILE H 44 10.67 3.54 27.70
N TRP H 45 10.10 2.40 27.33
CA TRP H 45 10.92 1.32 26.82
C TRP H 45 10.16 0.62 25.68
N ASP H 46 9.45 -0.47 25.93
CA ASP H 46 8.74 -1.17 24.84
C ASP H 46 7.90 -0.23 23.97
N THR H 47 8.20 -0.19 22.69
CA THR H 47 7.54 0.71 21.75
C THR H 47 6.69 -0.06 20.76
N MET H 48 5.42 0.32 20.69
CA MET H 48 4.44 -0.36 19.87
C MET H 48 3.88 0.60 18.83
N PRO H 49 4.43 0.57 17.61
CA PRO H 49 3.93 1.50 16.59
C PRO H 49 2.51 1.17 16.18
N LEU H 50 1.75 2.20 15.82
CA LEU H 50 0.39 2.00 15.32
C LEU H 50 0.46 1.31 13.96
N ARG H 51 -0.30 0.24 13.80
CA ARG H 51 -0.32 -0.51 12.55
C ARG H 51 -1.71 -1.04 12.22
N ASP H 52 -1.85 -1.62 11.03
CA ASP H 52 -3.10 -2.26 10.62
C ASP H 52 -3.00 -3.77 10.76
N PHE H 53 -4.09 -4.46 10.42
CA PHE H 53 -4.14 -5.91 10.58
C PHE H 53 -3.16 -6.62 9.66
N ASP H 54 -2.70 -5.95 8.61
CA ASP H 54 -1.74 -6.55 7.69
C ASP H 54 -0.31 -6.39 8.19
N GLY H 55 -0.13 -5.57 9.22
CA GLY H 55 1.19 -5.38 9.82
C GLY H 55 1.88 -4.09 9.41
N GLU H 56 1.23 -3.31 8.55
CA GLU H 56 1.81 -2.08 8.03
C GLU H 56 1.69 -0.93 9.03
N ILE H 57 2.76 -0.14 9.15
CA ILE H 57 2.77 0.98 10.07
C ILE H 57 1.97 2.12 9.46
N ILE H 58 0.97 2.58 10.22
CA ILE H 58 -0.03 3.52 9.72
C ILE H 58 0.09 4.90 10.37
N SER H 59 -0.04 5.93 9.54
CA SER H 59 -0.21 7.29 10.02
C SER H 59 -1.66 7.71 9.83
N VAL H 60 -2.14 8.63 10.67
CA VAL H 60 -3.50 9.12 10.55
C VAL H 60 -3.51 10.64 10.33
N ASN H 61 -4.12 11.05 9.22
CA ASN H 61 -4.13 12.45 8.83
C ASN H 61 -2.73 13.10 8.91
N GLY H 62 -1.73 12.34 8.47
CA GLY H 62 -0.35 12.81 8.42
C GLY H 62 0.40 12.73 9.74
N TRP H 63 -0.22 12.11 10.74
CA TRP H 63 0.41 11.94 12.04
C TRP H 63 0.92 10.52 12.25
N CYS H 64 2.23 10.36 12.42
CA CYS H 64 2.79 9.08 12.85
C CYS H 64 2.46 8.89 14.33
N ILE H 65 2.20 7.65 14.72
CA ILE H 65 1.74 7.35 16.07
C ILE H 65 2.49 6.15 16.65
N ILE H 66 2.99 6.29 17.87
CA ILE H 66 3.54 5.15 18.61
C ILE H 66 2.95 5.05 20.02
N PHE H 67 2.79 3.82 20.48
CA PHE H 67 2.40 3.55 21.87
C PHE H 67 3.63 3.03 22.60
N THR H 68 3.85 3.48 23.83
CA THR H 68 5.01 3.05 24.61
C THR H 68 4.62 2.56 26.00
N LEU H 69 5.31 1.54 26.48
CA LEU H 69 5.31 1.24 27.89
C LEU H 69 6.05 2.39 28.59
N THR H 70 5.41 2.97 29.59
CA THR H 70 5.87 4.25 30.14
C THR H 70 5.84 4.29 31.67
N ALA H 71 6.74 5.07 32.24
CA ALA H 71 6.74 5.32 33.68
C ALA H 71 7.39 6.67 33.95
N ASP H 72 7.05 7.26 35.10
CA ASP H 72 7.55 8.57 35.46
C ASP H 72 8.99 8.49 35.97
N ARG H 73 9.77 9.50 35.60
CA ARG H 73 11.07 9.73 36.22
C ARG H 73 10.85 10.35 37.60
N ASN H 74 11.35 9.70 38.64
CA ASN H 74 11.16 10.14 40.02
C ASN H 74 12.29 11.05 40.49
N THR H 75 12.66 12.00 39.64
CA THR H 75 13.75 12.93 39.92
C THR H 75 13.68 13.59 41.28
N ASP H 76 12.47 13.95 41.71
CA ASP H 76 12.28 14.74 42.91
C ASP H 76 11.61 13.95 44.04
N ASN H 77 11.39 12.66 43.84
CA ASN H 77 10.73 11.83 44.84
C ASN H 77 11.73 11.36 45.91
N PRO H 78 11.46 11.68 47.20
CA PRO H 78 12.38 11.26 48.27
C PRO H 78 12.57 9.75 48.38
N GLN H 79 11.62 8.97 47.86
CA GLN H 79 11.69 7.52 47.96
C GLN H 79 12.84 6.93 47.16
N PHE H 80 13.24 7.62 46.10
CA PHE H 80 14.28 7.14 45.20
C PHE H 80 15.58 7.92 45.39
N GLN H 81 15.93 8.19 46.65
CA GLN H 81 17.14 8.93 46.96
C GLN H 81 18.28 8.07 47.50
N ASP H 82 19.48 8.37 47.00
CA ASP H 82 20.74 7.82 47.51
C ASP H 82 21.02 8.26 48.94
N GLU H 83 21.97 7.59 49.58
CA GLU H 83 22.49 8.07 50.85
C GLU H 83 23.11 9.44 50.64
N ASN H 84 22.78 10.37 51.54
CA ASN H 84 23.10 11.79 51.42
C ASN H 84 22.08 12.51 50.52
N GLY H 85 21.00 11.81 50.16
CA GLY H 85 19.83 12.43 49.56
C GLY H 85 19.91 12.77 48.08
N ASN H 86 20.62 11.94 47.32
CA ASN H 86 20.77 12.12 45.88
C ASN H 86 19.82 11.25 45.06
N TYR H 87 19.40 11.73 43.90
CA TYR H 87 18.49 10.97 43.05
C TYR H 87 19.18 9.73 42.46
N ASP H 88 18.67 8.55 42.77
CA ASP H 88 19.22 7.30 42.25
C ASP H 88 18.52 6.89 40.95
N ILE H 89 19.04 7.37 39.83
CA ILE H 89 18.46 7.10 38.51
C ILE H 89 18.42 5.60 38.20
N THR H 90 19.36 4.85 38.75
CA THR H 90 19.45 3.42 38.47
C THR H 90 18.32 2.66 39.15
N ARG H 91 18.15 2.87 40.46
CA ARG H 91 17.11 2.20 41.21
C ARG H 91 15.74 2.51 40.62
N ASP H 92 15.54 3.78 40.27
CA ASP H 92 14.32 4.22 39.61
C ASP H 92 14.07 3.42 38.35
N TRP H 93 15.00 3.53 37.41
CA TRP H 93 14.94 2.85 36.13
C TRP H 93 14.59 1.36 36.26
N GLU H 94 15.21 0.69 37.22
CA GLU H 94 15.07 -0.76 37.38
C GLU H 94 13.77 -1.19 38.09
N ASP H 95 13.08 -0.25 38.73
CA ASP H 95 11.82 -0.51 39.42
C ASP H 95 10.60 -0.27 38.51
N ARG H 96 10.86 0.06 37.24
CA ARG H 96 9.85 0.62 36.35
C ARG H 96 8.73 -0.35 35.95
N HIS H 97 9.06 -1.63 35.85
CA HIS H 97 8.10 -2.60 35.32
C HIS H 97 6.87 -2.71 36.21
N GLY H 98 7.05 -2.45 37.49
CA GLY H 98 5.94 -2.48 38.44
C GLY H 98 4.94 -1.36 38.24
N ARG H 99 5.40 -0.25 37.66
CA ARG H 99 4.52 0.90 37.42
C ARG H 99 4.34 1.17 35.92
N ALA H 100 4.45 0.11 35.12
CA ALA H 100 4.29 0.25 33.67
C ALA H 100 2.89 0.69 33.27
N ARG H 101 2.81 1.82 32.56
CA ARG H 101 1.56 2.30 31.99
C ARG H 101 1.76 2.57 30.50
N ILE H 102 0.69 2.39 29.72
CA ILE H 102 0.78 2.62 28.28
C ILE H 102 0.38 4.05 27.91
N CYS H 103 1.30 4.76 27.26
CA CYS H 103 1.10 6.11 26.76
C CYS H 103 1.26 6.15 25.24
N TYR H 104 0.90 7.26 24.62
CA TYR H 104 1.07 7.42 23.17
C TYR H 104 1.83 8.70 22.84
N TRP H 105 2.50 8.69 21.69
CA TRP H 105 3.23 9.85 21.19
C TRP H 105 2.84 10.08 19.74
N TYR H 106 3.08 11.28 19.24
CA TYR H 106 2.79 11.58 17.83
C TYR H 106 3.80 12.52 17.19
N SER H 107 3.91 12.41 15.86
CA SER H 107 4.83 13.22 15.07
C SER H 107 4.47 13.16 13.59
N ARG H 108 4.60 14.29 12.90
CA ARG H 108 4.38 14.32 11.45
C ARG H 108 5.58 13.72 10.72
N THR H 109 6.68 13.60 11.45
CA THR H 109 7.97 13.29 10.86
C THR H 109 8.41 11.85 11.13
N GLY H 110 7.84 11.23 12.16
CA GLY H 110 8.21 9.87 12.54
C GLY H 110 9.38 9.90 13.50
N LYS H 111 9.61 11.08 14.05
CA LYS H 111 10.83 11.42 14.75
C LYS H 111 10.51 12.63 15.65
N ASP H 112 11.36 12.94 16.62
CA ASP H 112 11.13 14.10 17.48
C ASP H 112 9.72 14.08 18.10
N TRP H 113 9.44 13.05 18.89
CA TRP H 113 8.07 12.73 19.28
C TRP H 113 7.48 13.68 20.31
N ILE H 114 6.19 13.98 20.13
CA ILE H 114 5.41 14.80 21.05
C ILE H 114 4.64 13.89 22.00
N PHE H 115 4.67 14.21 23.29
CA PHE H 115 3.98 13.41 24.29
C PHE H 115 2.48 13.70 24.29
N GLY H 116 1.69 12.65 24.03
CA GLY H 116 0.24 12.77 24.03
C GLY H 116 -0.34 12.30 25.34
N GLY H 117 0.48 11.64 26.15
CA GLY H 117 0.06 11.21 27.48
C GLY H 117 -0.56 9.83 27.55
N ARG H 118 -1.40 9.67 28.56
CA ARG H 118 -1.92 8.37 28.95
C ARG H 118 -3.07 7.91 28.07
N VAL H 119 -3.08 6.62 27.72
CA VAL H 119 -4.13 6.05 26.87
C VAL H 119 -5.36 5.69 27.68
N MET H 120 -5.15 4.95 28.77
CA MET H 120 -6.22 4.59 29.69
C MET H 120 -6.09 5.37 30.99
N ALA H 121 -7.20 5.94 31.45
CA ALA H 121 -7.20 6.60 32.75
C ALA H 121 -6.91 5.57 33.82
N GLU H 122 -6.23 6.00 34.89
CA GLU H 122 -5.92 5.13 36.01
C GLU H 122 -7.16 4.45 36.58
N GLY H 123 -7.06 3.14 36.72
CA GLY H 123 -8.12 2.33 37.30
C GLY H 123 -8.95 1.66 36.24
N VAL H 124 -8.78 2.05 34.98
CA VAL H 124 -9.51 1.41 33.89
C VAL H 124 -8.96 0.00 33.64
N SER H 125 -7.69 -0.16 33.55
CA SER H 125 -7.08 -1.47 33.37
C SER H 125 -7.34 -2.28 34.62
N PRO H 126 -7.86 -3.53 34.42
CA PRO H 126 -8.15 -4.41 35.56
C PRO H 126 -6.93 -4.61 36.46
N THR H 127 -5.76 -4.74 35.85
CA THR H 127 -4.52 -4.77 36.61
C THR H 127 -3.84 -3.42 36.47
N THR H 128 -3.11 -3.02 37.51
CA THR H 128 -2.42 -1.74 37.50
C THR H 128 -1.33 -1.74 36.44
N ARG H 129 -0.62 -2.85 36.32
CA ARG H 129 0.39 -3.00 35.28
C ARG H 129 -0.25 -3.09 33.90
N GLU H 130 0.16 -2.19 33.01
CA GLU H 130 -0.21 -2.27 31.62
C GLU H 130 1.02 -2.69 30.82
N TRP H 131 1.12 -3.98 30.51
CA TRP H 131 2.26 -4.49 29.79
C TRP H 131 1.98 -4.59 28.27
N ALA H 132 2.97 -5.01 27.52
CA ALA H 132 3.03 -4.75 26.08
C ALA H 132 2.00 -5.51 25.26
N GLY H 133 1.75 -4.97 24.06
CA GLY H 133 0.80 -5.54 23.13
C GLY H 133 0.86 -4.84 21.78
N THR H 134 -0.28 -4.65 21.14
CA THR H 134 -0.33 -3.99 19.84
C THR H 134 -1.55 -3.09 19.65
N PRO H 135 -1.33 -1.85 19.19
CA PRO H 135 -2.46 -1.01 18.80
C PRO H 135 -2.79 -1.20 17.32
N ILE H 136 -4.06 -1.48 17.02
CA ILE H 136 -4.50 -1.74 15.65
C ILE H 136 -5.48 -0.67 15.20
N LEU H 137 -5.27 -0.09 14.02
CA LEU H 137 -6.23 0.86 13.44
C LEU H 137 -7.29 0.10 12.65
N LEU H 138 -8.49 0.07 13.22
CA LEU H 138 -9.63 -0.63 12.64
C LEU H 138 -10.30 0.11 11.48
N ASN H 139 -10.31 1.43 11.58
CA ASN H 139 -11.26 2.26 10.83
C ASN H 139 -10.60 3.45 10.15
N ASP H 140 -11.27 3.99 9.14
CA ASP H 140 -10.92 5.30 8.63
C ASP H 140 -11.67 6.36 9.44
N ARG H 141 -12.49 5.91 10.39
CA ARG H 141 -13.08 6.79 11.38
C ARG H 141 -12.16 6.97 12.58
N GLY H 142 -11.09 6.19 12.65
CA GLY H 142 -10.07 6.39 13.66
C GLY H 142 -10.18 5.48 14.88
N ASP H 143 -11.07 4.49 14.80
CA ASP H 143 -11.24 3.56 15.90
C ASP H 143 -10.00 2.67 16.03
N ILE H 144 -9.59 2.45 17.27
CA ILE H 144 -8.39 1.67 17.57
C ILE H 144 -8.69 0.60 18.63
N ASP H 145 -8.30 -0.64 18.34
CA ASP H 145 -8.27 -1.68 19.35
C ASP H 145 -6.86 -1.83 19.87
N LEU H 146 -6.67 -1.46 21.14
CA LEU H 146 -5.39 -1.69 21.80
C LEU H 146 -5.41 -3.06 22.46
N TYR H 147 -4.70 -4.01 21.86
CA TYR H 147 -4.46 -5.30 22.49
C TYR H 147 -3.26 -5.13 23.41
N TYR H 148 -3.41 -5.54 24.68
CA TYR H 148 -2.31 -5.43 25.62
C TYR H 148 -2.41 -6.49 26.70
N THR H 149 -1.44 -6.51 27.62
CA THR H 149 -1.35 -7.57 28.63
C THR H 149 -1.62 -7.08 30.06
N CYS H 150 -2.57 -7.73 30.71
CA CYS H 150 -2.86 -7.47 32.11
C CYS H 150 -2.10 -8.44 33.02
N VAL H 151 -1.19 -7.91 33.82
CA VAL H 151 -0.31 -8.73 34.67
C VAL H 151 -0.42 -8.39 36.16
N THR H 152 -0.55 -9.43 36.98
CA THR H 152 -0.57 -9.31 38.46
C THR H 152 -1.80 -8.58 39.01
N PRO H 153 -2.79 -9.34 39.52
CA PRO H 153 -2.83 -10.80 39.61
C PRO H 153 -2.89 -11.50 38.27
N GLY H 154 -2.14 -12.59 38.15
CA GLY H 154 -2.19 -13.42 36.95
C GLY H 154 -1.56 -12.78 35.73
N ALA H 155 -1.90 -13.34 34.58
CA ALA H 155 -1.48 -12.79 33.30
C ALA H 155 -2.58 -13.06 32.29
N THR H 156 -3.19 -11.99 31.79
CA THR H 156 -4.36 -12.09 30.93
C THR H 156 -4.20 -11.20 29.71
N ILE H 157 -4.40 -11.77 28.54
CA ILE H 157 -4.43 -10.99 27.31
C ILE H 157 -5.79 -10.34 27.20
N ALA H 158 -5.80 -9.06 26.85
CA ALA H 158 -7.02 -8.29 26.83
C ALA H 158 -6.96 -7.26 25.71
N LYS H 159 -8.10 -6.59 25.47
CA LYS H 159 -8.14 -5.51 24.50
C LYS H 159 -9.04 -4.39 25.01
N VAL H 160 -8.79 -3.18 24.54
CA VAL H 160 -9.60 -2.03 24.91
C VAL H 160 -9.81 -1.15 23.68
N ARG H 161 -11.07 -0.85 23.37
CA ARG H 161 -11.39 -0.02 22.21
C ARG H 161 -11.36 1.46 22.58
N GLY H 162 -10.84 2.25 21.65
CA GLY H 162 -10.86 3.70 21.77
C GLY H 162 -10.86 4.31 20.37
N LYS H 163 -10.46 5.57 20.29
CA LYS H 163 -10.54 6.31 19.04
C LYS H 163 -9.54 7.45 19.00
N ILE H 164 -8.90 7.63 17.85
CA ILE H 164 -7.92 8.70 17.67
C ILE H 164 -8.56 9.88 16.94
N VAL H 165 -8.32 11.07 17.47
CA VAL H 165 -8.84 12.32 16.90
C VAL H 165 -7.69 13.27 16.69
N THR H 166 -7.46 13.67 15.44
CA THR H 166 -6.34 14.53 15.11
C THR H 166 -6.80 15.96 14.85
N SER H 167 -6.00 16.89 15.33
CA SER H 167 -6.17 18.31 15.01
C SER H 167 -5.03 18.70 14.09
N ASP H 168 -4.89 20.00 13.88
CA ASP H 168 -3.88 20.51 12.95
C ASP H 168 -2.47 20.48 13.56
N GLN H 169 -2.39 20.61 14.88
CA GLN H 169 -1.11 20.69 15.57
C GLN H 169 -1.02 19.76 16.79
N SER H 170 -2.03 18.92 16.98
CA SER H 170 -2.05 17.99 18.11
C SER H 170 -2.88 16.75 17.81
N VAL H 171 -2.73 15.74 18.65
CA VAL H 171 -3.47 14.50 18.53
C VAL H 171 -3.98 14.08 19.90
N SER H 172 -5.24 13.67 19.98
CA SER H 172 -5.82 13.20 21.24
C SER H 172 -6.61 11.92 21.05
N LEU H 173 -6.95 11.28 22.17
CA LEU H 173 -7.63 9.99 22.15
C LEU H 173 -8.98 10.08 22.85
N GLU H 174 -9.94 9.30 22.34
CA GLU H 174 -11.25 9.21 22.95
C GLU H 174 -11.57 7.74 23.22
N GLY H 175 -12.45 7.49 24.19
CA GLY H 175 -12.76 6.14 24.60
C GLY H 175 -11.67 5.55 25.47
N PHE H 176 -11.32 4.30 25.20
CA PHE H 176 -10.38 3.55 26.02
C PHE H 176 -10.83 3.57 27.48
N GLN H 177 -12.12 3.28 27.69
CA GLN H 177 -12.73 3.33 29.01
C GLN H 177 -13.12 1.97 29.55
N GLN H 178 -13.22 0.97 28.68
CA GLN H 178 -13.57 -0.39 29.12
C GLN H 178 -12.69 -1.46 28.52
N VAL H 179 -12.10 -2.25 29.40
CA VAL H 179 -11.21 -3.33 29.02
C VAL H 179 -11.96 -4.65 28.94
N THR H 180 -11.72 -5.39 27.87
CA THR H 180 -12.28 -6.73 27.71
C THR H 180 -11.18 -7.77 27.87
N SER H 181 -11.33 -8.64 28.86
CA SER H 181 -10.41 -9.76 29.03
C SER H 181 -10.71 -10.79 27.95
N LEU H 182 -9.68 -11.24 27.26
CA LEU H 182 -9.86 -12.18 26.15
C LEU H 182 -9.57 -13.60 26.61
N PHE H 183 -8.34 -13.87 27.02
CA PHE H 183 -8.01 -15.19 27.55
C PHE H 183 -6.72 -15.23 28.37
N SER H 184 -6.56 -16.34 29.06
CA SER H 184 -5.39 -16.59 29.91
C SER H 184 -4.80 -17.95 29.56
N ALA H 185 -3.71 -18.32 30.21
CA ALA H 185 -3.12 -19.64 29.99
C ALA H 185 -4.14 -20.73 30.34
N ASP H 186 -4.19 -21.78 29.52
CA ASP H 186 -5.23 -22.81 29.65
C ASP H 186 -4.79 -23.98 30.53
N GLY H 187 -3.52 -24.35 30.44
CA GLY H 187 -2.99 -25.44 31.22
C GLY H 187 -2.78 -26.73 30.43
N THR H 188 -3.49 -26.88 29.33
CA THR H 188 -3.30 -28.04 28.46
C THR H 188 -2.22 -27.76 27.41
N ILE H 189 -2.31 -26.59 26.79
CA ILE H 189 -1.36 -26.19 25.75
C ILE H 189 -0.34 -25.19 26.29
N TYR H 190 -0.83 -24.13 26.93
CA TYR H 190 0.04 -23.10 27.50
C TYR H 190 0.07 -23.17 29.02
N GLN H 191 1.25 -22.89 29.58
CA GLN H 191 1.52 -23.08 31.00
C GLN H 191 0.84 -22.03 31.88
N THR H 192 0.32 -22.48 33.02
CA THR H 192 -0.40 -21.62 33.95
C THR H 192 0.42 -21.23 35.18
N GLU H 193 -0.09 -20.27 35.95
CA GLU H 193 0.52 -19.86 37.22
C GLU H 193 0.57 -21.01 38.22
N GLU H 194 -0.54 -21.76 38.31
CA GLU H 194 -0.61 -23.00 39.08
C GLU H 194 0.60 -23.90 38.83
N GLN H 195 0.93 -24.10 37.55
CA GLN H 195 1.97 -25.02 37.15
C GLN H 195 3.37 -24.43 37.33
N ASN H 196 3.45 -23.11 37.25
CA ASN H 196 4.72 -22.41 37.32
C ASN H 196 4.51 -20.97 37.82
N ALA H 197 5.06 -20.66 39.00
CA ALA H 197 4.94 -19.33 39.57
C ALA H 197 5.64 -18.30 38.70
N PHE H 198 6.58 -18.75 37.86
CA PHE H 198 7.31 -17.88 36.96
C PHE H 198 6.84 -17.99 35.50
N TRP H 199 5.63 -18.49 35.30
CA TRP H 199 5.12 -18.70 33.95
C TRP H 199 5.06 -17.41 33.13
N ASN H 200 5.20 -17.55 31.81
CA ASN H 200 5.16 -16.42 30.88
C ASN H 200 3.90 -16.46 30.03
N PHE H 201 3.21 -15.33 29.94
CA PHE H 201 2.02 -15.22 29.10
C PHE H 201 1.73 -13.75 28.84
N ARG H 202 2.03 -13.27 27.62
CA ARG H 202 1.89 -11.86 27.32
C ARG H 202 2.13 -11.54 25.84
N ASP H 203 1.94 -10.27 25.50
CA ASP H 203 2.35 -9.70 24.20
C ASP H 203 1.52 -10.15 23.00
N PRO H 204 0.25 -9.73 22.94
CA PRO H 204 -0.58 -10.02 21.77
C PRO H 204 -0.17 -9.21 20.53
N SER H 205 0.06 -9.89 19.40
CA SER H 205 0.19 -9.21 18.10
C SER H 205 -0.84 -9.78 17.13
N PRO H 206 -2.01 -9.15 17.02
CA PRO H 206 -3.02 -9.61 16.06
C PRO H 206 -2.65 -9.35 14.61
N PHE H 207 -3.18 -10.18 13.71
CA PHE H 207 -2.99 -9.99 12.28
C PHE H 207 -4.04 -10.76 11.49
N ILE H 208 -4.44 -10.21 10.34
CA ILE H 208 -5.26 -10.93 9.39
C ILE H 208 -4.33 -11.64 8.40
N ASP H 209 -4.51 -12.95 8.28
CA ASP H 209 -3.71 -13.75 7.36
C ASP H 209 -4.18 -13.54 5.92
N ARG H 210 -3.23 -13.30 5.02
CA ARG H 210 -3.55 -12.96 3.65
C ARG H 210 -4.10 -14.15 2.88
N ASN H 211 -3.55 -15.32 3.17
CA ASN H 211 -4.01 -16.55 2.53
C ASN H 211 -5.34 -17.04 3.10
N ASP H 212 -5.65 -16.63 4.32
CA ASP H 212 -6.75 -17.23 5.07
C ASP H 212 -7.95 -16.30 5.22
N GLY H 213 -7.67 -15.00 5.33
CA GLY H 213 -8.70 -14.02 5.57
C GLY H 213 -9.17 -13.99 7.02
N LYS H 214 -8.58 -14.86 7.85
CA LYS H 214 -8.99 -14.99 9.24
C LYS H 214 -8.15 -14.13 10.17
N LEU H 215 -8.71 -13.81 11.32
CA LEU H 215 -8.01 -13.01 12.33
C LEU H 215 -7.28 -13.91 13.31
N TYR H 216 -5.99 -13.62 13.48
CA TYR H 216 -5.11 -14.40 14.36
C TYR H 216 -4.39 -13.47 15.30
N MET H 217 -3.70 -14.05 16.28
CA MET H 217 -2.72 -13.31 17.07
C MET H 217 -1.62 -14.23 17.53
N LEU H 218 -0.40 -13.72 17.54
CA LEU H 218 0.70 -14.37 18.25
C LEU H 218 0.74 -13.88 19.69
N PHE H 219 1.39 -14.65 20.54
CA PHE H 219 1.68 -14.20 21.90
C PHE H 219 2.78 -15.05 22.50
N GLU H 220 3.46 -14.51 23.50
CA GLU H 220 4.45 -15.28 24.22
C GLU H 220 3.75 -16.24 25.17
N GLY H 221 4.29 -17.44 25.29
CA GLY H 221 3.79 -18.39 26.26
C GLY H 221 4.89 -19.32 26.74
N ASN H 222 4.51 -20.26 27.59
CA ASN H 222 5.36 -21.39 27.93
C ASN H 222 4.61 -22.67 27.60
N VAL H 223 5.33 -23.73 27.26
CA VAL H 223 4.70 -25.02 27.01
C VAL H 223 4.07 -25.52 28.30
N ALA H 224 2.83 -25.97 28.21
CA ALA H 224 2.08 -26.40 29.38
C ALA H 224 2.78 -27.53 30.12
N GLY H 225 2.43 -27.67 31.40
CA GLY H 225 2.99 -28.71 32.23
C GLY H 225 3.56 -28.09 33.49
N PRO H 226 3.56 -28.85 34.60
CA PRO H 226 4.18 -28.32 35.81
C PRO H 226 5.66 -28.01 35.57
N ARG H 227 6.19 -27.01 36.28
CA ARG H 227 7.57 -26.57 36.06
C ARG H 227 8.59 -27.68 36.36
N GLY H 228 9.48 -27.92 35.40
CA GLY H 228 10.54 -28.90 35.58
C GLY H 228 10.08 -30.30 35.25
N SER H 229 8.84 -30.44 34.76
CA SER H 229 8.32 -31.74 34.35
C SER H 229 8.63 -32.03 32.89
N HIS H 230 8.83 -30.97 32.11
CA HIS H 230 9.22 -31.14 30.71
C HIS H 230 10.51 -31.93 30.74
N GLU H 231 10.64 -32.97 29.93
CA GLU H 231 11.93 -33.65 29.78
C GLU H 231 12.49 -33.38 28.38
N ILE H 232 13.81 -33.36 28.28
CA ILE H 232 14.51 -33.15 27.02
C ILE H 232 14.74 -34.45 26.25
N THR H 233 13.92 -34.66 25.22
CA THR H 233 14.11 -35.77 24.32
C THR H 233 15.06 -35.35 23.20
N GLN H 234 15.32 -36.24 22.27
CA GLN H 234 16.25 -35.96 21.20
C GLN H 234 15.67 -34.96 20.19
N ALA H 235 14.36 -34.78 20.24
CA ALA H 235 13.70 -33.76 19.43
C ALA H 235 14.19 -32.36 19.85
N GLU H 236 14.14 -32.10 21.15
CA GLU H 236 14.54 -30.81 21.70
C GLU H 236 16.06 -30.61 21.57
N MET H 237 16.80 -31.70 21.68
CA MET H 237 18.26 -31.66 21.54
C MET H 237 18.65 -31.14 20.17
N GLY H 238 17.98 -31.64 19.15
CA GLY H 238 18.41 -31.43 17.78
C GLY H 238 19.59 -32.34 17.51
N ASN H 239 20.28 -32.11 16.41
CA ASN H 239 21.43 -32.92 16.04
C ASN H 239 22.71 -32.29 16.56
N VAL H 240 22.93 -32.47 17.86
CA VAL H 240 24.03 -31.84 18.57
C VAL H 240 25.37 -32.51 18.27
N PRO H 241 26.47 -31.75 18.35
CA PRO H 241 27.78 -32.35 18.10
C PRO H 241 28.22 -33.25 19.23
N PRO H 242 29.15 -34.18 18.98
CA PRO H 242 29.67 -34.98 20.08
C PRO H 242 30.33 -34.12 21.14
N GLY H 243 30.08 -34.44 22.41
CA GLY H 243 30.62 -33.67 23.52
C GLY H 243 29.66 -32.62 24.04
N TYR H 244 28.49 -32.51 23.44
CA TYR H 244 27.51 -31.47 23.79
C TYR H 244 26.17 -32.08 24.21
N GLU H 245 26.23 -33.23 24.88
CA GLU H 245 25.03 -33.93 25.32
C GLU H 245 24.59 -33.49 26.71
N ASP H 246 25.40 -32.65 27.36
CA ASP H 246 25.12 -32.20 28.72
C ASP H 246 24.23 -30.95 28.72
N VAL H 247 23.03 -31.06 29.30
CA VAL H 247 22.03 -29.99 29.22
C VAL H 247 21.77 -29.26 30.55
N GLY H 248 22.42 -29.69 31.62
CA GLY H 248 22.22 -29.09 32.93
C GLY H 248 20.75 -29.03 33.34
N GLY H 249 20.28 -27.84 33.71
CA GLY H 249 18.91 -27.64 34.15
C GLY H 249 17.99 -27.19 33.04
N ALA H 250 18.27 -27.63 31.81
CA ALA H 250 17.52 -27.22 30.64
C ALA H 250 16.03 -27.49 30.79
N LYS H 251 15.68 -28.47 31.62
CA LYS H 251 14.29 -28.85 31.83
C LYS H 251 13.38 -27.70 32.24
N TYR H 252 13.98 -26.64 32.78
CA TYR H 252 13.22 -25.52 33.33
C TYR H 252 12.95 -24.42 32.31
N GLN H 253 13.60 -24.49 31.16
CA GLN H 253 13.35 -23.55 30.08
C GLN H 253 12.33 -24.14 29.10
N ALA H 254 11.20 -23.47 28.93
CA ALA H 254 10.12 -23.99 28.09
C ALA H 254 9.37 -22.89 27.33
N GLY H 255 10.11 -21.93 26.81
CA GLY H 255 9.52 -20.82 26.06
C GLY H 255 8.84 -21.28 24.78
N CYS H 256 7.83 -20.54 24.35
CA CYS H 256 7.16 -20.82 23.08
C CYS H 256 6.43 -19.59 22.55
N VAL H 257 6.24 -19.56 21.22
CA VAL H 257 5.41 -18.55 20.58
C VAL H 257 4.03 -19.13 20.33
N GLY H 258 3.04 -18.61 21.04
CA GLY H 258 1.68 -19.13 20.97
C GLY H 258 0.87 -18.56 19.82
N LEU H 259 -0.22 -19.23 19.49
CA LEU H 259 -1.11 -18.80 18.42
C LEU H 259 -2.56 -18.92 18.88
N ALA H 260 -3.36 -17.92 18.53
CA ALA H 260 -4.81 -18.00 18.72
C ALA H 260 -5.54 -17.48 17.47
N VAL H 261 -6.79 -17.91 17.30
CA VAL H 261 -7.61 -17.48 16.17
C VAL H 261 -8.97 -17.00 16.68
N ALA H 262 -9.51 -15.97 16.03
CA ALA H 262 -10.79 -15.39 16.44
C ALA H 262 -11.97 -16.03 15.70
N LYS H 263 -13.17 -16.01 16.30
CA LYS H 263 -14.35 -16.49 15.60
C LYS H 263 -14.69 -15.61 14.42
N ASP H 264 -14.47 -14.31 14.57
CA ASP H 264 -14.68 -13.38 13.47
C ASP H 264 -13.74 -12.20 13.63
N LEU H 265 -13.81 -11.28 12.67
CA LEU H 265 -12.87 -10.18 12.56
C LEU H 265 -13.00 -9.11 13.67
N SER H 266 -14.06 -9.18 14.45
CA SER H 266 -14.24 -8.26 15.58
C SER H 266 -13.20 -8.50 16.67
N GLY H 267 -12.70 -9.74 16.75
CA GLY H 267 -11.72 -10.11 17.74
C GLY H 267 -12.30 -10.16 19.15
N SER H 268 -13.54 -10.59 19.26
CA SER H 268 -14.25 -10.63 20.54
C SER H 268 -14.05 -11.97 21.26
N GLU H 269 -14.04 -13.05 20.50
CA GLU H 269 -13.85 -14.39 21.06
C GLU H 269 -12.66 -15.05 20.39
N TRP H 270 -11.87 -15.78 21.17
CA TRP H 270 -10.63 -16.36 20.68
C TRP H 270 -10.48 -17.83 21.02
N GLN H 271 -10.11 -18.61 20.01
CA GLN H 271 -9.75 -20.01 20.19
C GLN H 271 -8.25 -20.19 20.30
N ILE H 272 -7.81 -20.68 21.45
CA ILE H 272 -6.41 -21.01 21.67
C ILE H 272 -5.97 -22.16 20.77
N LEU H 273 -4.79 -22.02 20.14
CA LEU H 273 -4.25 -23.03 19.23
C LEU H 273 -2.86 -23.50 19.67
N PRO H 274 -2.38 -24.60 19.08
CA PRO H 274 -1.02 -25.06 19.39
C PRO H 274 0.03 -24.01 19.01
N PRO H 275 1.18 -24.02 19.70
CA PRO H 275 2.22 -23.02 19.40
C PRO H 275 2.86 -23.22 18.03
N LEU H 276 3.45 -22.16 17.50
CA LEU H 276 4.16 -22.22 16.23
C LEU H 276 5.63 -22.56 16.45
N ILE H 277 6.19 -21.97 17.50
CA ILE H 277 7.59 -22.17 17.85
C ILE H 277 7.68 -22.58 19.33
N THR H 278 8.43 -23.64 19.60
CA THR H 278 8.71 -24.04 20.98
C THR H 278 10.22 -24.10 21.19
N ALA H 279 10.65 -23.74 22.40
CA ALA H 279 12.07 -23.63 22.70
C ALA H 279 12.43 -24.41 23.97
N VAL H 280 11.72 -25.50 24.21
CA VAL H 280 12.00 -26.36 25.36
C VAL H 280 13.45 -26.83 25.32
N GLY H 281 14.16 -26.61 26.43
CA GLY H 281 15.55 -27.00 26.55
C GLY H 281 16.51 -25.99 25.96
N VAL H 282 15.99 -24.85 25.52
CA VAL H 282 16.78 -23.84 24.82
C VAL H 282 16.65 -22.46 25.46
N ASN H 283 15.44 -21.92 25.50
CA ASN H 283 15.21 -20.60 26.07
C ASN H 283 13.84 -20.50 26.72
N ASP H 284 13.77 -19.81 27.85
CA ASP H 284 12.54 -19.71 28.61
C ASP H 284 11.62 -18.61 28.09
N GLN H 285 12.21 -17.61 27.43
CA GLN H 285 11.48 -16.41 27.03
C GLN H 285 11.60 -16.09 25.54
N THR H 286 10.50 -16.28 24.82
CA THR H 286 10.33 -15.81 23.45
C THR H 286 9.24 -14.74 23.43
N GLU H 287 9.65 -13.49 23.63
CA GLU H 287 8.70 -12.39 23.88
C GLU H 287 8.35 -11.61 22.62
N ARG H 288 7.33 -10.76 22.76
CA ARG H 288 6.85 -9.86 21.69
C ARG H 288 6.93 -10.47 20.30
N PRO H 289 6.30 -11.63 20.11
CA PRO H 289 6.30 -12.20 18.77
C PRO H 289 5.58 -11.28 17.78
N HIS H 290 6.07 -11.21 16.54
CA HIS H 290 5.44 -10.41 15.51
C HIS H 290 5.87 -10.84 14.12
N PHE H 291 4.95 -10.71 13.16
CA PHE H 291 5.18 -11.13 11.78
C PHE H 291 5.61 -9.99 10.86
N VAL H 292 6.49 -10.32 9.92
CA VAL H 292 6.66 -9.55 8.69
C VAL H 292 6.25 -10.45 7.53
N PHE H 293 5.34 -9.98 6.69
CA PHE H 293 4.93 -10.73 5.51
C PHE H 293 5.69 -10.21 4.29
N GLN H 294 6.55 -11.06 3.72
CA GLN H 294 7.41 -10.64 2.62
C GLN H 294 7.76 -11.80 1.69
N ASP H 295 7.73 -11.53 0.39
CA ASP H 295 8.04 -12.53 -0.63
C ASP H 295 7.22 -13.81 -0.47
N GLY H 296 5.96 -13.66 -0.10
CA GLY H 296 5.08 -14.81 0.05
C GLY H 296 5.41 -15.66 1.27
N LYS H 297 6.31 -15.17 2.11
CA LYS H 297 6.79 -15.91 3.27
C LYS H 297 6.38 -15.27 4.60
N TYR H 298 6.40 -16.09 5.65
CA TYR H 298 6.07 -15.64 7.00
C TYR H 298 7.33 -15.47 7.84
N TYR H 299 7.69 -14.22 8.13
CA TYR H 299 8.87 -13.94 8.95
C TYR H 299 8.48 -13.68 10.38
N LEU H 300 8.62 -14.70 11.21
CA LEU H 300 8.23 -14.63 12.62
C LEU H 300 9.41 -14.18 13.48
N PHE H 301 9.31 -13.00 14.05
CA PHE H 301 10.36 -12.47 14.92
C PHE H 301 9.92 -12.55 16.38
N THR H 302 10.89 -12.77 17.26
CA THR H 302 10.64 -12.79 18.70
C THR H 302 11.92 -12.42 19.44
N ILE H 303 11.77 -11.63 20.50
CA ILE H 303 12.91 -11.13 21.26
C ILE H 303 13.19 -12.01 22.46
N SER H 304 14.46 -12.08 22.86
CA SER H 304 14.85 -12.91 24.00
C SER H 304 16.13 -12.42 24.67
N HIS H 305 16.48 -13.06 25.78
CA HIS H 305 17.66 -12.66 26.56
C HIS H 305 18.80 -13.66 26.53
N LYS H 306 20.00 -13.12 26.58
CA LYS H 306 21.20 -13.90 26.89
C LYS H 306 20.98 -14.81 28.08
N TYR H 307 20.47 -14.25 29.17
CA TYR H 307 20.38 -14.97 30.43
C TYR H 307 19.07 -15.73 30.62
N THR H 308 18.28 -15.88 29.56
CA THR H 308 17.13 -16.80 29.59
C THR H 308 17.41 -18.05 28.76
N PHE H 309 18.59 -18.13 28.14
CA PHE H 309 19.01 -19.36 27.47
C PHE H 309 19.26 -20.45 28.50
N ALA H 310 19.07 -21.71 28.09
CA ALA H 310 19.29 -22.84 28.98
C ALA H 310 20.78 -23.02 29.22
N ASP H 311 21.12 -23.87 30.19
CA ASP H 311 22.52 -24.13 30.52
C ASP H 311 23.27 -24.68 29.30
N ASN H 312 24.53 -24.27 29.18
CA ASN H 312 25.42 -24.73 28.10
C ASN H 312 24.93 -24.24 26.73
N LEU H 313 24.13 -23.19 26.76
CA LEU H 313 23.71 -22.46 25.56
C LEU H 313 23.91 -20.97 25.83
N THR H 314 24.23 -20.20 24.80
CA THR H 314 24.29 -18.75 24.97
C THR H 314 24.01 -18.02 23.66
N GLY H 315 23.51 -16.80 23.80
CA GLY H 315 23.24 -15.92 22.69
C GLY H 315 23.15 -14.51 23.26
N PRO H 316 23.16 -13.49 22.40
CA PRO H 316 23.01 -12.12 22.88
C PRO H 316 21.57 -11.70 23.12
N ASP H 317 21.37 -10.63 23.88
CA ASP H 317 20.08 -9.97 23.93
C ASP H 317 19.80 -9.40 22.54
N GLY H 318 18.56 -9.50 22.08
CA GLY H 318 18.19 -9.03 20.77
C GLY H 318 16.96 -9.73 20.23
N VAL H 319 16.77 -9.65 18.92
CA VAL H 319 15.63 -10.30 18.27
C VAL H 319 16.09 -11.52 17.50
N TYR H 320 15.34 -12.61 17.67
CA TYR H 320 15.56 -13.84 16.94
C TYR H 320 14.40 -14.01 15.97
N GLY H 321 14.55 -14.91 15.00
CA GLY H 321 13.58 -15.02 13.93
C GLY H 321 13.52 -16.36 13.25
N PHE H 322 12.37 -16.64 12.65
CA PHE H 322 12.12 -17.89 11.93
C PHE H 322 11.28 -17.59 10.70
N VAL H 323 11.53 -18.29 9.60
CA VAL H 323 10.81 -18.06 8.34
C VAL H 323 10.13 -19.33 7.83
N SER H 324 8.94 -19.17 7.27
CA SER H 324 8.17 -20.30 6.71
C SER H 324 7.38 -19.90 5.46
N ASP H 325 7.04 -20.89 4.65
CA ASP H 325 6.19 -20.67 3.48
C ASP H 325 4.71 -20.61 3.87
N LYS H 326 4.37 -21.19 5.03
CA LYS H 326 2.99 -21.20 5.51
C LYS H 326 2.91 -20.81 6.99
N LEU H 327 1.76 -20.27 7.38
CA LEU H 327 1.52 -19.79 8.74
C LEU H 327 1.85 -20.83 9.82
N THR H 328 1.42 -22.06 9.59
CA THR H 328 1.55 -23.11 10.61
C THR H 328 2.79 -23.98 10.40
N GLY H 329 3.79 -23.42 9.72
CA GLY H 329 5.08 -24.07 9.60
C GLY H 329 5.17 -25.04 8.45
N PRO H 330 6.30 -25.77 8.35
CA PRO H 330 7.44 -25.72 9.27
C PRO H 330 8.31 -24.47 9.11
N TYR H 331 8.82 -23.96 10.22
CA TYR H 331 9.67 -22.79 10.22
C TYR H 331 11.16 -23.16 10.23
N THR H 332 11.99 -22.30 9.64
CA THR H 332 13.44 -22.47 9.69
C THR H 332 14.07 -21.29 10.45
N PRO H 333 15.05 -21.58 11.32
CA PRO H 333 15.70 -20.47 12.02
C PRO H 333 16.43 -19.53 11.08
N MET H 334 16.27 -18.23 11.28
CA MET H 334 16.91 -17.23 10.45
C MET H 334 18.42 -17.26 10.68
N ASN H 335 19.18 -17.09 9.59
CA ASN H 335 20.64 -17.11 9.65
C ASN H 335 21.17 -18.41 10.26
N SER H 336 20.40 -19.48 10.07
CA SER H 336 20.76 -20.84 10.50
C SER H 336 20.61 -21.08 12.01
N SER H 337 20.78 -20.03 12.81
CA SER H 337 20.75 -20.17 14.27
C SER H 337 19.49 -19.58 14.88
N GLY H 338 18.87 -18.63 14.18
CA GLY H 338 17.71 -17.94 14.69
C GLY H 338 17.98 -16.47 15.00
N LEU H 339 19.24 -16.10 15.16
CA LEU H 339 19.61 -14.74 15.54
C LEU H 339 19.52 -13.80 14.34
N VAL H 340 18.79 -12.71 14.52
CA VAL H 340 18.58 -11.72 13.46
C VAL H 340 19.33 -10.43 13.78
N LEU H 341 19.17 -9.94 15.00
CA LEU H 341 19.85 -8.73 15.43
C LEU H 341 20.18 -8.81 16.92
N GLY H 342 21.48 -8.91 17.21
CA GLY H 342 21.94 -9.06 18.58
C GLY H 342 22.82 -7.91 19.03
N ASN H 343 22.80 -7.63 20.33
CA ASN H 343 23.66 -6.60 20.88
C ASN H 343 25.13 -7.01 20.81
N PRO H 344 26.03 -6.03 20.66
CA PRO H 344 27.45 -6.37 20.67
C PRO H 344 27.90 -6.80 22.06
N SER H 345 28.90 -7.67 22.14
CA SER H 345 29.30 -8.27 23.40
C SER H 345 29.91 -7.25 24.37
N SER H 346 30.37 -6.12 23.83
CA SER H 346 30.97 -5.07 24.64
C SER H 346 29.92 -4.25 25.36
N GLN H 347 28.74 -4.18 24.75
CA GLN H 347 27.58 -3.49 25.32
C GLN H 347 26.35 -4.38 25.17
N PRO H 348 26.33 -5.50 25.91
CA PRO H 348 25.35 -6.58 25.71
C PRO H 348 23.92 -6.22 26.07
N PHE H 349 23.72 -5.16 26.84
CA PHE H 349 22.39 -4.76 27.27
C PHE H 349 22.09 -3.31 26.89
N GLN H 350 22.72 -2.83 25.83
CA GLN H 350 22.55 -1.44 25.41
C GLN H 350 21.13 -1.18 24.93
N THR H 351 20.52 -2.17 24.30
CA THR H 351 19.17 -2.05 23.77
C THR H 351 18.36 -3.32 23.99
N TYR H 352 17.03 -3.19 23.96
CA TYR H 352 16.16 -4.35 23.99
C TYR H 352 14.82 -4.03 23.32
N SER H 353 14.02 -5.08 23.14
CA SER H 353 12.68 -4.95 22.58
C SER H 353 12.74 -4.51 21.13
N HIS H 354 13.53 -5.25 20.35
CA HIS H 354 13.70 -4.97 18.94
C HIS H 354 12.44 -5.34 18.16
N TYR H 355 11.84 -4.36 17.49
CA TYR H 355 10.61 -4.57 16.76
C TYR H 355 10.84 -4.36 15.27
N VAL H 356 10.90 -5.47 14.53
CA VAL H 356 11.13 -5.44 13.09
C VAL H 356 9.85 -5.07 12.35
N MET H 357 9.91 -3.98 11.58
CA MET H 357 8.76 -3.53 10.80
C MET H 357 8.89 -3.96 9.34
N PRO H 358 7.76 -4.09 8.62
CA PRO H 358 7.77 -4.65 7.27
C PRO H 358 8.62 -3.86 6.26
N ASN H 359 9.00 -2.64 6.62
CA ASN H 359 9.86 -1.82 5.77
C ASN H 359 11.34 -2.06 6.06
N GLY H 360 11.63 -3.06 6.90
CA GLY H 360 12.99 -3.42 7.25
C GLY H 360 13.56 -2.61 8.41
N LEU H 361 12.86 -1.58 8.84
CA LEU H 361 13.30 -0.77 9.97
C LEU H 361 13.09 -1.50 11.28
N VAL H 362 14.07 -1.42 12.17
CA VAL H 362 14.00 -2.05 13.48
C VAL H 362 14.19 -1.00 14.56
N THR H 363 13.20 -0.88 15.45
CA THR H 363 13.28 0.08 16.54
C THR H 363 13.62 -0.61 17.85
N SER H 364 14.25 0.14 18.74
CA SER H 364 14.75 -0.36 20.01
C SER H 364 14.72 0.75 21.04
N PHE H 365 14.64 0.40 22.32
CA PHE H 365 14.87 1.38 23.37
C PHE H 365 16.24 1.15 23.98
N ILE H 366 16.85 2.21 24.45
CA ILE H 366 18.14 2.13 25.12
C ILE H 366 17.94 1.73 26.58
N ASP H 367 18.57 0.63 26.99
CA ASP H 367 18.52 0.19 28.38
C ASP H 367 19.79 0.67 29.10
N SER H 368 20.87 -0.12 29.02
CA SER H 368 22.06 0.14 29.83
C SER H 368 23.33 0.20 28.99
N VAL H 369 23.98 1.36 28.98
CA VAL H 369 25.20 1.56 28.21
C VAL H 369 26.40 1.66 29.16
N PRO H 370 27.42 0.80 28.97
CA PRO H 370 28.58 0.84 29.86
C PRO H 370 29.43 2.09 29.68
N TRP H 371 30.01 2.58 30.76
CA TRP H 371 30.91 3.73 30.69
C TRP H 371 32.37 3.28 30.76
N LYS H 372 32.77 2.72 31.90
CA LYS H 372 34.10 2.14 32.00
C LYS H 372 33.98 0.63 32.13
N GLY H 373 33.75 0.17 33.36
CA GLY H 373 33.75 -1.24 33.66
C GLY H 373 32.45 -1.68 34.29
N LYS H 374 32.23 -1.24 35.53
CA LYS H 374 31.07 -1.69 36.30
C LYS H 374 29.87 -0.74 36.34
N ASP H 375 30.07 0.56 36.11
CA ASP H 375 28.94 1.51 36.03
C ASP H 375 28.40 1.64 34.61
N TYR H 376 27.09 1.83 34.50
CA TYR H 376 26.46 2.03 33.20
C TYR H 376 25.53 3.24 33.20
N ARG H 377 25.29 3.80 32.02
CA ARG H 377 24.29 4.83 31.85
C ARG H 377 22.98 4.19 31.40
N ILE H 378 21.90 4.53 32.06
CA ILE H 378 20.59 4.02 31.68
C ILE H 378 19.93 4.99 30.71
N GLY H 379 19.03 4.48 29.89
CA GLY H 379 18.42 5.27 28.83
C GLY H 379 16.97 5.63 29.10
N GLY H 380 16.08 4.70 28.80
CA GLY H 380 14.65 4.96 28.89
C GLY H 380 14.21 5.84 27.73
N THR H 381 14.83 5.63 26.58
CA THR H 381 14.57 6.43 25.39
C THR H 381 14.86 5.57 24.15
N GLU H 382 14.42 6.03 22.98
CA GLU H 382 14.58 5.23 21.78
C GLU H 382 16.03 5.17 21.32
N ALA H 383 16.42 4.00 20.83
CA ALA H 383 17.73 3.80 20.22
C ALA H 383 17.70 4.26 18.77
N PRO H 384 18.87 4.38 18.13
CA PRO H 384 18.90 4.63 16.69
C PRO H 384 18.20 3.51 15.92
N THR H 385 17.28 3.87 15.03
CA THR H 385 16.58 2.88 14.23
C THR H 385 17.52 2.34 13.15
N VAL H 386 17.63 1.01 13.08
CA VAL H 386 18.45 0.36 12.06
C VAL H 386 17.57 -0.26 10.99
N LYS H 387 18.14 -0.45 9.80
CA LYS H 387 17.46 -1.19 8.74
C LYS H 387 18.15 -2.52 8.49
N ILE H 388 17.36 -3.60 8.51
CA ILE H 388 17.85 -4.91 8.10
C ILE H 388 17.21 -5.31 6.77
N LEU H 389 17.93 -6.11 6.01
CA LEU H 389 17.46 -6.61 4.72
C LEU H 389 17.16 -8.10 4.85
N LEU H 390 15.93 -8.48 4.50
CA LEU H 390 15.53 -9.89 4.55
C LEU H 390 15.68 -10.53 3.17
N LYS H 391 16.31 -11.69 3.15
CA LYS H 391 16.61 -12.39 1.90
C LYS H 391 16.64 -13.90 2.15
N GLY H 392 15.55 -14.57 1.76
CA GLY H 392 15.38 -15.98 2.07
C GLY H 392 15.32 -16.20 3.56
N ASP H 393 16.21 -17.04 4.08
CA ASP H 393 16.27 -17.30 5.51
C ASP H 393 17.49 -16.63 6.15
N ARG H 394 17.91 -15.52 5.54
CA ARG H 394 19.05 -14.74 6.03
C ARG H 394 18.69 -13.27 6.16
N SER H 395 19.27 -12.62 7.17
CA SER H 395 19.11 -11.18 7.36
C SER H 395 20.46 -10.48 7.29
N PHE H 396 20.46 -9.23 6.83
CA PHE H 396 21.66 -8.38 6.82
C PHE H 396 21.32 -6.99 7.34
N ILE H 397 22.06 -6.49 8.32
CA ILE H 397 21.90 -5.10 8.74
C ILE H 397 22.56 -4.23 7.65
N VAL H 398 21.93 -3.11 7.33
CA VAL H 398 22.21 -2.43 6.07
C VAL H 398 22.46 -0.92 6.20
N ASP H 399 21.75 -0.23 7.08
CA ASP H 399 22.24 1.06 7.61
C ASP H 399 21.44 1.53 8.82
N SER H 400 21.76 2.73 9.30
CA SER H 400 21.18 3.28 10.53
C SER H 400 20.52 4.64 10.29
N PHE H 401 19.50 4.93 11.08
CA PHE H 401 18.84 6.24 11.04
C PHE H 401 18.85 6.89 12.42
N ASP H 402 18.11 8.00 12.57
CA ASP H 402 18.17 8.79 13.80
C ASP H 402 17.46 8.10 14.97
N TYR H 403 17.71 8.61 16.17
CA TYR H 403 17.09 8.10 17.38
C TYR H 403 15.56 8.12 17.28
N GLY H 404 14.95 6.95 17.41
CA GLY H 404 13.50 6.85 17.46
C GLY H 404 12.82 7.07 16.14
N TYR H 405 13.56 6.97 15.04
CA TYR H 405 12.95 7.13 13.73
C TYR H 405 12.03 5.96 13.43
N ILE H 406 10.72 6.21 13.49
CA ILE H 406 9.73 5.19 13.17
C ILE H 406 8.70 5.79 12.20
N PRO H 407 9.09 5.93 10.93
CA PRO H 407 8.18 6.49 9.93
C PRO H 407 7.04 5.51 9.62
N ALA H 408 5.92 6.04 9.15
CA ALA H 408 4.80 5.19 8.74
C ALA H 408 4.98 4.76 7.28
N MET H 409 4.38 3.61 6.94
CA MET H 409 4.46 3.06 5.61
C MET H 409 3.26 3.48 4.76
N LYS H 410 2.21 3.94 5.45
CA LYS H 410 0.91 4.19 4.82
C LYS H 410 0.13 5.24 5.60
N ASP H 411 -0.50 6.16 4.88
CA ASP H 411 -1.28 7.21 5.51
C ASP H 411 -2.76 7.00 5.26
N ILE H 412 -3.55 7.12 6.33
CA ILE H 412 -5.00 7.03 6.23
C ILE H 412 -5.64 8.36 6.62
N THR H 413 -6.53 8.84 5.75
CA THR H 413 -7.31 10.04 6.03
C THR H 413 -8.66 9.69 6.62
N LEU H 414 -9.04 10.41 7.68
CA LEU H 414 -10.30 10.14 8.37
C LEU H 414 -11.41 11.11 7.92
#